data_6N7X
#
_entry.id   6N7X
#
loop_
_entity.id
_entity.type
_entity.pdbx_description
1 polymer 'U1 small nuclear ribonucleoprotein 70 kDa homolog'
2 polymer 'U1 small nuclear ribonucleoprotein C'
3 polymer 'U1 small nuclear ribonucleoprotein A'
4 polymer 'U1 small nuclear ribonucleoprotein component PRP42'
5 polymer 'Pre-mRNA-processing factor 39'
6 polymer 'Protein NAM8'
7 polymer '56 kDa U1 small nuclear ribonucleoprotein component'
8 polymer 'U1 small nuclear ribonucleoprotein component SNU71'
9 polymer 'Small nuclear ribonucleoprotein-associated protein B'
10 polymer 'Small nuclear ribonucleoprotein Sm D1'
11 polymer 'Small nuclear ribonucleoprotein Sm D2'
12 polymer 'Small nuclear ribonucleoprotein Sm D3'
13 polymer 'Small nuclear ribonucleoprotein E'
14 polymer 'Small nuclear ribonucleoprotein F'
15 polymer 'Small nuclear ribonucleoprotein G'
16 polymer 'U1 snRNA'
#
loop_
_entity_poly.entity_id
_entity_poly.type
_entity_poly.pdbx_seq_one_letter_code
_entity_poly.pdbx_strand_id
1 'polypeptide(L)'
;MNYNLSKYPDDVSRLFKPRPPLSYKRPTDYPYAKRQTNPNITGVANLLSTSLKHYMEEFPEGSPNNHLQRYEDIKLSKIK
NAQLLDRRLQNWNPNVDPHIKDTDPYRTIFIGRLPYDLDEIELQKYFVKFGEIEKIRIVKDKITQKSKGYAFIVFKDPIS
SKMAFKEIGVHRGIQIKDRICIVDIERGRTVKYFKPRRLGGGLGGRGYSNRDSRLPGRFASASTSNPAERNYAPRLPRRE
TSSSAYSADRYGSSTLDARYRGNRPLLSAATPTAAVTSVYKSRNSRTRESQPAPKEAPDY
;
A
2 'polypeptide(L)'
;MTRYYCEYCHSYLTHDTLSVRKSHLVGKNHLRITADYYRNKARDIINKHNHKRRHIGKRGRKERENSSQNETLKVTCLSN
KEKRHIMHVKKMNQKELAQTSIDTLKLLYDGSPGYSKVFVDANRFDIGDLVKASKLPQRANEKSAHHSFKQTSRSRDETC
ESNPFPRLNNPKKLEPPKILSQWSNTIPKTSIFYSVDILQTTIKESKKRMHSDGIRKPSSANGYKRRRYGN
;
B
3 'polypeptide(L)'
;MSALYFQNLPSRPANKENYTRLLLKHINPNNKYAINPSLPLPHNKLQISSQPLMLLDDQMGLLEVSISRSSKMTNQAFLT
FVTQEEADRFLEKYTTTALKVQGRKVRMGKARTNSLLGLSIEMQKKKGNDETYNLDIKKVLKARKLKRKLRSDDICAKKF
RLKRQIRRLKHKLRSRKVEEAEIDRIVKEFETRRLENMKSQQENLKQSQKPLKRAKVSNTMENPPNKVLLIQNLPSGTTE
QLLSQILGNEALVEIRLVSVRNLAFVEYETVADATKIKNQLGSTYKLQNNDVTIGFAK
;
C
4 'polypeptide(L)'
;MDKYTALIHDENFSTLTLNVSRYPKSLAYWEKLLNYIVKASAPICKSTEPQLLKLIRCTYSSMLNEFPYLENYYIDFALL
EYKLGNVSMSHKIFQRGLQAFNQRSLLLWTSYLKFCNNVISHQKQLFKKYETAEEYVGLHFFSGEFWDLYLEQISSRCTS
SKKYWNVLRKILEIPLHSFSKFYALWLQRIDDIMDLKQLSQLTSKDELLKKLKIDINYSGRKGPYLQDAKKKLKKITKEM
YMVVQYQVLEIYSIFESKIYINYYTSPETLVSSDEIETWIKYLDYTITLQTDSLTHLNFQRALLPLAHYDLVWIKYSKWL
INSKNDLLGAKNVLLMGLKFSLKKTEIIKLLYSVICKLNEYVLLRNLLEKIESSYSDNVENVDDFEIFWDYLQFKTFCQN
SLYSSRYSDSQSNGLLNKELFDKVWKRLSCKEKKSGQEILLNNLVQFYSKDTVEFVEKNIFQKIIEFGWEYYLQNGMFWN
CYCRLIYFDTSRSYLDKRQYIVRKIWPQIDKKFAQSVLPSLTEFCESYFPEEMDTLEEMFTEEP
;
D
5 'polypeptide(L)'
;MPDETNFTIEDIEPRPDALRGLDTQFLQDNTALVQAYRGLDWSDISSLTQMVDVIEQTVVKYGNPNDSIKLALETILWQI
LRKYPLLFGFWKRFATIEYQLFGLKKSIAVLATSVKWFPTSLELWCDYLNVLCVNNPNETDFIRNNFEIAKDLIGKQFLS
HPFWDKFIEFEVGQKNWHNVQRIYEYIIEVPLHQYARFFTSYKKFLNEKNLKTTRNIDIVLRKTQTTVNEIWQFESKIKQ
PFFNLGQVLNDDLENWSRYLKFVTDPSKSLDKEFVMSVFDRCLIPCLYHENTWMMYIKWLTKKNISDEVVVDIYQKANTF
LPLDFKTLRYDFLRFLKRKYRSNNTLFNNIFNETVSRYLKIWPNDILLMTEYLCMLKRHSFKNSLDQSPKEILEKQTSFT
KILETSITNYINNQIDAKVHLQTLINDKNLSIVVVELIKTTWLVLKNNMQTRKYFNLYQKNILIKNSVPFWLTYYKFEKS
NVNFTKLNKFIRELGVEIYLPTTVMNDILTDYKTFYLTHSNIVTYESSIIDSNTFDPILYPELKMSNPKYDPVLNTTANV
DWHKKTEWKEAGHIGITTERPQISNSIIECNSGTLIQKPISLPNFRNLEKINQVKINDLYTEEFLKEGK
;
E
6 'polypeptide(L)'
;MSYKQTTYYPSRGNLVRNDSSPYTNTISSETNNSSTSVLSLQGASNVSLGTTGNQLYMGDLDPTWDKNTVRQIWASLGEA
NINVRMMWNNTLNNGSRSSMGPKNNQGYCFVDFPSSTHAANALLKNGMLIPNFPNKKLKLNWATSSYSNSNNSLNNVKSG
NNCSIFVGDLAPNVTESQLFELFINRYASTSHAKIVHDQVTGMSKGYGFVKFTNSDEQQLALSEMQGVFLNGRAIKVGPT
SGQQQHVSGNNDYNRSSSSLNNENVDSRFLSKGQSFLSNGNNNMGFKRNHMSQFIYPVQQQPSLNHFTDPNNTTVFIGGL
SSLVTEDELRAYFQPFGTIVYVKIPVGKCCGFVQYVDRLSAEAAIAGMQGFPIANSRVRLSWGRSAKQTALLQQAMLSNS
LQVQQQQPGLQQPNYGYIPSSTCEAPVLPDNNVSSTMLPGCQILNYSNPYANANGLGSNNFSFYSNNNATNTQATSLLAD
TSSMDLSGTGGQQVIMQGSEAVVNSTNAMLNRLEQGSNGFMFA
;
F
7 'polypeptide(L)'
;MRPRRRGLAYHHTKPKGQLSQGHYPTTSNDGQRRKVGNSEAFQSFDIWKNLDRIRSTKKNAGQFIKGSLLILPMRTEDKQ
QFDECMDELHKYISKDILRCYPQKEQKDEGMLFYIVLKDFNILDSCFVLSVLLAFQKRLWMAPSEKSYFRVPKNINLTGS
FYLPKNIETGRGHIITSYRREQPSSSIVEVGFNVVPDFQQFQVKACHVSKFMNELSNFFSQVEFGKCEANVINYFKREYN
RTYSQISLALYELPLIGDGLFDIKSYISKTRPIIETSKAQMIKHISEMKAYNEISGLQGDQFPRQQRPLSNSPSSNSISS
SQTIEAGATSYQTQPQRHAVNKPSNVLNSSNRHSGPKTFEDGRYSEGNKPGFMTQDEIKQHCIGTIKASMDAVKKKSSYQ
ILKTYVRCPRQNYIDIVYQNLNDLRSKTNCNIVVLNLNNLHESQMWLESLNTTNYTIFAQAPHPSTIRVISIGGVGEYIV
KALELILNILEH
;
G
8 'polypeptide(L)'
;MRDIVFVSPQLYLSSQEGWKSDSAKSGFIPILKNDLQRFQDSLKHIVDARNSLSETLLNSNDDGSIHNSDQNTGLNKDKE
ASIADNNSANKCATSSSRYQELKQFLPISLDQQIHTVSLQGVSSSFSRGQIESLLDHCLNLALTETQSNSALKVEAWSSF
SSFLDTQDIFIRFSKVDEDEAFVNTLNYCKALFAFIRKLHEDFKIELHLDLNTKEYVEDRTGTIPSVKPEKASEFYSVFK
NIEDQTDERNSKKEQLDDSSTQYKVDTNTLSDLPSDALDQLCKDIIEFRTKVVSIEKEKKMKSTYEESRRQRHQMQKVFD
QIRKNHSGAKGSANTEEEDTNMEDEDEEDDTEDDLALEKRKEERDLEESNRRYEDMLHQLHSNTEPKIKSIRADIMSAEN
YEEHLEKNRSLYLKELLHLANDVHYDHHRSFKEQEERRDEEDRAKNGNAKELAPIQLSDGKAISAGKAAAITLPEGTVKS
ENYNADKNVSESSEHVKIKFDFKKAIDHSVESSSEDEGYRESELPPTKPSERSAAEDRLPFTADELNIRLTNLKESRYVD
ELVREFLGVYEDELVEYILENIRVNQSKQALLNELRETFDEDGETIADRLWSRKEFRLGT
;
H
9 'polypeptide(L)'
;MSKIQVAHSSRLANLIDYKLRVLTQDGRVYIGQLMAFDKHMNLVLNECIEERVPKTQLDKLRPRKDSKDGTTLNIKVEKR
VLGLTILRGEQILSTVVEDKPLLSKKERLVRDKKEKKQAQKQTKLRKEKEKKPGKIAKPNTANAKHTSSNSREIAQPSSS
RYNGGNDNIGANRSRFNNEAPPQTRKFQPPPGFKRK
;
K
10 'polypeptide(L)'
;MKLVNFLKKLRNEQVTIELKNGTTVWGTLQSVSPQMNAILTDVKLTLPQPRLNKLNSNGIAMASLYLTGGQQPTASDNIA
SLQYINIRGNTIRQIILPDSLNLDSLLVDQKQLNSLRRSGQIANDPSKKRRRDFGAPANKRPRRGL
;
L
11 'polypeptide(L)'
;MSSQIIDRPKHELSRAELEELEEFEFKHGPMSLINDAMVTRTPVIISLRNNHKIIARVKAFDRHCNMVLENVKELWTEKK
GKNVINRERFISKLFLRGDSVIVVLKTPVE
;
M
12 'polypeptide(L)'
;MTMNGIPVKLLNEAQGHIVSLELTTGATYRGKLVESEDSMNVQLRDVIATEPQGAVTHMDQIFVRGSQIKFIVVPDLLKN
APLFKKNSSRPMPPIRGPKRR
;
N
13 'polypeptide(L)'
;MSNKVKTKAMVPPINCIFNFLQQQTPVTIWLFEQIGIRIKGKIVGFDEFMNVVIDEAVEIPVNSADGKEDVEKGTPLGKI
LLKGDNITLITSAD
;
O
14 'polypeptide(L)'
;MSESSDISAMQPVNPKPFLKGLVNHRVGVKLKFNSTEYRGTLVSTDNYFNLQLNEAEEFVAGVSHGTLGEIFIRCNNVLY
IRELPN
;
P
15 'polypeptide(L)' MVSTPELKKYMDKKILLNINGSRKVAGILRGYDIFLNVVLDDAMEINGEDPANNHQLGLQTVIRGNSIISLEALDAI Q
16 'polyribonucleotide'
;AUACUUACCUUAAGAUAUCAGAGGAGAUCAAGAAGUCCUACUGAUCAAACAUGCGCUUCCAAUAGUAGAAGGACGUUAAG
CAUUUAUCAUUGAACUAUAAUUGUUCAUUGAAGUCAUUGAUGCAAACUCCUUGGUCACACACACAUACGGCGCGGAAGGC
GUGUUUGCUGACGUUUCCAUUCCCUUGUUUCAAUCAUUGGUUAAUCCCUUGAUUCCUUUGGGGAUUUUUGGGUUAAACUG
AUUUUUGGGGCCCUUUGUUUCUUCUGCCUGGAGAAGUUUGACACCAAAUUCAAAUUGGUGUUAGGGGAGCUGGGGCCUUU
CAAAAGAGAGCUUUGUAGAGGCAUUCUUUUUGACUACUUUUCUCUAGCGUGCCAUUUUAGUUUUUGACGGCAGAUUCGAA
UGAACUUAAGUUUAUGAUGAAGGUAUGGCUGUUGAGAUUAUUUGGUCGGGAUUGUAGUUUGAAGAUGUGCUCUUUUGAGC
AGUCUCAACUUUGCUCGUUCCCGUUAUGGGAAAAAUUUUGGAAGGUCUUGGUAGGAACGGGUGGAUCUUAUAAUUUUUGA
UUUAUUUU
;
R
#
# COMPACT_ATOMS: atom_id res chain seq x y z
N MET A 1 -5.34 -19.71 8.94
CA MET A 1 -6.58 -18.88 8.86
C MET A 1 -6.88 -18.17 10.21
N ASN A 2 -7.68 -17.11 10.17
CA ASN A 2 -7.98 -16.27 11.34
C ASN A 2 -9.02 -16.87 12.30
N TYR A 3 -10.25 -17.10 11.82
CA TYR A 3 -11.40 -17.42 12.69
C TYR A 3 -11.47 -18.88 13.16
N ASN A 4 -11.50 -19.81 12.20
CA ASN A 4 -11.53 -21.26 12.46
C ASN A 4 -12.66 -21.71 13.40
N LEU A 5 -13.90 -21.64 12.90
CA LEU A 5 -15.06 -22.20 13.61
C LEU A 5 -15.02 -23.73 13.50
N SER A 6 -14.18 -24.32 14.34
CA SER A 6 -13.99 -25.77 14.41
C SER A 6 -13.78 -26.20 15.86
N LYS A 7 -13.96 -27.50 16.09
CA LYS A 7 -13.72 -28.12 17.40
C LYS A 7 -12.25 -28.00 17.89
N TYR A 8 -11.30 -27.95 16.96
CA TYR A 8 -9.87 -27.96 17.27
C TYR A 8 -9.35 -26.60 17.76
N PRO A 9 -8.18 -26.59 18.44
CA PRO A 9 -7.53 -25.32 18.80
C PRO A 9 -6.85 -24.67 17.60
N ASP A 10 -6.22 -23.52 17.82
CA ASP A 10 -5.80 -22.66 16.72
C ASP A 10 -4.62 -23.26 15.95
N ASP A 11 -3.79 -24.05 16.62
CA ASP A 11 -2.66 -24.67 15.94
C ASP A 11 -3.12 -25.76 14.98
N VAL A 12 -3.99 -26.63 15.47
CA VAL A 12 -4.48 -27.76 14.68
C VAL A 12 -5.36 -27.27 13.53
N SER A 13 -6.11 -26.20 13.76
CA SER A 13 -6.97 -25.68 12.71
C SER A 13 -6.14 -25.05 11.58
N ARG A 14 -5.02 -24.45 11.92
CA ARG A 14 -4.13 -23.89 10.90
C ARG A 14 -3.31 -24.97 10.20
N LEU A 15 -3.39 -26.19 10.69
CA LEU A 15 -2.64 -27.30 10.14
C LEU A 15 -3.29 -27.83 8.85
N PHE A 16 -4.62 -27.83 8.79
CA PHE A 16 -5.37 -28.22 7.58
C PHE A 16 -5.44 -27.07 6.57
N LYS A 17 -4.32 -26.72 5.97
CA LYS A 17 -4.31 -25.64 4.99
C LYS A 17 -4.87 -26.21 3.70
N PRO A 18 -5.89 -25.55 3.12
CA PRO A 18 -6.43 -25.99 1.83
C PRO A 18 -5.59 -25.49 0.68
N ARG A 19 -5.55 -26.26 -0.40
CA ARG A 19 -4.89 -25.82 -1.62
C ARG A 19 -5.62 -24.56 -2.08
N PRO A 20 -4.91 -23.68 -2.80
CA PRO A 20 -5.51 -22.39 -3.13
C PRO A 20 -6.70 -22.54 -4.07
N PRO A 21 -7.54 -21.49 -4.19
CA PRO A 21 -8.77 -21.57 -4.97
C PRO A 21 -8.61 -22.15 -6.36
N LEU A 22 -9.61 -22.88 -6.80
CA LEU A 22 -9.61 -23.52 -8.10
C LEU A 22 -9.56 -22.47 -9.17
N SER A 23 -8.69 -22.66 -10.14
CA SER A 23 -8.67 -21.82 -11.32
C SER A 23 -9.98 -21.98 -12.09
N TYR A 24 -10.48 -20.89 -12.64
CA TYR A 24 -11.70 -20.91 -13.44
C TYR A 24 -11.37 -21.38 -14.85
N LYS A 25 -12.26 -22.18 -15.42
CA LYS A 25 -12.10 -22.64 -16.80
C LYS A 25 -13.45 -22.59 -17.49
N ARG A 26 -13.48 -21.98 -18.66
CA ARG A 26 -14.74 -21.69 -19.32
C ARG A 26 -15.37 -23.00 -19.76
N PRO A 27 -16.65 -23.28 -19.36
CA PRO A 27 -17.26 -24.61 -19.54
C PRO A 27 -17.56 -25.03 -20.99
N THR A 28 -17.50 -26.35 -21.21
CA THR A 28 -17.57 -26.98 -22.53
C THR A 28 -18.87 -27.75 -22.81
N ASP A 29 -19.44 -28.35 -21.77
CA ASP A 29 -20.76 -29.00 -21.85
C ASP A 29 -21.90 -27.99 -22.01
N TYR A 30 -23.15 -28.46 -22.03
CA TYR A 30 -24.31 -27.58 -22.22
C TYR A 30 -24.79 -26.98 -20.89
N PRO A 31 -25.33 -25.73 -20.92
CA PRO A 31 -25.84 -25.12 -19.69
C PRO A 31 -27.07 -25.85 -19.13
N TYR A 32 -27.18 -25.90 -17.81
CA TYR A 32 -28.18 -26.73 -17.12
C TYR A 32 -29.63 -26.46 -17.50
N ALA A 33 -29.92 -25.21 -17.86
CA ALA A 33 -31.24 -24.85 -18.38
C ALA A 33 -31.49 -25.49 -19.75
N LYS A 34 -30.51 -25.38 -20.64
CA LYS A 34 -30.66 -25.90 -21.98
C LYS A 34 -30.60 -27.44 -22.06
N ARG A 35 -30.08 -28.12 -21.03
CA ARG A 35 -29.98 -29.59 -21.04
C ARG A 35 -31.31 -30.27 -21.27
N GLN A 36 -31.33 -31.24 -22.17
CA GLN A 36 -32.51 -32.07 -22.40
C GLN A 36 -32.15 -33.30 -23.23
N THR A 37 -32.93 -34.37 -23.09
CA THR A 37 -32.79 -35.53 -23.98
C THR A 37 -33.48 -35.19 -25.28
N ASN A 38 -33.28 -36.04 -26.29
CA ASN A 38 -33.76 -35.73 -27.64
C ASN A 38 -35.29 -35.60 -27.59
N PRO A 39 -35.83 -34.40 -27.94
CA PRO A 39 -37.26 -34.22 -28.07
C PRO A 39 -37.67 -34.61 -29.50
N ASN A 40 -38.81 -34.13 -30.00
CA ASN A 40 -39.31 -34.46 -31.34
C ASN A 40 -39.18 -35.94 -31.76
N ILE A 41 -39.62 -36.81 -30.87
CA ILE A 41 -39.59 -38.25 -31.12
C ILE A 41 -40.75 -38.58 -32.04
N THR A 42 -40.46 -38.81 -33.31
CA THR A 42 -41.49 -39.13 -34.30
C THR A 42 -42.06 -40.51 -33.98
N GLY A 43 -43.37 -40.56 -33.72
CA GLY A 43 -44.01 -41.79 -33.25
C GLY A 43 -44.00 -42.94 -34.25
N VAL A 44 -44.30 -44.13 -33.74
CA VAL A 44 -44.52 -45.32 -34.59
C VAL A 44 -45.58 -45.07 -35.67
N ALA A 45 -45.10 -44.62 -36.83
CA ALA A 45 -45.96 -44.08 -37.87
C ALA A 45 -46.75 -45.17 -38.59
N ASN A 46 -47.74 -44.70 -39.35
CA ASN A 46 -48.43 -45.53 -40.34
C ASN A 46 -47.48 -45.95 -41.46
N LEU A 47 -46.57 -45.05 -41.84
CA LEU A 47 -45.52 -45.36 -42.80
C LEU A 47 -44.56 -46.42 -42.27
N LEU A 48 -44.34 -46.40 -40.96
CA LEU A 48 -43.56 -47.45 -40.31
C LEU A 48 -44.30 -48.77 -40.35
N SER A 49 -45.60 -48.74 -40.06
CA SER A 49 -46.42 -49.96 -40.10
C SER A 49 -46.66 -50.42 -41.54
N THR A 50 -46.47 -49.50 -42.49
CA THR A 50 -46.44 -49.89 -43.90
C THR A 50 -45.13 -50.61 -44.27
N SER A 51 -43.99 -50.17 -43.72
CA SER A 51 -42.67 -50.81 -43.93
C SER A 51 -42.38 -52.05 -43.03
N LEU A 52 -43.35 -52.44 -42.20
CA LEU A 52 -43.31 -53.72 -41.46
C LEU A 52 -43.32 -54.94 -42.40
N LYS A 53 -44.06 -54.85 -43.50
CA LYS A 53 -44.20 -55.96 -44.44
C LYS A 53 -42.88 -56.38 -45.12
N HIS A 54 -41.92 -55.47 -45.24
CA HIS A 54 -40.57 -55.81 -45.72
C HIS A 54 -39.84 -56.68 -44.70
N TYR A 55 -40.04 -56.40 -43.41
CA TYR A 55 -39.52 -57.24 -42.32
C TYR A 55 -40.29 -58.56 -42.19
N MET A 56 -41.62 -58.50 -42.36
CA MET A 56 -42.47 -59.66 -42.10
C MET A 56 -42.29 -60.78 -43.14
N GLU A 57 -42.17 -60.41 -44.41
CA GLU A 57 -41.88 -61.39 -45.48
C GLU A 57 -40.49 -62.02 -45.36
N GLU A 58 -39.52 -61.29 -44.79
CA GLU A 58 -38.14 -61.74 -44.65
C GLU A 58 -38.00 -62.79 -43.54
N PHE A 59 -38.62 -62.52 -42.39
CA PHE A 59 -38.62 -63.44 -41.23
C PHE A 59 -40.05 -63.85 -40.87
N PRO A 60 -40.73 -64.61 -41.76
CA PRO A 60 -42.15 -64.94 -41.54
C PRO A 60 -42.38 -65.92 -40.39
N GLU A 61 -41.52 -66.92 -40.28
CA GLU A 61 -41.52 -67.84 -39.15
C GLU A 61 -40.50 -67.34 -38.14
N GLY A 62 -40.97 -67.05 -36.92
CA GLY A 62 -40.09 -66.71 -35.81
C GLY A 62 -39.40 -67.96 -35.27
N SER A 63 -38.26 -67.75 -34.62
CA SER A 63 -37.48 -68.86 -34.05
C SER A 63 -38.22 -69.47 -32.85
N PRO A 64 -38.02 -70.78 -32.60
CA PRO A 64 -38.78 -71.44 -31.52
C PRO A 64 -38.21 -71.14 -30.12
N ASN A 65 -39.06 -70.73 -29.20
CA ASN A 65 -38.66 -70.43 -27.81
C ASN A 65 -38.45 -71.73 -27.03
N ASN A 66 -37.29 -72.33 -27.20
CA ASN A 66 -36.98 -73.63 -26.57
C ASN A 66 -36.69 -73.53 -25.06
N HIS A 67 -36.26 -72.36 -24.61
CA HIS A 67 -36.19 -72.07 -23.17
C HIS A 67 -37.55 -72.04 -22.48
N LEU A 68 -38.61 -71.70 -23.22
CA LEU A 68 -39.99 -71.81 -22.70
C LEU A 68 -40.45 -73.26 -22.55
N GLN A 69 -39.99 -74.16 -23.44
CA GLN A 69 -40.30 -75.60 -23.35
C GLN A 69 -39.67 -76.32 -22.14
N ARG A 70 -38.65 -75.71 -21.54
CA ARG A 70 -38.13 -76.17 -20.25
C ARG A 70 -39.08 -75.84 -19.12
N TYR A 71 -39.88 -74.79 -19.27
CA TYR A 71 -40.92 -74.48 -18.29
C TYR A 71 -42.22 -75.21 -18.59
N GLU A 72 -42.50 -75.48 -19.86
CA GLU A 72 -43.68 -76.25 -20.22
C GLU A 72 -43.47 -77.74 -19.96
N ASP A 73 -42.22 -78.16 -19.82
CA ASP A 73 -41.91 -79.51 -19.40
C ASP A 73 -42.22 -79.70 -17.92
N ILE A 74 -41.88 -78.71 -17.11
CA ILE A 74 -41.99 -78.88 -15.65
C ILE A 74 -43.42 -78.67 -15.17
N LYS A 75 -44.11 -77.68 -15.71
CA LYS A 75 -45.46 -77.37 -15.24
C LYS A 75 -46.46 -78.44 -15.64
N LEU A 76 -46.28 -79.01 -16.83
CA LEU A 76 -47.11 -80.13 -17.26
C LEU A 76 -46.77 -81.41 -16.49
N SER A 77 -45.55 -81.50 -15.98
CA SER A 77 -45.17 -82.64 -15.16
C SER A 77 -45.79 -82.56 -13.77
N LYS A 78 -46.06 -81.34 -13.30
CA LYS A 78 -46.71 -81.18 -12.01
C LYS A 78 -48.19 -81.50 -12.09
N ILE A 79 -48.80 -81.30 -13.26
CA ILE A 79 -50.20 -81.64 -13.44
C ILE A 79 -50.36 -83.16 -13.55
N LYS A 80 -49.38 -83.81 -14.17
CA LYS A 80 -49.38 -85.27 -14.26
C LYS A 80 -49.10 -85.89 -12.89
N ASN A 81 -48.42 -85.15 -12.02
CA ASN A 81 -48.27 -85.56 -10.63
C ASN A 81 -49.61 -85.64 -9.90
N ALA A 82 -50.53 -84.73 -10.21
CA ALA A 82 -51.83 -84.72 -9.57
C ALA A 82 -52.72 -85.88 -10.05
N GLN A 83 -52.49 -86.33 -11.29
CA GLN A 83 -53.30 -87.39 -11.85
C GLN A 83 -52.93 -88.76 -11.28
N LEU A 84 -51.65 -88.95 -10.96
CA LEU A 84 -51.23 -90.16 -10.26
C LEU A 84 -51.74 -90.13 -8.82
N LEU A 85 -51.85 -88.94 -8.24
CA LEU A 85 -52.51 -88.78 -6.95
C LEU A 85 -54.01 -88.98 -7.09
N ASP A 86 -54.56 -88.63 -8.26
CA ASP A 86 -55.97 -88.83 -8.52
C ASP A 86 -56.30 -90.31 -8.71
N ARG A 87 -55.32 -91.09 -9.15
CA ARG A 87 -55.50 -92.52 -9.26
C ARG A 87 -55.52 -93.21 -7.89
N ARG A 88 -54.90 -92.58 -6.90
CA ARG A 88 -54.84 -93.18 -5.57
C ARG A 88 -56.07 -92.83 -4.71
N LEU A 89 -56.59 -91.59 -4.82
CA LEU A 89 -57.68 -91.12 -3.94
C LEU A 89 -59.04 -91.80 -4.18
N GLN A 90 -59.28 -92.27 -5.41
CA GLN A 90 -60.46 -93.12 -5.71
C GLN A 90 -60.45 -94.48 -4.99
N ASN A 91 -59.27 -95.05 -4.74
CA ASN A 91 -59.13 -96.35 -4.07
C ASN A 91 -59.25 -96.21 -2.55
N PRO A 94 -60.80 -96.21 1.57
CA PRO A 94 -60.36 -96.94 2.76
C PRO A 94 -61.35 -97.97 3.26
N ASN A 95 -62.63 -97.84 2.91
CA ASN A 95 -63.60 -98.90 3.12
C ASN A 95 -63.40 -100.10 2.17
N VAL A 96 -62.28 -100.16 1.44
CA VAL A 96 -62.00 -101.22 0.46
C VAL A 96 -60.84 -102.14 0.83
N ASP A 97 -59.78 -101.64 1.48
CA ASP A 97 -58.36 -101.98 1.22
C ASP A 97 -57.85 -103.49 1.40
N PRO A 98 -58.67 -104.53 1.54
CA PRO A 98 -59.09 -105.23 2.78
C PRO A 98 -58.42 -104.91 4.12
N HIS A 99 -57.17 -104.44 4.13
CA HIS A 99 -56.29 -104.42 5.31
C HIS A 99 -56.62 -103.42 6.43
N ILE A 100 -57.76 -102.76 6.39
CA ILE A 100 -58.17 -101.72 7.36
C ILE A 100 -59.66 -101.87 7.71
N LYS A 101 -60.14 -103.12 7.67
CA LYS A 101 -61.56 -103.41 7.56
C LYS A 101 -62.04 -104.49 8.50
N ASP A 102 -61.54 -104.38 9.71
CA ASP A 102 -62.12 -104.99 10.89
C ASP A 102 -62.88 -103.94 11.72
N THR A 103 -63.09 -104.21 13.01
CA THR A 103 -64.11 -103.55 13.84
C THR A 103 -63.93 -102.04 14.03
N ASP A 104 -64.78 -101.45 14.86
CA ASP A 104 -65.18 -100.06 14.81
C ASP A 104 -64.01 -99.08 14.67
N PRO A 105 -64.07 -98.11 13.76
CA PRO A 105 -62.96 -97.20 13.57
C PRO A 105 -62.67 -96.26 14.75
N TYR A 106 -63.60 -96.16 15.71
CA TYR A 106 -63.42 -95.43 16.97
C TYR A 106 -62.55 -96.19 17.99
N ARG A 107 -62.41 -97.51 17.82
CA ARG A 107 -61.50 -98.40 18.53
C ARG A 107 -60.07 -98.43 17.98
N THR A 108 -59.87 -97.93 16.76
CA THR A 108 -58.58 -98.01 16.07
C THR A 108 -57.67 -96.84 16.41
N ILE A 109 -56.54 -97.20 17.01
CA ILE A 109 -55.32 -96.41 17.04
C ILE A 109 -54.58 -96.52 15.71
N PHE A 110 -54.10 -95.40 15.21
CA PHE A 110 -52.93 -95.36 14.37
C PHE A 110 -51.70 -95.33 15.27
N ILE A 111 -50.71 -96.16 14.97
CA ILE A 111 -49.35 -95.96 15.46
C ILE A 111 -48.43 -95.81 14.26
N GLY A 112 -47.49 -94.88 14.35
CA GLY A 112 -46.61 -94.53 13.27
C GLY A 112 -45.23 -94.16 13.75
N ARG A 113 -44.32 -93.98 12.79
CA ARG A 113 -42.88 -94.00 13.00
C ARG A 113 -42.32 -95.25 13.71
N LEU A 114 -43.08 -96.36 13.78
CA LEU A 114 -42.51 -97.55 14.43
C LEU A 114 -41.29 -98.10 13.71
N PRO A 115 -40.27 -98.60 14.46
CA PRO A 115 -39.07 -99.11 13.85
C PRO A 115 -39.43 -100.11 12.75
N TYR A 116 -38.72 -100.02 11.64
CA TYR A 116 -38.82 -101.00 10.55
C TYR A 116 -38.72 -102.46 11.02
N ASP A 117 -37.94 -102.62 12.09
CA ASP A 117 -37.48 -103.82 12.76
C ASP A 117 -38.13 -104.01 14.14
N LEU A 118 -39.31 -103.41 14.36
CA LEU A 118 -40.24 -103.92 15.36
C LEU A 118 -40.78 -105.30 14.99
N ASP A 119 -41.61 -105.85 15.87
CA ASP A 119 -42.57 -106.90 15.51
C ASP A 119 -43.91 -106.59 16.16
N GLU A 120 -44.97 -107.15 15.59
CA GLU A 120 -46.32 -107.17 16.15
C GLU A 120 -46.38 -107.62 17.61
N ILE A 121 -45.48 -108.48 18.11
CA ILE A 121 -45.49 -108.87 19.53
C ILE A 121 -44.99 -107.77 20.47
N GLU A 122 -44.06 -106.92 20.01
CA GLU A 122 -43.57 -105.81 20.83
C GLU A 122 -44.55 -104.64 20.75
N LEU A 123 -45.12 -104.43 19.57
CA LEU A 123 -46.26 -103.55 19.35
C LEU A 123 -47.46 -103.89 20.25
N GLN A 124 -47.84 -105.16 20.31
CA GLN A 124 -48.84 -105.73 21.19
C GLN A 124 -48.47 -105.50 22.65
N LYS A 125 -47.21 -105.72 23.08
CA LYS A 125 -46.83 -105.47 24.47
C LYS A 125 -47.12 -104.02 24.91
N TYR A 126 -46.56 -103.08 24.15
CA TYR A 126 -46.73 -101.67 24.46
C TYR A 126 -48.21 -101.24 24.43
N PHE A 127 -48.91 -101.58 23.35
CA PHE A 127 -50.26 -101.06 23.19
C PHE A 127 -51.29 -101.76 24.09
N VAL A 128 -51.07 -103.04 24.43
CA VAL A 128 -51.79 -103.74 25.50
C VAL A 128 -51.59 -103.13 26.88
N LYS A 129 -50.53 -102.34 27.10
CA LYS A 129 -50.50 -101.42 28.27
C LYS A 129 -51.77 -100.60 28.50
N PHE A 130 -52.49 -100.22 27.45
CA PHE A 130 -53.66 -99.31 27.62
C PHE A 130 -55.06 -99.89 27.42
N GLY A 131 -55.16 -101.20 27.34
CA GLY A 131 -56.40 -101.96 27.38
C GLY A 131 -56.25 -103.20 26.49
N GLU A 132 -57.15 -104.15 26.68
CA GLU A 132 -57.18 -105.37 25.88
C GLU A 132 -57.35 -105.07 24.38
N ILE A 133 -56.52 -105.77 23.59
CA ILE A 133 -56.44 -105.65 22.14
C ILE A 133 -57.44 -106.63 21.53
N GLU A 134 -58.13 -106.20 20.49
CA GLU A 134 -58.95 -107.04 19.62
C GLU A 134 -58.19 -107.42 18.36
N LYS A 135 -57.45 -106.48 17.78
CA LYS A 135 -56.52 -106.79 16.68
C LYS A 135 -55.29 -105.90 16.65
N ILE A 136 -54.32 -106.36 15.89
CA ILE A 136 -53.18 -105.59 15.41
C ILE A 136 -53.19 -105.73 13.88
N ARG A 137 -52.52 -104.82 13.18
CA ARG A 137 -51.76 -105.14 11.98
C ARG A 137 -50.70 -104.07 11.71
N ILE A 138 -49.43 -104.43 11.70
CA ILE A 138 -48.43 -103.63 11.00
C ILE A 138 -48.73 -103.62 9.51
N VAL A 139 -48.54 -102.47 8.89
CA VAL A 139 -48.71 -102.33 7.46
C VAL A 139 -47.35 -102.43 6.78
N LYS A 140 -47.31 -103.20 5.70
CA LYS A 140 -46.10 -103.44 4.92
C LYS A 140 -46.35 -103.06 3.48
N ASP A 141 -45.30 -102.61 2.79
CA ASP A 141 -45.45 -102.21 1.41
C ASP A 141 -45.82 -103.41 0.56
N LYS A 142 -47.00 -103.34 -0.07
CA LYS A 142 -47.55 -104.41 -0.89
C LYS A 142 -46.70 -104.67 -2.16
N ILE A 143 -45.86 -103.70 -2.54
CA ILE A 143 -44.95 -103.77 -3.70
C ILE A 143 -43.65 -104.55 -3.38
N THR A 144 -43.26 -104.60 -2.11
CA THR A 144 -42.24 -105.49 -1.52
C THR A 144 -42.21 -105.17 -0.05
N GLN A 145 -42.25 -106.19 0.82
CA GLN A 145 -42.70 -106.07 2.22
C GLN A 145 -41.72 -105.44 3.22
N LYS A 146 -41.05 -104.35 2.85
CA LYS A 146 -40.60 -103.28 3.73
C LYS A 146 -41.71 -102.95 4.73
N SER A 147 -41.45 -103.09 6.02
CA SER A 147 -42.36 -102.57 7.04
C SER A 147 -42.52 -101.06 6.86
N LYS A 148 -43.75 -100.55 6.68
CA LYS A 148 -43.97 -99.13 6.34
C LYS A 148 -43.73 -98.14 7.46
N GLY A 149 -43.55 -98.63 8.68
CA GLY A 149 -43.45 -97.77 9.84
C GLY A 149 -44.77 -97.29 10.42
N TYR A 150 -45.90 -97.90 10.05
CA TYR A 150 -47.19 -97.69 10.73
C TYR A 150 -47.95 -99.00 10.87
N ALA A 151 -48.89 -99.00 11.81
CA ALA A 151 -49.74 -100.09 12.23
C ALA A 151 -51.10 -99.54 12.68
N PHE A 152 -52.10 -100.42 12.73
CA PHE A 152 -53.42 -100.12 13.23
C PHE A 152 -53.84 -101.12 14.28
N ILE A 153 -54.32 -100.63 15.42
CA ILE A 153 -54.52 -101.45 16.61
C ILE A 153 -55.91 -101.19 17.13
N VAL A 154 -56.72 -102.25 17.10
CA VAL A 154 -58.13 -102.19 17.45
C VAL A 154 -58.25 -102.66 18.88
N PHE A 155 -58.71 -101.76 19.76
CA PHE A 155 -58.94 -102.07 21.18
C PHE A 155 -60.37 -102.53 21.43
N LYS A 156 -60.61 -103.33 22.47
CA LYS A 156 -61.99 -103.72 22.84
C LYS A 156 -62.86 -102.53 23.21
N ASP A 157 -62.30 -101.40 23.68
CA ASP A 157 -63.08 -100.17 23.91
C ASP A 157 -62.41 -98.90 23.35
N PRO A 158 -63.17 -97.98 22.75
CA PRO A 158 -62.62 -96.71 22.32
C PRO A 158 -62.08 -95.82 23.43
N ILE A 159 -62.46 -95.96 24.70
CA ILE A 159 -61.84 -95.18 25.77
C ILE A 159 -60.43 -95.65 26.06
N SER A 160 -60.18 -96.96 26.02
CA SER A 160 -58.83 -97.51 26.08
C SER A 160 -58.03 -97.21 24.81
N SER A 161 -58.67 -97.10 23.64
CA SER A 161 -57.96 -96.62 22.44
C SER A 161 -57.53 -95.16 22.54
N LYS A 162 -58.38 -94.29 23.11
CA LYS A 162 -58.05 -92.87 23.33
C LYS A 162 -57.14 -92.61 24.53
N MET A 163 -57.05 -93.54 25.49
CA MET A 163 -56.08 -93.49 26.58
C MET A 163 -54.70 -94.00 26.19
N ALA A 164 -54.65 -95.03 25.35
CA ALA A 164 -53.45 -95.41 24.61
C ALA A 164 -52.97 -94.27 23.71
N PHE A 165 -53.88 -93.56 23.05
CA PHE A 165 -53.51 -92.42 22.22
C PHE A 165 -52.86 -91.32 23.04
N LYS A 166 -53.58 -90.92 24.10
CA LYS A 166 -53.15 -89.95 25.11
C LYS A 166 -51.70 -90.21 25.46
N GLU A 167 -51.55 -91.34 26.16
CA GLU A 167 -50.34 -91.79 26.78
C GLU A 167 -49.25 -91.85 25.71
N ILE A 168 -49.34 -92.73 24.74
CA ILE A 168 -48.15 -93.13 23.99
C ILE A 168 -47.89 -92.42 22.66
N GLY A 169 -48.68 -91.41 22.29
CA GLY A 169 -48.21 -90.44 21.26
C GLY A 169 -47.89 -89.08 21.82
N VAL A 170 -48.77 -88.48 22.64
CA VAL A 170 -48.44 -87.12 23.10
C VAL A 170 -47.28 -87.22 24.11
N HIS A 171 -47.03 -88.39 24.74
CA HIS A 171 -45.75 -88.65 25.43
C HIS A 171 -44.52 -88.75 24.51
N ARG A 172 -44.25 -87.68 23.75
CA ARG A 172 -43.14 -87.51 22.81
C ARG A 172 -43.11 -88.44 21.60
N GLY A 173 -43.91 -89.48 21.68
CA GLY A 173 -43.76 -90.69 20.93
C GLY A 173 -43.18 -91.80 21.76
N ILE A 174 -43.98 -92.87 21.94
CA ILE A 174 -43.52 -94.05 22.63
C ILE A 174 -42.25 -94.60 22.02
N GLN A 175 -41.19 -94.66 22.83
CA GLN A 175 -40.04 -95.42 22.43
C GLN A 175 -40.40 -96.91 22.33
N ILE A 176 -40.33 -97.46 21.13
CA ILE A 176 -40.31 -98.90 20.92
C ILE A 176 -39.14 -99.22 19.99
N LYS A 177 -38.50 -100.37 20.29
CA LYS A 177 -37.06 -100.59 20.19
C LYS A 177 -36.25 -99.30 20.41
N ASP A 178 -35.91 -98.62 19.34
CA ASP A 178 -34.98 -97.49 19.29
C ASP A 178 -35.53 -96.26 18.54
N ARG A 179 -36.86 -96.20 18.30
CA ARG A 179 -37.50 -95.10 17.56
C ARG A 179 -38.77 -94.64 18.30
N ILE A 180 -39.09 -93.38 18.01
CA ILE A 180 -40.00 -92.52 18.77
C ILE A 180 -41.30 -92.51 17.99
N CYS A 181 -42.30 -93.23 18.50
CA CYS A 181 -43.45 -93.69 17.74
C CYS A 181 -44.64 -92.82 18.07
N ILE A 182 -45.02 -92.00 17.09
CA ILE A 182 -46.24 -91.23 17.24
C ILE A 182 -47.42 -92.19 17.36
N VAL A 183 -48.46 -91.70 18.01
CA VAL A 183 -49.76 -92.32 17.99
C VAL A 183 -50.74 -91.23 17.59
N ASP A 184 -51.77 -91.66 16.89
CA ASP A 184 -52.93 -90.89 16.52
C ASP A 184 -54.18 -91.79 16.61
N ILE A 185 -55.36 -91.25 16.34
CA ILE A 185 -56.51 -92.09 15.99
C ILE A 185 -56.49 -92.44 14.50
N GLU A 186 -57.40 -93.28 14.02
CA GLU A 186 -57.28 -93.90 12.70
C GLU A 186 -57.02 -92.92 11.54
N ARG A 187 -57.64 -91.72 11.62
CA ARG A 187 -57.76 -90.66 10.60
C ARG A 187 -58.55 -91.08 9.36
N GLY A 188 -58.05 -92.09 8.65
CA GLY A 188 -58.55 -92.59 7.38
C GLY A 188 -60.06 -92.85 7.37
N ARG B 3 -23.77 -51.64 14.34
CA ARG B 3 -23.13 -50.91 15.48
C ARG B 3 -22.27 -49.76 14.96
N TYR B 4 -21.81 -48.91 15.88
CA TYR B 4 -21.04 -47.70 15.55
C TYR B 4 -19.86 -47.51 16.51
N TYR B 5 -18.75 -47.02 15.98
CA TYR B 5 -17.58 -46.69 16.80
C TYR B 5 -16.66 -45.65 16.18
N CYS B 6 -15.90 -44.98 17.05
CA CYS B 6 -15.01 -43.89 16.67
C CYS B 6 -13.59 -44.40 16.73
N GLU B 7 -12.95 -44.48 15.57
CA GLU B 7 -11.65 -45.14 15.45
C GLU B 7 -10.45 -44.24 15.73
N TYR B 8 -10.69 -43.00 16.15
CA TYR B 8 -9.64 -42.20 16.77
C TYR B 8 -9.47 -42.64 18.23
N CYS B 9 -10.58 -42.78 18.94
CA CYS B 9 -10.58 -43.29 20.32
C CYS B 9 -10.35 -44.82 20.44
N HIS B 10 -10.65 -45.56 19.37
CA HIS B 10 -10.62 -47.04 19.32
C HIS B 10 -11.68 -47.76 20.16
N SER B 11 -12.72 -47.05 20.58
CA SER B 11 -13.74 -47.59 21.47
C SER B 11 -15.10 -47.61 20.79
N TYR B 12 -15.91 -48.61 21.14
CA TYR B 12 -17.29 -48.70 20.67
C TYR B 12 -18.18 -47.84 21.57
N LEU B 13 -19.30 -47.36 21.02
CA LEU B 13 -20.29 -46.61 21.82
C LEU B 13 -21.13 -47.58 22.64
N THR B 14 -21.36 -47.23 23.91
CA THR B 14 -22.09 -48.11 24.86
C THR B 14 -23.58 -48.21 24.51
N HIS B 15 -24.26 -47.06 24.45
CA HIS B 15 -25.68 -46.98 24.07
C HIS B 15 -25.81 -46.26 22.73
N ASP B 16 -26.02 -47.02 21.66
CA ASP B 16 -26.15 -46.45 20.32
C ASP B 16 -27.50 -45.72 20.14
N THR B 17 -27.42 -44.38 20.09
CA THR B 17 -28.47 -43.53 19.51
C THR B 17 -27.76 -42.57 18.55
N LEU B 18 -28.48 -41.57 18.03
CA LEU B 18 -27.86 -40.53 17.20
C LEU B 18 -27.22 -39.48 18.11
N SER B 19 -27.86 -39.18 19.23
CA SER B 19 -27.42 -38.11 20.10
C SER B 19 -26.22 -38.50 20.97
N VAL B 20 -26.15 -39.77 21.33
CA VAL B 20 -24.99 -40.28 22.07
C VAL B 20 -23.74 -40.20 21.18
N ARG B 21 -23.93 -40.40 19.88
CA ARG B 21 -22.86 -40.15 18.91
C ARG B 21 -22.43 -38.69 18.93
N LYS B 22 -23.40 -37.79 18.92
CA LYS B 22 -23.08 -36.35 18.90
C LYS B 22 -22.53 -35.88 20.24
N SER B 23 -22.85 -36.59 21.32
CA SER B 23 -22.23 -36.30 22.61
C SER B 23 -20.81 -36.83 22.66
N HIS B 24 -20.54 -37.90 21.90
CA HIS B 24 -19.16 -38.37 21.77
C HIS B 24 -18.38 -37.59 20.71
N LEU B 25 -19.05 -37.17 19.64
CA LEU B 25 -18.40 -36.46 18.53
C LEU B 25 -17.90 -35.06 18.95
N VAL B 26 -18.62 -34.42 19.88
CA VAL B 26 -18.17 -33.16 20.48
C VAL B 26 -17.96 -33.33 21.99
N GLY B 27 -17.35 -34.46 22.36
CA GLY B 27 -16.93 -34.74 23.74
C GLY B 27 -15.50 -34.30 23.94
N LYS B 28 -15.15 -33.92 25.17
CA LYS B 28 -13.85 -33.32 25.47
C LYS B 28 -12.72 -34.34 25.29
N ASN B 29 -12.97 -35.57 25.68
CA ASN B 29 -11.99 -36.63 25.54
C ASN B 29 -11.69 -36.88 24.06
N HIS B 30 -12.74 -36.95 23.26
CA HIS B 30 -12.61 -37.29 21.85
C HIS B 30 -11.94 -36.18 21.05
N LEU B 31 -12.22 -34.93 21.41
CA LEU B 31 -11.60 -33.79 20.76
C LEU B 31 -10.10 -33.77 20.99
N ARG B 32 -9.69 -34.10 22.22
CA ARG B 32 -8.26 -34.12 22.55
C ARG B 32 -7.53 -35.23 21.81
N ILE B 33 -8.24 -36.32 21.50
CA ILE B 33 -7.63 -37.39 20.71
C ILE B 33 -7.42 -36.92 19.27
N THR B 34 -8.48 -36.42 18.65
CA THR B 34 -8.43 -36.11 17.23
C THR B 34 -7.53 -34.89 16.98
N ALA B 35 -7.44 -34.00 17.96
CA ALA B 35 -6.45 -32.94 17.93
C ALA B 35 -5.05 -33.53 17.99
N ASP B 36 -4.86 -34.54 18.81
CA ASP B 36 -3.53 -35.08 18.97
C ASP B 36 -3.18 -36.04 17.85
N TYR B 37 -4.19 -36.65 17.22
CA TYR B 37 -3.92 -37.61 16.15
C TYR B 37 -3.33 -36.93 14.92
N TYR B 38 -3.83 -35.76 14.58
CA TYR B 38 -3.34 -35.09 13.40
C TYR B 38 -2.05 -34.32 13.67
N ARG B 39 -1.79 -34.01 14.94
CA ARG B 39 -0.48 -33.45 15.29
C ARG B 39 0.64 -34.46 15.10
N ASN B 40 0.34 -35.74 15.23
CA ASN B 40 1.35 -36.77 15.02
C ASN B 40 1.57 -37.04 13.54
N LYS B 41 0.51 -37.01 12.75
CA LYS B 41 0.65 -37.26 11.32
C LYS B 41 1.26 -36.07 10.61
N ALA B 42 1.18 -34.90 11.23
CA ALA B 42 1.79 -33.70 10.67
C ALA B 42 3.32 -33.80 10.64
N ARG B 43 3.90 -34.05 11.81
CA ARG B 43 5.36 -34.15 11.93
C ARG B 43 5.95 -35.39 11.27
N ASP B 44 5.17 -36.48 11.16
CA ASP B 44 5.69 -37.75 10.66
C ASP B 44 6.01 -37.73 9.15
N ILE B 45 5.27 -36.95 8.38
CA ILE B 45 5.63 -36.73 6.95
C ILE B 45 6.92 -35.92 6.78
N ILE B 46 7.21 -35.03 7.74
CA ILE B 46 8.44 -34.21 7.74
C ILE B 46 9.62 -34.96 8.38
N ASN B 47 9.38 -35.61 9.52
CA ASN B 47 10.44 -36.29 10.30
C ASN B 47 10.95 -37.54 9.60
N LYS B 48 10.04 -38.32 9.00
CA LYS B 48 10.40 -39.42 8.11
C LYS B 48 10.70 -38.86 6.72
N HIS B 49 11.90 -38.31 6.57
CA HIS B 49 12.35 -37.66 5.32
C HIS B 49 12.63 -38.72 4.26
N ASN B 50 12.35 -38.38 3.00
CA ASN B 50 12.45 -39.33 1.87
C ASN B 50 13.87 -39.90 1.68
N HIS B 51 14.09 -41.09 2.23
CA HIS B 51 15.34 -41.83 2.06
C HIS B 51 15.41 -42.34 0.61
N LYS B 52 16.01 -41.54 -0.26
CA LYS B 52 16.09 -41.84 -1.70
C LYS B 52 16.99 -43.05 -1.99
N ARG B 53 16.72 -43.74 -3.10
CA ARG B 53 17.50 -44.90 -3.54
C ARG B 53 18.57 -44.47 -4.54
N ARG B 54 19.81 -44.89 -4.31
CA ARG B 54 20.94 -44.50 -5.16
C ARG B 54 21.16 -45.46 -6.32
N HIS B 55 21.66 -44.91 -7.42
CA HIS B 55 21.99 -45.66 -8.62
C HIS B 55 23.41 -45.25 -9.01
N ILE B 56 24.36 -46.15 -8.76
CA ILE B 56 25.78 -45.84 -8.91
C ILE B 56 26.20 -46.26 -10.31
N GLY B 57 26.72 -45.30 -11.07
CA GLY B 57 27.27 -45.58 -12.39
C GLY B 57 28.74 -45.94 -12.31
N LYS B 58 29.19 -46.84 -13.18
CA LYS B 58 30.61 -47.19 -13.29
C LYS B 58 31.37 -45.98 -13.82
N ARG B 59 32.19 -45.38 -12.95
CA ARG B 59 32.93 -44.15 -13.27
C ARG B 59 33.85 -44.31 -14.48
N GLY B 60 34.10 -43.20 -15.16
CA GLY B 60 34.99 -43.17 -16.32
C GLY B 60 36.46 -43.28 -16.00
N ARG B 61 37.25 -43.71 -16.99
CA ARG B 61 38.70 -43.66 -16.90
C ARG B 61 39.18 -42.21 -16.84
N LYS B 62 38.48 -41.33 -17.55
CA LYS B 62 38.87 -39.92 -17.65
C LYS B 62 38.64 -39.15 -16.35
N GLU B 63 37.42 -39.23 -15.81
CA GLU B 63 37.09 -38.54 -14.55
C GLU B 63 37.80 -39.11 -13.31
N ARG B 64 38.15 -40.40 -13.35
CA ARG B 64 38.90 -41.04 -12.25
C ARG B 64 40.34 -40.51 -12.11
N GLU B 65 40.92 -40.04 -13.22
CA GLU B 65 42.24 -39.42 -13.21
C GLU B 65 42.21 -37.91 -12.87
N ASN B 66 41.15 -37.22 -13.29
CA ASN B 66 40.98 -35.78 -12.99
C ASN B 66 40.57 -35.50 -11.55
N SER B 67 39.90 -36.47 -10.90
CA SER B 67 39.53 -36.38 -9.49
C SER B 67 40.59 -36.94 -8.53
N SER B 68 41.54 -37.72 -9.05
CA SER B 68 42.66 -38.26 -8.25
C SER B 68 43.71 -37.17 -7.93
N GLN B 69 44.04 -36.35 -8.92
CA GLN B 69 44.91 -35.19 -8.72
C GLN B 69 44.30 -34.11 -7.80
N ASN B 70 42.97 -33.99 -7.80
CA ASN B 70 42.26 -33.12 -6.86
C ASN B 70 42.32 -33.71 -5.45
N GLU B 71 42.71 -32.90 -4.47
CA GLU B 71 42.93 -33.39 -3.10
C GLU B 71 41.63 -33.76 -2.37
N THR B 72 41.76 -34.66 -1.40
CA THR B 72 40.62 -35.15 -0.62
C THR B 72 40.30 -34.18 0.52
N LEU B 73 39.05 -33.70 0.56
CA LEU B 73 38.63 -32.71 1.55
C LEU B 73 38.32 -33.38 2.87
N LYS B 74 38.49 -32.66 3.97
CA LYS B 74 38.17 -33.16 5.30
C LYS B 74 36.67 -33.10 5.52
N VAL B 75 36.10 -34.15 6.13
CA VAL B 75 34.68 -34.16 6.55
C VAL B 75 34.60 -33.97 8.07
N THR B 76 33.45 -33.48 8.55
CA THR B 76 33.22 -33.27 9.98
C THR B 76 32.04 -34.10 10.48
N CYS B 77 32.32 -35.01 11.40
CA CYS B 77 31.33 -35.86 12.04
C CYS B 77 31.30 -35.53 13.52
N LEU B 78 30.12 -35.16 14.03
CA LEU B 78 29.94 -34.89 15.46
C LEU B 78 29.72 -36.20 16.22
N SER B 79 29.85 -36.12 17.54
CA SER B 79 29.60 -37.27 18.44
C SER B 79 28.10 -37.52 18.58
N ASN B 80 27.75 -38.66 19.19
CA ASN B 80 26.35 -39.02 19.38
C ASN B 80 25.69 -38.09 20.39
N LYS B 81 26.41 -37.73 21.45
CA LYS B 81 25.89 -36.78 22.42
C LYS B 81 25.71 -35.40 21.79
N GLU B 82 26.64 -35.04 20.90
CA GLU B 82 26.57 -33.74 20.24
C GLU B 82 25.38 -33.65 19.30
N LYS B 83 25.17 -34.69 18.50
CA LYS B 83 24.13 -34.65 17.48
C LYS B 83 22.74 -34.78 18.08
N ARG B 84 22.64 -35.34 19.29
CA ARG B 84 21.34 -35.44 19.93
C ARG B 84 20.90 -34.08 20.46
N HIS B 85 21.87 -33.21 20.77
CA HIS B 85 21.54 -31.86 21.21
C HIS B 85 21.26 -30.94 20.02
N ILE B 86 22.03 -31.07 18.94
CA ILE B 86 21.92 -30.17 17.82
C ILE B 86 20.65 -30.45 17.00
N MET B 87 20.11 -31.65 17.14
CA MET B 87 18.81 -31.94 16.53
C MET B 87 17.68 -31.50 17.43
N HIS B 88 17.95 -31.42 18.73
CA HIS B 88 16.98 -30.85 19.67
C HIS B 88 16.87 -29.34 19.48
N VAL B 89 17.95 -28.71 19.06
CA VAL B 89 17.94 -27.26 18.84
C VAL B 89 17.24 -26.94 17.52
N LYS B 90 17.67 -27.60 16.45
CA LYS B 90 17.19 -27.26 15.11
C LYS B 90 15.73 -27.62 14.90
N LYS B 91 15.24 -28.59 15.66
CA LYS B 91 13.81 -28.89 15.65
C LYS B 91 13.04 -27.82 16.40
N MET B 92 13.61 -27.31 17.49
CA MET B 92 12.96 -26.26 18.27
C MET B 92 13.04 -24.91 17.59
N ASN B 93 13.95 -24.76 16.63
CA ASN B 93 14.06 -23.52 15.88
C ASN B 93 12.97 -23.42 14.83
N GLN B 94 12.68 -24.53 14.15
CA GLN B 94 11.66 -24.52 13.12
C GLN B 94 10.27 -24.39 13.72
N LYS B 95 10.12 -24.75 14.99
CA LYS B 95 8.89 -24.47 15.71
C LYS B 95 8.71 -22.97 15.89
N GLU B 96 9.80 -22.23 16.05
CA GLU B 96 9.73 -20.80 16.26
C GLU B 96 9.32 -20.05 15.00
N LEU B 97 9.82 -20.50 13.85
CA LEU B 97 9.49 -19.82 12.59
C LEU B 97 8.04 -20.08 12.17
N ALA B 98 7.41 -21.11 12.75
CA ALA B 98 5.96 -21.24 12.59
C ALA B 98 5.21 -20.13 13.34
N GLN B 99 5.60 -19.89 14.58
CA GLN B 99 4.87 -18.97 15.48
C GLN B 99 5.49 -17.55 15.59
N THR B 100 6.06 -17.05 14.48
CA THR B 100 6.53 -15.66 14.42
C THR B 100 5.35 -14.72 14.25
N SER B 101 4.69 -14.80 13.08
CA SER B 101 3.58 -13.92 12.69
C SER B 101 3.89 -12.43 12.92
N ILE B 102 4.73 -11.87 12.06
CA ILE B 102 5.22 -10.48 12.22
C ILE B 102 4.13 -9.41 12.10
N ASP B 103 3.55 -9.03 13.25
CA ASP B 103 2.42 -8.09 13.34
C ASP B 103 2.84 -6.74 13.90
N THR B 104 3.90 -6.15 13.34
CA THR B 104 4.28 -4.77 13.69
C THR B 104 3.24 -3.78 13.18
N LEU B 105 2.60 -4.12 12.06
CA LEU B 105 1.75 -3.19 11.35
C LEU B 105 0.45 -2.91 12.13
N LYS B 106 -0.01 -3.90 12.89
CA LYS B 106 -1.11 -3.66 13.82
C LYS B 106 -0.68 -2.74 14.95
N LEU B 107 0.57 -2.87 15.38
CA LEU B 107 1.07 -2.04 16.47
C LEU B 107 1.24 -0.59 16.04
N LEU B 108 1.47 -0.36 14.76
CA LEU B 108 1.69 1.00 14.29
C LEU B 108 0.43 1.83 14.19
N TYR B 109 -0.69 1.25 13.76
CA TYR B 109 -1.94 2.02 13.57
C TYR B 109 -2.87 1.97 14.78
N ASP B 110 -2.32 2.05 16.00
CA ASP B 110 -3.09 1.80 17.22
C ASP B 110 -4.15 2.87 17.55
N GLY B 111 -3.75 4.14 17.46
CA GLY B 111 -4.67 5.26 17.71
C GLY B 111 -5.32 5.91 16.49
N SER B 112 -5.30 5.23 15.35
CA SER B 112 -5.87 5.74 14.11
C SER B 112 -7.42 5.81 14.17
N PRO B 113 -8.06 6.48 13.18
CA PRO B 113 -9.54 6.66 13.20
C PRO B 113 -10.45 5.51 12.76
N GLY B 114 -9.92 4.42 12.20
CA GLY B 114 -10.72 3.24 11.91
C GLY B 114 -10.19 1.94 12.51
N TYR B 115 -9.31 2.04 13.50
CA TYR B 115 -8.60 0.86 14.06
C TYR B 115 -9.52 -0.15 14.70
N SER B 116 -10.62 0.32 15.29
CA SER B 116 -11.64 -0.56 15.85
C SER B 116 -12.33 -1.39 14.78
N LYS B 117 -12.52 -0.82 13.59
CA LYS B 117 -13.31 -1.43 12.52
C LYS B 117 -12.53 -2.35 11.58
N VAL B 118 -11.20 -2.39 11.70
CA VAL B 118 -10.35 -3.16 10.77
C VAL B 118 -9.43 -4.18 11.43
N PHE B 119 -8.81 -3.82 12.56
CA PHE B 119 -7.83 -4.70 13.23
C PHE B 119 -8.32 -5.44 14.46
N VAL B 120 -9.42 -5.01 15.07
CA VAL B 120 -9.95 -5.68 16.26
C VAL B 120 -10.49 -7.07 15.88
N ASP B 121 -11.09 -7.16 14.69
CA ASP B 121 -11.43 -8.44 14.01
C ASP B 121 -12.51 -9.34 14.66
N ALA B 122 -13.00 -8.94 15.83
CA ALA B 122 -14.26 -9.46 16.32
C ALA B 122 -15.39 -8.72 15.60
N ASN B 123 -15.10 -7.51 15.13
CA ASN B 123 -16.12 -6.58 14.64
C ASN B 123 -15.79 -5.93 13.28
N ARG B 124 -15.22 -6.73 12.36
CA ARG B 124 -15.11 -6.35 10.95
C ARG B 124 -16.47 -6.65 10.32
N PHE B 125 -16.57 -6.62 9.00
CA PHE B 125 -17.74 -7.16 8.30
C PHE B 125 -17.49 -8.58 7.77
N ASP B 126 -16.35 -8.77 7.08
CA ASP B 126 -16.00 -10.05 6.43
C ASP B 126 -15.99 -11.22 7.39
N ILE B 127 -15.22 -11.06 8.48
CA ILE B 127 -15.04 -12.09 9.51
C ILE B 127 -15.95 -11.89 10.73
N GLY B 128 -16.41 -10.66 10.97
CA GLY B 128 -17.02 -10.24 12.23
C GLY B 128 -18.21 -11.02 12.77
N ASP B 129 -19.06 -11.54 11.88
CA ASP B 129 -20.22 -12.33 12.28
C ASP B 129 -19.81 -13.74 12.75
N LEU B 130 -18.67 -14.24 12.26
CA LEU B 130 -18.19 -15.60 12.53
C LEU B 130 -17.44 -15.72 13.88
N VAL B 131 -16.77 -14.65 14.30
CA VAL B 131 -15.98 -14.64 15.55
C VAL B 131 -16.86 -14.41 16.79
N LYS B 132 -18.02 -13.75 16.61
CA LYS B 132 -18.99 -13.55 17.71
C LYS B 132 -19.57 -14.87 18.25
N ALA B 133 -19.68 -15.87 17.39
CA ALA B 133 -20.05 -17.24 17.79
C ALA B 133 -18.89 -17.93 18.52
N SER B 134 -17.71 -17.92 17.91
CA SER B 134 -16.50 -18.56 18.47
C SER B 134 -15.24 -17.79 18.09
N SER B 153 -12.62 -5.01 25.94
CA SER B 153 -13.36 -5.47 24.77
C SER B 153 -12.99 -4.71 23.50
N ARG B 154 -12.92 -3.37 23.60
CA ARG B 154 -12.57 -2.46 22.49
C ARG B 154 -13.61 -2.55 21.35
N SER B 155 -14.72 -1.85 21.53
CA SER B 155 -15.87 -1.95 20.64
C SER B 155 -15.72 -1.12 19.37
N ARG B 156 -16.68 -1.30 18.45
CA ARG B 156 -16.77 -0.57 17.19
C ARG B 156 -17.22 0.90 17.34
N ASP B 157 -17.84 1.25 18.47
CA ASP B 157 -18.32 2.62 18.72
C ASP B 157 -17.22 3.72 18.85
N GLU B 158 -15.98 3.31 19.13
CA GLU B 158 -14.85 4.24 19.34
C GLU B 158 -14.63 5.25 18.21
N THR B 159 -14.55 6.53 18.58
CA THR B 159 -14.26 7.63 17.65
C THR B 159 -12.99 8.36 18.10
N CYS B 160 -12.60 9.40 17.37
CA CYS B 160 -11.41 10.22 17.71
C CYS B 160 -11.74 11.45 18.57
N GLU B 161 -12.57 11.26 19.60
CA GLU B 161 -12.78 12.23 20.67
C GLU B 161 -11.97 11.81 21.89
N SER B 162 -12.02 10.53 22.26
CA SER B 162 -11.18 9.96 23.31
C SER B 162 -9.73 9.85 22.84
N ASN B 163 -8.81 10.23 23.72
CA ASN B 163 -7.38 10.33 23.42
C ASN B 163 -7.14 11.26 22.21
N PRO B 164 -7.27 12.59 22.41
CA PRO B 164 -7.09 13.53 21.31
C PRO B 164 -5.63 13.63 20.87
N PHE B 165 -4.73 13.83 21.83
CA PHE B 165 -3.29 13.93 21.57
C PHE B 165 -2.59 12.68 22.07
N PRO B 166 -2.16 11.78 21.14
CA PRO B 166 -1.58 10.49 21.55
C PRO B 166 -0.46 10.64 22.56
N ARG B 167 0.53 11.47 22.23
CA ARG B 167 1.65 11.72 23.13
C ARG B 167 1.19 12.59 24.29
N LEU B 168 0.73 11.92 25.35
CA LEU B 168 0.47 12.55 26.64
C LEU B 168 0.86 11.51 27.71
N ASN B 169 2.15 11.13 27.69
CA ASN B 169 2.76 10.06 28.51
C ASN B 169 2.14 8.65 28.31
N ASN B 170 1.32 8.50 27.27
CA ASN B 170 0.65 7.24 26.95
C ASN B 170 1.49 6.30 26.08
N PRO B 171 2.09 6.80 24.97
CA PRO B 171 2.61 5.87 23.99
C PRO B 171 3.93 5.22 24.40
N LYS B 172 4.13 4.00 23.93
CA LYS B 172 5.37 3.25 24.13
C LYS B 172 6.21 3.40 22.88
N LYS B 173 7.52 3.58 23.08
CA LYS B 173 8.51 3.55 22.00
C LYS B 173 8.38 2.27 21.15
N LEU B 174 8.78 2.35 19.89
CA LEU B 174 8.76 1.20 18.98
C LEU B 174 9.83 0.16 19.39
N GLU B 175 9.41 -1.09 19.60
CA GLU B 175 10.33 -2.16 20.03
C GLU B 175 11.39 -2.37 18.97
N PRO B 176 12.67 -2.39 19.36
CA PRO B 176 13.75 -2.39 18.36
C PRO B 176 13.79 -3.63 17.46
N PRO B 177 14.48 -3.53 16.32
CA PRO B 177 14.53 -4.64 15.38
C PRO B 177 15.29 -5.82 15.93
N LYS B 178 14.73 -7.02 15.78
CA LYS B 178 15.36 -8.24 16.29
C LYS B 178 16.61 -8.58 15.51
N ILE B 179 17.39 -9.51 16.06
CA ILE B 179 18.67 -9.86 15.47
C ILE B 179 18.99 -11.33 15.74
N LEU B 180 19.82 -11.93 14.87
CA LEU B 180 20.21 -13.34 15.02
C LEU B 180 21.20 -13.56 16.18
N SER B 181 20.97 -14.61 16.98
CA SER B 181 21.86 -14.93 18.08
C SER B 181 23.22 -15.35 17.56
N GLN B 182 23.22 -16.33 16.66
CA GLN B 182 24.45 -16.87 16.06
C GLN B 182 25.40 -15.77 15.63
N TRP B 183 24.86 -14.79 14.91
CA TRP B 183 25.67 -13.68 14.41
C TRP B 183 25.44 -12.39 15.20
N SER B 184 25.32 -12.50 16.53
CA SER B 184 25.10 -11.35 17.40
C SER B 184 26.35 -10.48 17.56
N ASN B 185 27.52 -11.04 17.24
CA ASN B 185 28.80 -10.33 17.32
C ASN B 185 29.30 -9.80 15.96
N THR B 186 28.40 -9.58 15.00
CA THR B 186 28.70 -8.81 13.78
C THR B 186 28.29 -7.34 13.91
N ILE B 187 27.44 -7.03 14.90
CA ILE B 187 26.96 -5.68 15.23
C ILE B 187 28.11 -4.67 15.49
N PRO B 188 28.01 -3.42 14.96
CA PRO B 188 28.98 -2.38 15.36
C PRO B 188 28.88 -2.09 16.86
N LYS B 189 30.02 -2.06 17.55
CA LYS B 189 30.06 -2.09 19.02
C LYS B 189 29.51 -0.82 19.68
N THR B 190 29.83 0.34 19.11
CA THR B 190 29.41 1.64 19.65
C THR B 190 28.36 2.33 18.77
N SER B 191 27.39 3.00 19.41
CA SER B 191 26.42 3.85 18.72
C SER B 191 27.09 5.13 18.20
N ILE B 192 26.48 5.77 17.20
CA ILE B 192 27.03 7.02 16.64
C ILE B 192 26.72 8.21 17.56
N PHE B 193 25.49 8.29 18.08
CA PHE B 193 25.12 9.34 19.06
C PHE B 193 24.88 8.78 20.46
N TYR B 194 25.00 9.65 21.46
CA TYR B 194 24.80 9.28 22.86
C TYR B 194 23.32 9.27 23.23
N SER B 195 22.74 8.07 23.36
CA SER B 195 21.38 7.92 23.84
C SER B 195 21.31 8.13 25.36
N VAL B 196 20.11 8.40 25.85
CA VAL B 196 19.88 8.58 27.29
C VAL B 196 19.81 7.22 28.01
N ALA C 3 24.88 -53.06 -47.28
CA ALA C 3 25.86 -53.81 -46.45
C ALA C 3 26.61 -52.85 -45.51
N LEU C 4 26.35 -52.94 -44.21
CA LEU C 4 27.09 -52.16 -43.20
C LEU C 4 27.05 -52.83 -41.81
N TYR C 5 28.01 -52.48 -40.96
CA TYR C 5 28.18 -53.12 -39.65
C TYR C 5 28.42 -52.10 -38.52
N PHE C 6 27.53 -52.09 -37.53
CA PHE C 6 27.61 -51.16 -36.37
C PHE C 6 28.22 -51.81 -35.11
N GLN C 7 28.63 -50.97 -34.17
CA GLN C 7 29.10 -51.41 -32.84
C GLN C 7 28.37 -50.65 -31.74
N ASN C 8 28.61 -51.07 -30.48
CA ASN C 8 28.05 -50.51 -29.23
C ASN C 8 26.63 -49.87 -29.24
N LEU C 9 25.70 -50.53 -29.93
CA LEU C 9 24.30 -50.11 -29.91
C LEU C 9 23.65 -50.61 -28.60
N PRO C 10 22.55 -49.97 -28.15
CA PRO C 10 21.86 -50.44 -26.94
C PRO C 10 21.31 -51.86 -27.08
N SER C 11 21.64 -52.73 -26.14
CA SER C 11 21.23 -54.14 -26.18
C SER C 11 19.77 -54.36 -25.80
N ARG C 12 19.25 -53.49 -24.93
CA ARG C 12 18.17 -53.87 -24.04
C ARG C 12 16.76 -54.05 -24.63
N PRO C 13 16.33 -53.19 -25.57
CA PRO C 13 15.00 -53.43 -26.15
C PRO C 13 14.99 -54.78 -26.88
N ALA C 14 14.34 -55.77 -26.26
CA ALA C 14 14.52 -57.18 -26.63
C ALA C 14 13.76 -57.61 -27.87
N ASN C 15 12.59 -57.01 -28.12
CA ASN C 15 11.80 -57.31 -29.30
C ASN C 15 12.40 -56.62 -30.53
N LYS C 16 12.44 -57.34 -31.65
CA LYS C 16 13.10 -56.85 -32.87
C LYS C 16 12.32 -55.72 -33.55
N GLU C 17 11.03 -55.93 -33.74
CA GLU C 17 10.15 -54.88 -34.28
C GLU C 17 10.14 -53.59 -33.44
N ASN C 18 10.30 -53.74 -32.13
CA ASN C 18 10.41 -52.58 -31.20
C ASN C 18 11.80 -51.94 -31.23
N TYR C 19 12.84 -52.75 -31.34
CA TYR C 19 14.22 -52.26 -31.29
C TYR C 19 14.60 -51.53 -32.58
N THR C 20 14.14 -52.03 -33.71
CA THR C 20 14.39 -51.39 -34.98
C THR C 20 13.59 -50.09 -35.12
N ARG C 21 12.53 -49.97 -34.34
CA ARG C 21 11.81 -48.69 -34.25
C ARG C 21 12.72 -47.61 -33.67
N LEU C 22 13.45 -47.95 -32.62
CA LEU C 22 14.38 -47.03 -31.99
C LEU C 22 15.59 -46.79 -32.91
N LEU C 23 15.97 -47.83 -33.64
CA LEU C 23 17.11 -47.71 -34.55
C LEU C 23 16.75 -46.90 -35.78
N LEU C 24 15.49 -46.96 -36.20
CA LEU C 24 15.04 -46.11 -37.29
C LEU C 24 14.77 -44.68 -36.81
N LYS C 25 14.50 -44.52 -35.53
CA LYS C 25 14.11 -43.24 -34.99
C LYS C 25 15.29 -42.28 -34.85
N HIS C 26 16.39 -42.75 -34.28
CA HIS C 26 17.59 -41.93 -34.11
C HIS C 26 18.29 -41.60 -35.42
N ILE C 27 18.23 -42.52 -36.38
CA ILE C 27 18.86 -42.34 -37.70
C ILE C 27 18.14 -41.24 -38.49
N ASN C 28 16.84 -41.43 -38.72
CA ASN C 28 16.02 -40.48 -39.45
C ASN C 28 14.84 -40.00 -38.58
N PRO C 29 15.00 -38.86 -37.88
CA PRO C 29 13.81 -38.27 -37.22
C PRO C 29 12.79 -37.77 -38.24
N ASN C 30 11.51 -37.82 -37.88
CA ASN C 30 10.39 -37.63 -38.80
C ASN C 30 10.43 -38.61 -39.99
N ASN C 31 10.73 -39.87 -39.69
CA ASN C 31 10.71 -40.95 -40.68
C ASN C 31 9.32 -41.58 -40.74
N LYS C 32 9.20 -42.66 -41.51
CA LYS C 32 7.93 -43.39 -41.63
C LYS C 32 7.45 -43.89 -40.29
N TYR C 33 8.32 -44.61 -39.58
CA TYR C 33 7.94 -45.36 -38.38
C TYR C 33 8.23 -44.59 -37.08
N ALA C 34 7.52 -43.48 -36.91
CA ALA C 34 7.30 -42.84 -35.60
C ALA C 34 5.79 -42.68 -35.38
N ILE C 35 5.01 -43.62 -35.95
CA ILE C 35 3.53 -43.59 -35.92
C ILE C 35 2.90 -44.88 -35.35
N ASN C 36 3.50 -46.04 -35.62
CA ASN C 36 3.20 -47.32 -34.95
C ASN C 36 1.87 -48.04 -35.27
N PRO C 37 1.52 -48.20 -36.57
CA PRO C 37 0.54 -49.25 -36.92
C PRO C 37 1.18 -50.58 -37.29
N SER C 38 2.03 -50.59 -38.31
CA SER C 38 2.58 -51.84 -38.89
C SER C 38 4.00 -51.65 -39.43
N LEU C 39 4.71 -52.78 -39.58
CA LEU C 39 6.11 -52.81 -40.03
C LEU C 39 6.24 -53.76 -41.24
N PRO C 40 7.01 -53.37 -42.28
CA PRO C 40 7.25 -54.29 -43.40
C PRO C 40 8.25 -55.40 -43.06
N LEU C 41 8.16 -56.51 -43.79
CA LEU C 41 8.99 -57.68 -43.54
C LEU C 41 9.32 -58.38 -44.88
N PRO C 42 10.46 -58.01 -45.51
CA PRO C 42 10.87 -58.69 -46.75
C PRO C 42 11.41 -60.10 -46.48
N HIS C 43 11.00 -61.05 -47.32
CA HIS C 43 11.37 -62.46 -47.17
C HIS C 43 12.81 -62.75 -47.61
N ASN C 44 13.36 -63.88 -47.17
CA ASN C 44 14.72 -64.30 -47.55
C ASN C 44 14.72 -64.76 -49.02
N LYS C 45 15.28 -63.92 -49.90
CA LYS C 45 15.32 -64.15 -51.36
C LYS C 45 13.95 -63.99 -52.02
N LEU C 55 10.47 -53.72 -51.75
CA LEU C 55 10.03 -53.01 -50.55
C LEU C 55 11.21 -52.46 -49.74
N LEU C 56 11.02 -51.31 -49.10
CA LEU C 56 12.05 -50.65 -48.28
C LEU C 56 11.47 -50.25 -46.91
N ASP C 57 12.35 -50.18 -45.90
CA ASP C 57 11.94 -49.81 -44.54
C ASP C 57 11.78 -48.29 -44.43
N ASP C 58 12.82 -47.55 -44.81
CA ASP C 58 12.82 -46.08 -44.77
C ASP C 58 13.52 -45.53 -46.02
N GLN C 59 13.18 -44.29 -46.37
CA GLN C 59 13.74 -43.63 -47.57
C GLN C 59 15.20 -43.25 -47.37
N MET C 60 15.86 -42.93 -48.48
CA MET C 60 17.28 -42.56 -48.52
C MET C 60 18.17 -43.73 -48.10
N GLY C 61 18.03 -44.85 -48.80
CA GLY C 61 18.97 -45.97 -48.73
C GLY C 61 18.56 -47.20 -47.94
N LEU C 62 17.77 -47.03 -46.87
CA LEU C 62 17.49 -48.15 -45.96
C LEU C 62 16.54 -49.19 -46.56
N LEU C 63 16.82 -50.46 -46.31
CA LEU C 63 15.97 -51.58 -46.77
C LEU C 63 15.56 -52.50 -45.63
N GLU C 64 16.54 -53.11 -44.95
CA GLU C 64 16.30 -54.05 -43.84
C GLU C 64 17.42 -53.98 -42.79
N VAL C 65 17.05 -54.29 -41.55
CA VAL C 65 18.00 -54.38 -40.43
C VAL C 65 17.96 -55.82 -39.94
N SER C 66 19.02 -56.24 -39.23
CA SER C 66 19.09 -57.59 -38.68
C SER C 66 19.87 -57.64 -37.37
N ILE C 67 19.25 -58.22 -36.33
CA ILE C 67 19.81 -58.27 -34.97
C ILE C 67 19.60 -59.64 -34.34
N SER C 68 20.70 -60.23 -33.82
CA SER C 68 20.65 -61.49 -33.08
C SER C 68 20.65 -61.23 -31.59
N ARG C 69 20.34 -62.27 -30.83
CA ARG C 69 20.43 -62.26 -29.37
C ARG C 69 21.66 -63.03 -28.86
N SER C 70 22.48 -63.56 -29.79
CA SER C 70 23.62 -64.40 -29.44
C SER C 70 24.69 -63.64 -28.66
N SER C 71 25.41 -64.35 -27.79
CA SER C 71 26.47 -63.77 -26.97
C SER C 71 27.66 -63.25 -27.76
N LYS C 72 27.85 -63.75 -28.99
CA LYS C 72 28.92 -63.28 -29.89
C LYS C 72 28.53 -61.96 -30.59
N MET C 73 27.32 -61.91 -31.15
CA MET C 73 26.82 -60.71 -31.84
C MET C 73 25.91 -59.88 -30.92
N THR C 74 26.42 -59.46 -29.77
CA THR C 74 25.61 -58.86 -28.68
C THR C 74 25.10 -57.45 -29.01
N ASN C 75 25.94 -56.43 -28.80
CA ASN C 75 25.51 -55.05 -29.03
C ASN C 75 25.55 -54.68 -30.52
N GLN C 76 26.27 -55.46 -31.32
CA GLN C 76 26.41 -55.20 -32.76
C GLN C 76 25.14 -55.53 -33.53
N ALA C 77 25.03 -54.96 -34.72
CA ALA C 77 23.93 -55.24 -35.62
C ALA C 77 24.30 -54.98 -37.08
N PHE C 78 24.08 -55.98 -37.95
CA PHE C 78 24.22 -55.81 -39.42
C PHE C 78 23.18 -54.79 -39.86
N LEU C 79 23.43 -54.17 -41.00
CA LEU C 79 22.43 -53.31 -41.64
C LEU C 79 22.68 -53.27 -43.14
N THR C 80 21.63 -53.55 -43.91
CA THR C 80 21.70 -53.63 -45.38
C THR C 80 20.96 -52.46 -46.02
N PHE C 81 21.50 -51.98 -47.14
CA PHE C 81 20.98 -50.82 -47.86
C PHE C 81 20.48 -51.30 -49.23
N VAL C 82 20.10 -50.37 -50.10
CA VAL C 82 19.69 -50.69 -51.49
C VAL C 82 20.91 -51.11 -52.34
N THR C 83 21.98 -50.32 -52.27
CA THR C 83 23.22 -50.57 -53.04
C THR C 83 24.47 -50.15 -52.26
N GLN C 84 25.64 -50.57 -52.75
CA GLN C 84 26.92 -50.41 -52.04
C GLN C 84 27.37 -48.95 -51.99
N GLU C 85 27.07 -48.19 -53.04
CA GLU C 85 27.42 -46.78 -53.05
C GLU C 85 26.56 -45.97 -52.09
N GLU C 86 25.28 -46.33 -51.99
CA GLU C 86 24.39 -45.67 -51.05
C GLU C 86 24.69 -46.09 -49.61
N ALA C 87 25.19 -47.32 -49.46
CA ALA C 87 25.66 -47.80 -48.16
C ALA C 87 26.85 -46.96 -47.69
N ASP C 88 27.72 -46.61 -48.62
CA ASP C 88 28.85 -45.73 -48.27
C ASP C 88 28.38 -44.28 -48.17
N ARG C 89 27.38 -43.91 -48.97
CA ARG C 89 26.85 -42.54 -48.94
C ARG C 89 26.25 -42.19 -47.57
N PHE C 90 25.70 -43.20 -46.89
CA PHE C 90 25.25 -43.07 -45.49
C PHE C 90 26.42 -42.86 -44.52
N LEU C 91 27.53 -43.59 -44.75
CA LEU C 91 28.73 -43.45 -43.91
C LEU C 91 29.40 -42.08 -44.11
N GLU C 92 29.39 -41.57 -45.36
CA GLU C 92 29.87 -40.21 -45.67
C GLU C 92 28.79 -39.10 -45.53
N LYS C 93 27.56 -39.46 -45.17
CA LYS C 93 26.57 -38.48 -44.69
C LYS C 93 27.04 -37.88 -43.37
N TYR C 94 27.58 -38.73 -42.50
CA TYR C 94 28.19 -38.31 -41.25
C TYR C 94 29.71 -38.11 -41.38
N THR C 95 30.34 -38.89 -42.28
CA THR C 95 31.75 -38.69 -42.68
C THR C 95 32.69 -38.85 -41.47
N THR C 96 32.45 -39.90 -40.69
CA THR C 96 33.17 -40.14 -39.44
C THR C 96 33.02 -38.94 -38.48
N THR C 97 31.76 -38.55 -38.25
CA THR C 97 31.38 -37.68 -37.14
C THR C 97 30.32 -38.46 -36.35
N ALA C 98 30.75 -39.06 -35.24
CA ALA C 98 30.00 -40.12 -34.55
C ALA C 98 28.64 -39.67 -34.01
N LEU C 99 27.57 -40.08 -34.71
CA LEU C 99 26.20 -39.90 -34.21
C LEU C 99 25.91 -40.92 -33.11
N LYS C 100 24.84 -40.67 -32.35
CA LYS C 100 24.51 -41.46 -31.17
C LYS C 100 23.05 -41.90 -31.16
N VAL C 101 22.84 -43.23 -31.18
CA VAL C 101 21.55 -43.83 -30.82
C VAL C 101 21.40 -43.83 -29.30
N GLN C 102 20.19 -44.16 -28.83
CA GLN C 102 19.70 -43.88 -27.47
C GLN C 102 20.62 -43.02 -26.61
N GLY C 103 21.80 -43.53 -26.26
CA GLY C 103 22.81 -42.75 -25.54
C GLY C 103 24.23 -42.79 -26.04
N ARG C 104 24.59 -43.83 -26.80
CA ARG C 104 25.98 -44.16 -27.07
C ARG C 104 26.38 -43.81 -28.49
N LYS C 105 27.61 -43.31 -28.66
CA LYS C 105 28.15 -42.98 -29.98
C LYS C 105 28.55 -44.26 -30.73
N VAL C 106 27.93 -44.48 -31.89
CA VAL C 106 28.22 -45.67 -32.72
C VAL C 106 29.53 -45.54 -33.48
N ARG C 107 30.33 -46.61 -33.45
CA ARG C 107 31.46 -46.77 -34.35
C ARG C 107 31.06 -47.83 -35.37
N MET C 108 31.18 -47.51 -36.65
CA MET C 108 30.74 -48.41 -37.71
C MET C 108 31.74 -48.50 -38.87
N GLY C 109 31.75 -49.66 -39.52
CA GLY C 109 32.57 -49.89 -40.71
C GLY C 109 31.83 -50.73 -41.73
N LYS C 110 32.48 -50.95 -42.87
CA LYS C 110 31.92 -51.82 -43.91
C LYS C 110 32.01 -53.27 -43.46
N ALA C 111 30.98 -54.06 -43.79
CA ALA C 111 30.90 -55.46 -43.40
C ALA C 111 31.87 -56.32 -44.21
N ARG C 112 32.63 -57.19 -43.53
CA ARG C 112 33.54 -58.12 -44.20
C ARG C 112 32.76 -59.13 -45.05
N THR C 113 31.62 -59.60 -44.52
CA THR C 113 30.68 -60.44 -45.26
C THR C 113 29.69 -59.54 -46.01
N ASN C 114 29.26 -60.00 -47.18
CA ASN C 114 28.32 -59.26 -48.02
C ASN C 114 26.92 -59.24 -47.41
N SER C 115 26.09 -58.32 -47.90
CA SER C 115 24.70 -58.21 -47.45
C SER C 115 23.88 -59.43 -47.91
N LEU C 116 23.17 -60.05 -46.97
CA LEU C 116 22.50 -61.34 -47.20
C LEU C 116 21.30 -61.24 -48.18
N LEU C 117 20.56 -60.14 -48.12
CA LEU C 117 19.49 -59.83 -49.07
C LEU C 117 20.01 -59.01 -50.25
N GLY C 118 21.20 -58.45 -50.13
CA GLY C 118 21.88 -57.84 -51.26
C GLY C 118 22.30 -58.87 -52.29
N LEU C 119 22.62 -60.08 -51.83
CA LEU C 119 22.90 -61.19 -52.74
C LEU C 119 21.65 -61.60 -53.51
N SER C 120 20.49 -61.43 -52.88
CA SER C 120 19.22 -61.64 -53.59
C SER C 120 19.00 -60.58 -54.65
N ILE C 121 19.52 -59.38 -54.44
CA ILE C 121 19.43 -58.32 -55.43
C ILE C 121 20.51 -58.49 -56.49
N GLU C 122 21.70 -58.90 -56.06
CA GLU C 122 22.83 -59.05 -56.97
C GLU C 122 22.60 -60.14 -58.01
N MET C 123 22.11 -61.30 -57.56
CA MET C 123 21.86 -62.44 -58.45
C MET C 123 20.56 -62.30 -59.27
N GLN C 124 19.68 -61.37 -58.86
CA GLN C 124 18.55 -60.93 -59.70
C GLN C 124 19.07 -60.09 -60.87
N LYS C 125 20.06 -59.24 -60.59
CA LYS C 125 20.76 -58.46 -61.63
C LYS C 125 21.69 -59.37 -62.43
N THR C 132 19.55 -69.05 -56.32
CA THR C 132 20.59 -68.97 -55.30
C THR C 132 20.38 -70.03 -54.20
N TYR C 133 20.10 -71.26 -54.62
CA TYR C 133 19.81 -72.36 -53.71
C TYR C 133 21.07 -72.92 -53.08
N ASN C 134 22.18 -72.84 -53.83
CA ASN C 134 23.47 -73.35 -53.38
C ASN C 134 23.98 -72.63 -52.13
N LEU C 135 23.71 -71.33 -52.06
CA LEU C 135 24.00 -70.56 -50.86
C LEU C 135 23.16 -71.06 -49.70
N ASP C 136 21.90 -71.41 -49.97
CA ASP C 136 21.02 -71.92 -48.93
C ASP C 136 21.40 -73.34 -48.54
N ILE C 137 21.95 -74.10 -49.48
CA ILE C 137 22.51 -75.41 -49.17
C ILE C 137 23.75 -75.23 -48.29
N LYS C 138 24.56 -74.23 -48.61
CA LYS C 138 25.81 -74.00 -47.90
C LYS C 138 25.60 -73.60 -46.45
N LYS C 139 24.54 -72.83 -46.20
CA LYS C 139 24.24 -72.36 -44.85
C LYS C 139 23.85 -73.50 -43.92
N VAL C 140 23.11 -74.46 -44.46
CA VAL C 140 22.66 -75.61 -43.67
C VAL C 140 23.85 -76.49 -43.29
N LEU C 141 24.78 -76.65 -44.23
CA LEU C 141 25.91 -77.55 -44.01
C LEU C 141 26.89 -77.02 -42.98
N LYS C 142 27.23 -75.74 -43.07
CA LYS C 142 28.22 -75.16 -42.15
C LYS C 142 27.65 -74.98 -40.75
N ALA C 143 26.36 -74.64 -40.66
CA ALA C 143 25.72 -74.44 -39.36
C ALA C 143 25.56 -75.76 -38.62
N ARG C 144 25.43 -76.85 -39.37
CA ARG C 144 25.51 -78.19 -38.77
C ARG C 144 26.92 -78.47 -38.27
N LYS C 145 27.92 -77.98 -39.00
CA LYS C 145 29.31 -78.15 -38.57
C LYS C 145 29.70 -77.15 -37.50
N LEU C 146 29.11 -75.96 -37.52
CA LEU C 146 29.29 -75.02 -36.42
C LEU C 146 28.55 -75.49 -35.16
N LYS C 147 27.51 -76.31 -35.35
CA LYS C 147 26.90 -77.02 -34.23
C LYS C 147 27.87 -78.07 -33.65
N ARG C 148 28.66 -78.73 -34.50
CA ARG C 148 29.65 -79.73 -34.04
C ARG C 148 30.84 -79.06 -33.34
N ASP D 2 -41.54 0.73 7.86
CA ASP D 2 -40.23 0.03 7.59
C ASP D 2 -39.07 0.64 8.40
N LYS D 3 -37.89 0.06 8.26
CA LYS D 3 -36.71 0.45 9.05
C LYS D 3 -36.08 1.74 8.55
N TYR D 4 -36.17 1.96 7.24
CA TYR D 4 -35.61 3.16 6.63
C TYR D 4 -36.32 4.43 7.08
N THR D 5 -37.63 4.48 6.85
CA THR D 5 -38.41 5.67 7.13
C THR D 5 -38.52 5.93 8.63
N ALA D 6 -38.43 4.87 9.42
CA ALA D 6 -38.39 5.03 10.87
C ALA D 6 -37.10 5.68 11.35
N LEU D 7 -36.07 5.66 10.51
CA LEU D 7 -34.80 6.29 10.86
C LEU D 7 -34.77 7.75 10.44
N ILE D 8 -35.43 8.08 9.34
CA ILE D 8 -35.56 9.48 8.94
C ILE D 8 -36.38 10.28 9.97
N HIS D 9 -37.53 9.74 10.38
CA HIS D 9 -38.38 10.42 11.37
C HIS D 9 -37.82 10.41 12.81
N ASP D 10 -36.75 9.66 13.05
CA ASP D 10 -36.01 9.76 14.32
C ASP D 10 -35.35 11.13 14.42
N GLU D 11 -35.19 11.60 15.66
CA GLU D 11 -34.67 12.93 15.95
C GLU D 11 -33.16 12.98 15.74
N ASN D 12 -32.46 11.94 16.17
CA ASN D 12 -31.00 11.94 16.17
C ASN D 12 -30.40 11.96 14.76
N PHE D 13 -31.17 11.52 13.77
CA PHE D 13 -30.68 11.56 12.40
C PHE D 13 -30.66 13.00 11.90
N SER D 14 -31.68 13.79 12.24
CA SER D 14 -31.78 15.14 11.71
C SER D 14 -30.73 16.05 12.34
N THR D 15 -30.35 15.77 13.58
CA THR D 15 -29.37 16.62 14.25
C THR D 15 -27.96 16.26 13.85
N LEU D 16 -27.68 14.97 13.66
CA LEU D 16 -26.33 14.53 13.31
C LEU D 16 -25.98 14.85 11.86
N THR D 17 -26.97 14.80 10.98
CA THR D 17 -26.76 15.23 9.60
C THR D 17 -26.48 16.72 9.52
N LEU D 18 -27.38 17.51 10.12
CA LEU D 18 -27.33 18.96 10.03
C LEU D 18 -26.06 19.52 10.69
N ASN D 19 -25.54 18.79 11.66
CA ASN D 19 -24.26 19.12 12.27
C ASN D 19 -23.12 18.99 11.26
N VAL D 20 -23.18 17.97 10.41
CA VAL D 20 -22.08 17.71 9.48
C VAL D 20 -22.08 18.74 8.36
N SER D 21 -23.26 19.12 7.88
CA SER D 21 -23.36 20.13 6.84
C SER D 21 -23.00 21.51 7.38
N ARG D 22 -23.08 21.68 8.70
CA ARG D 22 -22.63 22.94 9.30
C ARG D 22 -21.11 22.97 9.47
N TYR D 23 -20.50 21.87 9.91
CA TYR D 23 -19.05 21.84 10.20
C TYR D 23 -18.27 20.71 9.49
N PRO D 24 -18.18 20.74 8.14
CA PRO D 24 -17.67 19.65 7.31
C PRO D 24 -16.40 18.98 7.77
N LYS D 25 -15.33 19.75 7.92
CA LYS D 25 -14.02 19.16 8.06
C LYS D 25 -13.71 18.67 9.47
N SER D 26 -14.64 18.78 10.41
CA SER D 26 -14.37 18.38 11.78
C SER D 26 -14.18 16.86 12.00
N LEU D 27 -14.68 16.03 11.08
CA LEU D 27 -14.51 14.56 11.11
C LEU D 27 -15.28 13.84 12.23
N ALA D 28 -15.23 14.35 13.46
CA ALA D 28 -15.84 13.69 14.60
C ALA D 28 -17.35 13.80 14.52
N TYR D 29 -17.87 14.59 13.58
CA TYR D 29 -19.29 14.59 13.27
C TYR D 29 -19.58 13.69 12.09
N TRP D 30 -18.68 13.62 11.12
CA TRP D 30 -18.76 12.60 10.07
C TRP D 30 -18.71 11.20 10.66
N GLU D 31 -17.91 11.03 11.70
CA GLU D 31 -17.72 9.74 12.32
C GLU D 31 -18.95 9.33 13.12
N LYS D 32 -19.62 10.29 13.73
CA LYS D 32 -20.85 9.99 14.47
C LYS D 32 -22.02 9.80 13.53
N LEU D 33 -21.98 10.46 12.37
CA LEU D 33 -23.06 10.30 11.39
C LEU D 33 -23.03 8.89 10.80
N LEU D 34 -21.85 8.27 10.85
CA LEU D 34 -21.65 6.96 10.25
C LEU D 34 -21.79 5.85 11.28
N ASN D 35 -21.14 6.04 12.42
CA ASN D 35 -21.18 5.06 13.50
C ASN D 35 -22.62 4.83 14.02
N TYR D 36 -23.47 5.86 13.89
CA TYR D 36 -24.89 5.79 14.26
C TYR D 36 -25.69 5.10 13.18
N ILE D 37 -25.44 5.42 11.92
CA ILE D 37 -26.29 4.99 10.83
C ILE D 37 -26.06 3.51 10.50
N VAL D 38 -24.92 2.97 10.92
CA VAL D 38 -24.70 1.54 10.76
C VAL D 38 -25.47 0.78 11.83
N LYS D 39 -25.41 1.26 13.06
CA LYS D 39 -26.05 0.56 14.17
C LYS D 39 -27.57 0.59 14.04
N ALA D 40 -28.10 1.62 13.40
CA ALA D 40 -29.53 1.70 13.16
C ALA D 40 -30.03 0.74 12.10
N SER D 41 -29.13 0.13 11.31
CA SER D 41 -29.47 -0.92 10.33
C SER D 41 -28.82 -2.26 10.73
N ALA D 42 -28.75 -2.53 12.04
CA ALA D 42 -27.81 -3.53 12.63
C ALA D 42 -27.66 -4.88 11.90
N PRO D 43 -28.77 -5.57 11.58
CA PRO D 43 -28.65 -6.65 10.58
C PRO D 43 -28.39 -6.08 9.16
N ILE D 44 -27.13 -6.12 8.73
CA ILE D 44 -26.67 -5.44 7.48
C ILE D 44 -26.44 -6.42 6.33
N CYS D 45 -27.30 -7.43 6.23
CA CYS D 45 -27.14 -8.49 5.24
C CYS D 45 -27.85 -8.15 3.94
N LYS D 46 -27.81 -9.05 2.96
CA LYS D 46 -28.54 -8.84 1.70
C LYS D 46 -30.03 -8.55 1.90
N SER D 47 -30.57 -9.03 3.03
CA SER D 47 -31.94 -8.72 3.48
C SER D 47 -32.29 -7.24 3.41
N THR D 48 -31.57 -6.42 4.19
CA THR D 48 -31.98 -5.03 4.48
C THR D 48 -32.20 -4.17 3.24
N GLU D 49 -33.15 -3.24 3.35
CA GLU D 49 -33.77 -2.62 2.18
C GLU D 49 -32.87 -1.63 1.46
N PRO D 50 -33.01 -1.53 0.11
CA PRO D 50 -32.05 -0.81 -0.72
C PRO D 50 -31.93 0.70 -0.45
N GLN D 51 -33.00 1.33 0.02
CA GLN D 51 -32.95 2.74 0.43
C GLN D 51 -32.03 2.98 1.63
N LEU D 52 -31.95 2.00 2.52
CA LEU D 52 -31.07 2.09 3.68
C LEU D 52 -29.60 1.80 3.36
N LEU D 53 -29.36 0.99 2.32
CA LEU D 53 -28.00 0.64 1.87
C LEU D 53 -27.44 1.70 0.96
N LYS D 54 -28.25 2.22 0.04
CA LYS D 54 -27.82 3.29 -0.84
C LYS D 54 -27.49 4.57 -0.04
N LEU D 55 -28.17 4.74 1.08
CA LEU D 55 -27.89 5.88 1.93
C LEU D 55 -26.62 5.68 2.74
N ILE D 56 -26.35 4.44 3.11
CA ILE D 56 -25.13 4.14 3.87
C ILE D 56 -23.95 3.98 2.93
N ARG D 57 -24.21 3.95 1.63
CA ARG D 57 -23.13 3.96 0.65
C ARG D 57 -22.69 5.39 0.33
N CYS D 58 -23.63 6.32 0.31
CA CYS D 58 -23.31 7.72 0.01
C CYS D 58 -22.77 8.48 1.22
N THR D 59 -22.95 7.95 2.43
CA THR D 59 -22.24 8.49 3.58
C THR D 59 -20.76 8.22 3.41
N TYR D 60 -20.39 6.95 3.23
CA TYR D 60 -18.98 6.55 3.04
C TYR D 60 -18.32 7.26 1.87
N SER D 61 -18.90 7.13 0.69
CA SER D 61 -18.31 7.67 -0.53
C SER D 61 -18.22 9.19 -0.59
N SER D 62 -19.05 9.88 0.19
CA SER D 62 -18.94 11.34 0.33
C SER D 62 -17.98 11.75 1.41
N MET D 63 -17.78 10.85 2.38
CA MET D 63 -16.89 11.10 3.49
C MET D 63 -15.45 10.87 3.13
N LEU D 64 -15.18 9.88 2.28
CA LEU D 64 -13.83 9.69 1.73
C LEU D 64 -13.46 10.75 0.69
N ASN D 65 -14.43 11.46 0.13
CA ASN D 65 -14.14 12.56 -0.76
C ASN D 65 -13.74 13.84 -0.01
N GLU D 66 -13.92 13.88 1.32
CA GLU D 66 -13.40 14.95 2.20
C GLU D 66 -12.06 14.63 2.82
N PHE D 67 -11.83 13.35 3.09
CA PHE D 67 -10.65 12.92 3.82
C PHE D 67 -9.95 11.77 3.12
N PRO D 68 -9.37 12.03 1.91
CA PRO D 68 -8.82 10.94 1.08
C PRO D 68 -7.70 10.13 1.72
N TYR D 69 -7.10 10.64 2.79
CA TYR D 69 -6.07 9.93 3.55
C TYR D 69 -6.67 9.37 4.82
N LEU D 70 -7.58 8.41 4.70
CA LEU D 70 -8.02 7.61 5.85
C LEU D 70 -7.95 6.16 5.42
N GLU D 71 -6.83 5.52 5.70
CA GLU D 71 -6.59 4.19 5.18
C GLU D 71 -7.68 3.20 5.61
N ASN D 72 -8.13 3.30 6.85
CA ASN D 72 -9.01 2.30 7.41
C ASN D 72 -10.41 2.38 6.80
N TYR D 73 -10.85 3.58 6.46
CA TYR D 73 -12.21 3.73 5.94
C TYR D 73 -12.31 3.35 4.48
N TYR D 74 -11.19 3.12 3.80
CA TYR D 74 -11.26 2.49 2.48
C TYR D 74 -11.32 0.98 2.64
N ILE D 75 -10.66 0.46 3.68
CA ILE D 75 -10.77 -0.97 3.97
C ILE D 75 -12.19 -1.30 4.43
N ASP D 76 -12.70 -0.50 5.36
CA ASP D 76 -13.97 -0.77 6.01
C ASP D 76 -15.15 -0.61 5.04
N PHE D 77 -14.94 0.14 3.97
CA PHE D 77 -15.98 0.36 2.99
C PHE D 77 -15.99 -0.76 1.94
N ALA D 78 -14.87 -1.43 1.77
CA ALA D 78 -14.82 -2.58 0.86
C ALA D 78 -15.43 -3.80 1.52
N LEU D 79 -15.14 -3.97 2.81
CA LEU D 79 -15.67 -5.11 3.58
C LEU D 79 -17.18 -5.02 3.72
N LEU D 80 -17.71 -3.81 3.81
CA LEU D 80 -19.16 -3.64 3.78
C LEU D 80 -19.71 -3.96 2.39
N GLU D 81 -18.98 -3.58 1.35
CA GLU D 81 -19.36 -3.98 0.00
C GLU D 81 -19.05 -5.45 -0.27
N TYR D 82 -18.25 -6.07 0.58
CA TYR D 82 -17.92 -7.48 0.42
C TYR D 82 -19.04 -8.35 1.00
N LYS D 83 -19.40 -8.07 2.25
CA LYS D 83 -20.45 -8.79 3.00
C LYS D 83 -21.82 -8.67 2.36
N LEU D 84 -22.14 -7.46 1.90
CA LEU D 84 -23.34 -7.22 1.08
C LEU D 84 -23.30 -8.00 -0.26
N GLY D 85 -22.09 -8.29 -0.76
CA GLY D 85 -21.90 -9.35 -1.73
C GLY D 85 -21.82 -8.93 -3.18
N ASN D 86 -21.00 -7.91 -3.47
CA ASN D 86 -20.65 -7.56 -4.86
C ASN D 86 -19.19 -7.17 -4.94
N VAL D 87 -18.35 -8.17 -5.16
CA VAL D 87 -16.89 -7.99 -5.15
C VAL D 87 -16.36 -7.15 -6.33
N SER D 88 -17.18 -6.99 -7.36
CA SER D 88 -16.92 -5.97 -8.37
C SER D 88 -16.74 -4.60 -7.69
N MET D 89 -17.69 -4.23 -6.84
CA MET D 89 -17.70 -2.92 -6.16
C MET D 89 -16.74 -2.85 -4.99
N SER D 90 -16.17 -3.98 -4.59
CA SER D 90 -15.15 -3.99 -3.55
C SER D 90 -13.78 -3.71 -4.11
N HIS D 91 -13.45 -4.32 -5.25
CA HIS D 91 -12.25 -3.95 -5.99
C HIS D 91 -12.27 -2.47 -6.32
N LYS D 92 -13.30 -2.02 -7.05
CA LYS D 92 -13.39 -0.63 -7.47
C LYS D 92 -13.02 0.37 -6.37
N ILE D 93 -13.31 0.06 -5.10
CA ILE D 93 -13.02 0.98 -4.00
C ILE D 93 -11.72 0.70 -3.24
N PHE D 94 -10.97 -0.34 -3.61
CA PHE D 94 -9.52 -0.39 -3.31
C PHE D 94 -8.78 0.38 -4.41
N GLN D 95 -9.17 0.20 -5.66
CA GLN D 95 -8.53 0.93 -6.73
C GLN D 95 -8.59 2.44 -6.40
N ARG D 96 -9.75 2.91 -5.92
CA ARG D 96 -9.96 4.33 -5.62
C ARG D 96 -9.23 4.71 -4.33
N GLY D 97 -8.95 3.72 -3.50
CA GLY D 97 -8.17 3.97 -2.30
C GLY D 97 -6.69 4.04 -2.59
N LEU D 98 -6.18 3.15 -3.43
CA LEU D 98 -4.75 3.15 -3.76
C LEU D 98 -4.39 4.39 -4.58
N GLN D 99 -5.28 4.82 -5.45
CA GLN D 99 -5.04 6.00 -6.26
C GLN D 99 -5.07 7.27 -5.43
N ALA D 100 -5.76 7.24 -4.29
CA ALA D 100 -5.79 8.37 -3.38
C ALA D 100 -4.42 8.64 -2.78
N PHE D 101 -3.73 7.57 -2.40
CA PHE D 101 -2.36 7.65 -1.89
C PHE D 101 -1.27 7.66 -2.96
N ASN D 102 -1.68 7.64 -4.21
CA ASN D 102 -0.75 7.60 -5.30
C ASN D 102 0.03 6.27 -5.37
N GLN D 103 -0.72 5.18 -5.18
CA GLN D 103 -0.25 3.79 -5.27
C GLN D 103 0.69 3.30 -4.21
N ARG D 104 1.04 4.13 -3.22
CA ARG D 104 2.13 3.76 -2.35
C ARG D 104 1.80 3.96 -0.88
N SER D 105 0.84 3.16 -0.44
CA SER D 105 0.52 3.03 0.98
C SER D 105 0.51 1.56 1.35
N LEU D 106 1.06 1.25 2.53
CA LEU D 106 1.34 -0.13 2.90
C LEU D 106 0.07 -0.85 3.33
N LEU D 107 -0.73 -0.19 4.17
CA LEU D 107 -1.89 -0.85 4.75
C LEU D 107 -2.92 -1.20 3.70
N LEU D 108 -3.07 -0.33 2.69
CA LEU D 108 -3.96 -0.66 1.61
C LEU D 108 -3.48 -1.86 0.82
N TRP D 109 -2.22 -1.87 0.41
CA TRP D 109 -1.71 -2.99 -0.38
C TRP D 109 -1.60 -4.29 0.43
N THR D 110 -1.54 -4.19 1.75
CA THR D 110 -1.54 -5.39 2.56
C THR D 110 -2.95 -5.94 2.72
N SER D 111 -3.86 -5.06 3.09
CA SER D 111 -5.25 -5.44 3.28
C SER D 111 -6.04 -5.37 1.97
N TYR D 112 -5.36 -5.26 0.82
CA TYR D 112 -5.96 -5.53 -0.49
C TYR D 112 -5.60 -6.93 -0.89
N LEU D 113 -4.31 -7.24 -0.85
CA LEU D 113 -3.84 -8.55 -1.29
C LEU D 113 -4.38 -9.73 -0.48
N LYS D 114 -4.61 -9.53 0.81
CA LYS D 114 -5.18 -10.59 1.64
C LYS D 114 -6.53 -10.96 1.08
N PHE D 115 -7.35 -9.94 0.87
CA PHE D 115 -8.63 -10.08 0.21
C PHE D 115 -8.48 -10.64 -1.21
N CYS D 116 -7.54 -10.10 -1.96
CA CYS D 116 -7.30 -10.47 -3.38
C CYS D 116 -6.87 -11.93 -3.62
N ASN D 117 -6.33 -12.60 -2.60
CA ASN D 117 -6.04 -14.04 -2.66
C ASN D 117 -7.29 -14.86 -2.89
N ASN D 118 -8.37 -14.49 -2.19
CA ASN D 118 -9.59 -15.27 -2.18
C ASN D 118 -10.44 -15.14 -3.42
N VAL D 119 -10.35 -14.01 -4.13
CA VAL D 119 -11.30 -13.73 -5.21
C VAL D 119 -10.74 -13.65 -6.62
N ILE D 120 -9.42 -13.74 -6.78
CA ILE D 120 -8.84 -13.61 -8.10
C ILE D 120 -8.93 -14.92 -8.86
N SER D 121 -8.58 -16.03 -8.20
CA SER D 121 -8.80 -17.36 -8.79
C SER D 121 -8.23 -17.47 -10.23
N HIS D 122 -7.01 -17.00 -10.39
CA HIS D 122 -6.30 -17.05 -11.67
C HIS D 122 -4.82 -16.79 -11.41
N GLN D 123 -3.97 -17.73 -11.81
CA GLN D 123 -2.61 -17.81 -11.33
C GLN D 123 -1.76 -16.62 -11.73
N LYS D 124 -1.62 -16.43 -13.03
CA LYS D 124 -0.67 -15.45 -13.59
C LYS D 124 -1.03 -14.02 -13.18
N GLN D 125 -2.31 -13.76 -12.98
CA GLN D 125 -2.78 -12.43 -12.69
C GLN D 125 -2.65 -12.11 -11.22
N LEU D 126 -2.76 -13.11 -10.36
CA LEU D 126 -2.65 -12.86 -8.92
C LEU D 126 -1.23 -12.54 -8.53
N PHE D 127 -0.25 -13.09 -9.22
CA PHE D 127 1.15 -12.73 -8.95
C PHE D 127 1.48 -11.39 -9.57
N LYS D 128 0.72 -10.98 -10.58
CA LYS D 128 0.92 -9.67 -11.19
C LYS D 128 0.48 -8.56 -10.23
N LYS D 129 -0.45 -8.85 -9.33
CA LYS D 129 -0.76 -7.91 -8.27
C LYS D 129 0.41 -7.73 -7.33
N TYR D 130 1.16 -8.78 -7.06
CA TYR D 130 2.28 -8.66 -6.13
C TYR D 130 3.51 -8.05 -6.78
N GLU D 131 3.68 -8.24 -8.08
CA GLU D 131 4.78 -7.60 -8.78
C GLU D 131 4.57 -6.10 -8.87
N THR D 132 3.35 -5.70 -9.18
CA THR D 132 2.98 -4.28 -9.18
C THR D 132 3.03 -3.70 -7.78
N ALA D 133 2.80 -4.53 -6.76
CA ALA D 133 2.79 -4.02 -5.40
C ALA D 133 4.19 -3.65 -4.92
N GLU D 134 5.13 -4.55 -5.16
CA GLU D 134 6.46 -4.41 -4.56
C GLU D 134 7.30 -3.28 -5.15
N GLU D 135 6.98 -2.85 -6.36
CA GLU D 135 7.73 -1.76 -6.95
C GLU D 135 7.32 -0.41 -6.38
N TYR D 136 6.16 -0.37 -5.72
CA TYR D 136 5.77 0.83 -5.01
C TYR D 136 6.12 0.69 -3.54
N VAL D 137 5.56 -0.30 -2.88
CA VAL D 137 5.62 -0.37 -1.42
C VAL D 137 6.54 -1.49 -0.88
N GLY D 138 7.48 -1.96 -1.69
CA GLY D 138 8.35 -3.09 -1.33
C GLY D 138 9.48 -2.73 -0.40
N LEU D 139 10.06 -1.56 -0.60
CA LEU D 139 11.14 -1.03 0.23
C LEU D 139 10.67 -0.31 1.48
N HIS D 140 9.36 -0.26 1.71
CA HIS D 140 8.83 0.38 2.88
C HIS D 140 9.48 -0.29 4.07
N PHE D 141 9.99 0.49 5.02
CA PHE D 141 10.78 -0.05 6.13
C PHE D 141 10.01 -1.10 6.93
N PHE D 142 8.73 -0.84 7.19
CA PHE D 142 7.81 -1.86 7.78
C PHE D 142 7.15 -2.88 6.83
N SER D 143 7.68 -3.00 5.61
CA SER D 143 7.16 -3.95 4.61
C SER D 143 7.37 -5.41 4.95
N GLY D 144 8.03 -5.69 6.07
CA GLY D 144 8.35 -7.06 6.44
C GLY D 144 7.16 -7.98 6.29
N GLU D 145 6.00 -7.51 6.73
CA GLU D 145 4.84 -8.36 6.77
C GLU D 145 4.14 -8.45 5.43
N PHE D 146 4.48 -7.56 4.52
CA PHE D 146 3.99 -7.69 3.14
C PHE D 146 4.64 -8.86 2.44
N TRP D 147 5.95 -8.99 2.55
CA TRP D 147 6.67 -10.05 1.85
C TRP D 147 6.29 -11.42 2.39
N ASP D 148 6.02 -11.49 3.68
CA ASP D 148 5.64 -12.74 4.34
C ASP D 148 4.32 -13.25 3.78
N LEU D 149 3.48 -12.34 3.28
CA LEU D 149 2.34 -12.76 2.47
C LEU D 149 2.78 -13.31 1.14
N TYR D 150 3.68 -12.62 0.46
CA TYR D 150 4.08 -13.00 -0.90
C TYR D 150 4.84 -14.30 -0.91
N LEU D 151 5.68 -14.52 0.09
CA LEU D 151 6.37 -15.82 0.20
C LEU D 151 5.45 -16.93 0.64
N GLU D 152 4.34 -16.58 1.30
CA GLU D 152 3.36 -17.60 1.66
C GLU D 152 2.61 -18.08 0.45
N GLN D 153 2.54 -17.24 -0.57
CA GLN D 153 1.69 -17.52 -1.71
C GLN D 153 2.47 -18.17 -2.85
N ILE D 154 3.79 -18.15 -2.74
CA ILE D 154 4.63 -18.83 -3.68
C ILE D 154 4.70 -20.27 -3.22
N SER D 155 5.16 -20.49 -1.99
CA SER D 155 5.31 -21.85 -1.49
C SER D 155 3.99 -22.63 -1.66
N SER D 156 2.91 -22.07 -1.14
CA SER D 156 1.59 -22.70 -1.17
C SER D 156 1.18 -23.11 -2.57
N ARG D 157 1.38 -22.22 -3.53
CA ARG D 157 0.71 -22.28 -4.81
C ARG D 157 1.55 -22.93 -5.90
N CYS D 158 2.72 -22.34 -6.15
CA CYS D 158 3.61 -22.72 -7.25
C CYS D 158 4.31 -24.09 -7.02
N THR D 159 4.74 -24.74 -8.09
CA THR D 159 5.35 -26.09 -8.01
C THR D 159 6.89 -26.13 -8.03
N SER D 160 7.48 -25.32 -8.90
CA SER D 160 8.91 -25.43 -9.27
C SER D 160 9.89 -25.26 -8.10
N SER D 161 9.65 -24.23 -7.27
CA SER D 161 10.55 -23.82 -6.19
C SER D 161 11.85 -23.20 -6.70
N LYS D 162 11.77 -22.47 -7.81
CA LYS D 162 12.85 -21.60 -8.25
C LYS D 162 12.46 -20.13 -8.09
N LYS D 163 11.16 -19.83 -7.99
CA LYS D 163 10.67 -18.49 -7.70
C LYS D 163 10.88 -18.18 -6.23
N TYR D 164 10.70 -19.17 -5.37
CA TYR D 164 10.86 -18.96 -3.95
C TYR D 164 12.30 -18.60 -3.56
N TRP D 165 13.27 -19.10 -4.32
CA TRP D 165 14.65 -18.70 -4.10
C TRP D 165 14.93 -17.36 -4.78
N ASN D 166 14.25 -17.11 -5.89
CA ASN D 166 14.47 -15.89 -6.64
C ASN D 166 13.96 -14.68 -5.85
N VAL D 167 12.78 -14.81 -5.26
CA VAL D 167 12.21 -13.69 -4.51
C VAL D 167 13.00 -13.45 -3.24
N LEU D 168 13.33 -14.52 -2.53
CA LEU D 168 13.99 -14.43 -1.23
C LEU D 168 15.40 -13.85 -1.35
N ARG D 169 15.98 -13.91 -2.54
CA ARG D 169 17.25 -13.25 -2.77
C ARG D 169 17.10 -11.72 -2.74
N LYS D 170 15.94 -11.20 -3.12
CA LYS D 170 15.71 -9.76 -2.99
C LYS D 170 15.56 -9.30 -1.57
N ILE D 171 14.77 -10.01 -0.77
CA ILE D 171 14.44 -9.55 0.59
C ILE D 171 15.70 -9.49 1.46
N LEU D 172 16.69 -10.30 1.12
CA LEU D 172 17.97 -10.26 1.80
C LEU D 172 18.76 -8.95 1.64
N GLU D 173 18.46 -8.13 0.64
CA GLU D 173 19.21 -6.89 0.41
C GLU D 173 18.48 -5.61 0.87
N ILE D 174 17.29 -5.75 1.44
CA ILE D 174 16.45 -4.60 1.75
C ILE D 174 16.53 -4.37 3.24
N PRO D 175 16.66 -3.10 3.68
CA PRO D 175 16.63 -2.80 5.12
C PRO D 175 15.22 -2.74 5.67
N LEU D 176 14.66 -3.88 6.00
CA LEU D 176 13.35 -3.95 6.63
C LEU D 176 13.51 -3.91 8.13
N HIS D 177 12.43 -3.63 8.85
CA HIS D 177 12.46 -3.64 10.31
C HIS D 177 12.78 -5.05 10.76
N SER D 178 11.97 -6.00 10.29
CA SER D 178 12.15 -7.41 10.60
C SER D 178 12.79 -8.07 9.39
N PHE D 179 14.13 -8.03 9.37
CA PHE D 179 14.96 -8.67 8.33
C PHE D 179 15.47 -10.02 8.82
N SER D 180 15.68 -10.14 10.12
CA SER D 180 16.22 -11.36 10.71
C SER D 180 15.28 -12.58 10.59
N LYS D 181 13.99 -12.32 10.40
CA LYS D 181 13.03 -13.37 10.11
C LYS D 181 13.19 -13.88 8.67
N PHE D 182 13.84 -13.10 7.82
CA PHE D 182 14.11 -13.55 6.47
C PHE D 182 15.49 -14.14 6.29
N TYR D 183 16.43 -13.83 7.16
CA TYR D 183 17.69 -14.55 7.12
C TYR D 183 17.54 -15.91 7.79
N ALA D 184 16.63 -16.03 8.73
CA ALA D 184 16.39 -17.31 9.38
C ALA D 184 15.78 -18.29 8.38
N LEU D 185 14.99 -17.78 7.44
CA LEU D 185 14.38 -18.67 6.45
C LEU D 185 15.35 -19.08 5.38
N TRP D 186 16.28 -18.20 5.01
CA TRP D 186 17.35 -18.56 4.08
C TRP D 186 18.28 -19.60 4.68
N LEU D 187 18.61 -19.46 5.96
CA LEU D 187 19.51 -20.40 6.61
C LEU D 187 18.84 -21.72 6.95
N GLN D 188 17.51 -21.76 6.96
CA GLN D 188 16.82 -23.03 7.09
C GLN D 188 16.73 -23.77 5.77
N ARG D 189 16.94 -23.06 4.66
CA ARG D 189 16.98 -23.74 3.38
C ARG D 189 18.36 -24.25 3.17
N ILE D 190 19.37 -23.38 3.30
CA ILE D 190 20.74 -23.76 2.93
C ILE D 190 21.14 -25.06 3.61
N ASP D 191 20.77 -25.19 4.88
CA ASP D 191 21.04 -26.41 5.62
C ASP D 191 20.33 -27.62 5.00
N ASP D 192 19.06 -27.45 4.62
CA ASP D 192 18.28 -28.55 4.03
C ASP D 192 18.57 -28.91 2.56
N ILE D 193 19.48 -28.17 1.92
CA ILE D 193 19.97 -28.55 0.59
C ILE D 193 20.77 -29.84 0.75
N MET D 194 20.38 -30.86 0.01
CA MET D 194 20.90 -32.21 0.17
C MET D 194 21.56 -32.82 -1.08
N ASP D 195 21.63 -32.07 -2.19
CA ASP D 195 22.33 -32.50 -3.40
C ASP D 195 23.02 -31.31 -4.07
N LEU D 196 24.09 -31.55 -4.80
CA LEU D 196 24.82 -30.46 -5.46
C LEU D 196 24.05 -29.79 -6.60
N LYS D 197 23.08 -30.49 -7.18
CA LYS D 197 22.23 -29.91 -8.23
C LYS D 197 21.33 -28.78 -7.67
N GLN D 198 20.97 -28.89 -6.39
CA GLN D 198 20.14 -27.90 -5.70
C GLN D 198 20.85 -26.58 -5.35
N LEU D 199 22.14 -26.44 -5.68
CA LEU D 199 22.82 -25.16 -5.58
C LEU D 199 22.74 -24.35 -6.88
N SER D 200 22.21 -24.95 -7.95
CA SER D 200 21.93 -24.20 -9.18
C SER D 200 20.76 -23.24 -9.01
N GLN D 201 19.78 -23.62 -8.20
CA GLN D 201 18.61 -22.76 -7.94
C GLN D 201 18.95 -21.50 -7.12
N LEU D 202 20.05 -21.54 -6.35
CA LEU D 202 20.58 -20.36 -5.67
C LEU D 202 21.10 -19.32 -6.63
N THR D 203 22.10 -19.73 -7.40
CA THR D 203 22.87 -18.84 -8.28
C THR D 203 23.41 -19.65 -9.47
N SER D 204 23.91 -18.99 -10.52
CA SER D 204 24.25 -19.71 -11.76
C SER D 204 25.43 -20.68 -11.62
N LYS D 205 25.56 -21.58 -12.59
CA LYS D 205 26.64 -22.57 -12.63
C LYS D 205 28.03 -21.91 -12.72
N ASP D 206 28.11 -20.78 -13.44
CA ASP D 206 29.36 -20.05 -13.61
C ASP D 206 29.77 -19.31 -12.34
N GLU D 207 28.90 -18.44 -11.84
CA GLU D 207 29.20 -17.60 -10.66
C GLU D 207 29.50 -18.37 -9.36
N LEU D 208 29.07 -19.63 -9.29
CA LEU D 208 29.54 -20.52 -8.24
C LEU D 208 31.03 -20.83 -8.38
N LEU D 209 31.44 -21.23 -9.59
CA LEU D 209 32.82 -21.64 -9.85
C LEU D 209 33.84 -20.49 -9.84
N LYS D 210 33.39 -19.27 -10.15
CA LYS D 210 34.29 -18.11 -10.19
C LYS D 210 34.46 -17.48 -8.80
N LYS D 211 33.35 -17.07 -8.20
CA LYS D 211 33.38 -16.27 -6.97
C LYS D 211 33.69 -17.10 -5.72
N LEU D 212 33.24 -18.35 -5.69
CA LEU D 212 33.48 -19.26 -4.56
C LEU D 212 34.39 -20.45 -4.86
N LYS D 213 34.50 -20.84 -6.12
CA LYS D 213 35.20 -22.07 -6.54
C LYS D 213 34.61 -23.31 -5.88
N ILE D 214 33.37 -23.60 -6.29
CA ILE D 214 32.72 -24.89 -6.06
C ILE D 214 32.06 -25.33 -7.38
N ASP D 215 32.15 -26.61 -7.72
CA ASP D 215 31.63 -27.12 -9.00
C ASP D 215 30.52 -28.15 -8.78
N ILE D 216 29.46 -28.06 -9.58
CA ILE D 216 28.30 -28.94 -9.45
C ILE D 216 28.59 -30.29 -10.11
N ASN D 217 29.28 -30.25 -11.26
CA ASN D 217 29.70 -31.47 -11.96
C ASN D 217 30.85 -32.24 -11.28
N TYR D 218 31.37 -31.73 -10.14
CA TYR D 218 32.30 -32.51 -9.32
C TYR D 218 31.67 -33.86 -8.98
N SER D 219 32.06 -34.86 -9.76
CA SER D 219 31.71 -36.25 -9.47
C SER D 219 32.88 -36.80 -8.65
N GLY D 220 32.55 -37.43 -7.53
CA GLY D 220 33.55 -37.98 -6.62
C GLY D 220 32.87 -38.50 -5.38
N ARG D 221 33.48 -38.22 -4.22
CA ARG D 221 32.85 -38.47 -2.93
C ARG D 221 32.37 -37.11 -2.44
N LYS D 222 31.07 -36.85 -2.64
CA LYS D 222 30.51 -35.50 -2.50
C LYS D 222 30.30 -35.00 -1.07
N GLY D 223 29.98 -35.90 -0.14
CA GLY D 223 29.62 -35.55 1.24
C GLY D 223 30.39 -34.40 1.89
N PRO D 224 31.72 -34.49 1.93
CA PRO D 224 32.50 -33.40 2.47
C PRO D 224 32.57 -32.19 1.53
N TYR D 225 32.46 -32.45 0.23
CA TYR D 225 32.50 -31.37 -0.74
C TYR D 225 31.26 -30.50 -0.65
N LEU D 226 30.10 -31.13 -0.51
CA LEU D 226 28.87 -30.36 -0.27
C LEU D 226 28.86 -29.80 1.15
N GLN D 227 29.49 -30.48 2.10
CA GLN D 227 29.65 -29.88 3.42
C GLN D 227 30.62 -28.69 3.42
N ASP D 228 31.50 -28.62 2.43
CA ASP D 228 32.34 -27.44 2.25
C ASP D 228 31.56 -26.34 1.54
N ALA D 229 30.85 -26.70 0.47
CA ALA D 229 30.08 -25.72 -0.33
C ALA D 229 29.16 -24.89 0.55
N LYS D 230 28.42 -25.54 1.45
CA LYS D 230 27.56 -24.85 2.41
C LYS D 230 28.32 -23.86 3.28
N LYS D 231 29.43 -24.29 3.88
CA LYS D 231 30.25 -23.42 4.72
C LYS D 231 30.79 -22.21 3.94
N LYS D 232 31.16 -22.43 2.66
CA LYS D 232 31.62 -21.35 1.77
C LYS D 232 30.49 -20.43 1.29
N LEU D 233 29.30 -20.98 1.18
CA LEU D 233 28.10 -20.27 0.70
C LEU D 233 27.40 -19.53 1.84
N LYS D 234 27.37 -20.14 3.02
CA LYS D 234 26.80 -19.54 4.22
C LYS D 234 27.58 -18.31 4.66
N LYS D 235 28.86 -18.27 4.32
CA LYS D 235 29.70 -17.13 4.68
C LYS D 235 29.24 -15.83 4.04
N ILE D 236 28.98 -15.87 2.73
CA ILE D 236 28.66 -14.64 2.01
C ILE D 236 27.21 -14.21 2.24
N THR D 237 26.43 -15.07 2.87
CA THR D 237 25.21 -14.61 3.52
C THR D 237 25.57 -13.77 4.75
N LYS D 238 26.47 -14.29 5.57
CA LYS D 238 26.86 -13.63 6.82
C LYS D 238 27.53 -12.27 6.56
N GLU D 239 28.23 -12.14 5.44
CA GLU D 239 28.77 -10.84 5.09
C GLU D 239 27.68 -9.89 4.60
N MET D 240 26.63 -10.45 4.00
CA MET D 240 25.45 -9.63 3.64
C MET D 240 24.63 -9.26 4.88
N TYR D 241 24.59 -10.15 5.87
CA TYR D 241 23.92 -9.84 7.12
C TYR D 241 24.72 -8.81 7.90
N MET D 242 26.01 -8.67 7.60
CA MET D 242 26.80 -7.58 8.18
C MET D 242 26.50 -6.26 7.48
N VAL D 243 26.17 -6.32 6.19
CA VAL D 243 25.92 -5.10 5.44
C VAL D 243 24.59 -4.47 5.81
N VAL D 244 23.53 -5.27 5.73
CA VAL D 244 22.17 -4.79 5.94
C VAL D 244 21.97 -4.31 7.38
N GLN D 245 22.46 -5.09 8.32
CA GLN D 245 22.34 -4.81 9.74
C GLN D 245 22.93 -3.43 10.13
N TYR D 246 23.99 -3.03 9.44
CA TYR D 246 24.50 -1.68 9.62
C TYR D 246 23.48 -0.65 9.13
N GLN D 247 22.88 -0.89 7.97
CA GLN D 247 21.89 0.04 7.44
C GLN D 247 20.63 0.06 8.26
N VAL D 248 20.23 -1.07 8.84
CA VAL D 248 19.00 -1.08 9.65
C VAL D 248 19.25 -0.39 10.97
N LEU D 249 20.31 -0.79 11.67
CA LEU D 249 20.56 -0.28 13.02
C LEU D 249 20.92 1.21 13.01
N GLU D 250 21.38 1.70 11.86
CA GLU D 250 21.47 3.14 11.68
C GLU D 250 20.09 3.78 11.70
N ILE D 251 19.23 3.32 10.79
CA ILE D 251 17.93 3.94 10.54
C ILE D 251 17.01 3.77 11.75
N TYR D 252 17.11 2.64 12.43
CA TYR D 252 16.32 2.48 13.64
C TYR D 252 16.78 3.44 14.74
N SER D 253 18.09 3.50 14.99
CA SER D 253 18.58 4.20 16.17
C SER D 253 18.50 5.72 15.97
N ILE D 254 18.60 6.18 14.73
CA ILE D 254 18.54 7.61 14.49
C ILE D 254 17.11 8.08 14.31
N PHE D 255 16.43 7.56 13.28
CA PHE D 255 15.10 8.08 12.85
C PHE D 255 13.88 7.34 13.45
N GLU D 256 13.71 6.08 13.07
CA GLU D 256 12.45 5.35 13.27
C GLU D 256 12.07 5.17 14.73
N SER D 257 13.07 5.12 15.61
CA SER D 257 12.84 5.06 17.07
C SER D 257 12.00 6.24 17.59
N LYS D 258 12.29 7.44 17.05
CA LYS D 258 11.68 8.69 17.51
C LYS D 258 10.25 8.93 17.02
N ILE D 259 9.94 8.46 15.81
CA ILE D 259 8.64 8.73 15.15
C ILE D 259 7.50 7.91 15.77
N TYR D 260 6.69 8.52 16.61
CA TYR D 260 5.69 7.79 17.37
C TYR D 260 4.35 7.62 16.68
N ILE D 261 4.11 8.40 15.62
CA ILE D 261 2.81 8.41 14.91
C ILE D 261 3.00 8.23 13.43
N ASN D 262 2.46 7.14 12.89
CA ASN D 262 2.59 6.82 11.48
C ASN D 262 1.28 6.93 10.61
N TYR D 263 0.19 7.44 11.21
CA TYR D 263 -1.15 7.48 10.57
C TYR D 263 -1.67 8.89 10.42
N TYR D 264 -2.80 9.02 9.75
CA TYR D 264 -3.36 10.32 9.42
C TYR D 264 -3.99 11.14 10.60
N THR D 265 -4.94 10.53 11.30
CA THR D 265 -5.85 11.25 12.21
C THR D 265 -6.77 12.27 11.49
N SER D 266 -6.41 13.54 11.35
CA SER D 266 -7.38 14.57 10.91
C SER D 266 -6.76 15.93 10.61
N PRO D 267 -7.55 16.88 10.09
CA PRO D 267 -7.11 18.28 10.03
C PRO D 267 -7.06 19.03 11.37
N GLU D 268 -7.57 18.46 12.46
CA GLU D 268 -7.46 19.08 13.80
C GLU D 268 -6.35 18.47 14.66
N THR D 269 -5.70 17.41 14.18
CA THR D 269 -4.59 16.81 14.93
C THR D 269 -3.35 17.69 14.79
N LEU D 270 -2.54 17.72 15.85
CA LEU D 270 -1.27 18.45 15.87
C LEU D 270 -0.15 17.46 16.16
N VAL D 271 0.96 17.57 15.42
CA VAL D 271 2.14 16.72 15.66
C VAL D 271 3.13 17.41 16.60
N SER D 272 3.87 16.59 17.34
CA SER D 272 4.98 17.05 18.19
C SER D 272 6.04 17.78 17.38
N SER D 273 6.93 18.48 18.07
CA SER D 273 7.96 19.28 17.40
C SER D 273 9.12 18.42 16.96
N ASP D 274 9.53 17.47 17.80
CA ASP D 274 10.62 16.58 17.47
C ASP D 274 10.26 15.63 16.34
N GLU D 275 8.98 15.28 16.26
CA GLU D 275 8.49 14.36 15.24
C GLU D 275 8.66 15.02 13.87
N ILE D 276 8.35 16.30 13.81
CA ILE D 276 8.64 17.07 12.58
C ILE D 276 10.14 17.10 12.34
N GLU D 277 10.93 17.18 13.41
CA GLU D 277 12.38 17.30 13.27
C GLU D 277 13.01 16.05 12.69
N THR D 278 12.45 14.87 13.00
CA THR D 278 13.03 13.65 12.47
C THR D 278 12.55 13.39 11.06
N TRP D 279 11.29 13.70 10.78
CA TRP D 279 10.78 13.55 9.41
C TRP D 279 11.51 14.45 8.43
N ILE D 280 12.01 15.58 8.89
CA ILE D 280 12.77 16.48 8.03
C ILE D 280 14.17 15.93 7.82
N LYS D 281 14.70 15.21 8.80
CA LYS D 281 16.02 14.61 8.64
C LYS D 281 15.98 13.25 7.96
N TYR D 282 14.93 12.47 8.24
CA TYR D 282 14.77 11.16 7.64
C TYR D 282 14.51 11.27 6.14
N LEU D 283 13.99 12.42 5.73
CA LEU D 283 13.77 12.66 4.31
C LEU D 283 15.05 13.08 3.62
N ASP D 284 15.91 13.81 4.32
CA ASP D 284 17.19 14.21 3.72
C ASP D 284 18.14 13.03 3.63
N TYR D 285 18.07 12.12 4.60
CA TYR D 285 18.86 10.90 4.56
C TYR D 285 18.44 10.03 3.37
N THR D 286 17.15 9.94 3.13
CA THR D 286 16.63 9.10 2.07
C THR D 286 16.96 9.67 0.70
N ILE D 287 17.12 10.98 0.60
CA ILE D 287 17.54 11.58 -0.66
C ILE D 287 18.99 11.21 -0.97
N THR D 288 19.81 11.06 0.07
CA THR D 288 21.22 10.76 -0.09
C THR D 288 21.43 9.38 -0.73
N LEU D 289 20.62 8.41 -0.32
CA LEU D 289 20.74 7.04 -0.83
C LEU D 289 20.47 6.89 -2.33
N GLN D 290 19.70 7.81 -2.91
CA GLN D 290 19.39 7.85 -4.35
C GLN D 290 18.64 6.63 -4.87
N THR D 291 17.75 6.12 -4.02
CA THR D 291 16.87 5.02 -4.38
C THR D 291 15.49 5.65 -4.60
N ASP D 292 15.14 5.84 -5.88
CA ASP D 292 13.98 6.67 -6.28
C ASP D 292 12.63 6.10 -5.82
N SER D 293 12.50 4.79 -5.90
CA SER D 293 11.34 4.11 -5.33
C SER D 293 11.28 4.34 -3.84
N LEU D 294 12.46 4.30 -3.18
CA LEU D 294 12.51 4.41 -1.74
C LEU D 294 12.35 5.85 -1.28
N THR D 295 12.55 6.78 -2.20
CA THR D 295 12.44 8.20 -1.89
C THR D 295 11.01 8.69 -1.96
N HIS D 296 10.38 8.48 -3.12
CA HIS D 296 8.97 8.77 -3.31
C HIS D 296 8.12 8.18 -2.21
N LEU D 297 8.43 6.95 -1.80
CA LEU D 297 7.70 6.27 -0.78
C LEU D 297 7.89 6.94 0.58
N ASN D 298 9.12 7.35 0.88
CA ASN D 298 9.39 7.92 2.19
C ASN D 298 8.96 9.37 2.32
N PHE D 299 8.57 10.00 1.22
CA PHE D 299 7.86 11.26 1.33
C PHE D 299 6.40 10.98 1.60
N GLN D 300 5.83 10.03 0.85
CA GLN D 300 4.41 9.70 1.00
C GLN D 300 4.14 9.10 2.37
N ARG D 301 5.12 8.37 2.86
CA ARG D 301 5.02 7.74 4.15
C ARG D 301 5.08 8.81 5.26
N ALA D 302 5.86 9.87 5.04
CA ALA D 302 5.97 11.01 5.98
C ALA D 302 4.94 12.11 5.74
N LEU D 303 4.19 12.00 4.66
CA LEU D 303 3.24 13.04 4.27
C LEU D 303 1.99 12.89 5.11
N LEU D 304 1.43 11.70 5.09
CA LEU D 304 0.16 11.45 5.75
C LEU D 304 0.04 11.74 7.28
N PRO D 305 1.16 11.79 8.05
CA PRO D 305 1.06 12.29 9.45
C PRO D 305 1.02 13.80 9.57
N LEU D 306 1.80 14.48 8.73
CA LEU D 306 1.72 15.92 8.59
C LEU D 306 1.50 16.26 7.13
N ALA D 307 0.29 15.91 6.70
CA ALA D 307 -0.21 16.22 5.37
C ALA D 307 -0.84 17.61 5.28
N HIS D 308 -1.11 18.25 6.43
CA HIS D 308 -1.77 19.54 6.44
C HIS D 308 -0.86 20.74 6.57
N TYR D 309 0.43 20.52 6.81
CA TYR D 309 1.32 21.62 7.15
C TYR D 309 1.84 22.47 5.97
N ASP D 310 2.08 21.84 4.82
CA ASP D 310 2.85 22.41 3.67
C ASP D 310 4.37 22.23 3.78
N LEU D 311 4.86 21.96 4.99
CA LEU D 311 6.28 21.80 5.27
C LEU D 311 6.95 20.67 4.49
N VAL D 312 6.17 19.63 4.20
CA VAL D 312 6.62 18.47 3.44
C VAL D 312 6.22 18.59 1.97
N TRP D 313 5.14 19.29 1.69
CA TRP D 313 4.78 19.57 0.29
C TRP D 313 5.80 20.46 -0.39
N ILE D 314 6.43 21.37 0.37
CA ILE D 314 7.47 22.21 -0.20
C ILE D 314 8.71 21.39 -0.53
N LYS D 315 9.21 20.65 0.46
CA LYS D 315 10.45 19.89 0.28
C LYS D 315 10.34 18.84 -0.81
N TYR D 316 9.23 18.13 -0.83
CA TYR D 316 8.97 17.09 -1.82
C TYR D 316 8.90 17.65 -3.22
N SER D 317 8.49 18.89 -3.34
CA SER D 317 8.61 19.57 -4.62
C SER D 317 10.01 20.12 -4.81
N LYS D 318 10.68 20.49 -3.73
CA LYS D 318 12.05 20.99 -3.85
C LYS D 318 13.02 19.89 -4.24
N TRP D 319 12.84 18.70 -3.70
CA TRP D 319 13.64 17.55 -4.11
C TRP D 319 13.48 17.24 -5.61
N LEU D 320 12.26 17.34 -6.09
CA LEU D 320 11.92 16.89 -7.43
C LEU D 320 12.38 17.91 -8.46
N ILE D 321 12.45 19.18 -8.04
CA ILE D 321 12.71 20.31 -8.93
C ILE D 321 14.19 20.50 -9.25
N ASN D 322 15.05 20.28 -8.24
CA ASN D 322 16.51 20.49 -8.40
C ASN D 322 17.37 19.19 -8.46
N SER D 323 17.00 18.14 -7.73
CA SER D 323 17.77 16.88 -7.77
C SER D 323 17.39 16.01 -8.96
N LYS D 324 16.15 15.53 -8.99
CA LYS D 324 15.69 14.66 -10.09
C LYS D 324 15.43 15.44 -11.41
N ASN D 325 15.44 16.78 -11.35
CA ASN D 325 15.31 17.65 -12.53
C ASN D 325 14.07 17.29 -13.38
N ASP D 326 12.90 17.54 -12.80
CA ASP D 326 11.62 17.23 -13.40
C ASP D 326 10.62 18.27 -12.90
N LEU D 327 10.56 19.38 -13.61
CA LEU D 327 9.84 20.55 -13.14
C LEU D 327 8.34 20.41 -13.32
N LEU D 328 7.91 19.78 -14.42
CA LEU D 328 6.49 19.50 -14.67
C LEU D 328 5.92 18.59 -13.59
N GLY D 329 6.76 17.68 -13.10
CA GLY D 329 6.40 16.83 -11.97
C GLY D 329 6.29 17.55 -10.64
N ALA D 330 7.08 18.61 -10.44
CA ALA D 330 6.98 19.44 -9.23
C ALA D 330 5.71 20.30 -9.21
N LYS D 331 5.24 20.67 -10.40
CA LYS D 331 3.99 21.41 -10.54
C LYS D 331 2.82 20.57 -10.03
N ASN D 332 2.87 19.27 -10.26
CA ASN D 332 1.79 18.38 -9.87
C ASN D 332 1.76 18.11 -8.38
N VAL D 333 2.91 18.23 -7.73
CA VAL D 333 2.96 17.98 -6.29
C VAL D 333 2.24 19.10 -5.54
N LEU D 334 2.54 20.34 -5.88
CA LEU D 334 1.94 21.49 -5.23
C LEU D 334 0.44 21.55 -5.49
N LEU D 335 0.03 21.25 -6.72
CA LEU D 335 -1.39 21.15 -7.05
C LEU D 335 -2.04 20.06 -6.24
N MET D 336 -1.34 18.96 -6.01
CA MET D 336 -1.89 17.94 -5.11
C MET D 336 -1.74 18.37 -3.66
N GLY D 337 -0.79 19.26 -3.39
CA GLY D 337 -0.55 19.80 -2.05
C GLY D 337 -1.42 20.98 -1.70
N LEU D 338 -1.85 21.72 -2.73
CA LEU D 338 -2.68 22.90 -2.54
C LEU D 338 -3.99 22.51 -1.86
N LYS D 339 -4.47 21.30 -2.13
CA LYS D 339 -5.71 20.79 -1.55
C LYS D 339 -5.62 20.48 -0.06
N PHE D 340 -4.60 19.73 0.37
CA PHE D 340 -4.55 19.25 1.76
C PHE D 340 -4.05 20.24 2.79
N SER D 341 -3.10 21.08 2.41
CA SER D 341 -2.52 22.05 3.35
C SER D 341 -3.50 23.18 3.74
N LEU D 342 -3.36 23.70 4.95
CA LEU D 342 -4.24 24.76 5.45
C LEU D 342 -3.59 26.14 5.48
N LYS D 343 -2.27 26.22 5.32
CA LYS D 343 -1.62 27.52 5.12
C LYS D 343 -1.94 28.01 3.70
N LYS D 344 -1.64 27.17 2.71
CA LYS D 344 -1.96 27.44 1.28
C LYS D 344 -1.26 28.66 0.65
N THR D 345 -0.49 29.42 1.43
CA THR D 345 0.11 30.70 0.96
C THR D 345 1.54 30.49 0.50
N GLU D 346 2.34 29.81 1.31
CA GLU D 346 3.73 29.53 0.97
C GLU D 346 3.81 28.60 -0.24
N ILE D 347 2.84 27.69 -0.37
CA ILE D 347 2.74 26.88 -1.58
C ILE D 347 2.40 27.76 -2.78
N ILE D 348 1.38 28.60 -2.64
CA ILE D 348 0.81 29.25 -3.81
C ILE D 348 1.74 30.35 -4.33
N LYS D 349 2.64 30.84 -3.48
CA LYS D 349 3.71 31.71 -3.96
C LYS D 349 4.67 30.92 -4.82
N LEU D 350 5.10 29.76 -4.31
CA LEU D 350 6.03 28.91 -5.05
C LEU D 350 5.37 28.35 -6.30
N LEU D 351 4.10 27.98 -6.20
CA LEU D 351 3.40 27.33 -7.29
C LEU D 351 3.20 28.25 -8.49
N TYR D 352 3.03 29.54 -8.23
CA TYR D 352 3.02 30.53 -9.30
C TYR D 352 4.36 30.50 -10.05
N SER D 353 5.45 30.45 -9.29
CA SER D 353 6.77 30.57 -9.88
C SER D 353 7.14 29.36 -10.72
N VAL D 354 6.64 28.19 -10.34
CA VAL D 354 6.91 26.97 -11.08
C VAL D 354 6.23 27.01 -12.45
N ILE D 355 5.02 27.54 -12.49
CA ILE D 355 4.28 27.65 -13.73
C ILE D 355 4.97 28.65 -14.66
N CYS D 356 5.52 29.72 -14.08
CA CYS D 356 6.16 30.76 -14.88
C CYS D 356 7.40 30.26 -15.58
N LYS D 357 8.19 29.44 -14.90
CA LYS D 357 9.40 28.88 -15.50
C LYS D 357 9.05 27.85 -16.55
N LEU D 358 7.95 27.15 -16.33
CA LEU D 358 7.53 26.05 -17.19
C LEU D 358 6.88 26.57 -18.49
N ASN D 359 6.55 27.86 -18.52
CA ASN D 359 5.90 28.50 -19.66
C ASN D 359 4.53 27.88 -19.92
N GLU D 360 3.68 27.97 -18.90
CA GLU D 360 2.26 27.62 -19.00
C GLU D 360 1.45 28.81 -18.45
N TYR D 361 1.56 29.94 -19.16
CA TYR D 361 1.01 31.22 -18.68
C TYR D 361 -0.51 31.28 -18.77
N VAL D 362 -1.07 30.51 -19.69
CA VAL D 362 -2.53 30.50 -19.86
C VAL D 362 -3.16 29.80 -18.66
N LEU D 363 -2.45 28.84 -18.07
CA LEU D 363 -2.87 28.23 -16.83
C LEU D 363 -2.83 29.22 -15.68
N LEU D 364 -1.76 30.00 -15.59
CA LEU D 364 -1.58 30.89 -14.44
C LEU D 364 -2.54 32.06 -14.47
N ARG D 365 -2.80 32.59 -15.66
CA ARG D 365 -3.80 33.63 -15.84
C ARG D 365 -5.18 33.10 -15.45
N ASN D 366 -5.44 31.86 -15.81
CA ASN D 366 -6.65 31.17 -15.38
C ASN D 366 -6.64 30.95 -13.87
N LEU D 367 -5.46 30.76 -13.29
CA LEU D 367 -5.40 30.49 -11.86
C LEU D 367 -5.66 31.76 -11.05
N LEU D 368 -5.16 32.89 -11.55
CA LEU D 368 -5.38 34.17 -10.88
C LEU D 368 -6.85 34.58 -10.97
N GLU D 369 -7.52 34.18 -12.05
CA GLU D 369 -8.96 34.39 -12.13
C GLU D 369 -9.70 33.52 -11.12
N LYS D 370 -9.14 32.35 -10.81
CA LYS D 370 -9.80 31.45 -9.86
C LYS D 370 -9.59 31.86 -8.42
N ILE D 371 -8.64 32.75 -8.13
CA ILE D 371 -8.40 33.24 -6.75
C ILE D 371 -9.04 34.62 -6.49
N GLU D 372 -9.21 35.42 -7.54
CA GLU D 372 -10.01 36.65 -7.43
C GLU D 372 -11.50 36.31 -7.35
N SER D 373 -11.94 35.32 -8.14
CA SER D 373 -13.31 34.81 -8.05
C SER D 373 -13.63 34.17 -6.69
N SER D 374 -12.61 33.71 -5.96
CA SER D 374 -12.80 33.16 -4.61
C SER D 374 -13.28 34.20 -3.62
N TYR D 375 -12.69 35.39 -3.68
CA TYR D 375 -13.08 36.51 -2.81
C TYR D 375 -14.21 37.38 -3.40
N SER D 376 -14.60 37.11 -4.65
CA SER D 376 -15.66 37.82 -5.39
C SER D 376 -15.17 39.20 -5.82
N ASP D 377 -14.07 39.19 -6.58
CA ASP D 377 -13.43 40.40 -7.13
C ASP D 377 -12.97 41.43 -6.08
N ASN D 378 -12.76 41.00 -4.84
CA ASN D 378 -12.33 41.87 -3.74
C ASN D 378 -11.17 41.22 -3.01
N VAL D 379 -10.09 40.95 -3.76
CA VAL D 379 -8.83 40.48 -3.17
C VAL D 379 -8.22 41.66 -2.44
N GLU D 380 -8.30 42.84 -3.08
CA GLU D 380 -7.99 44.13 -2.46
C GLU D 380 -8.42 44.22 -0.99
N ASN D 381 -9.65 43.77 -0.70
CA ASN D 381 -10.23 43.88 0.65
C ASN D 381 -9.79 42.80 1.67
N VAL D 382 -8.88 41.90 1.31
CA VAL D 382 -8.49 40.78 2.20
C VAL D 382 -7.75 41.24 3.47
N ASP D 383 -7.91 40.48 4.56
CA ASP D 383 -7.24 40.77 5.84
C ASP D 383 -5.78 40.31 5.85
N ASP D 384 -5.55 39.05 5.44
CA ASP D 384 -4.19 38.48 5.32
C ASP D 384 -3.47 39.01 4.05
N PHE D 385 -2.52 39.92 4.24
CA PHE D 385 -1.86 40.66 3.17
C PHE D 385 -1.17 39.80 2.11
N GLU D 386 -0.59 38.68 2.52
CA GLU D 386 0.30 37.90 1.66
C GLU D 386 -0.42 37.33 0.46
N ILE D 387 -1.68 36.95 0.65
CA ILE D 387 -2.49 36.44 -0.46
C ILE D 387 -2.70 37.53 -1.49
N PHE D 388 -2.91 38.75 -1.03
CA PHE D 388 -3.05 39.90 -1.93
C PHE D 388 -1.74 40.22 -2.62
N TRP D 389 -0.65 40.27 -1.87
CA TRP D 389 0.62 40.77 -2.41
C TRP D 389 1.23 39.74 -3.37
N ASP D 390 1.05 38.47 -3.08
CA ASP D 390 1.47 37.43 -4.03
C ASP D 390 0.56 37.43 -5.25
N TYR D 391 -0.72 37.73 -5.05
CA TYR D 391 -1.62 37.89 -6.19
C TYR D 391 -1.18 39.07 -7.06
N LEU D 392 -0.85 40.20 -6.43
CA LEU D 392 -0.74 41.46 -7.16
C LEU D 392 0.48 41.48 -8.08
N GLN D 393 1.62 41.04 -7.57
CA GLN D 393 2.85 41.10 -8.35
C GLN D 393 2.84 40.10 -9.50
N PHE D 394 2.07 39.02 -9.36
CA PHE D 394 1.93 38.08 -10.48
C PHE D 394 0.82 38.48 -11.40
N LYS D 395 -0.21 39.14 -10.89
CA LYS D 395 -1.24 39.75 -11.75
C LYS D 395 -0.62 40.86 -12.59
N THR D 396 0.40 41.50 -12.04
CA THR D 396 1.09 42.59 -12.75
C THR D 396 1.84 42.07 -13.96
N PHE D 397 2.54 40.95 -13.78
CA PHE D 397 3.42 40.39 -14.79
C PHE D 397 2.68 40.00 -16.06
N CYS D 398 1.40 39.67 -15.94
CA CYS D 398 0.61 39.31 -17.11
C CYS D 398 0.19 40.55 -17.88
N GLN D 399 -0.17 41.61 -17.18
CA GLN D 399 -0.72 42.79 -17.84
C GLN D 399 0.36 43.72 -18.37
N ASN D 400 1.59 43.51 -17.93
CA ASN D 400 2.73 44.05 -18.66
C ASN D 400 2.84 43.37 -20.02
N SER D 401 2.59 42.07 -20.05
CA SER D 401 2.77 41.28 -21.26
C SER D 401 1.60 41.35 -22.22
N LEU D 402 0.37 41.33 -21.70
CA LEU D 402 -0.83 41.26 -22.54
C LEU D 402 -1.09 42.59 -23.24
N TYR D 403 -1.08 43.68 -22.47
CA TYR D 403 -1.23 45.03 -23.03
C TYR D 403 0.13 45.64 -23.36
N SER D 404 0.22 46.33 -24.49
CA SER D 404 1.42 47.09 -24.86
C SER D 404 1.55 48.32 -23.97
N SER D 405 2.79 48.78 -23.76
CA SER D 405 3.09 49.90 -22.86
C SER D 405 2.57 51.23 -23.38
N ARG D 406 2.15 52.11 -22.46
CA ARG D 406 1.60 53.43 -22.78
C ARG D 406 2.49 54.60 -22.33
N TYR D 407 3.76 54.34 -22.02
CA TYR D 407 4.73 55.36 -21.60
C TYR D 407 6.03 55.31 -22.42
N SER D 408 6.90 56.29 -22.20
CA SER D 408 8.18 56.41 -22.91
C SER D 408 9.25 55.44 -22.42
N ASP D 409 10.28 55.27 -23.25
CA ASP D 409 11.48 54.46 -22.95
C ASP D 409 11.20 52.94 -22.79
N SER D 410 10.14 52.46 -23.44
CA SER D 410 9.72 51.05 -23.39
C SER D 410 9.52 50.48 -21.98
N GLN D 411 9.13 51.32 -21.03
CA GLN D 411 8.83 50.88 -19.67
C GLN D 411 7.43 50.26 -19.67
N SER D 412 7.32 49.03 -19.19
CA SER D 412 6.02 48.36 -19.08
C SER D 412 5.24 49.03 -17.96
N ASN D 413 4.14 49.70 -18.33
CA ASN D 413 3.27 50.41 -17.37
C ASN D 413 2.80 49.48 -16.27
N GLY D 414 3.65 49.32 -15.24
CA GLY D 414 3.57 48.20 -14.33
C GLY D 414 2.43 48.23 -13.37
N LEU D 415 2.72 48.72 -12.17
CA LEU D 415 1.70 48.87 -11.15
C LEU D 415 0.70 50.00 -11.57
N LEU D 416 1.11 50.87 -12.49
CA LEU D 416 0.27 51.96 -13.01
C LEU D 416 -0.55 51.52 -14.22
N ASN D 417 -1.72 50.96 -13.93
CA ASN D 417 -2.73 50.67 -14.93
C ASN D 417 -4.09 50.73 -14.24
N LYS D 418 -5.10 51.24 -14.94
CA LYS D 418 -6.42 51.49 -14.36
C LYS D 418 -7.03 50.25 -13.69
N GLU D 419 -6.73 49.07 -14.24
CA GLU D 419 -7.19 47.80 -13.68
C GLU D 419 -6.56 47.49 -12.31
N LEU D 420 -5.25 47.67 -12.18
CA LEU D 420 -4.52 47.34 -10.96
C LEU D 420 -4.45 48.50 -9.99
N PHE D 421 -4.25 49.71 -10.51
CA PHE D 421 -4.06 50.88 -9.67
C PHE D 421 -5.33 51.21 -8.87
N ASP D 422 -6.48 50.92 -9.46
CA ASP D 422 -7.73 51.13 -8.74
C ASP D 422 -7.89 50.09 -7.64
N LYS D 423 -7.36 48.89 -7.87
CA LYS D 423 -7.30 47.89 -6.80
C LYS D 423 -6.35 48.32 -5.68
N VAL D 424 -5.31 49.06 -6.05
CA VAL D 424 -4.34 49.54 -5.09
C VAL D 424 -4.89 50.75 -4.34
N TRP D 425 -5.52 51.66 -5.07
CA TRP D 425 -6.09 52.85 -4.46
C TRP D 425 -7.23 52.49 -3.52
N LYS D 426 -8.01 51.46 -3.87
CA LYS D 426 -9.03 50.96 -2.97
C LYS D 426 -8.39 50.29 -1.75
N ARG D 427 -7.19 49.76 -1.93
CA ARG D 427 -6.47 49.16 -0.82
C ARG D 427 -5.89 50.23 0.11
N LEU D 428 -5.45 51.33 -0.49
CA LEU D 428 -4.88 52.42 0.31
C LEU D 428 -5.94 53.17 1.11
N SER D 429 -7.17 53.14 0.63
CA SER D 429 -8.24 53.92 1.24
C SER D 429 -8.65 53.38 2.61
N CYS D 430 -8.43 52.09 2.83
CA CYS D 430 -8.70 51.45 4.12
C CYS D 430 -7.83 52.05 5.23
N LYS D 431 -6.59 52.39 4.90
CA LYS D 431 -5.72 53.20 5.76
C LYS D 431 -5.23 52.55 7.08
N GLU D 432 -6.14 52.19 7.98
CA GLU D 432 -5.77 51.65 9.31
C GLU D 432 -5.99 50.14 9.49
N LYS D 433 -6.91 49.56 8.71
CA LYS D 433 -7.32 48.14 8.92
C LYS D 433 -6.70 47.14 7.94
N LYS D 434 -6.46 47.55 6.69
CA LYS D 434 -5.94 46.63 5.66
C LYS D 434 -4.52 46.09 5.95
N SER D 435 -3.72 46.85 6.73
CA SER D 435 -2.50 46.33 7.40
C SER D 435 -1.33 45.87 6.51
N GLY D 436 -1.27 46.36 5.26
CA GLY D 436 -0.11 46.14 4.38
C GLY D 436 0.11 47.37 3.52
N GLN D 437 0.12 48.53 4.17
CA GLN D 437 -0.01 49.82 3.48
C GLN D 437 1.30 50.29 2.89
N GLU D 438 2.28 50.53 3.74
CA GLU D 438 3.53 51.16 3.32
C GLU D 438 4.38 50.26 2.45
N ILE D 439 4.22 48.95 2.61
CA ILE D 439 4.93 47.98 1.79
C ILE D 439 4.40 48.06 0.35
N LEU D 440 3.10 48.27 0.23
CA LEU D 440 2.49 48.55 -1.07
C LEU D 440 2.94 49.92 -1.58
N LEU D 441 3.13 50.85 -0.65
CA LEU D 441 3.48 52.23 -1.01
C LEU D 441 4.93 52.33 -1.48
N ASN D 442 5.81 51.54 -0.88
CA ASN D 442 7.25 51.58 -1.18
C ASN D 442 7.57 51.06 -2.59
N ASN D 443 6.72 50.17 -3.12
CA ASN D 443 6.87 49.66 -4.48
C ASN D 443 6.28 50.57 -5.56
N LEU D 444 5.54 51.59 -5.15
CA LEU D 444 5.09 52.64 -6.06
C LEU D 444 6.18 53.68 -6.38
N VAL D 445 7.23 53.71 -5.58
CA VAL D 445 8.36 54.60 -5.81
C VAL D 445 9.18 54.19 -7.06
N GLN D 446 9.14 52.92 -7.43
CA GLN D 446 10.19 52.31 -8.24
C GLN D 446 10.27 52.70 -9.73
N PHE D 447 9.66 53.81 -10.15
CA PHE D 447 9.51 54.07 -11.59
C PHE D 447 10.64 54.83 -12.27
N TYR D 448 11.23 55.81 -11.60
CA TYR D 448 12.50 56.42 -12.04
C TYR D 448 12.51 56.94 -13.49
N SER D 449 11.55 57.78 -13.84
CA SER D 449 11.48 58.40 -15.19
C SER D 449 10.60 59.67 -15.19
N LYS D 450 10.53 60.34 -16.33
CA LYS D 450 9.83 61.65 -16.43
C LYS D 450 8.31 61.52 -16.31
N ASP D 451 7.74 60.62 -17.10
CA ASP D 451 6.29 60.49 -17.19
C ASP D 451 5.69 59.92 -15.92
N THR D 452 6.39 58.95 -15.35
CA THR D 452 5.83 58.12 -14.30
C THR D 452 5.92 58.81 -12.94
N VAL D 453 6.93 59.66 -12.77
CA VAL D 453 7.03 60.46 -11.55
C VAL D 453 5.93 61.51 -11.52
N GLU D 454 5.66 62.15 -12.66
CA GLU D 454 4.56 63.10 -12.75
C GLU D 454 3.21 62.43 -12.55
N PHE D 455 3.13 61.15 -12.86
CA PHE D 455 1.90 60.39 -12.62
C PHE D 455 1.72 60.13 -11.13
N VAL D 456 2.73 59.52 -10.51
CA VAL D 456 2.63 59.07 -9.13
C VAL D 456 2.66 60.26 -8.15
N GLU D 457 3.20 61.39 -8.57
CA GLU D 457 3.07 62.61 -7.78
C GLU D 457 1.59 63.00 -7.71
N LYS D 458 0.98 63.21 -8.86
CA LYS D 458 -0.39 63.72 -8.96
C LYS D 458 -1.46 62.68 -8.55
N ASN D 459 -1.33 61.45 -9.05
CA ASN D 459 -2.36 60.40 -8.87
C ASN D 459 -2.40 59.70 -7.52
N ILE D 460 -1.34 59.83 -6.72
CA ILE D 460 -1.33 59.29 -5.34
C ILE D 460 -0.74 60.25 -4.31
N PHE D 461 0.47 60.76 -4.53
CA PHE D 461 1.13 61.63 -3.53
C PHE D 461 0.53 63.03 -3.38
N GLN D 462 -0.21 63.53 -4.37
CA GLN D 462 -0.93 64.81 -4.25
C GLN D 462 -2.32 64.58 -3.67
N LYS D 463 -3.05 63.60 -4.21
CA LYS D 463 -4.41 63.26 -3.74
C LYS D 463 -4.46 62.77 -2.29
N ILE D 464 -3.39 62.14 -1.81
CA ILE D 464 -3.25 61.75 -0.40
C ILE D 464 -3.08 62.96 0.54
N ILE D 465 -2.57 64.08 0.01
CA ILE D 465 -2.49 65.35 0.74
C ILE D 465 -3.83 66.09 0.69
N GLU D 466 -4.43 66.17 -0.51
CA GLU D 466 -5.71 66.87 -0.72
C GLU D 466 -6.84 66.30 0.13
N PHE D 467 -7.04 64.98 0.09
CA PHE D 467 -7.98 64.32 1.02
C PHE D 467 -7.48 64.44 2.45
N GLY D 468 -6.17 64.34 2.62
CA GLY D 468 -5.51 64.65 3.88
C GLY D 468 -5.87 63.68 4.99
N TRP D 469 -5.73 62.39 4.71
CA TRP D 469 -5.89 61.36 5.73
C TRP D 469 -4.82 61.52 6.81
N GLU D 470 -5.21 61.34 8.07
CA GLU D 470 -4.34 61.58 9.21
C GLU D 470 -3.26 60.50 9.34
N TYR D 471 -3.66 59.23 9.16
CA TYR D 471 -2.76 58.08 9.33
C TYR D 471 -1.49 58.18 8.50
N TYR D 472 -1.62 58.54 7.22
CA TYR D 472 -0.48 58.55 6.32
C TYR D 472 0.50 59.71 6.53
N LEU D 473 0.03 60.84 7.06
CA LEU D 473 0.89 62.01 7.23
C LEU D 473 1.72 61.96 8.51
N GLN D 474 1.23 61.29 9.56
CA GLN D 474 2.02 61.09 10.78
C GLN D 474 3.11 60.02 10.66
N ASN D 475 2.94 59.05 9.75
CA ASN D 475 3.93 57.99 9.52
C ASN D 475 5.06 58.49 8.63
N GLY D 476 6.25 58.60 9.22
CA GLY D 476 7.42 59.16 8.54
C GLY D 476 7.93 58.30 7.40
N MET D 477 7.52 57.03 7.36
CA MET D 477 7.84 56.17 6.24
C MET D 477 7.18 56.66 4.96
N PHE D 478 6.06 57.38 5.10
CA PHE D 478 5.41 57.98 3.95
C PHE D 478 6.22 59.14 3.36
N TRP D 479 6.63 60.06 4.21
CA TRP D 479 7.35 61.24 3.74
C TRP D 479 8.72 60.87 3.18
N ASN D 480 9.34 59.86 3.79
CA ASN D 480 10.61 59.33 3.32
C ASN D 480 10.48 58.77 1.91
N CYS D 481 9.38 58.07 1.64
CA CYS D 481 9.17 57.50 0.32
C CYS D 481 8.83 58.57 -0.71
N TYR D 482 8.18 59.65 -0.27
CA TYR D 482 7.81 60.71 -1.18
C TYR D 482 9.03 61.52 -1.59
N CYS D 483 10.03 61.58 -0.71
CA CYS D 483 11.28 62.24 -1.06
C CYS D 483 12.09 61.39 -2.02
N ARG D 484 12.11 60.08 -1.79
CA ARG D 484 12.93 59.18 -2.61
C ARG D 484 12.33 58.99 -4.00
N LEU D 485 11.05 59.29 -4.16
CA LEU D 485 10.45 59.28 -5.49
C LEU D 485 11.05 60.41 -6.31
N ILE D 486 11.28 61.56 -5.69
CA ILE D 486 11.72 62.74 -6.42
C ILE D 486 13.22 62.68 -6.69
N TYR D 487 13.99 62.29 -5.68
CA TYR D 487 15.45 62.42 -5.73
C TYR D 487 16.10 61.53 -6.80
N PHE D 488 15.64 60.28 -6.93
CA PHE D 488 16.20 59.34 -7.92
C PHE D 488 15.64 59.45 -9.35
N ASP D 489 14.80 60.45 -9.61
CA ASP D 489 14.32 60.69 -10.98
C ASP D 489 15.49 61.13 -11.87
N THR D 490 15.65 60.47 -13.01
CA THR D 490 16.71 60.80 -13.97
C THR D 490 16.46 62.10 -14.76
N SER D 491 15.21 62.57 -14.79
CA SER D 491 14.84 63.81 -15.50
C SER D 491 15.38 65.09 -14.83
N ARG D 492 15.26 65.19 -13.51
CA ARG D 492 15.71 66.38 -12.77
C ARG D 492 17.24 66.50 -12.73
N SER D 493 17.72 67.75 -12.67
CA SER D 493 19.11 68.05 -12.30
C SER D 493 19.19 68.09 -10.78
N TYR D 494 20.40 68.31 -10.23
CA TYR D 494 20.58 68.34 -8.77
C TYR D 494 19.96 69.59 -8.17
N LEU D 495 19.93 70.67 -8.94
CA LEU D 495 19.48 71.96 -8.42
C LEU D 495 17.99 71.94 -8.08
N ASP D 496 17.17 71.64 -9.09
CA ASP D 496 15.73 71.59 -8.90
C ASP D 496 15.29 70.46 -7.98
N LYS D 497 16.04 69.35 -8.00
CA LYS D 497 15.76 68.24 -7.11
C LYS D 497 16.06 68.63 -5.66
N ARG D 498 17.04 69.49 -5.46
CA ARG D 498 17.28 70.02 -4.12
C ARG D 498 16.30 71.14 -3.82
N GLN D 499 15.77 71.79 -4.85
CA GLN D 499 14.75 72.82 -4.64
C GLN D 499 13.40 72.22 -4.34
N TYR D 500 12.90 71.41 -5.27
CA TYR D 500 11.52 70.89 -5.22
C TYR D 500 11.20 70.15 -3.92
N ILE D 501 12.20 69.48 -3.36
CA ILE D 501 12.02 68.77 -2.09
C ILE D 501 12.02 69.81 -0.96
N VAL D 502 13.08 70.59 -0.84
CA VAL D 502 13.26 71.49 0.32
C VAL D 502 12.29 72.69 0.33
N ARG D 503 12.00 73.25 -0.84
CA ARG D 503 11.12 74.44 -0.95
C ARG D 503 9.63 74.13 -0.78
N LYS D 504 9.19 72.96 -1.26
CA LYS D 504 7.76 72.60 -1.31
C LYS D 504 7.33 71.41 -0.45
N ILE D 505 8.09 70.32 -0.48
CA ILE D 505 7.69 69.08 0.21
C ILE D 505 7.88 69.16 1.71
N TRP D 506 9.07 69.60 2.15
CA TRP D 506 9.38 69.78 3.57
C TRP D 506 8.39 70.67 4.35
N PRO D 507 8.00 71.84 3.78
CA PRO D 507 7.04 72.69 4.50
C PRO D 507 5.59 72.18 4.59
N GLN D 508 5.19 71.26 3.71
CA GLN D 508 3.79 70.76 3.70
C GLN D 508 3.41 69.88 4.89
N ILE D 509 4.40 69.38 5.62
CA ILE D 509 4.15 68.68 6.88
C ILE D 509 3.65 69.64 7.97
N ASP D 510 2.86 69.10 8.91
CA ASP D 510 2.37 69.85 10.08
C ASP D 510 3.41 69.80 11.21
N LYS D 511 3.44 70.84 12.03
CA LYS D 511 4.41 70.94 13.14
C LYS D 511 4.18 69.94 14.29
N LYS D 512 2.94 69.49 14.47
CA LYS D 512 2.61 68.46 15.48
C LYS D 512 3.08 67.06 15.05
N PHE D 513 2.90 66.72 13.76
CA PHE D 513 3.37 65.45 13.20
C PHE D 513 4.90 65.39 13.13
N ALA D 514 5.55 66.56 12.99
CA ALA D 514 7.01 66.65 12.90
C ALA D 514 7.79 66.13 14.12
N GLN D 515 7.08 65.74 15.18
CA GLN D 515 7.69 64.98 16.26
C GLN D 515 8.02 63.56 15.79
N SER D 516 7.01 62.80 15.41
CA SER D 516 7.16 61.37 15.10
C SER D 516 7.63 61.07 13.68
N VAL D 517 7.45 62.03 12.76
CA VAL D 517 7.94 61.91 11.38
C VAL D 517 9.47 62.13 11.28
N LEU D 518 10.00 63.01 12.13
CA LEU D 518 11.40 63.44 12.02
C LEU D 518 12.45 62.31 12.02
N PRO D 519 12.32 61.29 12.89
CA PRO D 519 13.29 60.18 12.89
C PRO D 519 13.51 59.48 11.54
N SER D 520 12.42 59.11 10.87
CA SER D 520 12.51 58.49 9.53
C SER D 520 12.85 59.50 8.43
N LEU D 521 12.50 60.77 8.66
CA LEU D 521 12.76 61.85 7.70
C LEU D 521 14.18 62.41 7.82
N THR D 522 14.77 62.33 9.02
CA THR D 522 16.17 62.66 9.24
C THR D 522 17.10 61.68 8.52
N GLU D 523 16.72 60.41 8.48
CA GLU D 523 17.57 59.35 7.91
C GLU D 523 17.73 59.53 6.40
N PHE D 524 16.70 60.03 5.74
CA PHE D 524 16.82 60.41 4.34
C PHE D 524 17.78 61.60 4.21
N CYS D 525 17.63 62.57 5.10
CA CYS D 525 18.41 63.79 5.05
C CYS D 525 19.86 63.56 5.44
N GLU D 526 20.07 62.72 6.45
CA GLU D 526 21.41 62.50 6.99
C GLU D 526 22.30 61.76 5.99
N SER D 527 21.69 61.01 5.07
CA SER D 527 22.46 60.23 4.12
C SER D 527 22.62 60.90 2.75
N TYR D 528 21.55 61.51 2.23
CA TYR D 528 21.59 62.13 0.89
C TYR D 528 21.83 63.64 0.89
N PHE D 529 21.35 64.35 1.92
CA PHE D 529 21.52 65.81 2.05
C PHE D 529 22.19 66.20 3.36
N PRO D 530 23.52 66.02 3.47
CA PRO D 530 24.21 66.59 4.63
C PRO D 530 24.26 68.12 4.58
N GLU D 531 24.45 68.68 3.38
CA GLU D 531 24.52 70.14 3.16
C GLU D 531 23.33 70.93 3.72
N GLU D 532 22.13 70.37 3.62
CA GLU D 532 20.90 71.04 4.07
C GLU D 532 20.29 70.29 5.25
N MET D 533 21.13 69.92 6.22
CA MET D 533 20.69 69.23 7.43
C MET D 533 20.29 70.23 8.53
N ASP D 534 20.88 71.43 8.50
CA ASP D 534 20.54 72.51 9.44
C ASP D 534 19.15 73.08 9.18
N THR D 535 18.86 73.34 7.90
CA THR D 535 17.54 73.87 7.47
C THR D 535 16.35 72.93 7.75
N LEU D 536 16.63 71.64 7.97
CA LEU D 536 15.66 70.68 8.50
C LEU D 536 15.29 70.99 9.94
N GLU D 537 16.31 71.17 10.78
CA GLU D 537 16.14 71.24 12.24
C GLU D 537 15.43 72.52 12.70
N GLU D 538 15.83 73.66 12.15
CA GLU D 538 15.20 74.96 12.44
C GLU D 538 13.69 75.00 12.15
N MET D 539 13.25 74.28 11.11
CA MET D 539 11.83 74.20 10.73
C MET D 539 10.96 73.54 11.80
N PHE D 540 11.52 72.61 12.57
CA PHE D 540 10.77 71.83 13.57
C PHE D 540 11.31 72.03 14.99
N ALA E 18 48.02 43.99 31.66
CA ALA E 18 46.69 44.08 32.27
C ALA E 18 46.66 43.74 33.74
N LEU E 19 47.63 42.97 34.25
CA LEU E 19 47.63 42.60 35.65
C LEU E 19 47.84 43.77 36.62
N ARG E 20 46.74 44.46 36.89
CA ARG E 20 46.63 45.52 37.86
C ARG E 20 47.25 45.13 39.20
N GLY E 21 47.04 43.88 39.62
CA GLY E 21 47.55 43.27 40.84
C GLY E 21 49.07 43.17 40.82
N LEU E 22 49.64 42.77 39.69
CA LEU E 22 51.08 42.71 39.50
C LEU E 22 51.77 44.07 39.45
N ASP E 23 51.21 45.09 38.80
CA ASP E 23 51.81 46.44 38.86
C ASP E 23 51.72 47.02 40.28
N THR E 24 50.66 46.70 41.03
CA THR E 24 50.64 46.98 42.48
C THR E 24 51.82 46.29 43.18
N GLN E 25 52.02 44.97 43.00
CA GLN E 25 53.09 44.23 43.71
C GLN E 25 54.53 44.64 43.34
N PHE E 26 54.72 45.01 42.07
CA PHE E 26 55.93 45.57 41.49
C PHE E 26 56.29 46.90 42.13
N LEU E 27 55.28 47.78 42.26
CA LEU E 27 55.40 49.05 42.98
C LEU E 27 55.74 48.81 44.43
N GLN E 28 55.05 47.92 45.14
CA GLN E 28 55.28 47.71 46.57
C GLN E 28 56.68 47.15 46.88
N ASP E 29 57.28 46.37 45.98
CA ASP E 29 58.64 45.81 46.17
C ASP E 29 59.74 46.75 45.70
N ASN E 30 59.56 47.48 44.60
CA ASN E 30 60.50 48.54 44.21
C ASN E 30 60.51 49.60 45.31
N THR E 31 59.34 50.05 45.76
CA THR E 31 59.17 50.93 46.92
C THR E 31 59.84 50.38 48.19
N ALA E 32 59.67 49.11 48.52
CA ALA E 32 60.36 48.56 49.69
C ALA E 32 61.87 48.34 49.55
N LEU E 33 62.44 48.27 48.36
CA LEU E 33 63.90 48.21 48.18
C LEU E 33 64.50 49.60 48.13
N VAL E 34 63.79 50.64 47.69
CA VAL E 34 64.19 52.00 48.06
C VAL E 34 64.22 52.15 49.59
N GLN E 35 63.12 51.79 50.27
CA GLN E 35 62.98 52.01 51.73
C GLN E 35 63.91 51.18 52.61
N ALA E 36 64.27 49.95 52.21
CA ALA E 36 64.99 48.97 53.06
C ALA E 36 66.39 48.65 52.55
N TYR E 37 66.75 49.06 51.33
CA TYR E 37 68.16 49.40 51.04
C TYR E 37 68.52 50.81 51.53
N ARG E 38 67.54 51.60 51.98
CA ARG E 38 67.72 52.77 52.86
C ARG E 38 68.21 54.04 52.17
N GLY E 39 68.93 53.85 51.06
CA GLY E 39 69.29 54.89 50.13
C GLY E 39 68.07 55.42 49.40
N LEU E 40 68.15 56.61 48.80
CA LEU E 40 67.31 56.95 47.66
C LEU E 40 67.27 55.85 46.62
N ASP E 41 68.40 55.14 46.48
CA ASP E 41 68.66 54.26 45.36
C ASP E 41 68.21 55.03 44.14
N TRP E 42 68.87 56.09 43.67
CA TRP E 42 68.16 56.97 42.71
C TRP E 42 67.63 56.20 41.48
N SER E 43 68.27 55.07 41.18
CA SER E 43 67.69 53.91 40.52
C SER E 43 66.34 53.36 41.03
N ASP E 44 66.23 52.92 42.28
CA ASP E 44 65.00 52.36 42.81
C ASP E 44 63.88 53.41 42.98
N ILE E 45 64.21 54.66 43.31
CA ILE E 45 63.36 55.85 43.15
C ILE E 45 62.79 56.01 41.74
N SER E 46 63.63 56.13 40.72
CA SER E 46 63.17 56.41 39.35
C SER E 46 62.48 55.20 38.72
N SER E 47 62.76 53.99 39.17
CA SER E 47 62.04 52.77 38.83
C SER E 47 60.64 52.72 39.45
N LEU E 48 60.47 53.09 40.72
CA LEU E 48 59.16 53.22 41.36
C LEU E 48 58.34 54.30 40.66
N THR E 49 58.92 55.46 40.36
CA THR E 49 58.23 56.53 39.66
C THR E 49 57.86 56.11 38.22
N GLN E 50 58.70 55.30 37.56
CA GLN E 50 58.45 54.74 36.23
C GLN E 50 57.31 53.74 36.21
N MET E 51 57.25 52.80 37.17
CA MET E 51 56.15 51.83 37.26
C MET E 51 54.86 52.53 37.70
N VAL E 52 54.90 53.54 38.56
CA VAL E 52 53.73 54.34 38.90
C VAL E 52 53.18 55.15 37.72
N ASP E 53 54.04 55.73 36.87
CA ASP E 53 53.62 56.36 35.61
C ASP E 53 52.97 55.35 34.66
N VAL E 54 53.63 54.20 34.44
CA VAL E 54 53.12 53.15 33.55
C VAL E 54 51.71 52.66 33.97
N ILE E 55 51.55 52.27 35.25
CA ILE E 55 50.28 51.82 35.77
C ILE E 55 49.21 52.91 35.67
N GLU E 56 49.51 54.16 36.04
CA GLU E 56 48.57 55.26 35.88
C GLU E 56 48.03 55.35 34.44
N GLN E 57 48.93 55.36 33.45
CA GLN E 57 48.59 55.39 32.02
C GLN E 57 47.80 54.17 31.51
N THR E 58 47.81 53.02 32.20
CA THR E 58 46.79 51.98 31.94
C THR E 58 45.44 52.25 32.60
N VAL E 59 45.51 52.67 33.86
CA VAL E 59 44.56 52.28 34.89
C VAL E 59 44.29 53.44 35.84
N VAL E 60 43.00 53.61 36.19
CA VAL E 60 42.51 54.89 36.67
C VAL E 60 43.00 55.27 38.08
N LYS E 61 43.53 54.28 38.82
CA LYS E 61 43.97 54.32 40.22
C LYS E 61 42.97 54.85 41.27
N TYR E 62 42.93 54.16 42.41
CA TYR E 62 42.15 54.56 43.58
C TYR E 62 42.88 55.68 44.34
N GLY E 63 42.12 56.46 45.11
CA GLY E 63 42.69 57.50 46.00
C GLY E 63 43.71 57.01 47.03
N ASN E 64 43.74 55.73 47.40
CA ASN E 64 44.83 55.18 48.21
C ASN E 64 46.15 55.05 47.44
N PRO E 65 46.11 54.53 46.21
CA PRO E 65 47.29 54.49 45.33
C PRO E 65 47.86 55.89 45.06
N ASN E 66 46.98 56.80 44.64
CA ASN E 66 47.35 58.20 44.42
C ASN E 66 47.95 58.85 45.66
N ASP E 67 47.34 58.66 46.84
CA ASP E 67 47.86 59.23 48.09
C ASP E 67 49.24 58.69 48.41
N SER E 68 49.52 57.39 48.24
CA SER E 68 50.87 56.87 48.53
C SER E 68 51.94 57.44 47.59
N ILE E 69 51.63 57.54 46.30
CA ILE E 69 52.53 58.20 45.33
C ILE E 69 52.80 59.67 45.68
N LYS E 70 51.75 60.44 45.93
CA LYS E 70 51.83 61.83 46.36
C LYS E 70 52.69 62.01 47.62
N LEU E 71 52.51 61.10 48.58
CA LEU E 71 53.25 61.05 49.85
C LEU E 71 54.74 60.92 49.59
N ALA E 72 55.13 59.99 48.72
CA ALA E 72 56.54 59.67 48.44
C ALA E 72 57.25 60.81 47.70
N LEU E 73 56.59 61.37 46.68
CA LEU E 73 57.14 62.51 45.94
C LEU E 73 57.32 63.73 46.86
N GLU E 74 56.35 64.00 47.74
CA GLU E 74 56.50 65.03 48.77
C GLU E 74 57.67 64.77 49.74
N THR E 75 57.88 63.52 50.15
CA THR E 75 59.00 63.12 51.02
C THR E 75 60.38 63.30 50.37
N ILE E 76 60.48 63.18 49.05
CA ILE E 76 61.72 63.45 48.29
C ILE E 76 61.74 64.85 47.64
N LEU E 77 60.77 65.66 48.06
CA LEU E 77 60.49 67.04 47.74
C LEU E 77 60.91 67.61 46.37
N TRP E 78 60.01 67.50 45.38
CA TRP E 78 60.18 68.12 44.06
C TRP E 78 59.01 69.03 43.67
N GLN E 79 58.81 70.11 44.44
CA GLN E 79 57.58 70.93 44.51
C GLN E 79 56.76 71.09 43.21
N ILE E 80 57.37 71.51 42.09
CA ILE E 80 56.64 71.73 40.84
C ILE E 80 56.07 70.42 40.22
N LEU E 81 56.85 69.34 40.30
CA LEU E 81 56.39 68.00 39.90
C LEU E 81 55.35 67.45 40.86
N ARG E 82 55.44 67.79 42.15
CA ARG E 82 54.38 67.44 43.12
C ARG E 82 53.04 68.10 42.77
N LYS E 83 53.07 69.37 42.34
CA LYS E 83 51.88 70.08 41.82
C LYS E 83 51.30 69.35 40.58
N TYR E 84 52.13 69.02 39.58
CA TYR E 84 51.64 68.28 38.41
C TYR E 84 50.99 66.91 38.75
N PRO E 85 51.60 66.13 39.65
CA PRO E 85 51.06 64.84 40.08
C PRO E 85 49.73 65.00 40.81
N LEU E 86 49.55 66.03 41.67
CA LEU E 86 48.23 66.30 42.25
C LEU E 86 47.15 66.65 41.20
N LEU E 87 47.51 67.42 40.16
CA LEU E 87 46.60 67.65 39.01
C LEU E 87 46.07 66.32 38.40
N PHE E 88 47.02 65.43 38.07
CA PHE E 88 46.70 64.11 37.50
C PHE E 88 45.76 63.27 38.41
N GLY E 89 46.13 63.23 39.70
CA GLY E 89 45.43 62.52 40.78
C GLY E 89 43.93 62.84 40.78
N PHE E 90 43.67 64.16 40.80
CA PHE E 90 42.29 64.65 40.84
C PHE E 90 41.46 64.18 39.65
N TRP E 91 42.01 64.16 38.42
CA TRP E 91 41.17 63.78 37.26
C TRP E 91 40.80 62.32 37.08
N LYS E 92 41.31 61.37 37.84
CA LYS E 92 40.61 60.06 37.97
C LYS E 92 40.26 59.76 39.44
N ARG E 93 39.15 60.36 39.88
CA ARG E 93 38.08 59.87 40.81
C ARG E 93 37.62 61.10 41.61
N PHE E 94 36.53 61.78 41.22
CA PHE E 94 36.19 63.06 41.84
C PHE E 94 35.96 63.13 43.34
N ALA E 95 35.63 62.05 44.06
CA ALA E 95 35.52 62.08 45.54
C ALA E 95 36.85 61.94 46.26
N THR E 96 37.90 62.38 45.62
CA THR E 96 39.23 62.56 46.16
C THR E 96 39.34 63.72 47.13
N ILE E 97 38.35 63.94 48.01
CA ILE E 97 38.44 64.97 49.06
C ILE E 97 39.65 64.81 49.99
N GLU E 98 40.16 63.59 50.13
CA GLU E 98 41.46 63.34 50.73
C GLU E 98 42.60 63.99 49.95
N TYR E 99 42.61 63.85 48.63
CA TYR E 99 43.69 64.35 47.77
C TYR E 99 43.62 65.84 47.54
N GLN E 100 42.42 66.41 47.40
CA GLN E 100 42.21 67.84 47.52
C GLN E 100 42.77 68.32 48.86
N LEU E 101 42.34 67.76 49.98
CA LEU E 101 42.80 68.21 51.29
C LEU E 101 44.34 68.17 51.44
N PHE E 102 44.99 67.11 50.97
CA PHE E 102 46.44 67.02 50.85
C PHE E 102 47.03 68.20 50.06
N GLY E 103 46.55 68.39 48.84
CA GLY E 103 46.99 69.37 47.83
C GLY E 103 46.95 70.81 48.33
N LEU E 104 45.97 71.07 49.23
CA LEU E 104 45.70 72.31 49.95
C LEU E 104 46.63 72.53 51.17
N LYS E 105 46.97 71.45 51.88
CA LYS E 105 47.97 71.56 52.93
C LYS E 105 49.42 71.80 52.38
N LYS E 106 49.85 70.96 51.44
CA LYS E 106 50.77 71.41 50.39
C LYS E 106 50.06 72.48 49.53
N SER E 107 50.66 73.05 48.52
CA SER E 107 50.48 74.48 48.18
C SER E 107 50.40 75.53 49.32
N ILE E 108 49.97 75.29 50.57
CA ILE E 108 50.20 76.27 51.65
C ILE E 108 51.66 76.41 52.10
N ALA E 109 52.51 75.41 51.83
CA ALA E 109 53.96 75.69 51.61
C ALA E 109 54.19 75.93 50.11
N VAL E 110 54.27 77.19 49.73
CA VAL E 110 54.60 77.70 48.41
C VAL E 110 55.53 78.90 48.57
N LEU E 111 55.70 79.67 47.50
CA LEU E 111 56.10 81.06 47.55
C LEU E 111 55.64 81.80 46.25
N ALA E 112 56.13 83.00 45.91
CA ALA E 112 55.45 84.32 46.00
C ALA E 112 54.04 84.44 45.42
N THR E 113 53.65 83.61 44.46
CA THR E 113 52.24 83.52 44.05
C THR E 113 51.37 82.74 45.05
N SER E 114 52.01 82.13 46.07
CA SER E 114 51.44 81.48 47.25
C SER E 114 50.01 81.88 47.51
N VAL E 115 49.77 83.14 47.93
CA VAL E 115 48.50 83.52 48.53
C VAL E 115 47.31 83.15 47.63
N LYS E 116 47.47 83.47 46.34
CA LYS E 116 46.45 83.20 45.33
C LYS E 116 46.48 81.79 44.71
N TRP E 117 47.62 81.08 44.72
CA TRP E 117 47.66 79.65 44.36
C TRP E 117 46.88 78.76 45.36
N PHE E 118 47.12 78.96 46.66
CA PHE E 118 46.41 78.17 47.67
C PHE E 118 44.93 78.54 47.70
N PRO E 119 44.58 79.83 47.59
CA PRO E 119 43.15 80.17 47.37
C PRO E 119 42.55 79.46 46.15
N THR E 120 43.28 79.33 45.04
CA THR E 120 42.78 78.61 43.87
C THR E 120 42.48 77.14 44.13
N SER E 121 43.42 76.35 44.67
CA SER E 121 43.08 74.93 44.88
C SER E 121 42.00 74.76 45.95
N LEU E 122 41.89 75.61 46.98
CA LEU E 122 40.76 75.51 47.92
C LEU E 122 39.45 75.79 47.20
N GLU E 123 39.41 76.80 46.32
CA GLU E 123 38.19 77.16 45.61
C GLU E 123 37.75 76.09 44.58
N LEU E 124 38.70 75.41 43.96
CA LEU E 124 38.45 74.33 43.01
C LEU E 124 38.01 73.03 43.71
N TRP E 125 38.69 72.66 44.80
CA TRP E 125 38.27 71.60 45.71
C TRP E 125 36.85 71.84 46.23
N CYS E 126 36.51 73.07 46.65
CA CYS E 126 35.19 73.48 47.10
C CYS E 126 34.14 73.30 46.02
N ASP E 127 34.45 73.60 44.76
CA ASP E 127 33.48 73.35 43.70
C ASP E 127 33.41 71.91 43.16
N TYR E 128 34.34 71.02 43.56
CA TYR E 128 34.23 69.60 43.23
C TYR E 128 33.69 68.70 44.36
N LEU E 129 33.96 69.07 45.61
CA LEU E 129 33.64 68.30 46.81
C LEU E 129 32.94 69.08 47.91
N ASN E 130 32.87 70.41 47.88
CA ASN E 130 32.28 71.26 48.92
C ASN E 130 30.80 71.03 49.24
N VAL E 131 30.10 70.27 48.40
CA VAL E 131 28.67 69.95 48.53
C VAL E 131 28.43 68.50 48.93
N LEU E 132 29.50 67.79 49.32
CA LEU E 132 29.45 66.39 49.71
C LEU E 132 29.25 66.29 51.22
N CYS E 133 28.47 65.32 51.68
CA CYS E 133 28.04 65.24 53.09
C CYS E 133 29.21 65.14 54.07
N VAL E 134 30.34 64.59 53.58
CA VAL E 134 31.59 64.42 54.31
C VAL E 134 32.66 65.47 53.93
N ASN E 135 32.25 66.58 53.32
CA ASN E 135 33.11 67.66 52.83
C ASN E 135 33.51 68.75 53.84
N ASN E 136 32.92 68.66 55.04
CA ASN E 136 33.23 69.61 56.09
C ASN E 136 34.73 69.81 56.36
N PRO E 137 35.59 68.76 56.37
CA PRO E 137 37.02 68.96 56.56
C PRO E 137 37.69 69.86 55.53
N ASN E 138 37.19 69.92 54.29
CA ASN E 138 37.68 70.90 53.33
C ASN E 138 37.38 72.33 53.78
N GLU E 139 36.13 72.61 54.15
CA GLU E 139 35.78 73.98 54.58
C GLU E 139 36.58 74.40 55.82
N THR E 140 36.70 73.50 56.78
CA THR E 140 37.55 73.70 57.96
C THR E 140 39.00 74.00 57.59
N ASP E 141 39.62 73.22 56.69
CA ASP E 141 40.99 73.48 56.22
C ASP E 141 41.16 74.90 55.65
N PHE E 142 40.21 75.29 54.79
CA PHE E 142 40.21 76.62 54.15
C PHE E 142 40.14 77.79 55.15
N ILE E 143 39.20 77.67 56.10
CA ILE E 143 38.99 78.60 57.20
C ILE E 143 40.24 78.73 58.06
N ARG E 144 40.87 77.62 58.46
CA ARG E 144 42.13 77.62 59.20
C ARG E 144 43.16 78.51 58.49
N ASN E 145 43.37 78.24 57.18
CA ASN E 145 44.37 79.00 56.42
C ASN E 145 44.10 80.53 56.46
N ASN E 146 42.90 80.96 56.06
CA ASN E 146 42.63 82.41 56.02
C ASN E 146 42.60 83.08 57.42
N PHE E 147 42.20 82.39 58.49
CA PHE E 147 42.31 82.87 59.89
C PHE E 147 43.76 83.04 60.32
N GLU E 148 44.64 82.14 59.88
CA GLU E 148 46.09 82.26 60.04
C GLU E 148 46.73 83.37 59.22
N ILE E 149 45.98 83.97 58.27
CA ILE E 149 46.23 85.38 57.91
C ILE E 149 45.62 86.35 58.95
N ALA E 150 44.86 87.37 58.53
CA ALA E 150 44.22 88.37 59.41
C ALA E 150 42.81 88.72 58.89
N LYS E 151 42.22 87.81 58.11
CA LYS E 151 41.36 88.16 56.98
C LYS E 151 39.87 88.04 57.32
N ASP E 152 39.45 88.72 58.39
CA ASP E 152 38.12 88.57 59.01
C ASP E 152 36.93 88.56 58.04
N LEU E 153 36.97 89.36 56.96
CA LEU E 153 35.91 89.37 55.92
C LEU E 153 35.89 88.12 55.05
N ILE E 154 37.06 87.60 54.65
CA ILE E 154 37.12 86.35 53.88
C ILE E 154 36.74 85.13 54.72
N GLY E 155 37.22 85.07 55.96
CA GLY E 155 36.83 84.05 56.94
C GLY E 155 35.32 84.05 57.14
N LYS E 156 34.71 85.22 57.36
CA LYS E 156 33.26 85.30 57.49
C LYS E 156 32.52 84.85 56.22
N GLN E 157 32.98 85.22 55.02
CA GLN E 157 32.36 84.72 53.78
C GLN E 157 32.37 83.20 53.71
N PHE E 158 33.48 82.56 54.08
CA PHE E 158 33.57 81.09 54.07
C PHE E 158 32.61 80.49 55.09
N LEU E 159 32.55 80.99 56.32
CA LEU E 159 31.53 80.56 57.29
C LEU E 159 30.12 80.59 56.71
N SER E 160 29.79 81.71 56.06
CA SER E 160 28.46 81.97 55.52
C SER E 160 28.11 81.03 54.34
N HIS E 161 29.07 80.80 53.44
CA HIS E 161 28.98 79.78 52.39
C HIS E 161 28.70 78.39 52.97
N PRO E 162 29.53 77.87 53.90
CA PRO E 162 29.33 76.52 54.43
C PRO E 162 27.98 76.38 55.14
N PHE E 163 27.60 77.40 55.90
CA PHE E 163 26.30 77.45 56.56
C PHE E 163 25.12 77.35 55.57
N TRP E 164 25.21 77.86 54.32
CA TRP E 164 24.11 77.63 53.37
C TRP E 164 24.10 76.25 52.64
N ASP E 165 25.05 75.36 52.92
CA ASP E 165 25.05 73.99 52.37
C ASP E 165 24.72 72.94 53.45
N LYS E 166 23.93 71.91 53.10
CA LYS E 166 23.66 70.80 54.01
C LYS E 166 24.86 69.88 54.26
N PHE E 167 25.55 70.15 55.37
CA PHE E 167 26.78 69.45 55.76
C PHE E 167 26.62 68.74 57.12
N ILE E 168 27.40 67.68 57.37
CA ILE E 168 27.11 66.73 58.46
C ILE E 168 26.97 67.34 59.86
N GLU E 169 28.02 68.00 60.34
CA GLU E 169 28.06 68.65 61.65
C GLU E 169 27.70 70.14 61.52
N PHE E 170 26.89 70.51 60.50
CA PHE E 170 26.51 71.89 60.23
C PHE E 170 26.11 72.63 61.51
N GLU E 171 25.43 71.95 62.42
CA GLU E 171 24.96 72.53 63.67
C GLU E 171 26.12 72.97 64.62
N VAL E 172 27.15 72.12 64.70
CA VAL E 172 28.39 72.44 65.43
C VAL E 172 29.09 73.62 64.78
N GLY E 173 29.22 73.62 63.45
CA GLY E 173 29.83 74.75 62.73
C GLY E 173 29.10 76.07 62.95
N GLN E 174 27.77 76.10 62.90
CA GLN E 174 26.92 77.21 63.30
C GLN E 174 27.25 77.75 64.70
N LYS E 175 27.34 76.85 65.69
CA LYS E 175 27.72 77.23 67.05
C LYS E 175 29.08 77.94 67.11
N ASN E 176 30.06 77.32 66.43
CA ASN E 176 31.44 77.78 66.33
C ASN E 176 31.53 79.19 65.75
N TRP E 177 30.78 79.47 64.69
CA TRP E 177 30.77 80.77 64.04
C TRP E 177 30.03 81.81 64.90
N HIS E 178 29.11 81.41 65.77
CA HIS E 178 28.38 82.32 66.68
C HIS E 178 29.01 82.45 68.07
N ASN E 179 30.23 81.93 68.28
CA ASN E 179 31.16 82.40 69.33
C ASN E 179 32.45 83.01 68.77
N VAL E 180 32.95 82.53 67.62
CA VAL E 180 34.10 83.08 66.90
C VAL E 180 33.83 84.49 66.39
N GLN E 181 32.64 84.71 65.84
CA GLN E 181 32.12 86.02 65.49
C GLN E 181 31.60 86.77 66.73
N ARG E 182 32.37 86.73 67.81
CA ARG E 182 32.45 87.80 68.82
C ARG E 182 32.63 89.19 68.17
N ILE E 183 33.07 89.23 66.90
CA ILE E 183 33.32 90.46 66.16
C ILE E 183 32.12 91.09 65.44
N TYR E 184 31.21 90.31 64.85
CA TYR E 184 29.94 90.84 64.29
C TYR E 184 28.84 89.81 64.08
N GLU E 185 28.91 88.71 64.83
CA GLU E 185 28.01 87.53 64.91
C GLU E 185 26.89 87.41 63.87
N TYR E 186 25.93 88.32 63.98
CA TYR E 186 24.67 88.28 63.30
C TYR E 186 24.25 89.69 62.86
N ILE E 187 25.19 90.46 62.29
CA ILE E 187 24.97 91.67 61.45
C ILE E 187 23.69 91.64 60.60
N ILE E 188 23.29 90.44 60.20
CA ILE E 188 22.04 90.14 59.53
C ILE E 188 21.56 88.72 59.91
N GLU E 189 21.32 88.61 61.23
CA GLU E 189 20.69 87.47 61.93
C GLU E 189 19.74 86.71 61.02
N VAL E 190 18.75 87.46 60.50
CA VAL E 190 17.74 87.01 59.56
C VAL E 190 18.26 86.15 58.40
N PRO E 191 19.12 86.70 57.55
CA PRO E 191 19.52 86.02 56.32
C PRO E 191 20.35 84.78 56.62
N LEU E 192 21.35 84.89 57.51
CA LEU E 192 22.23 83.73 57.75
C LEU E 192 21.44 82.60 58.42
N HIS E 193 20.65 82.91 59.45
CA HIS E 193 19.88 81.86 60.12
C HIS E 193 18.74 81.29 59.25
N GLN E 194 18.21 82.03 58.27
CA GLN E 194 17.26 81.48 57.30
C GLN E 194 17.93 80.52 56.30
N TYR E 195 19.11 80.82 55.75
CA TYR E 195 19.77 79.89 54.83
C TYR E 195 20.32 78.66 55.54
N ALA E 196 20.77 78.80 56.80
CA ALA E 196 20.99 77.68 57.72
C ALA E 196 19.73 76.83 57.87
N ARG E 197 18.57 77.45 58.07
CA ARG E 197 17.32 76.70 58.25
C ARG E 197 16.92 75.91 56.99
N PHE E 198 17.09 76.51 55.80
CA PHE E 198 16.97 75.78 54.52
C PHE E 198 17.91 74.57 54.50
N PHE E 199 19.17 74.82 54.85
CA PHE E 199 20.28 73.87 54.90
C PHE E 199 19.91 72.67 55.74
N THR E 200 19.34 72.88 56.91
CA THR E 200 19.06 71.80 57.85
C THR E 200 17.78 71.05 57.51
N SER E 201 16.81 71.70 56.85
CA SER E 201 15.75 70.96 56.14
C SER E 201 16.31 69.98 55.11
N TYR E 202 17.17 70.47 54.20
CA TYR E 202 17.77 69.67 53.14
C TYR E 202 18.65 68.54 53.70
N LYS E 203 19.40 68.80 54.78
CA LYS E 203 20.22 67.79 55.46
C LYS E 203 19.38 66.73 56.15
N LYS E 204 18.16 67.06 56.60
CA LYS E 204 17.22 66.04 57.10
C LYS E 204 16.64 65.15 55.96
N PHE E 205 16.21 65.78 54.85
CA PHE E 205 15.74 65.08 53.64
C PHE E 205 16.77 64.02 53.16
N LEU E 206 17.97 64.53 52.87
CA LEU E 206 19.13 63.76 52.46
C LEU E 206 19.54 62.74 53.54
N ASN E 207 19.31 63.00 54.84
CA ASN E 207 19.70 62.09 55.94
C ASN E 207 19.13 60.68 55.76
N GLU E 208 17.89 60.57 55.27
CA GLU E 208 17.38 59.23 54.89
C GLU E 208 18.31 58.50 53.91
N LYS E 209 18.68 59.16 52.82
CA LYS E 209 19.46 58.47 51.76
C LYS E 209 20.91 58.21 52.19
N ASN E 210 21.61 59.17 52.80
CA ASN E 210 22.93 58.95 53.37
C ASN E 210 22.95 57.82 54.41
N LEU E 211 21.85 57.59 55.14
CA LEU E 211 21.78 56.46 56.07
C LEU E 211 21.54 55.11 55.40
N LYS E 212 20.69 55.06 54.38
CA LYS E 212 20.53 53.87 53.50
C LYS E 212 21.78 53.57 52.66
N THR E 213 22.75 54.49 52.59
CA THR E 213 24.06 54.29 51.96
C THR E 213 25.07 53.74 52.97
N THR E 214 25.20 54.45 54.09
CA THR E 214 26.01 54.13 55.28
C THR E 214 25.68 52.79 55.95
N ARG E 215 24.56 52.18 55.61
CA ARG E 215 24.11 50.93 56.25
C ARG E 215 23.97 49.75 55.33
N ASN E 216 24.42 49.89 54.06
CA ASN E 216 25.15 48.79 53.49
C ASN E 216 26.62 48.95 53.09
N ILE E 217 27.11 50.13 52.70
CA ILE E 217 28.44 50.40 52.11
C ILE E 217 29.63 49.69 52.76
N ASP E 218 29.86 48.45 52.33
CA ASP E 218 30.72 47.55 53.08
C ASP E 218 31.42 46.51 52.26
N ILE E 219 32.75 46.61 52.20
CA ILE E 219 33.63 45.68 51.51
C ILE E 219 33.46 44.23 51.99
N VAL E 220 32.62 43.53 51.24
CA VAL E 220 32.25 42.14 51.41
C VAL E 220 32.49 41.38 50.08
N LEU E 221 33.29 41.98 49.18
CA LEU E 221 33.34 41.58 47.78
C LEU E 221 31.95 41.49 47.14
N ARG E 222 31.08 42.44 47.48
CA ARG E 222 29.65 42.31 47.28
C ARG E 222 28.92 43.62 46.98
N LYS E 223 27.66 43.51 46.57
CA LYS E 223 26.83 44.65 46.20
C LYS E 223 26.48 45.56 47.38
N THR E 224 26.82 45.17 48.61
CA THR E 224 26.77 46.07 49.76
C THR E 224 28.00 46.97 49.81
N GLN E 225 29.20 46.45 49.49
CA GLN E 225 30.41 47.23 49.21
C GLN E 225 30.16 48.32 48.21
N THR E 226 29.51 47.91 47.14
CA THR E 226 29.27 48.87 46.09
C THR E 226 28.12 49.79 46.47
N THR E 227 27.19 49.29 47.30
CA THR E 227 25.90 49.88 47.65
C THR E 227 25.07 50.34 46.44
N VAL E 228 25.35 49.78 45.26
CA VAL E 228 24.84 50.14 43.94
C VAL E 228 23.32 50.39 43.90
N ASN E 229 22.55 49.61 44.65
CA ASN E 229 21.11 49.78 44.78
C ASN E 229 20.74 51.11 45.46
N GLU E 230 21.33 51.38 46.63
CA GLU E 230 21.13 52.65 47.31
C GLU E 230 21.73 53.85 46.57
N ILE E 231 22.83 53.67 45.83
CA ILE E 231 23.33 54.73 44.97
C ILE E 231 22.37 55.07 43.83
N TRP E 232 21.72 54.06 43.24
CA TRP E 232 20.72 54.26 42.20
C TRP E 232 19.48 55.03 42.70
N GLN E 233 19.04 54.67 43.91
CA GLN E 233 17.98 55.36 44.66
C GLN E 233 18.31 56.83 44.93
N PHE E 234 19.53 57.10 45.39
CA PHE E 234 20.04 58.44 45.63
C PHE E 234 20.06 59.29 44.35
N GLU E 235 20.73 58.84 43.29
CA GLU E 235 20.76 59.45 41.94
C GLU E 235 19.35 59.80 41.45
N SER E 236 18.40 58.86 41.56
CA SER E 236 17.03 59.16 41.14
C SER E 236 16.44 60.33 41.96
N LYS E 237 16.56 60.29 43.28
CA LYS E 237 16.03 61.35 44.15
C LYS E 237 16.83 62.67 44.15
N ILE E 238 17.97 62.76 43.46
CA ILE E 238 18.64 64.04 43.21
C ILE E 238 18.34 64.59 41.83
N LYS E 239 18.00 63.72 40.88
CA LYS E 239 17.47 64.11 39.56
C LYS E 239 16.07 64.71 39.66
N GLN E 240 15.18 64.03 40.37
CA GLN E 240 13.75 64.41 40.43
C GLN E 240 13.57 65.73 41.20
N PRO E 241 14.03 65.83 42.47
CA PRO E 241 14.49 67.05 43.13
C PRO E 241 15.56 67.91 42.45
N PHE E 242 15.34 68.35 41.20
CA PHE E 242 16.12 69.40 40.54
C PHE E 242 15.97 70.81 41.19
N PHE E 243 16.18 70.91 42.51
CA PHE E 243 16.22 72.14 43.30
C PHE E 243 17.54 72.89 43.05
N ASN E 244 17.77 73.42 41.84
CA ASN E 244 18.86 74.30 41.33
C ASN E 244 20.35 74.14 41.73
N LEU E 245 20.68 74.13 43.02
CA LEU E 245 21.74 73.27 43.58
C LEU E 245 21.69 71.84 43.03
N GLY E 246 20.57 71.39 42.46
CA GLY E 246 20.52 70.42 41.35
C GLY E 246 21.79 70.22 40.55
N GLN E 247 22.27 71.24 39.81
CA GLN E 247 23.19 70.91 38.70
C GLN E 247 24.46 70.22 39.24
N VAL E 248 24.97 70.86 40.28
CA VAL E 248 26.10 70.40 41.05
C VAL E 248 25.85 69.19 41.98
N LEU E 249 24.65 69.06 42.55
CA LEU E 249 24.27 67.95 43.40
C LEU E 249 24.18 66.64 42.61
N ASN E 250 23.58 66.66 41.41
CA ASN E 250 23.46 65.51 40.54
C ASN E 250 24.83 65.04 40.08
N ASP E 251 25.71 65.96 39.63
CA ASP E 251 27.10 65.51 39.32
C ASP E 251 27.82 64.91 40.54
N ASP E 252 27.68 65.52 41.73
CA ASP E 252 28.32 65.02 42.95
C ASP E 252 27.87 63.62 43.36
N LEU E 253 26.57 63.35 43.26
CA LEU E 253 26.03 62.04 43.59
C LEU E 253 26.44 61.01 42.55
N GLU E 254 26.45 61.35 41.26
CA GLU E 254 27.00 60.46 40.25
C GLU E 254 28.45 60.11 40.52
N ASN E 255 29.34 61.07 40.78
CA ASN E 255 30.74 60.72 41.05
C ASN E 255 30.94 59.92 42.33
N TRP E 256 30.25 60.25 43.42
CA TRP E 256 30.29 59.43 44.64
C TRP E 256 29.79 58.00 44.44
N SER E 257 28.87 57.79 43.51
CA SER E 257 28.37 56.48 43.11
C SER E 257 29.35 55.70 42.22
N ARG E 258 30.02 56.41 41.32
CA ARG E 258 31.02 55.85 40.42
C ARG E 258 32.26 55.40 41.17
N TYR E 259 32.69 56.13 42.19
CA TYR E 259 33.88 55.79 42.99
C TYR E 259 33.88 54.37 43.59
N LEU E 260 32.75 53.82 44.11
CA LEU E 260 32.63 52.39 44.28
C LEU E 260 32.33 51.64 42.97
N TYR E 288 31.50 49.41 38.04
CA TYR E 288 31.39 50.36 36.88
C TYR E 288 30.05 50.21 36.15
N HIS E 289 28.95 50.48 36.86
CA HIS E 289 27.60 50.37 36.30
C HIS E 289 27.34 51.60 35.41
N GLU E 290 27.33 51.38 34.09
CA GLU E 290 27.25 52.48 33.11
C GLU E 290 25.84 53.11 32.96
N ASN E 291 24.81 52.47 33.52
CA ASN E 291 23.46 53.05 33.54
C ASN E 291 23.32 54.20 34.55
N THR E 292 24.24 54.29 35.52
CA THR E 292 24.34 55.44 36.43
C THR E 292 24.73 56.71 35.67
N TRP E 293 25.71 56.59 34.77
CA TRP E 293 26.08 57.68 33.84
C TRP E 293 25.05 57.88 32.72
N MET E 294 24.41 56.78 32.30
CA MET E 294 23.32 56.83 31.30
C MET E 294 21.96 57.27 31.88
N MET E 295 21.86 57.44 33.21
CA MET E 295 20.76 58.17 33.85
C MET E 295 21.11 59.66 34.00
N TYR E 296 22.39 59.94 34.23
CA TYR E 296 22.91 61.31 34.34
C TYR E 296 22.90 62.08 33.02
N ILE E 297 23.05 61.37 31.89
CA ILE E 297 22.93 61.96 30.54
C ILE E 297 21.57 62.65 30.29
N LYS E 298 20.50 62.09 30.86
CA LYS E 298 19.15 62.61 30.66
C LYS E 298 18.85 63.79 31.58
N TRP E 299 19.42 63.75 32.79
CA TRP E 299 19.15 64.79 33.83
C TRP E 299 19.65 66.17 33.39
N LEU E 300 20.83 66.25 32.79
CA LEU E 300 21.40 67.57 32.42
C LEU E 300 20.47 68.27 31.41
N THR E 301 19.98 67.53 30.41
CA THR E 301 19.10 68.16 29.38
C THR E 301 17.79 68.65 30.02
N LYS E 302 17.17 67.83 30.88
CA LYS E 302 15.90 68.21 31.53
C LYS E 302 16.12 69.42 32.45
N LYS E 303 17.19 69.38 33.24
CA LYS E 303 17.53 70.47 34.19
C LYS E 303 17.85 71.76 33.44
N ASN E 304 18.56 71.64 32.32
CA ASN E 304 19.02 72.80 31.52
C ASN E 304 20.21 73.51 32.16
N ILE E 305 21.35 72.83 32.12
CA ILE E 305 22.66 73.41 32.49
C ILE E 305 23.43 73.59 31.18
N SER E 306 24.24 74.65 31.12
CA SER E 306 24.90 75.09 29.87
C SER E 306 25.82 74.04 29.23
N ASP E 307 26.11 74.25 27.93
CA ASP E 307 26.89 73.30 27.11
C ASP E 307 28.30 73.00 27.64
N GLU E 308 28.90 73.95 28.36
CA GLU E 308 30.23 73.78 28.96
C GLU E 308 30.23 72.76 30.11
N VAL E 309 29.17 72.75 30.91
CA VAL E 309 29.04 71.82 32.05
C VAL E 309 28.71 70.39 31.58
N VAL E 310 27.89 70.29 30.53
CA VAL E 310 27.42 68.99 30.03
C VAL E 310 28.51 68.23 29.26
N VAL E 311 29.27 68.93 28.41
CA VAL E 311 30.23 68.30 27.50
C VAL E 311 31.47 67.80 28.25
N ASP E 312 31.75 68.40 29.40
CA ASP E 312 32.91 67.99 30.19
C ASP E 312 32.60 66.75 31.01
N ILE E 313 31.32 66.45 31.20
CA ILE E 313 30.94 65.19 31.84
C ILE E 313 31.20 64.02 30.89
N TYR E 314 30.71 64.13 29.66
CA TYR E 314 30.77 62.99 28.73
C TYR E 314 32.18 62.78 28.19
N GLN E 315 32.95 63.86 28.14
CA GLN E 315 34.38 63.78 27.85
C GLN E 315 35.11 63.02 28.95
N LYS E 316 34.65 63.18 30.19
CA LYS E 316 35.24 62.47 31.31
C LYS E 316 34.65 61.06 31.46
N ALA E 317 33.34 60.94 31.25
CA ALA E 317 32.63 59.65 31.39
C ALA E 317 33.03 58.62 30.33
N ASN E 318 33.53 59.08 29.18
CA ASN E 318 34.05 58.20 28.13
C ASN E 318 35.35 57.50 28.55
N THR E 319 36.23 58.25 29.21
CA THR E 319 37.48 57.69 29.74
C THR E 319 37.25 56.89 31.03
N PHE E 320 36.33 57.34 31.89
CA PHE E 320 36.04 56.65 33.17
C PHE E 320 35.37 55.29 32.99
N LEU E 321 34.30 55.24 32.19
CA LEU E 321 33.63 53.97 31.89
C LEU E 321 34.50 53.08 31.01
N PRO E 322 34.38 51.75 31.15
CA PRO E 322 35.31 50.85 30.48
C PRO E 322 35.10 50.77 28.96
N LEU E 323 36.14 50.34 28.25
CA LEU E 323 36.05 50.07 26.81
C LEU E 323 35.10 48.90 26.53
N ASP E 324 34.59 48.85 25.29
CA ASP E 324 33.71 47.77 24.79
C ASP E 324 32.25 47.83 25.25
N PHE E 325 31.89 48.80 26.12
CA PHE E 325 30.52 48.89 26.65
C PHE E 325 29.64 49.62 25.62
N LYS E 326 30.07 50.83 25.22
CA LYS E 326 29.51 51.55 24.07
C LYS E 326 28.00 51.87 24.14
N THR E 327 27.57 52.51 25.22
CA THR E 327 26.18 53.02 25.36
C THR E 327 26.12 54.55 25.55
N LEU E 328 26.99 55.08 26.40
CA LEU E 328 27.15 56.54 26.52
C LEU E 328 27.98 57.12 25.38
N ARG E 329 28.73 56.26 24.67
CA ARG E 329 29.59 56.68 23.57
C ARG E 329 28.79 57.15 22.36
N TYR E 330 27.93 56.29 21.84
CA TYR E 330 27.18 56.60 20.63
C TYR E 330 26.12 57.68 20.85
N ASP E 331 25.66 57.81 22.09
CA ASP E 331 24.75 58.89 22.44
C ASP E 331 25.45 60.25 22.36
N PHE E 332 26.72 60.27 22.74
CA PHE E 332 27.49 61.51 22.74
C PHE E 332 27.76 62.02 21.33
N LEU E 333 27.86 61.11 20.37
CA LEU E 333 27.93 61.51 18.97
C LEU E 333 26.64 62.18 18.54
N ARG E 334 25.51 61.68 19.05
CA ARG E 334 24.21 62.28 18.73
C ARG E 334 24.05 63.65 19.38
N PHE E 335 24.70 63.86 20.51
CA PHE E 335 24.66 65.16 21.18
C PHE E 335 25.42 66.21 20.38
N LEU E 336 26.58 65.85 19.86
CA LEU E 336 27.44 66.81 19.17
C LEU E 336 26.85 67.27 17.85
N LYS E 337 26.09 66.39 17.21
CA LYS E 337 25.36 66.78 15.99
C LYS E 337 24.16 67.66 16.37
N ARG E 338 23.60 67.42 17.54
CA ARG E 338 22.43 68.18 17.98
C ARG E 338 22.82 69.56 18.53
N LYS E 339 23.92 69.65 19.28
CA LYS E 339 24.45 70.93 19.78
C LYS E 339 25.07 71.82 18.69
N TYR E 340 25.30 71.25 17.50
CA TYR E 340 25.72 72.02 16.32
C TYR E 340 24.65 73.01 15.81
N ARG E 341 23.38 72.81 16.20
CA ARG E 341 22.28 73.74 15.88
C ARG E 341 22.65 75.19 16.21
N SER E 342 23.21 75.40 17.41
CA SER E 342 23.92 76.63 17.74
C SER E 342 25.36 76.46 17.22
N ASN E 343 25.62 77.00 16.02
CA ASN E 343 26.86 76.72 15.29
C ASN E 343 28.12 77.16 16.04
N ASN E 344 28.81 76.18 16.62
CA ASN E 344 30.07 76.38 17.32
C ASN E 344 31.13 75.57 16.58
N THR E 345 32.26 76.20 16.28
CA THR E 345 33.44 75.50 15.76
C THR E 345 34.11 74.72 16.88
N LEU E 346 33.85 75.11 18.13
CA LEU E 346 34.15 74.27 19.28
C LEU E 346 33.45 72.91 19.18
N PHE E 347 32.16 72.95 18.87
CA PHE E 347 31.36 71.73 18.75
C PHE E 347 31.79 70.85 17.58
N ASN E 348 32.32 71.48 16.53
CA ASN E 348 32.89 70.72 15.41
C ASN E 348 34.13 69.95 15.86
N ASN E 349 35.01 70.60 16.62
CA ASN E 349 36.32 70.02 16.90
C ASN E 349 36.25 69.00 18.04
N ILE E 350 35.19 69.04 18.83
CA ILE E 350 34.94 67.94 19.77
C ILE E 350 34.60 66.68 19.00
N PHE E 351 33.83 66.84 17.92
CA PHE E 351 33.36 65.70 17.14
C PHE E 351 34.48 65.05 16.33
N ASN E 352 35.35 65.87 15.77
CA ASN E 352 36.47 65.36 14.99
C ASN E 352 37.49 64.61 15.82
N GLU E 353 37.54 64.92 17.12
CA GLU E 353 38.49 64.29 18.01
C GLU E 353 37.88 63.10 18.76
N THR E 354 36.57 63.14 19.00
CA THR E 354 35.90 62.03 19.64
C THR E 354 35.85 60.81 18.73
N VAL E 355 35.68 61.07 17.43
CA VAL E 355 35.78 60.02 16.42
C VAL E 355 37.18 59.42 16.40
N SER E 356 38.20 60.27 16.40
CA SER E 356 39.58 59.83 16.28
C SER E 356 40.05 59.05 17.50
N ARG E 357 39.36 59.21 18.63
CA ARG E 357 39.62 58.37 19.80
C ARG E 357 38.81 57.08 19.71
N TYR E 358 37.55 57.19 19.28
CA TYR E 358 36.71 56.00 19.18
C TYR E 358 37.12 55.08 18.04
N LEU E 359 37.64 55.66 16.95
CA LEU E 359 38.03 54.85 15.80
C LEU E 359 39.24 53.98 16.10
N LYS E 360 40.10 54.46 17.00
CA LYS E 360 41.28 53.69 17.37
C LYS E 360 40.91 52.57 18.34
N ILE E 361 39.92 52.82 19.19
CA ILE E 361 39.51 51.78 20.15
C ILE E 361 38.55 50.77 19.49
N TRP E 362 37.73 51.24 18.53
CA TRP E 362 36.83 50.37 17.75
C TRP E 362 37.10 50.55 16.25
N PRO E 363 38.08 49.82 15.68
CA PRO E 363 38.45 50.01 14.26
C PRO E 363 37.49 49.37 13.24
N ASN E 364 36.86 48.26 13.62
CA ASN E 364 35.93 47.53 12.72
C ASN E 364 34.58 48.22 12.49
N ASP E 365 34.12 49.03 13.46
CA ASP E 365 32.81 49.70 13.37
C ASP E 365 32.73 50.70 12.19
N ILE E 366 31.73 50.51 11.34
CA ILE E 366 31.54 51.32 10.14
C ILE E 366 30.65 52.55 10.37
N LEU E 367 29.82 52.52 11.43
CA LEU E 367 28.91 53.62 11.77
C LEU E 367 29.66 54.93 11.99
N LEU E 368 30.89 54.82 12.49
CA LEU E 368 31.70 55.99 12.80
C LEU E 368 32.12 56.76 11.56
N MET E 369 32.53 56.03 10.52
CA MET E 369 33.01 56.68 9.31
C MET E 369 31.86 57.30 8.52
N THR E 370 30.67 56.74 8.67
CA THR E 370 29.49 57.35 8.07
C THR E 370 29.10 58.64 8.80
N GLU E 371 29.32 58.69 10.11
CA GLU E 371 29.01 59.90 10.86
C GLU E 371 30.08 60.96 10.64
N TYR E 372 31.33 60.56 10.49
CA TYR E 372 32.41 61.51 10.30
C TYR E 372 32.34 62.19 8.93
N LEU E 373 32.07 61.41 7.90
CA LEU E 373 32.06 61.93 6.53
C LEU E 373 30.83 62.81 6.30
N CYS E 374 29.79 62.59 7.11
CA CYS E 374 28.64 63.48 7.13
C CYS E 374 29.02 64.88 7.58
N MET E 375 29.70 64.97 8.72
CA MET E 375 30.08 66.26 9.28
C MET E 375 31.13 66.96 8.42
N LEU E 376 32.00 66.17 7.79
CA LEU E 376 32.98 66.70 6.85
C LEU E 376 32.31 67.31 5.63
N LYS E 377 31.21 66.72 5.20
CA LYS E 377 30.43 67.31 4.10
C LYS E 377 29.65 68.52 4.61
N ARG E 378 29.16 68.43 5.84
CA ARG E 378 28.32 69.48 6.39
C ARG E 378 29.14 70.72 6.79
N HIS E 379 29.99 70.59 7.81
CA HIS E 379 30.66 71.76 8.45
C HIS E 379 31.82 72.38 7.67
N SER E 380 32.29 71.70 6.61
CA SER E 380 33.34 72.25 5.74
C SER E 380 32.80 73.17 4.63
N PHE E 381 31.54 72.96 4.20
CA PHE E 381 30.99 73.66 3.04
C PHE E 381 29.77 74.55 3.34
N LYS E 382 28.68 73.96 3.84
CA LYS E 382 27.48 74.70 4.27
C LYS E 382 26.89 75.61 3.16
N ASN E 383 26.23 75.01 2.18
CA ASN E 383 25.72 75.75 1.01
C ASN E 383 24.34 76.39 1.25
N SER E 384 23.37 75.56 1.63
CA SER E 384 22.00 75.98 2.00
C SER E 384 21.15 76.64 0.89
N LEU E 385 21.54 76.47 -0.39
CA LEU E 385 20.75 76.87 -1.55
C LEU E 385 20.42 78.39 -1.65
N ASP E 386 21.22 79.24 -1.03
CA ASP E 386 21.08 80.70 -1.09
C ASP E 386 22.22 81.31 -1.92
N GLN E 387 22.79 80.50 -2.81
CA GLN E 387 24.03 80.83 -3.51
C GLN E 387 23.75 80.88 -5.01
N SER E 388 24.80 81.18 -5.78
CA SER E 388 24.78 81.00 -7.23
C SER E 388 24.76 79.50 -7.55
N PRO E 389 24.13 79.10 -8.68
CA PRO E 389 24.19 77.68 -9.06
C PRO E 389 25.60 77.17 -9.40
N LYS E 390 26.43 78.02 -9.99
CA LYS E 390 27.83 77.68 -10.31
C LYS E 390 28.74 77.59 -9.08
N GLU E 391 28.33 78.22 -7.97
CA GLU E 391 29.09 78.21 -6.72
C GLU E 391 28.96 76.87 -6.00
N ILE E 392 27.74 76.33 -5.95
CA ILE E 392 27.47 75.14 -5.14
C ILE E 392 28.08 73.89 -5.77
N LEU E 393 28.09 73.85 -7.10
CA LEU E 393 28.63 72.70 -7.82
C LEU E 393 30.12 72.54 -7.64
N GLU E 394 30.83 73.65 -7.46
CA GLU E 394 32.25 73.60 -7.13
C GLU E 394 32.47 73.05 -5.73
N LYS E 395 31.55 73.37 -4.82
CA LYS E 395 31.67 72.90 -3.44
C LYS E 395 31.46 71.39 -3.35
N GLN E 396 30.72 70.81 -4.30
CA GLN E 396 30.65 69.36 -4.40
C GLN E 396 31.81 68.78 -5.21
N THR E 397 32.24 69.47 -6.25
CA THR E 397 33.31 68.94 -7.10
C THR E 397 34.64 68.95 -6.35
N SER E 398 34.83 69.91 -5.46
CA SER E 398 35.94 69.87 -4.52
C SER E 398 35.82 68.66 -3.59
N PHE E 399 34.58 68.37 -3.18
CA PHE E 399 34.32 67.23 -2.30
C PHE E 399 34.54 65.91 -3.01
N THR E 400 34.45 65.91 -4.34
CA THR E 400 34.85 64.74 -5.12
C THR E 400 36.37 64.62 -5.16
N LYS E 401 37.03 65.71 -5.56
CA LYS E 401 38.47 65.68 -5.80
C LYS E 401 39.28 65.45 -4.53
N ILE E 402 38.76 65.91 -3.40
CA ILE E 402 39.36 65.57 -2.11
C ILE E 402 39.16 64.09 -1.81
N LEU E 403 37.93 63.62 -1.99
CA LEU E 403 37.58 62.26 -1.61
C LEU E 403 38.19 61.23 -2.55
N GLU E 404 38.35 61.60 -3.82
CA GLU E 404 38.96 60.72 -4.81
C GLU E 404 40.44 60.46 -4.52
N THR E 405 41.19 61.53 -4.26
CA THR E 405 42.62 61.42 -3.94
C THR E 405 42.89 60.95 -2.51
N SER E 406 41.87 60.93 -1.65
CA SER E 406 41.99 60.39 -0.28
C SER E 406 42.08 58.86 -0.27
N ILE E 407 41.19 58.20 -1.04
CA ILE E 407 41.20 56.72 -1.16
C ILE E 407 42.38 56.17 -1.99
N THR E 408 42.78 56.90 -3.04
CA THR E 408 43.94 56.50 -3.88
C THR E 408 45.24 56.38 -3.07
N ASN E 409 45.36 57.16 -1.99
CA ASN E 409 46.51 57.11 -1.09
C ASN E 409 46.38 56.02 0.02
N TYR E 410 45.17 55.69 0.46
CA TYR E 410 44.97 54.58 1.45
C TYR E 410 45.08 53.18 0.85
N ILE E 411 45.19 53.09 -0.49
CA ILE E 411 45.48 51.84 -1.22
C ILE E 411 46.94 51.72 -1.73
N ASN E 412 47.59 52.84 -2.06
CA ASN E 412 49.02 52.86 -2.45
C ASN E 412 50.02 52.97 -1.26
N ASN E 413 49.51 52.93 -0.02
CA ASN E 413 50.33 53.00 1.20
C ASN E 413 51.01 54.38 1.36
N GLN E 414 50.18 55.43 1.36
CA GLN E 414 50.64 56.82 1.51
C GLN E 414 49.71 57.57 2.47
N ILE E 415 50.29 58.19 3.51
CA ILE E 415 49.51 58.90 4.53
C ILE E 415 49.89 60.39 4.46
N ASP E 416 48.87 61.24 4.45
CA ASP E 416 49.04 62.70 4.44
C ASP E 416 48.47 63.26 5.75
N ALA E 417 49.33 63.84 6.59
CA ALA E 417 48.90 64.39 7.89
C ALA E 417 48.07 65.68 7.80
N LYS E 418 48.12 66.36 6.64
CA LYS E 418 47.30 67.55 6.38
C LYS E 418 45.81 67.21 6.31
N VAL E 419 45.47 66.24 5.45
CA VAL E 419 44.09 65.76 5.30
C VAL E 419 43.77 64.84 6.50
N HIS E 420 42.80 65.25 7.32
CA HIS E 420 42.43 64.49 8.53
C HIS E 420 41.75 63.14 8.21
N LEU E 421 41.19 63.00 7.01
CA LEU E 421 40.59 61.75 6.54
C LEU E 421 41.58 60.57 6.44
N GLN E 422 42.86 60.86 6.18
CA GLN E 422 43.88 59.84 6.00
C GLN E 422 44.32 59.19 7.31
N THR E 423 44.21 59.93 8.42
CA THR E 423 44.50 59.39 9.75
C THR E 423 43.40 58.41 10.23
N LEU E 424 42.18 58.58 9.73
CA LEU E 424 41.03 57.74 10.10
C LEU E 424 40.72 56.60 9.12
N ILE E 425 41.11 56.75 7.84
CA ILE E 425 40.79 55.74 6.81
C ILE E 425 41.43 54.37 7.11
N ASN E 426 40.56 53.37 7.23
CA ASN E 426 40.90 52.05 7.73
C ASN E 426 40.47 51.04 6.66
N ASP E 427 41.10 49.86 6.63
CA ASP E 427 40.72 48.83 5.65
C ASP E 427 39.33 48.18 5.90
N LYS E 428 38.84 48.22 7.14
CA LYS E 428 37.43 47.88 7.45
C LYS E 428 36.48 48.97 6.98
N ASN E 429 36.88 50.23 7.15
CA ASN E 429 36.07 51.42 6.81
C ASN E 429 36.37 52.11 5.46
N LEU E 430 37.17 51.47 4.59
CA LEU E 430 37.52 52.05 3.28
C LEU E 430 36.35 51.95 2.31
N SER E 431 35.43 51.03 2.60
CA SER E 431 34.33 50.73 1.69
C SER E 431 33.38 51.90 1.52
N ILE E 432 32.88 52.44 2.63
CA ILE E 432 31.82 53.44 2.57
C ILE E 432 32.35 54.77 2.03
N VAL E 433 33.65 54.98 2.18
CA VAL E 433 34.30 56.15 1.62
C VAL E 433 34.32 56.03 0.09
N VAL E 434 34.49 54.81 -0.42
CA VAL E 434 34.37 54.57 -1.85
C VAL E 434 32.93 54.76 -2.29
N VAL E 435 31.98 54.29 -1.47
CA VAL E 435 30.55 54.35 -1.78
C VAL E 435 30.09 55.79 -1.99
N GLU E 436 30.46 56.68 -1.08
CA GLU E 436 29.97 58.05 -1.10
C GLU E 436 30.58 58.82 -2.28
N LEU E 437 31.75 58.38 -2.74
CA LEU E 437 32.27 58.87 -4.02
C LEU E 437 31.34 58.50 -5.16
N ILE E 438 30.89 57.25 -5.17
CA ILE E 438 30.02 56.76 -6.25
C ILE E 438 28.65 57.41 -6.10
N LYS E 439 28.21 57.60 -4.86
CA LYS E 439 26.88 58.15 -4.60
C LYS E 439 26.81 59.62 -4.95
N THR E 440 27.93 60.33 -4.83
CA THR E 440 27.98 61.74 -5.22
C THR E 440 28.12 61.89 -6.73
N THR E 441 28.92 61.02 -7.35
CA THR E 441 29.21 61.13 -8.77
C THR E 441 27.96 60.87 -9.61
N TRP E 442 27.14 59.92 -9.17
CA TRP E 442 25.98 59.48 -9.93
C TRP E 442 24.76 60.37 -9.68
N LEU E 443 24.49 60.70 -8.42
CA LEU E 443 23.31 61.48 -8.07
C LEU E 443 23.53 62.99 -8.26
N VAL E 444 24.63 63.51 -7.72
CA VAL E 444 24.84 64.96 -7.64
C VAL E 444 25.31 65.55 -8.96
N LEU E 445 26.35 64.97 -9.55
CA LEU E 445 26.84 65.42 -10.86
C LEU E 445 25.95 64.98 -12.04
N LYS E 446 25.09 63.97 -11.81
CA LYS E 446 24.30 63.33 -12.87
C LYS E 446 25.25 62.75 -13.93
N ASN E 447 26.33 62.14 -13.46
CA ASN E 447 27.40 61.62 -14.32
C ASN E 447 27.40 60.10 -14.23
N ASN E 448 27.07 59.43 -15.34
CA ASN E 448 26.96 57.97 -15.37
C ASN E 448 28.24 57.32 -15.85
N MET E 449 28.84 57.86 -16.91
CA MET E 449 30.00 57.22 -17.54
C MET E 449 31.23 57.24 -16.64
N GLN E 450 31.36 58.27 -15.80
CA GLN E 450 32.40 58.28 -14.78
C GLN E 450 32.05 57.36 -13.63
N THR E 451 30.75 57.21 -13.35
CA THR E 451 30.30 56.31 -12.28
C THR E 451 30.54 54.87 -12.67
N ARG E 452 30.19 54.53 -13.91
CA ARG E 452 30.37 53.17 -14.41
C ARG E 452 31.85 52.82 -14.56
N LYS E 453 32.65 53.82 -14.90
CA LYS E 453 34.10 53.65 -14.95
C LYS E 453 34.66 53.35 -13.55
N TYR E 454 34.07 53.98 -12.53
CA TYR E 454 34.58 53.80 -11.18
C TYR E 454 34.19 52.47 -10.58
N PHE E 455 33.12 51.85 -11.07
CA PHE E 455 32.76 50.52 -10.61
C PHE E 455 33.78 49.49 -11.07
N ASN E 456 34.22 49.59 -12.33
CA ASN E 456 35.11 48.59 -12.90
C ASN E 456 36.48 48.59 -12.24
N LEU E 457 36.93 49.77 -11.83
CA LEU E 457 38.22 49.89 -11.15
C LEU E 457 38.17 49.34 -9.72
N TYR E 458 37.08 49.61 -9.00
CA TYR E 458 36.95 49.26 -7.57
C TYR E 458 36.24 47.93 -7.30
N GLN E 459 35.83 47.23 -8.35
CA GLN E 459 35.21 45.90 -8.24
C GLN E 459 36.26 44.85 -7.86
N LYS E 460 37.39 44.87 -8.57
CA LYS E 460 38.47 43.89 -8.39
C LYS E 460 39.37 44.14 -7.18
N ASN E 461 39.28 45.32 -6.55
CA ASN E 461 40.09 45.62 -5.34
C ASN E 461 39.69 44.70 -4.19
N ILE E 462 40.69 44.18 -3.48
CA ILE E 462 40.48 43.09 -2.51
C ILE E 462 39.73 43.56 -1.26
N LEU E 463 39.91 44.83 -0.91
CA LEU E 463 39.24 45.39 0.27
C LEU E 463 37.74 45.63 0.07
N ILE E 464 37.31 45.79 -1.19
CA ILE E 464 35.93 46.20 -1.50
C ILE E 464 35.22 45.32 -2.57
N LYS E 465 35.71 44.11 -2.81
CA LYS E 465 34.97 43.10 -3.58
C LYS E 465 33.88 42.49 -2.68
N ASN E 466 34.21 42.36 -1.40
CA ASN E 466 33.28 41.85 -0.39
C ASN E 466 32.86 42.97 0.55
N SER E 467 31.89 43.76 0.10
CA SER E 467 31.35 44.89 0.87
C SER E 467 29.84 44.99 0.71
N VAL E 468 29.13 45.09 1.84
CA VAL E 468 27.67 45.22 1.81
C VAL E 468 27.25 46.52 1.08
N PRO E 469 27.69 47.69 1.59
CA PRO E 469 27.22 48.96 1.02
C PRO E 469 27.69 49.25 -0.40
N PHE E 470 28.74 48.58 -0.85
CA PHE E 470 29.21 48.77 -2.21
C PHE E 470 28.23 48.15 -3.20
N TRP E 471 27.85 46.90 -2.96
CA TRP E 471 27.05 46.17 -3.94
C TRP E 471 25.60 46.63 -3.93
N LEU E 472 25.10 47.03 -2.77
CA LEU E 472 23.73 47.51 -2.70
C LEU E 472 23.57 48.84 -3.44
N THR E 473 24.62 49.64 -3.44
CA THR E 473 24.64 50.86 -4.26
C THR E 473 24.76 50.48 -5.73
N TYR E 474 25.50 49.43 -6.03
CA TYR E 474 25.49 48.87 -7.38
C TYR E 474 24.11 48.33 -7.72
N TYR E 475 23.44 47.74 -6.73
CA TYR E 475 22.09 47.24 -6.94
C TYR E 475 21.12 48.40 -7.17
N LYS E 476 21.25 49.46 -6.39
CA LYS E 476 20.35 50.59 -6.50
C LYS E 476 20.58 51.37 -7.80
N PHE E 477 21.83 51.40 -8.26
CA PHE E 477 22.15 52.06 -9.52
C PHE E 477 21.64 51.24 -10.70
N GLU E 478 21.80 49.93 -10.64
CA GLU E 478 21.39 49.07 -11.73
C GLU E 478 19.88 48.81 -11.70
N LYS E 479 19.22 49.16 -10.60
CA LYS E 479 17.77 49.12 -10.57
C LYS E 479 17.20 50.34 -11.29
N SER E 480 17.77 51.51 -11.03
CA SER E 480 17.24 52.76 -11.54
C SER E 480 17.43 52.88 -13.03
N ASN E 481 18.67 52.71 -13.48
CA ASN E 481 18.91 52.46 -14.89
C ASN E 481 18.27 51.09 -15.08
N VAL E 482 17.23 51.03 -15.89
CA VAL E 482 16.21 49.95 -15.79
C VAL E 482 16.76 48.53 -16.06
N ASN E 483 17.83 48.42 -16.86
CA ASN E 483 18.28 47.14 -17.44
C ASN E 483 18.35 45.93 -16.50
N PHE E 484 17.93 44.79 -17.03
CA PHE E 484 18.01 43.52 -16.32
C PHE E 484 19.24 42.72 -16.74
N THR E 485 19.69 42.88 -17.99
CA THR E 485 20.82 42.11 -18.50
C THR E 485 22.04 42.19 -17.60
N LYS E 486 22.38 43.41 -17.16
CA LYS E 486 23.47 43.62 -16.19
C LYS E 486 23.09 43.16 -14.79
N LEU E 487 21.78 43.15 -14.50
CA LEU E 487 21.28 42.89 -13.17
C LEU E 487 21.06 41.40 -12.94
N ASN E 488 20.70 40.66 -13.98
CA ASN E 488 20.62 39.21 -13.88
C ASN E 488 22.01 38.61 -13.62
N LYS E 489 23.02 39.22 -14.22
CA LYS E 489 24.39 38.75 -14.05
C LYS E 489 24.89 39.03 -12.64
N PHE E 490 24.27 40.01 -11.98
CA PHE E 490 24.60 40.29 -10.59
C PHE E 490 24.16 39.16 -9.65
N ILE E 491 22.94 38.70 -9.81
CA ILE E 491 22.38 37.75 -8.87
C ILE E 491 22.81 36.32 -9.15
N ARG E 492 23.05 35.97 -10.41
CA ARG E 492 23.56 34.61 -10.73
C ARG E 492 25.01 34.43 -10.29
N GLU E 493 25.73 35.54 -10.12
CA GLU E 493 27.10 35.55 -9.62
C GLU E 493 27.19 35.88 -8.13
N LEU E 494 26.11 35.69 -7.37
CA LEU E 494 26.03 36.24 -6.02
C LEU E 494 26.51 35.29 -4.91
N GLY E 495 26.32 34.00 -5.10
CA GLY E 495 26.89 33.00 -4.21
C GLY E 495 28.27 32.51 -4.65
N VAL E 496 28.50 32.56 -5.97
CA VAL E 496 29.67 31.98 -6.61
C VAL E 496 30.94 32.78 -6.33
N GLU E 497 30.88 34.09 -6.55
CA GLU E 497 32.06 34.96 -6.45
C GLU E 497 31.89 36.23 -5.59
N ILE E 498 30.70 36.83 -5.59
CA ILE E 498 30.46 38.12 -4.92
C ILE E 498 29.91 37.87 -3.51
N TYR E 499 30.80 37.63 -2.55
CA TYR E 499 30.43 36.98 -1.29
C TYR E 499 29.84 37.88 -0.20
N LEU E 500 28.53 38.14 -0.29
CA LEU E 500 27.83 38.93 0.74
C LEU E 500 27.37 38.01 1.86
N PRO E 501 26.83 38.58 2.95
CA PRO E 501 26.12 37.75 3.93
C PRO E 501 24.77 37.17 3.50
N THR E 502 24.37 36.08 4.15
CA THR E 502 23.15 35.36 3.82
C THR E 502 21.86 36.12 4.15
N THR E 503 21.89 37.08 5.08
CA THR E 503 20.72 37.90 5.39
C THR E 503 20.53 38.98 4.35
N VAL E 504 21.63 39.43 3.75
CA VAL E 504 21.56 40.38 2.64
C VAL E 504 21.33 39.63 1.32
N MET E 505 21.83 38.40 1.22
CA MET E 505 21.61 37.59 0.03
C MET E 505 20.13 37.30 -0.21
N ASN E 506 19.38 37.07 0.87
CA ASN E 506 17.94 36.96 0.75
C ASN E 506 17.33 38.30 0.35
N ASP E 507 17.93 39.39 0.85
CA ASP E 507 17.34 40.71 0.75
C ASP E 507 17.34 41.20 -0.70
N ILE E 508 18.42 40.93 -1.44
CA ILE E 508 18.41 41.22 -2.87
C ILE E 508 17.40 40.29 -3.58
N LEU E 509 17.48 39.00 -3.30
CA LEU E 509 16.75 38.02 -4.09
C LEU E 509 15.24 38.10 -3.87
N THR E 510 14.82 38.49 -2.68
CA THR E 510 13.41 38.71 -2.42
C THR E 510 12.95 39.97 -3.16
N ASP E 511 13.79 41.01 -3.12
CA ASP E 511 13.39 42.29 -3.68
C ASP E 511 13.48 42.30 -5.20
N TYR E 512 14.50 41.65 -5.74
CA TYR E 512 14.68 41.61 -7.17
C TYR E 512 13.59 40.78 -7.85
N LYS E 513 13.08 39.79 -7.15
CA LYS E 513 11.95 39.00 -7.64
C LYS E 513 10.72 39.88 -7.82
N THR E 514 10.35 40.58 -6.75
CA THR E 514 9.23 41.52 -6.78
C THR E 514 9.43 42.59 -7.86
N PHE E 515 10.66 43.07 -8.00
CA PHE E 515 10.95 44.08 -9.02
C PHE E 515 10.88 43.49 -10.42
N TYR E 516 11.34 42.26 -10.61
CA TYR E 516 11.33 41.68 -11.96
C TYR E 516 9.93 41.33 -12.39
N LEU E 517 9.13 40.83 -11.45
CA LEU E 517 7.73 40.50 -11.75
C LEU E 517 6.91 41.75 -12.04
N THR E 518 7.34 42.90 -11.54
CA THR E 518 6.55 44.12 -11.66
C THR E 518 6.87 44.86 -12.97
N HIS E 519 8.16 44.97 -13.30
CA HIS E 519 8.61 45.81 -14.40
C HIS E 519 8.89 45.10 -15.71
N SER E 520 9.10 43.79 -15.68
CA SER E 520 9.38 43.05 -16.91
C SER E 520 8.15 42.31 -17.42
N ASN E 521 8.16 41.98 -18.71
CA ASN E 521 7.08 41.23 -19.34
C ASN E 521 7.62 39.89 -19.83
N ILE E 522 6.74 39.03 -20.33
CA ILE E 522 7.09 37.66 -20.72
C ILE E 522 8.11 37.63 -21.85
N VAL E 523 8.00 38.57 -22.80
CA VAL E 523 8.89 38.59 -23.96
C VAL E 523 10.32 38.91 -23.52
N THR E 524 10.46 39.79 -22.53
CA THR E 524 11.75 40.05 -21.86
C THR E 524 12.27 38.79 -21.19
N TYR E 525 11.36 38.10 -20.50
CA TYR E 525 11.69 36.87 -19.78
C TYR E 525 12.10 35.72 -20.69
N GLU E 526 11.26 35.38 -21.67
CA GLU E 526 11.48 34.21 -22.53
C GLU E 526 12.83 34.18 -23.27
N SER E 527 13.35 35.35 -23.64
CA SER E 527 14.67 35.45 -24.26
C SER E 527 15.85 35.36 -23.27
N SER E 528 15.58 35.48 -21.97
CA SER E 528 16.62 35.43 -20.94
C SER E 528 16.93 34.02 -20.42
N ILE E 529 16.12 33.01 -20.80
CA ILE E 529 16.41 31.61 -20.45
C ILE E 529 16.99 30.94 -21.70
N ILE E 530 18.31 31.04 -21.86
CA ILE E 530 19.00 30.49 -23.04
C ILE E 530 19.13 28.95 -22.95
N ASP E 531 19.07 28.40 -21.75
CA ASP E 531 18.91 26.95 -21.49
C ASP E 531 20.16 26.09 -21.72
N SER E 532 21.33 26.73 -21.82
CA SER E 532 22.61 26.05 -21.59
C SER E 532 22.71 25.78 -20.09
N ASN E 533 22.30 26.78 -19.31
CA ASN E 533 22.09 26.68 -17.88
C ASN E 533 20.60 26.80 -17.57
N THR E 534 20.14 26.07 -16.56
CA THR E 534 18.80 26.24 -16.01
C THR E 534 18.84 27.40 -15.00
N PHE E 535 18.74 28.62 -15.54
CA PHE E 535 18.59 29.84 -14.73
C PHE E 535 17.36 30.63 -15.19
N ASP E 536 16.51 31.02 -14.24
CA ASP E 536 15.28 31.76 -14.52
C ASP E 536 14.98 32.78 -13.41
N PRO E 537 14.98 34.11 -13.72
CA PRO E 537 14.81 35.13 -12.66
C PRO E 537 13.56 35.06 -11.78
N ILE E 538 12.54 34.31 -12.21
CA ILE E 538 11.38 34.04 -11.36
C ILE E 538 11.69 32.91 -10.38
N LEU E 539 12.19 31.77 -10.87
CA LEU E 539 12.25 30.54 -10.08
C LEU E 539 13.57 30.35 -9.38
N TYR E 540 14.65 30.75 -10.02
CA TYR E 540 16.00 30.69 -9.42
C TYR E 540 16.16 31.37 -8.04
N PRO E 541 15.60 32.57 -7.82
CA PRO E 541 15.78 33.21 -6.51
C PRO E 541 15.10 32.51 -5.33
N GLU E 542 14.03 31.76 -5.60
CA GLU E 542 13.36 31.03 -4.55
C GLU E 542 14.15 29.78 -4.20
N LEU E 543 14.78 29.18 -5.21
CA LEU E 543 15.63 28.01 -4.99
C LEU E 543 16.94 28.41 -4.33
N LYS E 544 17.53 29.51 -4.80
CA LYS E 544 18.79 30.01 -4.28
C LYS E 544 18.60 30.91 -3.07
N MET E 545 17.49 30.78 -2.33
CA MET E 545 17.23 31.74 -1.28
C MET E 545 18.17 31.55 -0.08
N SER E 546 17.96 30.54 0.74
CA SER E 546 18.82 30.37 1.91
C SER E 546 20.11 29.60 1.59
N ASN E 547 20.20 28.99 0.40
CA ASN E 547 21.41 28.28 -0.04
C ASN E 547 22.40 29.23 -0.69
N PRO E 548 23.58 29.44 -0.08
CA PRO E 548 24.56 30.32 -0.70
C PRO E 548 25.23 29.71 -1.94
N LYS E 549 25.69 28.46 -1.81
CA LYS E 549 26.49 27.81 -2.85
C LYS E 549 25.63 26.84 -3.66
N TYR E 550 24.46 27.32 -4.07
CA TYR E 550 23.57 26.59 -4.96
C TYR E 550 24.08 26.81 -6.37
N ASP E 551 24.23 25.71 -7.11
CA ASP E 551 24.73 25.75 -8.48
C ASP E 551 23.83 24.88 -9.37
N PRO E 552 23.21 25.49 -10.41
CA PRO E 552 22.47 24.68 -11.38
C PRO E 552 23.42 23.96 -12.33
N VAL E 553 23.83 22.75 -11.93
CA VAL E 553 24.79 21.91 -12.67
C VAL E 553 24.13 20.59 -13.07
N LEU E 554 23.80 20.47 -14.36
CA LEU E 554 23.28 19.23 -14.95
C LEU E 554 24.46 18.42 -15.47
N ASN E 555 24.58 17.16 -15.05
CA ASN E 555 25.66 16.29 -15.52
C ASN E 555 25.34 14.80 -15.30
N THR E 556 25.87 13.95 -16.19
CA THR E 556 25.73 12.49 -16.10
C THR E 556 26.88 11.85 -15.28
N THR E 557 28.04 12.50 -15.23
CA THR E 557 29.18 12.03 -14.40
C THR E 557 29.01 12.26 -12.88
N ALA E 558 27.99 13.02 -12.48
CA ALA E 558 27.58 13.10 -11.07
C ALA E 558 27.02 11.77 -10.54
N ASN E 559 26.46 10.96 -11.44
CA ASN E 559 26.02 9.59 -11.13
C ASN E 559 27.21 8.64 -10.94
N VAL E 560 28.25 8.81 -11.76
CA VAL E 560 29.45 7.95 -11.75
C VAL E 560 30.31 8.14 -10.49
N ASP E 561 30.56 9.40 -10.10
CA ASP E 561 31.42 9.73 -8.95
C ASP E 561 30.72 9.67 -7.57
N TRP E 562 29.46 9.23 -7.51
CA TRP E 562 28.72 9.12 -6.24
C TRP E 562 29.28 8.01 -5.36
N HIS E 563 29.03 8.12 -4.05
CA HIS E 563 29.51 7.20 -2.98
C HIS E 563 30.90 7.53 -2.43
N LYS E 564 31.57 8.54 -2.99
CA LYS E 564 32.90 9.00 -2.56
C LYS E 564 32.89 10.49 -2.15
N LYS E 565 31.70 11.04 -1.87
CA LYS E 565 31.56 12.44 -1.44
C LYS E 565 31.21 12.51 0.05
N THR E 566 31.47 13.66 0.64
CA THR E 566 31.26 13.86 2.09
C THR E 566 29.79 13.89 2.51
N GLU E 567 28.89 14.21 1.56
CA GLU E 567 27.45 14.14 1.79
C GLU E 567 26.99 12.70 2.03
N TRP E 568 27.48 11.78 1.19
CA TRP E 568 27.22 10.34 1.34
C TRP E 568 27.81 9.76 2.64
N LYS E 569 29.02 10.19 2.99
CA LYS E 569 29.74 9.65 4.15
C LYS E 569 29.15 10.13 5.48
N GLU E 570 28.90 11.43 5.58
CA GLU E 570 28.29 12.04 6.76
C GLU E 570 26.77 12.17 6.57
N ALA E 571 26.10 11.06 6.29
CA ALA E 571 24.73 11.10 5.78
C ALA E 571 23.70 11.41 6.87
N GLY E 572 23.31 10.42 7.67
CA GLY E 572 22.28 10.60 8.70
C GLY E 572 22.78 11.40 9.91
N HIS E 573 24.10 11.34 10.12
CA HIS E 573 24.80 12.02 11.21
C HIS E 573 25.79 13.00 10.59
N ILE E 574 25.66 14.29 10.89
CA ILE E 574 26.49 15.35 10.24
C ILE E 574 27.75 15.64 11.06
N GLY E 575 28.85 15.91 10.35
CA GLY E 575 30.17 16.08 10.95
C GLY E 575 31.02 14.82 10.88
N ILE E 576 30.41 13.67 11.18
CA ILE E 576 31.11 12.40 11.38
C ILE E 576 31.27 11.66 10.05
N THR E 577 32.45 11.72 9.45
CA THR E 577 32.67 11.09 8.12
C THR E 577 33.01 9.58 8.23
N THR E 578 31.98 8.78 8.52
CA THR E 578 32.11 7.33 8.55
C THR E 578 32.14 6.75 7.12
N GLU E 579 32.59 5.50 7.03
CA GLU E 579 32.64 4.75 5.78
C GLU E 579 31.64 3.60 5.85
N ARG E 580 30.43 3.87 5.35
CA ARG E 580 29.33 2.89 5.42
C ARG E 580 29.53 1.73 4.43
N PRO E 581 29.41 0.48 4.90
CA PRO E 581 29.51 -0.66 4.00
C PRO E 581 28.28 -0.78 3.13
N GLN E 582 28.44 -1.38 1.97
CA GLN E 582 27.33 -1.61 1.06
C GLN E 582 27.62 -2.69 0.04
N ILE E 583 26.55 -3.22 -0.54
CA ILE E 583 26.65 -4.19 -1.62
C ILE E 583 26.87 -3.41 -2.92
N SER E 584 27.89 -3.78 -3.69
CA SER E 584 28.24 -3.03 -4.92
C SER E 584 27.12 -3.10 -5.95
N ASN E 585 26.74 -4.32 -6.33
CA ASN E 585 25.63 -4.56 -7.27
C ASN E 585 24.34 -4.91 -6.50
N SER E 586 23.61 -3.86 -6.12
CA SER E 586 22.36 -4.01 -5.38
C SER E 586 21.23 -4.46 -6.31
N ILE E 587 20.46 -5.43 -5.86
CA ILE E 587 19.31 -5.95 -6.62
C ILE E 587 18.02 -5.14 -6.33
N ILE E 588 18.02 -4.35 -5.26
CA ILE E 588 16.79 -3.70 -4.75
C ILE E 588 16.11 -2.63 -5.63
N GLU E 589 16.79 -2.18 -6.68
CA GLU E 589 16.17 -1.30 -7.69
C GLU E 589 15.33 -2.10 -8.69
N CYS E 590 15.79 -3.30 -9.05
CA CYS E 590 15.11 -4.17 -10.01
C CYS E 590 13.88 -4.85 -9.37
N ASN E 591 12.88 -5.12 -10.23
CA ASN E 591 11.61 -5.74 -9.82
C ASN E 591 11.75 -7.26 -9.88
N SER E 592 11.00 -7.99 -9.05
CA SER E 592 11.05 -9.46 -9.06
C SER E 592 10.53 -10.13 -10.33
N GLY E 593 9.73 -9.41 -11.11
CA GLY E 593 9.28 -9.88 -12.43
C GLY E 593 10.37 -9.94 -13.48
N THR E 594 11.38 -9.08 -13.36
CA THR E 594 12.51 -9.01 -14.29
C THR E 594 13.74 -9.80 -13.86
N LEU E 595 13.82 -10.20 -12.59
CA LEU E 595 14.95 -10.99 -12.11
C LEU E 595 14.89 -12.44 -12.53
N ILE E 596 13.68 -12.97 -12.65
CA ILE E 596 13.50 -14.40 -12.89
C ILE E 596 14.10 -14.91 -14.23
N GLN E 597 14.40 -14.02 -15.18
CA GLN E 597 15.01 -14.40 -16.46
C GLN E 597 16.35 -15.13 -16.34
N LYS E 598 17.36 -14.43 -15.81
CA LYS E 598 18.69 -15.00 -15.60
C LYS E 598 18.92 -15.14 -14.10
N PRO E 599 19.75 -16.12 -13.67
CA PRO E 599 20.01 -16.24 -12.23
C PRO E 599 20.76 -15.02 -11.67
N ILE E 600 20.60 -14.76 -10.37
CA ILE E 600 21.15 -13.55 -9.74
C ILE E 600 22.64 -13.77 -9.44
N SER E 601 23.46 -12.77 -9.79
CA SER E 601 24.90 -12.82 -9.55
C SER E 601 25.17 -12.60 -8.07
N LEU E 602 26.21 -13.26 -7.54
CA LEU E 602 26.53 -13.14 -6.11
C LEU E 602 26.87 -11.69 -5.71
N PRO E 603 26.83 -11.39 -4.40
CA PRO E 603 27.01 -10.01 -3.93
C PRO E 603 28.46 -9.53 -3.82
N ASN E 604 28.87 -8.60 -4.67
CA ASN E 604 30.18 -7.94 -4.53
C ASN E 604 30.04 -6.84 -3.49
N PHE E 605 30.85 -6.90 -2.44
CA PHE E 605 30.81 -5.89 -1.37
C PHE E 605 31.83 -4.79 -1.64
N ARG E 606 31.80 -3.76 -0.82
CA ARG E 606 32.94 -2.83 -0.70
C ARG E 606 32.94 -2.28 0.70
N ASN E 607 34.10 -1.82 1.14
CA ASN E 607 34.19 -1.05 2.37
C ASN E 607 33.72 -1.87 3.61
N LEU E 608 33.83 -3.19 3.52
CA LEU E 608 33.24 -4.12 4.51
C LEU E 608 34.08 -4.21 5.80
N GLU E 609 35.34 -3.81 5.73
CA GLU E 609 36.24 -3.83 6.89
C GLU E 609 35.93 -2.71 7.89
N LYS E 610 35.43 -1.58 7.38
CA LYS E 610 35.25 -0.36 8.17
C LYS E 610 33.85 -0.22 8.78
N ILE E 611 33.25 -1.33 9.23
CA ILE E 611 31.95 -1.28 9.91
C ILE E 611 32.01 -0.55 11.26
N ASN E 612 33.17 -0.65 11.93
CA ASN E 612 33.36 -0.07 13.24
C ASN E 612 34.22 1.22 13.22
N GLN E 613 34.97 1.45 12.13
CA GLN E 613 35.89 2.60 12.03
C GLN E 613 35.15 3.93 11.80
N VAL E 614 34.98 4.70 12.87
CA VAL E 614 34.25 5.99 12.86
C VAL E 614 35.21 7.15 13.20
N LYS E 615 35.47 8.03 12.22
CA LYS E 615 36.49 9.08 12.35
C LYS E 615 35.87 10.49 12.44
N ILE E 616 36.45 11.32 13.29
CA ILE E 616 35.97 12.66 13.60
C ILE E 616 37.15 13.62 13.65
N ASN E 617 37.14 14.67 12.84
CA ASN E 617 38.15 15.75 12.97
C ASN E 617 37.70 16.78 14.01
N ASP E 618 38.12 16.56 15.26
CA ASP E 618 37.74 17.38 16.42
C ASP E 618 38.30 18.80 16.29
N LEU E 619 37.64 19.59 15.44
CA LEU E 619 38.15 20.88 14.99
C LEU E 619 38.02 21.95 16.10
N TYR E 620 37.09 21.73 17.03
CA TYR E 620 36.94 22.59 18.22
C TYR E 620 38.12 22.45 19.19
N THR E 621 38.53 21.22 19.49
CA THR E 621 39.59 20.98 20.47
C THR E 621 40.96 21.47 19.98
N GLU E 622 41.38 21.00 18.80
CA GLU E 622 42.75 21.26 18.32
C GLU E 622 43.04 22.71 17.84
N GLU E 623 42.01 23.52 17.57
CA GLU E 623 42.18 24.93 17.15
C GLU E 623 41.70 26.01 18.13
N PHE E 624 41.00 25.63 19.21
CA PHE E 624 40.52 26.58 20.20
C PHE E 624 41.05 26.30 21.61
N LEU E 625 40.88 25.07 22.10
CA LEU E 625 41.42 24.67 23.40
C LEU E 625 42.95 24.50 23.39
N LYS E 626 43.53 24.25 22.21
CA LYS E 626 44.99 24.09 22.04
C LYS E 626 45.72 25.30 21.42
N GLU E 627 45.00 26.17 20.70
CA GLU E 627 45.57 27.37 20.05
C GLU E 627 46.63 27.04 19.00
N ASN F 289 16.07 -27.03 23.41
CA ASN F 289 15.09 -25.89 23.39
C ASN F 289 15.31 -24.91 24.55
N HIS F 290 16.58 -24.64 24.87
CA HIS F 290 16.96 -23.70 25.94
C HIS F 290 17.13 -22.27 25.41
N MET F 291 18.05 -22.11 24.44
CA MET F 291 18.30 -20.81 23.80
C MET F 291 17.18 -20.44 22.82
N SER F 292 17.24 -19.21 22.30
CA SER F 292 16.25 -18.69 21.35
C SER F 292 16.88 -18.25 20.03
N GLN F 293 16.01 -18.04 19.04
CA GLN F 293 16.42 -17.62 17.69
C GLN F 293 16.97 -16.21 17.66
N PHE F 294 16.23 -15.30 18.30
CA PHE F 294 16.46 -13.85 18.18
C PHE F 294 16.58 -13.16 19.53
N ILE F 295 17.44 -12.12 19.59
CA ILE F 295 17.52 -11.21 20.75
C ILE F 295 17.44 -9.79 20.23
N TYR F 296 16.99 -8.86 21.07
CA TYR F 296 17.14 -7.44 20.77
C TYR F 296 18.63 -7.11 20.87
N PRO F 297 19.17 -6.30 19.95
CA PRO F 297 20.59 -5.96 20.03
C PRO F 297 20.93 -5.01 21.19
N VAL F 298 21.92 -5.40 21.99
CA VAL F 298 22.56 -4.53 22.97
C VAL F 298 23.79 -3.89 22.32
N GLN F 299 24.13 -2.67 22.74
CA GLN F 299 25.18 -1.89 22.09
C GLN F 299 25.83 -0.93 23.09
N GLN F 300 27.11 -0.63 22.88
CA GLN F 300 27.88 0.22 23.79
C GLN F 300 27.66 1.70 23.48
N GLN F 301 27.77 2.54 24.51
CA GLN F 301 27.61 3.99 24.34
C GLN F 301 28.95 4.57 23.83
N PRO F 302 28.91 5.75 23.18
CA PRO F 302 30.14 6.41 22.70
C PRO F 302 30.75 7.50 23.64
N SER F 303 30.44 7.42 24.94
CA SER F 303 31.13 8.21 26.02
C SER F 303 30.74 9.68 26.19
N LEU F 304 29.84 10.20 25.36
CA LEU F 304 29.31 11.56 25.46
C LEU F 304 30.39 12.65 25.37
N ASN F 305 30.85 12.91 24.15
CA ASN F 305 31.68 14.09 23.90
C ASN F 305 30.80 15.15 23.24
N HIS F 306 31.38 16.31 22.98
CA HIS F 306 30.65 17.42 22.33
C HIS F 306 30.21 17.10 20.89
N PHE F 307 30.96 16.22 20.22
CA PHE F 307 30.71 15.84 18.83
C PHE F 307 29.60 14.81 18.67
N THR F 308 29.33 14.03 19.72
CA THR F 308 28.29 13.00 19.70
C THR F 308 27.27 13.17 20.84
N ASP F 309 26.71 14.38 20.93
CA ASP F 309 25.54 14.67 21.74
C ASP F 309 24.39 14.96 20.76
N PRO F 310 23.32 14.16 20.79
CA PRO F 310 22.22 14.38 19.85
C PRO F 310 21.32 15.60 20.13
N ASN F 311 21.47 16.24 21.30
CA ASN F 311 20.72 17.46 21.63
C ASN F 311 21.48 18.74 21.30
N ASN F 312 22.72 18.62 20.81
CA ASN F 312 23.59 19.79 20.68
C ASN F 312 23.15 20.69 19.53
N THR F 313 23.32 21.99 19.76
CA THR F 313 22.87 23.05 18.87
C THR F 313 24.00 23.99 18.43
N THR F 314 24.92 24.28 19.34
CA THR F 314 26.00 25.26 19.12
C THR F 314 27.05 24.85 18.08
N VAL F 315 27.17 25.69 17.05
CA VAL F 315 28.06 25.45 15.93
C VAL F 315 29.33 26.21 16.18
N PHE F 316 30.45 25.50 16.15
CA PHE F 316 31.77 26.13 16.14
C PHE F 316 32.14 26.57 14.73
N ILE F 317 32.57 27.82 14.61
CA ILE F 317 33.02 28.39 13.34
C ILE F 317 34.52 28.70 13.44
N GLY F 318 35.34 27.84 12.83
CA GLY F 318 36.80 27.98 12.86
C GLY F 318 37.34 28.74 11.65
N GLY F 319 38.53 29.32 11.82
CA GLY F 319 39.25 29.98 10.72
C GLY F 319 38.61 31.25 10.17
N LEU F 320 38.17 32.15 11.07
CA LEU F 320 37.63 33.46 10.67
C LEU F 320 38.74 34.40 10.18
N SER F 321 38.32 35.47 9.51
CA SER F 321 39.24 36.52 9.07
C SER F 321 39.78 37.39 10.23
N SER F 322 39.01 37.49 11.32
CA SER F 322 39.28 38.42 12.44
C SER F 322 39.31 39.91 12.01
N LEU F 323 38.65 40.18 10.88
CA LEU F 323 38.37 41.51 10.38
C LEU F 323 36.84 41.69 10.39
N VAL F 324 36.15 40.85 11.18
CA VAL F 324 34.70 40.69 11.12
C VAL F 324 34.08 40.83 12.52
N THR F 325 33.09 41.73 12.63
CA THR F 325 32.36 41.92 13.87
C THR F 325 31.39 40.78 14.08
N GLU F 326 30.79 40.75 15.27
CA GLU F 326 29.78 39.76 15.60
C GLU F 326 28.46 40.04 14.86
N ASP F 327 28.18 41.31 14.61
CA ASP F 327 26.93 41.68 13.96
C ASP F 327 26.97 41.44 12.45
N GLU F 328 28.15 41.23 11.89
CA GLU F 328 28.23 40.80 10.49
C GLU F 328 28.17 39.28 10.43
N LEU F 329 28.74 38.61 11.43
CA LEU F 329 28.62 37.17 11.56
C LEU F 329 27.18 36.74 11.83
N ARG F 330 26.44 37.55 12.58
CA ARG F 330 25.05 37.28 12.85
C ARG F 330 24.18 37.37 11.58
N ALA F 331 24.64 38.17 10.60
CA ALA F 331 23.99 38.28 9.28
C ALA F 331 24.29 37.14 8.30
N TYR F 332 25.20 36.23 8.65
CA TYR F 332 25.37 34.96 7.93
C TYR F 332 24.44 33.88 8.46
N PHE F 333 24.25 33.86 9.78
CA PHE F 333 23.54 32.77 10.48
C PHE F 333 22.13 33.08 10.97
N GLN F 334 21.62 34.27 10.69
CA GLN F 334 20.22 34.60 10.96
C GLN F 334 19.23 33.75 10.15
N PRO F 335 19.45 33.61 8.82
CA PRO F 335 18.39 32.97 8.02
C PRO F 335 18.20 31.48 8.26
N PHE F 336 19.17 30.78 8.84
CA PHE F 336 19.01 29.35 9.05
C PHE F 336 18.07 29.00 10.18
N GLY F 337 17.83 29.93 11.09
CA GLY F 337 16.81 29.73 12.12
C GLY F 337 16.79 30.85 13.12
N THR F 338 16.40 30.52 14.36
CA THR F 338 16.49 31.46 15.47
C THR F 338 17.77 31.19 16.24
N ILE F 339 18.45 32.25 16.70
CA ILE F 339 19.75 32.13 17.37
C ILE F 339 19.64 32.52 18.85
N VAL F 340 20.25 31.71 19.72
CA VAL F 340 20.51 32.07 21.11
C VAL F 340 22.04 32.18 21.24
N TYR F 341 22.57 33.25 20.65
CA TYR F 341 24.00 33.44 20.40
C TYR F 341 24.76 33.49 21.70
N VAL F 342 26.01 33.02 21.69
CA VAL F 342 26.83 32.96 22.91
C VAL F 342 28.06 33.89 22.91
N LYS F 343 28.92 33.84 21.88
CA LYS F 343 30.14 34.69 21.87
C LYS F 343 30.98 34.65 20.60
N ILE F 344 31.88 35.63 20.50
CA ILE F 344 33.07 35.57 19.63
C ILE F 344 34.26 35.99 20.51
N PRO F 345 35.17 35.06 20.85
CA PRO F 345 36.31 35.45 21.70
C PRO F 345 37.28 36.41 21.01
N VAL F 346 37.94 37.25 21.82
CA VAL F 346 38.76 38.36 21.31
C VAL F 346 40.08 37.92 20.65
N GLY F 347 40.22 38.22 19.36
CA GLY F 347 41.46 37.98 18.61
C GLY F 347 41.90 36.54 18.38
N LYS F 348 40.98 35.58 18.57
CA LYS F 348 41.30 34.15 18.42
C LYS F 348 41.04 33.60 17.00
N CYS F 349 40.46 34.42 16.11
CA CYS F 349 40.09 34.05 14.72
C CYS F 349 39.12 32.86 14.59
N CYS F 350 38.34 32.59 15.63
CA CYS F 350 37.38 31.48 15.65
C CYS F 350 36.32 31.64 16.75
N GLY F 351 35.08 31.95 16.34
CA GLY F 351 33.97 32.16 17.28
C GLY F 351 33.04 30.98 17.30
N PHE F 352 31.91 31.12 17.98
CA PHE F 352 30.86 30.10 17.88
C PHE F 352 29.44 30.60 18.09
N VAL F 353 28.52 29.91 17.41
CA VAL F 353 27.11 30.30 17.22
C VAL F 353 26.23 29.21 17.80
N GLN F 354 25.05 29.57 18.33
CA GLN F 354 24.16 28.57 18.93
C GLN F 354 22.69 28.80 18.61
N TYR F 355 22.10 27.86 17.88
CA TYR F 355 20.66 27.90 17.55
C TYR F 355 19.81 27.31 18.66
N VAL F 356 18.49 27.27 18.46
CA VAL F 356 17.57 26.63 19.40
C VAL F 356 17.07 25.27 18.88
N ASP F 357 16.94 25.12 17.56
CA ASP F 357 16.69 23.80 16.95
C ASP F 357 18.02 23.17 16.53
N ARG F 358 18.14 21.84 16.68
CA ARG F 358 19.28 21.10 16.11
C ARG F 358 19.20 21.06 14.60
N LEU F 359 17.99 20.91 14.08
CA LEU F 359 17.73 20.89 12.64
C LEU F 359 18.25 22.15 11.98
N SER F 360 18.09 23.28 12.65
CA SER F 360 18.55 24.56 12.14
C SER F 360 20.07 24.62 12.04
N ALA F 361 20.73 23.96 12.99
CA ALA F 361 22.19 23.96 13.02
C ALA F 361 22.77 23.15 11.87
N GLU F 362 22.19 21.99 11.61
CA GLU F 362 22.72 21.10 10.58
C GLU F 362 22.44 21.66 9.19
N ALA F 363 21.42 22.52 9.09
CA ALA F 363 21.20 23.27 7.86
C ALA F 363 22.23 24.38 7.69
N ALA F 364 22.84 24.80 8.80
CA ALA F 364 23.84 25.86 8.75
C ALA F 364 25.22 25.30 8.45
N ILE F 365 25.52 24.13 8.98
CA ILE F 365 26.79 23.47 8.73
C ILE F 365 26.92 23.07 7.25
N ALA F 366 25.90 22.40 6.74
CA ALA F 366 25.85 22.00 5.35
C ALA F 366 25.62 23.23 4.44
N GLY F 367 25.03 24.28 4.99
CA GLY F 367 24.86 25.54 4.29
C GLY F 367 26.18 26.23 3.96
N MET F 368 26.94 26.53 5.01
CA MET F 368 28.15 27.36 4.90
C MET F 368 29.42 26.62 5.31
N GLN F 369 29.81 25.63 4.53
CA GLN F 369 31.06 24.91 4.72
C GLN F 369 31.97 25.32 3.58
N GLY F 370 33.16 25.81 3.91
CA GLY F 370 34.08 26.36 2.91
C GLY F 370 33.52 27.60 2.23
N PHE F 371 32.78 28.41 3.00
CA PHE F 371 32.21 29.66 2.51
C PHE F 371 33.07 30.84 2.95
N PRO F 372 33.61 31.61 1.99
CA PRO F 372 34.54 32.70 2.35
C PRO F 372 33.87 33.93 3.01
N ILE F 373 34.29 34.22 4.24
CA ILE F 373 33.91 35.42 4.98
C ILE F 373 35.11 36.38 4.95
N ALA F 374 34.98 37.48 4.21
CA ALA F 374 36.04 38.50 4.08
C ALA F 374 37.36 37.92 3.54
N ASN F 375 37.24 37.13 2.46
CA ASN F 375 38.37 36.48 1.79
C ASN F 375 39.16 35.55 2.71
N SER F 376 38.46 34.58 3.29
CA SER F 376 39.08 33.47 4.05
C SER F 376 38.10 32.30 4.16
N ARG F 377 38.42 31.17 3.51
CA ARG F 377 37.55 29.98 3.53
C ARG F 377 37.30 29.55 4.97
N VAL F 378 36.04 29.25 5.29
CA VAL F 378 35.64 28.98 6.67
C VAL F 378 35.34 27.50 6.88
N ARG F 379 35.98 26.93 7.90
CA ARG F 379 35.82 25.52 8.26
C ARG F 379 35.03 25.47 9.55
N LEU F 380 33.89 24.76 9.54
CA LEU F 380 33.01 24.72 10.72
C LEU F 380 32.46 23.35 11.08
N SER F 381 32.15 23.20 12.37
CA SER F 381 31.89 21.91 12.98
C SER F 381 31.24 22.08 14.36
N TRP F 382 30.97 20.97 15.03
CA TRP F 382 30.33 21.00 16.35
C TRP F 382 31.30 21.42 17.43
N GLY F 383 30.82 22.24 18.37
CA GLY F 383 31.63 22.70 19.50
C GLY F 383 30.80 23.26 20.64
N ARG F 384 31.32 23.16 21.87
CA ARG F 384 30.58 23.52 23.10
C ARG F 384 30.41 25.01 23.34
N SER F 385 29.59 25.33 24.34
CA SER F 385 29.27 26.70 24.73
C SER F 385 30.36 27.34 25.61
N ALA F 386 30.09 28.53 26.16
CA ALA F 386 31.09 29.33 26.87
C ALA F 386 31.38 28.83 28.27
N LYS F 387 30.34 28.42 29.01
CA LYS F 387 30.53 27.93 30.36
C LYS F 387 31.25 26.58 30.33
N GLN F 388 30.86 25.72 29.39
CA GLN F 388 31.48 24.41 29.27
C GLN F 388 32.90 24.51 28.72
N THR F 389 33.22 25.60 28.01
CA THR F 389 34.59 25.86 27.57
C THR F 389 35.51 26.05 28.77
N ALA F 390 35.08 26.87 29.72
CA ALA F 390 35.88 27.12 30.92
C ALA F 390 36.05 25.85 31.75
N LEU F 391 35.05 24.99 31.76
CA LEU F 391 35.19 23.68 32.42
C LEU F 391 36.11 22.76 31.62
N LEU F 392 36.29 23.04 30.33
CA LEU F 392 37.31 22.32 29.57
C LEU F 392 38.70 22.92 29.77
N GLN F 393 38.83 24.25 29.66
CA GLN F 393 40.16 24.92 29.75
C GLN F 393 40.83 24.85 31.13
N GLN F 394 40.05 24.68 32.19
CA GLN F 394 40.58 24.33 33.52
C GLN F 394 41.11 22.88 33.55
N ALA F 395 40.43 21.98 32.84
CA ALA F 395 40.82 20.56 32.74
C ALA F 395 41.97 20.29 31.74
N MET F 396 42.02 21.02 30.62
CA MET F 396 43.07 20.79 29.59
C MET F 396 44.49 21.09 30.08
N LEU F 397 44.63 22.09 30.95
CA LEU F 397 45.91 22.39 31.60
C LEU F 397 46.25 21.37 32.69
N SER F 398 45.23 20.91 33.42
CA SER F 398 45.39 19.94 34.52
C SER F 398 45.07 18.47 34.16
N ASN F 399 44.88 18.16 32.87
CA ASN F 399 44.45 16.84 32.35
C ASN F 399 43.92 15.80 33.37
N SER F 400 42.87 16.19 34.10
CA SER F 400 42.32 15.38 35.21
C SER F 400 41.23 14.40 34.75
N LEU F 401 40.09 14.93 34.29
CA LEU F 401 38.92 14.12 33.94
C LEU F 401 38.31 14.44 32.54
N GLN F 402 37.96 15.72 32.33
CA GLN F 402 37.25 16.19 31.12
C GLN F 402 35.84 15.59 30.96
N VAL F 403 35.12 15.44 32.07
CA VAL F 403 33.77 14.85 32.05
C VAL F 403 32.75 15.89 31.54
N GLN F 404 32.18 15.60 30.38
CA GLN F 404 31.20 16.50 29.73
C GLN F 404 29.84 16.47 30.41
N GLN F 405 29.03 17.46 30.09
CA GLN F 405 27.60 17.47 30.43
C GLN F 405 26.85 17.84 29.15
N GLN F 406 25.81 17.07 28.82
CA GLN F 406 25.00 17.32 27.62
C GLN F 406 24.12 18.57 27.76
N GLN F 407 23.63 19.09 26.64
CA GLN F 407 22.64 20.18 26.64
C GLN F 407 21.34 19.67 27.26
N PRO F 408 20.54 20.57 27.84
CA PRO F 408 19.29 20.13 28.46
C PRO F 408 18.20 19.86 27.42
N GLY F 409 17.39 18.84 27.68
CA GLY F 409 16.28 18.49 26.80
C GLY F 409 15.18 19.53 26.77
N LEU F 410 14.43 19.56 25.67
CA LEU F 410 13.27 20.44 25.50
C LEU F 410 12.00 19.92 26.20
N GLN F 411 12.00 18.61 26.53
CA GLN F 411 10.89 17.93 27.19
C GLN F 411 9.69 17.87 26.24
N GLN F 412 9.75 16.89 25.35
CA GLN F 412 8.76 16.64 24.32
C GLN F 412 7.47 16.03 24.89
N PRO F 413 6.34 16.34 24.26
CA PRO F 413 6.20 16.95 22.95
C PRO F 413 5.53 18.31 23.00
N ASN F 414 6.11 19.31 22.33
CA ASN F 414 5.50 20.62 22.29
C ASN F 414 4.77 20.63 20.98
N TYR F 415 3.47 20.82 21.04
CA TYR F 415 2.63 20.79 19.83
C TYR F 415 2.62 22.06 18.99
N GLY F 416 2.79 23.22 19.63
CA GLY F 416 2.78 24.48 18.91
C GLY F 416 3.97 24.65 17.97
N TYR F 417 5.16 24.58 18.56
CA TYR F 417 6.40 24.99 17.89
C TYR F 417 6.72 24.18 16.64
N ILE F 418 6.92 24.88 15.52
CA ILE F 418 7.52 24.29 14.32
C ILE F 418 9.02 24.61 14.35
N PRO F 419 9.89 23.60 14.13
CA PRO F 419 11.34 23.85 14.10
C PRO F 419 11.83 24.55 12.84
N SER F 420 12.96 25.25 12.98
CA SER F 420 13.59 26.00 11.89
C SER F 420 12.64 27.02 11.29
N SER F 421 12.20 27.94 12.14
CA SER F 421 11.30 29.02 11.74
C SER F 421 11.50 30.22 12.65
N THR F 422 11.32 31.42 12.10
CA THR F 422 11.67 32.69 12.75
C THR F 422 10.47 33.63 12.89
N CYS F 423 10.36 34.28 14.06
CA CYS F 423 9.48 35.46 14.22
C CYS F 423 10.34 36.67 13.88
N GLU F 424 10.05 37.28 12.73
CA GLU F 424 10.98 38.21 12.08
C GLU F 424 10.99 39.60 12.74
N ALA F 425 9.86 40.00 13.34
CA ALA F 425 9.79 41.21 14.16
C ALA F 425 8.60 41.14 15.15
N PRO F 426 8.66 41.93 16.24
CA PRO F 426 7.58 41.92 17.24
C PRO F 426 6.34 42.71 16.78
N ASN F 432 -1.58 42.63 19.48
CA ASN F 432 -2.67 41.72 19.83
C ASN F 432 -2.82 40.59 18.80
N VAL F 433 -2.94 39.35 19.29
CA VAL F 433 -3.12 38.17 18.44
C VAL F 433 -4.10 37.20 19.11
N SER F 434 -5.20 36.88 18.43
CA SER F 434 -6.16 35.85 18.85
C SER F 434 -6.36 34.86 17.70
N SER F 435 -5.36 33.98 17.50
CA SER F 435 -5.31 33.08 16.34
C SER F 435 -6.29 31.91 16.46
N THR F 436 -6.43 31.18 15.36
CA THR F 436 -7.27 29.98 15.31
C THR F 436 -6.62 28.74 15.96
N MET F 437 -5.30 28.80 16.20
CA MET F 437 -4.50 27.67 16.73
C MET F 437 -4.54 26.42 15.84
N LEU F 438 -4.76 26.60 14.53
CA LEU F 438 -4.86 25.45 13.61
C LEU F 438 -3.47 24.93 13.24
N PRO F 439 -3.38 23.67 12.77
CA PRO F 439 -2.10 23.03 12.42
C PRO F 439 -1.27 23.67 11.29
N GLY F 440 -1.94 24.20 10.26
CA GLY F 440 -1.24 24.85 9.14
C GLY F 440 -0.33 26.00 9.56
N CYS F 441 -0.89 26.91 10.36
CA CYS F 441 -0.16 28.09 10.88
C CYS F 441 0.89 27.71 11.93
N GLN F 442 1.81 28.64 12.17
CA GLN F 442 2.78 28.52 13.25
C GLN F 442 2.22 29.24 14.46
N ILE F 443 1.88 28.48 15.49
CA ILE F 443 1.27 29.05 16.70
C ILE F 443 2.35 29.73 17.52
N LEU F 444 3.27 28.95 18.10
CA LEU F 444 4.32 29.50 18.95
C LEU F 444 5.63 29.73 18.20
N ASN F 445 6.53 30.50 18.82
CA ASN F 445 7.78 30.91 18.18
C ASN F 445 8.80 31.45 19.22
N TYR F 446 9.98 31.89 18.74
CA TYR F 446 11.03 32.45 19.58
C TYR F 446 11.45 33.88 19.16
N SER F 447 11.51 34.81 20.13
CA SER F 447 11.96 36.19 19.87
C SER F 447 13.48 36.36 20.09
N ASN F 448 14.08 37.33 19.39
CA ASN F 448 15.55 37.49 19.35
C ASN F 448 16.14 38.06 20.63
N GLY F 491 14.95 36.34 25.16
CA GLY F 491 14.33 35.02 25.18
C GLY F 491 12.89 35.04 25.68
N GLN F 492 11.95 35.28 24.76
CA GLN F 492 10.51 35.36 25.06
C GLN F 492 9.68 34.60 23.99
N GLN F 493 8.78 33.73 24.46
CA GLN F 493 7.98 32.85 23.61
C GLN F 493 6.75 33.59 23.07
N VAL F 494 6.80 34.02 21.81
CA VAL F 494 5.74 34.84 21.20
C VAL F 494 4.76 34.02 20.35
N ILE F 495 3.53 34.51 20.19
CA ILE F 495 2.53 33.91 19.30
C ILE F 495 2.56 34.64 17.95
N MET F 496 3.02 33.94 16.92
CA MET F 496 3.16 34.49 15.57
C MET F 496 1.78 34.64 14.92
N GLN F 497 1.52 35.82 14.36
CA GLN F 497 0.34 36.07 13.50
C GLN F 497 0.76 35.91 12.03
N GLY F 498 0.19 34.90 11.36
CA GLY F 498 0.56 34.54 9.98
C GLY F 498 0.48 35.67 8.96
N SER F 499 -0.54 36.51 9.09
CA SER F 499 -0.67 37.72 8.27
C SER F 499 0.39 38.77 8.62
N GLU F 500 0.55 39.04 9.92
CA GLU F 500 1.44 40.10 10.41
C GLU F 500 2.94 39.74 10.33
N ALA F 501 3.25 38.46 10.15
CA ALA F 501 4.64 38.00 10.01
C ALA F 501 5.27 38.44 8.70
N VAL F 502 4.55 38.24 7.60
CA VAL F 502 5.07 38.52 6.25
C VAL F 502 5.14 40.01 5.98
N VAL F 503 4.25 40.79 6.56
CA VAL F 503 4.31 42.25 6.45
C VAL F 503 5.44 42.87 7.29
N ASN F 504 5.78 42.26 8.43
CA ASN F 504 6.90 42.72 9.28
C ASN F 504 8.27 42.23 8.81
N SER F 505 8.32 41.06 8.18
CA SER F 505 9.53 40.58 7.52
C SER F 505 9.83 41.42 6.27
N THR F 506 8.81 41.69 5.45
CA THR F 506 8.96 42.54 4.26
C THR F 506 9.08 44.03 4.65
N ASN F 507 8.68 44.39 5.87
CA ASN F 507 8.93 45.75 6.40
C ASN F 507 10.43 45.98 6.62
N ALA F 508 11.05 45.08 7.38
CA ALA F 508 12.49 45.13 7.64
C ALA F 508 13.35 44.83 6.40
N MET F 509 12.77 44.21 5.38
CA MET F 509 13.49 43.86 4.15
C MET F 509 13.77 45.11 3.33
N LEU F 510 12.80 46.00 3.22
CA LEU F 510 12.99 47.23 2.46
C LEU F 510 13.68 48.29 3.30
N ASN F 511 13.54 48.20 4.62
CA ASN F 511 14.23 49.10 5.53
C ASN F 511 15.74 48.83 5.52
N ARG F 512 16.12 47.59 5.30
CA ARG F 512 17.53 47.22 5.37
C ARG F 512 18.26 47.63 4.10
N LEU F 513 17.55 47.73 2.98
CA LEU F 513 18.19 48.09 1.72
C LEU F 513 18.52 49.58 1.64
N GLU F 514 17.82 50.41 2.39
CA GLU F 514 18.09 51.84 2.38
C GLU F 514 19.10 52.21 3.44
N GLN F 515 19.13 51.47 4.54
CA GLN F 515 20.13 51.72 5.58
C GLN F 515 21.47 51.11 5.17
N GLY F 516 21.42 49.89 4.65
CA GLY F 516 22.61 49.17 4.16
C GLY F 516 23.36 49.86 3.04
N SER F 517 22.62 50.52 2.14
CA SER F 517 23.23 51.27 1.03
C SER F 517 24.01 52.51 1.49
N ASN F 518 23.55 53.12 2.60
CA ASN F 518 24.19 54.31 3.18
C ASN F 518 25.00 54.00 4.45
N GLY F 519 25.39 52.73 4.60
CA GLY F 519 26.36 52.33 5.59
C GLY F 519 25.96 52.31 7.06
N PHE F 520 24.69 52.54 7.39
CA PHE F 520 24.28 52.59 8.80
C PHE F 520 24.28 51.19 9.44
N MET F 521 23.57 50.25 8.82
CA MET F 521 23.54 48.86 9.26
C MET F 521 24.49 48.02 8.39
N PHE F 522 24.96 46.91 8.94
CA PHE F 522 26.04 46.13 8.34
C PHE F 522 26.03 44.66 8.79
N PHE G 45 14.16 27.05 -39.31
CA PHE G 45 12.97 27.06 -38.39
C PHE G 45 11.61 27.16 -39.10
N ASP G 46 11.52 26.69 -40.35
CA ASP G 46 10.26 26.62 -41.09
C ASP G 46 9.84 25.14 -41.18
N ILE G 47 8.57 24.88 -40.90
CA ILE G 47 8.06 23.52 -40.66
C ILE G 47 8.18 22.50 -41.82
N TRP G 48 7.91 22.91 -43.06
CA TRP G 48 7.82 21.98 -44.20
C TRP G 48 9.21 21.54 -44.65
N LYS G 49 10.19 22.43 -44.54
CA LYS G 49 11.58 22.06 -44.76
C LYS G 49 12.06 21.15 -43.63
N ASN G 50 11.53 21.37 -42.43
CA ASN G 50 11.92 20.59 -41.27
C ASN G 50 11.22 19.25 -41.24
N LEU G 51 10.05 19.17 -41.87
CA LEU G 51 9.31 17.92 -41.96
C LEU G 51 9.87 17.04 -43.07
N ASP G 52 10.31 17.66 -44.16
CA ASP G 52 10.97 16.91 -45.22
C ASP G 52 12.33 16.41 -44.76
N ARG G 53 12.97 17.17 -43.86
CA ARG G 53 14.25 16.77 -43.30
C ARG G 53 14.09 15.54 -42.41
N ILE G 54 12.95 15.43 -41.71
CA ILE G 54 12.72 14.28 -40.85
C ILE G 54 12.15 13.12 -41.66
N ARG G 55 11.74 13.37 -42.90
CA ARG G 55 11.31 12.28 -43.76
C ARG G 55 12.51 11.48 -44.28
N SER G 56 13.61 12.18 -44.51
CA SER G 56 14.77 11.54 -45.11
C SER G 56 15.62 10.77 -44.10
N THR G 57 15.91 11.39 -42.94
CA THR G 57 16.89 10.88 -41.97
C THR G 57 16.31 10.15 -40.74
N LYS G 58 15.06 9.67 -40.84
CA LYS G 58 14.39 8.96 -39.74
C LYS G 58 14.24 7.44 -39.96
N LYS G 59 14.61 6.94 -41.15
CA LYS G 59 14.55 5.49 -41.49
C LYS G 59 13.13 4.92 -41.43
N ASN G 60 12.35 5.18 -42.48
CA ASN G 60 10.95 4.74 -42.57
C ASN G 60 10.06 5.35 -41.47
N ALA G 61 9.69 6.61 -41.69
CA ALA G 61 8.82 7.37 -40.79
C ALA G 61 7.39 7.53 -41.33
N GLY G 62 7.04 6.76 -42.36
CA GLY G 62 5.74 6.85 -43.02
C GLY G 62 4.67 5.95 -42.41
N GLN G 63 5.07 4.73 -42.02
CA GLN G 63 4.14 3.76 -41.41
C GLN G 63 3.60 4.22 -40.06
N PHE G 64 2.38 3.79 -39.74
CA PHE G 64 1.70 4.19 -38.52
C PHE G 64 1.84 3.09 -37.46
N ILE G 65 1.87 3.50 -36.19
CA ILE G 65 2.05 2.58 -35.06
C ILE G 65 0.69 2.02 -34.67
N LYS G 66 0.60 0.69 -34.53
CA LYS G 66 -0.66 0.02 -34.19
C LYS G 66 -1.05 0.37 -32.77
N GLY G 67 -2.31 0.75 -32.58
CA GLY G 67 -2.83 1.09 -31.26
C GLY G 67 -2.09 2.26 -30.65
N SER G 68 -2.18 3.41 -31.31
CA SER G 68 -1.48 4.61 -30.90
C SER G 68 -2.50 5.67 -30.49
N LEU G 69 -2.19 6.42 -29.44
CA LEU G 69 -3.14 7.33 -28.81
C LEU G 69 -2.39 8.35 -27.96
N LEU G 70 -2.56 9.62 -28.32
CA LEU G 70 -1.80 10.74 -27.77
C LEU G 70 -2.77 11.88 -27.54
N ILE G 71 -2.89 12.32 -26.29
CA ILE G 71 -3.87 13.34 -25.94
C ILE G 71 -3.17 14.58 -25.44
N LEU G 72 -3.47 15.71 -26.08
CA LEU G 72 -2.89 16.98 -25.67
C LEU G 72 -4.00 17.90 -25.15
N PRO G 73 -4.10 18.07 -23.82
CA PRO G 73 -5.03 19.07 -23.32
C PRO G 73 -4.42 20.44 -23.45
N MET G 74 -5.24 21.42 -23.81
CA MET G 74 -4.81 22.81 -23.77
C MET G 74 -5.98 23.74 -23.51
N ARG G 75 -5.64 24.97 -23.16
CA ARG G 75 -6.62 26.00 -22.91
C ARG G 75 -6.16 27.30 -23.58
N THR G 76 -7.10 27.97 -24.23
CA THR G 76 -6.85 29.23 -24.94
C THR G 76 -7.89 30.24 -24.49
N GLU G 77 -7.45 31.47 -24.23
CA GLU G 77 -8.35 32.55 -23.87
C GLU G 77 -9.17 33.04 -25.09
N ASP G 78 -8.50 33.14 -26.24
CA ASP G 78 -9.14 33.57 -27.51
C ASP G 78 -9.63 32.38 -28.35
N LYS G 79 -10.94 32.13 -28.35
CA LYS G 79 -11.55 31.05 -29.15
C LYS G 79 -11.46 31.31 -30.65
N GLN G 80 -11.78 32.55 -31.04
CA GLN G 80 -11.76 32.95 -32.44
C GLN G 80 -10.37 32.88 -33.06
N GLN G 81 -9.34 33.10 -32.23
CA GLN G 81 -7.95 32.97 -32.65
C GLN G 81 -7.60 31.50 -32.97
N PHE G 82 -7.93 30.59 -32.05
CA PHE G 82 -7.57 29.16 -32.19
C PHE G 82 -8.37 28.47 -33.28
N ASP G 83 -9.65 28.82 -33.39
CA ASP G 83 -10.59 28.06 -34.23
C ASP G 83 -10.21 28.08 -35.71
N GLU G 84 -9.55 29.16 -36.13
CA GLU G 84 -9.01 29.22 -37.49
C GLU G 84 -7.75 28.37 -37.63
N CYS G 85 -7.00 28.24 -36.54
CA CYS G 85 -5.74 27.51 -36.59
C CYS G 85 -5.97 26.00 -36.65
N MET G 86 -6.93 25.51 -35.86
CA MET G 86 -7.33 24.11 -35.96
C MET G 86 -7.98 23.82 -37.30
N ASP G 87 -8.74 24.79 -37.81
CA ASP G 87 -9.37 24.64 -39.12
C ASP G 87 -8.30 24.57 -40.22
N GLU G 88 -7.24 25.36 -40.06
CA GLU G 88 -6.08 25.25 -40.94
C GLU G 88 -5.39 23.90 -40.75
N LEU G 89 -5.40 23.41 -39.51
CA LEU G 89 -4.72 22.16 -39.19
C LEU G 89 -5.58 20.93 -39.52
N HIS G 90 -6.91 21.07 -39.55
CA HIS G 90 -7.81 19.99 -40.02
C HIS G 90 -7.73 19.81 -41.55
N LYS G 91 -7.07 20.73 -42.26
CA LYS G 91 -6.84 20.63 -43.70
C LYS G 91 -6.01 19.41 -44.16
N TYR G 92 -5.14 18.88 -43.30
CA TYR G 92 -4.19 17.82 -43.69
C TYR G 92 -4.23 16.48 -42.92
N ILE G 93 -4.92 16.43 -41.78
CA ILE G 93 -4.86 15.27 -40.88
C ILE G 93 -6.07 14.33 -41.00
N SER G 94 -7.14 14.79 -41.64
CA SER G 94 -8.22 13.93 -42.14
C SER G 94 -9.25 13.45 -41.11
N LYS G 95 -9.39 14.15 -39.99
CA LYS G 95 -10.50 13.96 -39.03
C LYS G 95 -10.60 12.60 -38.30
N ASP G 96 -10.06 11.53 -38.88
CA ASP G 96 -10.00 10.22 -38.23
C ASP G 96 -8.76 10.14 -37.31
N ILE G 97 -7.64 10.65 -37.79
CA ILE G 97 -6.35 10.59 -37.08
C ILE G 97 -6.32 11.56 -35.90
N LEU G 98 -6.89 12.76 -36.10
CA LEU G 98 -6.93 13.82 -35.09
C LEU G 98 -8.36 14.25 -34.86
N ARG G 99 -8.73 14.54 -33.61
CA ARG G 99 -10.06 15.08 -33.30
C ARG G 99 -9.96 16.17 -32.23
N CYS G 100 -10.81 17.20 -32.34
CA CYS G 100 -10.85 18.31 -31.38
C CYS G 100 -12.13 18.19 -30.52
N TYR G 101 -11.98 17.86 -29.24
CA TYR G 101 -13.14 17.72 -28.33
C TYR G 101 -13.22 18.88 -27.31
N PRO G 102 -14.17 19.82 -27.51
CA PRO G 102 -14.30 20.94 -26.55
C PRO G 102 -15.06 20.59 -25.26
N GLN G 103 -14.53 21.02 -24.11
CA GLN G 103 -15.23 20.91 -22.82
C GLN G 103 -15.62 22.32 -22.36
N LYS G 104 -16.92 22.62 -22.30
CA LYS G 104 -17.44 23.98 -22.01
C LYS G 104 -18.18 24.11 -20.65
N GLU G 105 -17.75 25.10 -19.85
CA GLU G 105 -18.38 25.46 -18.56
C GLU G 105 -18.60 26.98 -18.49
N MET G 111 -11.70 28.80 -21.76
CA MET G 111 -11.99 27.69 -22.66
C MET G 111 -10.91 26.61 -22.61
N LEU G 112 -11.32 25.35 -22.79
CA LEU G 112 -10.43 24.18 -22.75
C LEU G 112 -10.77 23.19 -23.87
N PHE G 113 -9.79 22.90 -24.73
CA PHE G 113 -9.95 21.94 -25.82
C PHE G 113 -9.10 20.70 -25.54
N TYR G 114 -9.65 19.52 -25.78
CA TYR G 114 -8.87 18.28 -25.81
C TYR G 114 -8.53 17.96 -27.26
N ILE G 115 -7.23 17.98 -27.56
CA ILE G 115 -6.69 17.59 -28.85
C ILE G 115 -6.25 16.15 -28.73
N VAL G 116 -7.09 15.25 -29.23
CA VAL G 116 -6.80 13.84 -29.25
C VAL G 116 -6.14 13.53 -30.56
N LEU G 117 -5.13 12.66 -30.50
CA LEU G 117 -4.43 12.24 -31.69
C LEU G 117 -4.22 10.73 -31.61
N LYS G 118 -4.70 9.98 -32.60
CA LYS G 118 -4.62 8.52 -32.56
C LYS G 118 -4.45 7.83 -33.92
N ASP G 119 -3.89 6.62 -33.90
CA ASP G 119 -3.55 5.83 -35.11
C ASP G 119 -2.60 6.57 -36.07
N PHE G 120 -1.62 7.27 -35.49
CA PHE G 120 -0.81 8.24 -36.25
C PHE G 120 0.50 7.67 -36.81
N ASN G 121 1.00 8.28 -37.88
CA ASN G 121 2.38 8.07 -38.35
C ASN G 121 3.31 8.95 -37.50
N ILE G 122 4.51 8.47 -37.21
CA ILE G 122 5.54 9.24 -36.49
C ILE G 122 5.74 10.60 -37.13
N LEU G 123 5.75 10.63 -38.46
CA LEU G 123 5.90 11.85 -39.21
C LEU G 123 4.67 12.76 -39.10
N ASP G 124 3.52 12.17 -38.82
CA ASP G 124 2.31 12.93 -38.62
C ASP G 124 2.33 13.58 -37.23
N SER G 125 2.85 12.87 -36.25
CA SER G 125 2.85 13.39 -34.89
C SER G 125 3.88 14.49 -34.69
N CYS G 126 4.98 14.43 -35.43
CA CYS G 126 5.96 15.51 -35.43
C CYS G 126 5.35 16.80 -35.98
N PHE G 127 4.41 16.64 -36.91
CA PHE G 127 3.80 17.78 -37.58
C PHE G 127 2.87 18.57 -36.66
N VAL G 128 1.99 17.86 -35.96
CA VAL G 128 0.88 18.50 -35.26
C VAL G 128 1.36 19.23 -34.00
N LEU G 129 2.28 18.62 -33.28
CA LEU G 129 2.77 19.23 -32.03
C LEU G 129 3.54 20.52 -32.29
N SER G 130 4.32 20.54 -33.37
CA SER G 130 5.10 21.73 -33.70
C SER G 130 4.21 22.86 -34.20
N VAL G 131 3.07 22.51 -34.79
CA VAL G 131 2.09 23.53 -35.13
C VAL G 131 1.43 24.07 -33.86
N LEU G 132 1.02 23.17 -32.97
CA LEU G 132 0.20 23.57 -31.83
C LEU G 132 1.00 24.28 -30.77
N LEU G 133 2.17 23.76 -30.44
CA LEU G 133 2.98 24.35 -29.37
C LEU G 133 3.56 25.70 -29.79
N ALA G 134 3.78 25.90 -31.08
CA ALA G 134 4.21 27.20 -31.58
C ALA G 134 3.05 28.20 -31.57
N PHE G 135 1.84 27.70 -31.74
CA PHE G 135 0.67 28.56 -31.72
C PHE G 135 0.36 29.04 -30.29
N GLN G 136 0.53 28.15 -29.32
CA GLN G 136 0.20 28.45 -27.94
C GLN G 136 1.09 29.54 -27.38
N LYS G 137 2.34 29.56 -27.81
CA LYS G 137 3.30 30.54 -27.32
C LYS G 137 3.24 31.85 -28.10
N ARG G 138 2.70 31.81 -29.32
CA ARG G 138 2.64 33.01 -30.17
C ARG G 138 1.83 34.17 -29.57
N LEU G 139 0.69 33.85 -28.95
CA LEU G 139 -0.20 34.87 -28.36
C LEU G 139 0.53 35.90 -27.48
N TRP G 140 1.56 35.44 -26.76
CA TRP G 140 2.36 36.29 -25.86
C TRP G 140 3.59 36.95 -26.53
N MET G 141 4.27 36.23 -27.41
CA MET G 141 5.53 36.72 -28.02
C MET G 141 5.29 37.66 -29.19
N ALA G 142 4.78 37.11 -30.30
CA ALA G 142 4.63 37.84 -31.57
C ALA G 142 3.16 37.82 -31.99
N PRO G 143 2.30 38.62 -31.32
CA PRO G 143 0.87 38.66 -31.66
C PRO G 143 0.57 39.27 -33.05
N SER G 144 1.49 40.07 -33.57
CA SER G 144 1.38 40.66 -34.90
C SER G 144 1.74 39.71 -36.07
N GLU G 145 2.42 38.60 -35.78
CA GLU G 145 2.90 37.68 -36.83
C GLU G 145 1.77 37.00 -37.61
N LYS G 146 1.00 36.14 -36.92
CA LYS G 146 -0.20 35.48 -37.47
C LYS G 146 0.03 34.70 -38.80
N SER G 147 1.13 33.94 -38.86
CA SER G 147 1.45 33.07 -40.00
C SER G 147 1.69 31.64 -39.50
N TYR G 148 0.65 30.81 -39.56
CA TYR G 148 0.53 29.58 -38.74
C TYR G 148 1.66 28.54 -38.83
N PHE G 149 2.25 28.38 -40.01
CA PHE G 149 3.25 27.33 -40.24
C PHE G 149 4.71 27.77 -40.12
N ARG G 150 5.00 29.03 -40.45
CA ARG G 150 6.33 29.60 -40.25
C ARG G 150 6.49 30.06 -38.79
N VAL G 151 7.30 29.33 -38.01
CA VAL G 151 7.51 29.63 -36.58
C VAL G 151 8.44 30.84 -36.44
N PRO G 152 8.08 31.84 -35.59
CA PRO G 152 9.02 32.95 -35.36
C PRO G 152 10.24 32.53 -34.54
N LYS G 153 11.40 33.12 -34.85
CA LYS G 153 12.68 32.70 -34.28
C LYS G 153 12.83 33.07 -32.80
N ASN G 154 13.78 32.42 -32.14
CA ASN G 154 14.04 32.56 -30.70
C ASN G 154 12.80 32.24 -29.82
N ILE G 155 12.03 31.24 -30.23
CA ILE G 155 10.90 30.69 -29.46
C ILE G 155 11.21 29.24 -29.15
N ASN G 156 11.44 28.94 -27.88
CA ASN G 156 11.65 27.58 -27.42
C ASN G 156 10.29 26.89 -27.17
N LEU G 157 10.10 25.72 -27.79
CA LEU G 157 8.85 24.98 -27.65
C LEU G 157 8.82 24.23 -26.34
N THR G 158 7.73 24.41 -25.58
CA THR G 158 7.46 23.65 -24.37
C THR G 158 5.96 23.34 -24.31
N GLY G 159 5.59 22.44 -23.41
CA GLY G 159 4.22 21.95 -23.28
C GLY G 159 4.23 20.59 -22.65
N SER G 160 3.12 19.89 -22.71
CA SER G 160 3.05 18.55 -22.15
C SER G 160 1.95 17.75 -22.83
N PHE G 161 2.27 16.50 -23.13
CA PHE G 161 1.30 15.60 -23.72
C PHE G 161 1.18 14.35 -22.85
N TYR G 162 0.01 13.73 -22.91
CA TYR G 162 -0.32 12.55 -22.16
C TYR G 162 -0.27 11.30 -23.03
N LEU G 163 0.00 10.18 -22.40
CA LEU G 163 -0.05 8.88 -23.06
C LEU G 163 -0.67 7.84 -22.10
N PRO G 164 -1.21 6.75 -22.67
CA PRO G 164 -1.65 5.64 -21.86
C PRO G 164 -0.52 5.09 -20.97
N LYS G 165 -0.84 4.70 -19.74
CA LYS G 165 0.14 4.15 -18.78
C LYS G 165 0.82 2.90 -19.32
N ASN G 166 0.06 2.08 -20.05
CA ASN G 166 0.58 0.84 -20.67
C ASN G 166 1.40 1.07 -21.95
N ILE G 167 2.64 1.52 -21.77
CA ILE G 167 3.59 1.77 -22.87
C ILE G 167 4.93 1.09 -22.54
N GLU G 168 5.60 0.59 -23.56
CA GLU G 168 6.86 -0.14 -23.41
C GLU G 168 8.00 0.76 -23.91
N THR G 169 8.77 1.33 -22.99
CA THR G 169 9.87 2.25 -23.36
C THR G 169 11.09 1.50 -23.94
N SER G 185 18.29 13.91 -22.77
CA SER G 185 17.21 13.99 -23.76
C SER G 185 16.24 15.14 -23.43
N SER G 186 15.58 15.64 -24.46
CA SER G 186 14.60 16.74 -24.33
C SER G 186 13.25 16.29 -23.76
N ILE G 187 12.70 15.18 -24.28
CA ILE G 187 11.43 14.64 -23.79
C ILE G 187 11.68 13.70 -22.60
N VAL G 188 10.97 13.91 -21.50
CA VAL G 188 11.15 13.15 -20.26
C VAL G 188 9.82 12.68 -19.67
N GLU G 189 9.77 11.45 -19.17
CA GLU G 189 8.62 10.99 -18.39
C GLU G 189 8.66 11.67 -17.01
N VAL G 190 7.50 11.90 -16.41
CA VAL G 190 7.42 12.58 -15.11
C VAL G 190 7.39 11.61 -13.92
N GLY G 191 7.71 12.14 -12.73
CA GLY G 191 7.49 11.44 -11.45
C GLY G 191 6.36 12.15 -10.72
N PHE G 192 5.46 11.38 -10.10
CA PHE G 192 4.27 11.93 -9.44
C PHE G 192 3.31 12.61 -10.42
N ASN G 193 2.47 11.80 -11.05
CA ASN G 193 1.47 12.28 -12.03
C ASN G 193 0.05 12.20 -11.45
N VAL G 194 -0.87 12.89 -12.14
CA VAL G 194 -2.18 13.21 -11.59
C VAL G 194 -3.27 12.30 -12.13
N VAL G 195 -3.42 12.31 -13.45
CA VAL G 195 -4.44 11.49 -14.11
C VAL G 195 -4.08 10.01 -13.92
N PRO G 196 -5.00 9.22 -13.35
CA PRO G 196 -4.66 7.88 -12.86
C PRO G 196 -4.11 6.90 -13.90
N ASP G 197 -4.88 6.62 -14.94
CA ASP G 197 -4.54 5.52 -15.87
C ASP G 197 -3.59 5.96 -17.01
N PHE G 198 -3.17 7.23 -17.01
CA PHE G 198 -2.30 7.79 -18.05
C PHE G 198 -0.94 8.18 -17.49
N GLN G 199 0.01 8.50 -18.38
CA GLN G 199 1.31 9.04 -17.98
C GLN G 199 1.70 10.20 -18.86
N GLN G 200 1.93 11.37 -18.25
CA GLN G 200 2.27 12.58 -19.00
C GLN G 200 3.77 12.79 -19.12
N PHE G 201 4.14 13.47 -20.20
CA PHE G 201 5.51 13.75 -20.56
C PHE G 201 5.69 15.24 -20.76
N GLN G 202 6.93 15.69 -20.67
CA GLN G 202 7.32 17.09 -20.66
C GLN G 202 8.30 17.34 -21.81
N VAL G 203 8.00 18.33 -22.64
CA VAL G 203 8.90 18.77 -23.73
C VAL G 203 9.57 20.08 -23.30
N LYS G 204 10.86 20.24 -23.61
CA LYS G 204 11.60 21.45 -23.25
C LYS G 204 12.68 21.85 -24.29
N ALA G 205 12.49 21.47 -25.55
CA ALA G 205 13.49 21.66 -26.62
C ALA G 205 13.57 23.12 -27.05
N CYS G 206 14.78 23.60 -27.26
CA CYS G 206 15.03 24.99 -27.65
C CYS G 206 14.57 25.26 -29.09
N HIS G 207 15.23 24.63 -30.06
CA HIS G 207 14.93 24.85 -31.47
C HIS G 207 13.72 24.04 -31.93
N VAL G 208 13.24 24.34 -33.13
CA VAL G 208 12.22 23.55 -33.81
C VAL G 208 12.84 22.41 -34.62
N SER G 209 14.08 22.60 -35.09
CA SER G 209 14.86 21.54 -35.74
C SER G 209 15.22 20.38 -34.79
N LYS G 210 15.62 20.73 -33.56
CA LYS G 210 16.00 19.74 -32.55
C LYS G 210 14.76 19.07 -31.96
N PHE G 211 13.62 19.77 -32.02
CA PHE G 211 12.38 19.24 -31.48
C PHE G 211 11.87 18.06 -32.29
N MET G 212 12.03 18.11 -33.60
CA MET G 212 11.64 17.01 -34.47
C MET G 212 12.50 15.79 -34.20
N ASN G 213 13.80 16.00 -33.98
CA ASN G 213 14.76 14.91 -33.92
C ASN G 213 14.56 14.11 -32.64
N GLU G 214 14.30 14.80 -31.53
CA GLU G 214 14.05 14.10 -30.27
C GLU G 214 12.71 13.36 -30.31
N LEU G 215 11.73 13.96 -30.98
CA LEU G 215 10.41 13.36 -31.03
C LEU G 215 10.41 12.15 -31.95
N SER G 216 11.13 12.24 -33.06
CA SER G 216 11.23 11.09 -33.97
C SER G 216 12.18 10.01 -33.43
N ASN G 217 13.03 10.33 -32.45
CA ASN G 217 13.78 9.31 -31.70
C ASN G 217 13.03 8.78 -30.47
N PHE G 218 12.01 9.49 -30.01
CA PHE G 218 11.13 9.00 -28.95
C PHE G 218 10.22 7.90 -29.48
N PHE G 219 9.45 8.21 -30.51
CA PHE G 219 8.45 7.27 -31.03
C PHE G 219 9.01 6.02 -31.73
N SER G 220 10.30 6.01 -32.07
CA SER G 220 10.96 4.78 -32.52
C SER G 220 11.07 3.75 -31.40
N GLN G 221 11.44 4.23 -30.20
CA GLN G 221 11.64 3.35 -29.04
C GLN G 221 10.35 2.82 -28.43
N VAL G 222 9.38 3.71 -28.18
CA VAL G 222 8.10 3.31 -27.54
C VAL G 222 7.21 2.52 -28.51
N GLU G 223 6.56 1.51 -27.96
CA GLU G 223 5.77 0.57 -28.72
C GLU G 223 4.67 0.15 -27.79
N PHE G 224 3.42 0.42 -28.15
CA PHE G 224 2.33 0.31 -27.18
C PHE G 224 1.01 0.00 -27.82
N GLY G 225 0.10 -0.53 -27.01
CA GLY G 225 -1.19 -0.90 -27.53
C GLY G 225 -2.23 -1.39 -26.53
N LYS G 226 -3.29 -1.95 -27.11
CA LYS G 226 -4.45 -2.49 -26.41
C LYS G 226 -5.06 -1.44 -25.51
N CYS G 227 -5.46 -0.34 -26.11
CA CYS G 227 -6.24 0.67 -25.42
C CYS G 227 -7.69 0.41 -25.74
N GLU G 228 -8.54 0.64 -24.76
CA GLU G 228 -9.97 0.40 -24.87
C GLU G 228 -10.60 1.40 -25.87
N ALA G 229 -11.83 1.14 -26.33
CA ALA G 229 -12.50 1.99 -27.35
C ALA G 229 -12.76 3.45 -26.91
N ASN G 230 -13.45 3.65 -25.78
CA ASN G 230 -13.75 4.99 -25.25
C ASN G 230 -12.84 5.48 -24.09
N VAL G 231 -11.53 5.29 -24.23
CA VAL G 231 -10.55 5.75 -23.24
C VAL G 231 -10.58 7.27 -23.08
N ILE G 232 -10.84 7.97 -24.18
CA ILE G 232 -10.91 9.43 -24.19
C ILE G 232 -12.01 9.92 -23.24
N ASN G 233 -13.11 9.17 -23.16
CA ASN G 233 -14.19 9.54 -22.24
C ASN G 233 -13.83 9.27 -20.79
N TYR G 234 -12.78 8.49 -20.55
CA TYR G 234 -12.28 8.30 -19.20
C TYR G 234 -11.33 9.43 -18.80
N PHE G 235 -10.64 10.00 -19.78
CA PHE G 235 -9.68 11.05 -19.50
C PHE G 235 -10.39 12.36 -19.13
N LYS G 236 -11.49 12.67 -19.80
CA LYS G 236 -12.27 13.85 -19.47
C LYS G 236 -12.89 13.72 -18.10
N ARG G 237 -13.26 12.50 -17.69
CA ARG G 237 -13.86 12.30 -16.39
C ARG G 237 -12.81 12.41 -15.28
N GLU G 238 -11.54 12.28 -15.63
CA GLU G 238 -10.48 12.44 -14.65
C GLU G 238 -9.87 13.84 -14.66
N TYR G 239 -9.55 14.34 -15.84
CA TYR G 239 -8.83 15.59 -15.97
C TYR G 239 -9.70 16.78 -15.61
N ASN G 240 -11.02 16.67 -15.82
CA ASN G 240 -11.93 17.67 -15.30
C ASN G 240 -12.01 17.55 -13.79
N ARG G 241 -11.97 16.32 -13.28
CA ARG G 241 -12.18 16.12 -11.84
C ARG G 241 -11.00 16.60 -11.02
N THR G 242 -9.79 16.46 -11.55
CA THR G 242 -8.61 16.89 -10.79
C THR G 242 -8.44 18.40 -10.76
N TYR G 243 -9.06 19.14 -11.67
CA TYR G 243 -9.11 20.61 -11.61
C TYR G 243 -10.42 21.12 -11.08
N SER G 244 -11.43 20.25 -11.03
CA SER G 244 -12.61 20.51 -10.23
C SER G 244 -12.26 20.54 -8.75
N GLN G 245 -11.24 19.77 -8.35
CA GLN G 245 -10.85 19.71 -6.97
C GLN G 245 -10.02 20.91 -6.56
N ILE G 246 -9.25 21.48 -7.49
CA ILE G 246 -8.40 22.60 -7.12
C ILE G 246 -9.21 23.90 -7.10
N SER G 247 -10.23 23.99 -7.95
CA SER G 247 -11.09 25.17 -7.97
C SER G 247 -11.91 25.21 -6.70
N LEU G 248 -12.33 24.04 -6.23
CA LEU G 248 -13.00 23.93 -4.94
C LEU G 248 -12.00 24.12 -3.81
N ALA G 249 -10.72 23.96 -4.08
CA ALA G 249 -9.72 24.15 -3.03
C ALA G 249 -9.44 25.63 -2.79
N LEU G 250 -9.45 26.42 -3.85
CA LEU G 250 -9.27 27.86 -3.71
C LEU G 250 -10.50 28.50 -3.09
N TYR G 251 -11.68 27.89 -3.28
CA TYR G 251 -12.89 28.47 -2.71
C TYR G 251 -12.96 28.20 -1.22
N GLU G 252 -12.20 27.24 -0.72
CA GLU G 252 -12.10 27.03 0.72
C GLU G 252 -11.23 28.08 1.40
N LEU G 253 -10.36 28.73 0.63
CA LEU G 253 -9.27 29.54 1.16
C LEU G 253 -9.67 30.69 2.11
N PRO G 254 -10.67 31.51 1.74
CA PRO G 254 -11.06 32.63 2.62
C PRO G 254 -11.86 32.23 3.86
N LEU G 255 -12.28 30.96 3.94
CA LEU G 255 -13.21 30.52 4.97
C LEU G 255 -12.66 29.37 5.80
N ILE G 256 -11.33 29.35 5.98
CA ILE G 256 -10.67 28.33 6.81
C ILE G 256 -10.93 28.60 8.30
N GLY G 257 -10.94 29.88 8.69
CA GLY G 257 -11.32 30.27 10.04
C GLY G 257 -12.83 30.26 10.29
N ASP G 258 -13.38 29.08 10.60
CA ASP G 258 -14.75 28.89 11.13
C ASP G 258 -15.86 28.85 10.07
N GLY G 259 -15.51 29.02 8.80
CA GLY G 259 -16.43 28.74 7.71
C GLY G 259 -16.82 27.27 7.66
N LEU G 260 -15.93 26.38 8.10
CA LEU G 260 -16.18 24.94 8.07
C LEU G 260 -15.25 24.10 8.96
N PHE G 261 -14.91 24.59 10.16
CA PHE G 261 -14.09 23.79 11.09
C PHE G 261 -14.66 23.52 12.48
N ASP G 262 -15.62 24.33 12.96
CA ASP G 262 -16.08 24.26 14.36
C ASP G 262 -14.96 24.61 15.32
N ILE G 263 -14.55 25.87 15.25
CA ILE G 263 -13.36 26.32 15.97
C ILE G 263 -13.60 26.33 17.48
N LYS G 264 -14.86 26.53 17.87
CA LYS G 264 -15.20 26.70 19.27
C LYS G 264 -14.93 25.43 20.09
N SER G 265 -15.24 24.26 19.52
CA SER G 265 -14.88 23.01 20.14
C SER G 265 -13.37 22.78 20.06
N TYR G 266 -12.78 23.25 18.98
CA TYR G 266 -11.35 23.07 18.74
C TYR G 266 -10.52 23.93 19.67
N ILE G 267 -10.94 25.17 19.88
CA ILE G 267 -10.23 26.07 20.78
C ILE G 267 -10.30 25.56 22.21
N SER G 268 -11.44 24.99 22.59
CA SER G 268 -11.60 24.47 23.94
C SER G 268 -10.71 23.25 24.21
N LYS G 269 -10.19 22.64 23.16
CA LYS G 269 -9.42 21.42 23.30
C LYS G 269 -7.90 21.65 23.22
N THR G 270 -7.46 22.67 22.48
CA THR G 270 -6.03 22.97 22.30
C THR G 270 -5.47 24.05 23.25
N ARG G 271 -6.33 24.93 23.75
CA ARG G 271 -5.88 26.00 24.66
C ARG G 271 -5.25 25.50 25.97
N PRO G 272 -5.81 24.43 26.58
CA PRO G 272 -5.13 23.84 27.76
C PRO G 272 -3.72 23.36 27.49
N ILE G 273 -3.46 22.80 26.31
CA ILE G 273 -2.16 22.16 26.01
C ILE G 273 -1.09 23.10 25.41
N ILE G 274 -1.51 24.13 24.68
CA ILE G 274 -0.56 25.15 24.20
C ILE G 274 -0.12 26.08 25.35
N GLU G 275 -0.96 26.26 26.37
CA GLU G 275 -0.55 26.94 27.63
C GLU G 275 0.58 26.20 28.36
N THR G 276 0.58 24.87 28.27
CA THR G 276 1.66 24.05 28.81
C THR G 276 2.85 24.03 27.86
N SER G 277 2.60 23.99 26.56
CA SER G 277 3.70 23.95 25.59
C SER G 277 4.42 25.31 25.50
N LYS G 278 3.73 26.37 25.89
CA LYS G 278 4.38 27.65 26.09
C LYS G 278 5.25 27.61 27.35
N ALA G 279 4.75 26.95 28.39
CA ALA G 279 5.47 26.89 29.65
C ALA G 279 6.69 25.97 29.57
N GLN G 280 6.72 25.09 28.58
CA GLN G 280 7.87 24.22 28.39
C GLN G 280 8.98 24.88 27.58
N MET G 281 8.69 26.01 26.94
CA MET G 281 9.69 26.80 26.19
C MET G 281 10.30 27.91 27.05
N ILE G 282 9.49 28.64 27.81
CA ILE G 282 10.01 29.63 28.78
C ILE G 282 10.82 28.97 29.91
N LYS G 283 10.44 27.73 30.26
CA LYS G 283 11.24 26.91 31.16
C LYS G 283 12.54 26.49 30.47
N HIS G 284 12.46 26.29 29.16
CA HIS G 284 13.61 25.81 28.40
C HIS G 284 14.68 26.85 28.22
N ILE G 285 14.28 28.11 28.06
CA ILE G 285 15.27 29.17 27.85
C ILE G 285 16.12 29.40 29.09
N SER G 286 15.46 29.46 30.26
CA SER G 286 16.17 29.54 31.52
C SER G 286 17.03 28.30 31.77
N GLU G 287 16.54 27.14 31.32
CA GLU G 287 17.32 25.91 31.42
C GLU G 287 18.44 25.92 30.40
N MET G 288 18.28 26.68 29.32
CA MET G 288 19.36 26.84 28.34
C MET G 288 20.31 27.96 28.76
N LYS G 289 19.80 28.93 29.50
CA LYS G 289 20.64 30.03 29.99
C LYS G 289 21.62 29.55 31.05
N ALA G 290 21.20 28.58 31.86
CA ALA G 290 22.07 28.01 32.88
C ALA G 290 23.22 27.22 32.26
N TYR G 291 23.01 26.70 31.07
CA TYR G 291 24.03 25.92 30.40
C TYR G 291 25.11 26.82 29.79
N ASN G 292 24.72 27.92 29.18
CA ASN G 292 25.69 28.76 28.49
C ASN G 292 26.52 29.62 29.45
N GLU G 293 25.94 30.03 30.59
CA GLU G 293 26.61 30.94 31.54
C GLU G 293 26.66 30.38 32.97
N MET H 1 -33.39 10.42 -4.88
CA MET H 1 -33.89 9.63 -3.71
C MET H 1 -35.17 10.28 -3.19
N ARG H 2 -35.69 9.76 -2.07
CA ARG H 2 -36.93 10.29 -1.45
C ARG H 2 -36.61 10.78 -0.03
N ASP H 3 -37.08 11.98 0.32
CA ASP H 3 -36.86 12.59 1.66
C ASP H 3 -35.36 12.72 1.95
N ILE H 4 -34.56 13.11 0.95
CA ILE H 4 -33.09 13.29 1.14
C ILE H 4 -32.56 14.15 -0.02
N VAL H 5 -31.58 15.01 0.27
CA VAL H 5 -31.02 15.89 -0.76
C VAL H 5 -29.56 16.11 -0.43
N PHE H 6 -28.74 16.27 -1.46
CA PHE H 6 -27.29 16.29 -1.34
C PHE H 6 -26.80 17.72 -1.50
N VAL H 7 -26.13 18.24 -0.48
CA VAL H 7 -25.73 19.64 -0.43
C VAL H 7 -24.27 19.71 0.02
N SER H 8 -23.53 20.69 -0.51
CA SER H 8 -22.15 20.90 -0.11
C SER H 8 -21.96 22.36 0.28
N PRO H 9 -21.33 22.63 1.41
CA PRO H 9 -21.19 24.03 1.84
C PRO H 9 -20.17 24.80 1.05
N GLN H 10 -19.18 24.13 0.44
CA GLN H 10 -18.13 24.86 -0.26
C GLN H 10 -18.65 25.54 -1.51
N LEU H 11 -19.70 25.00 -2.13
CA LEU H 11 -20.27 25.66 -3.28
C LEU H 11 -21.31 26.70 -2.91
N TYR H 12 -21.79 26.67 -1.67
CA TYR H 12 -22.80 27.61 -1.22
C TYR H 12 -22.22 28.83 -0.56
N LEU H 13 -21.20 28.67 0.28
CA LEU H 13 -20.61 29.83 0.93
C LEU H 13 -19.84 30.69 -0.05
N SER H 14 -19.29 30.08 -1.11
CA SER H 14 -18.74 30.87 -2.19
C SER H 14 -19.79 31.33 -3.19
N SER H 15 -21.05 30.92 -2.97
CA SER H 15 -22.22 31.28 -3.79
C SER H 15 -22.04 30.89 -5.25
N GLN H 16 -21.92 29.59 -5.46
CA GLN H 16 -21.79 29.01 -6.79
C GLN H 16 -23.00 28.17 -7.11
N GLU H 17 -23.08 27.79 -8.39
CA GLU H 17 -24.25 27.10 -8.89
C GLU H 17 -24.14 25.60 -8.65
N GLY H 18 -25.29 24.97 -8.48
CA GLY H 18 -25.31 23.54 -8.25
C GLY H 18 -24.88 23.16 -6.86
N TRP H 19 -25.14 24.02 -5.87
CA TRP H 19 -24.76 23.70 -4.51
C TRP H 19 -25.68 22.68 -3.87
N LYS H 20 -26.85 22.44 -4.44
CA LYS H 20 -27.66 21.28 -4.10
C LYS H 20 -27.99 20.52 -5.36
N SER H 21 -28.03 19.21 -5.25
CA SER H 21 -28.59 18.38 -6.30
C SER H 21 -29.21 17.18 -5.62
N ASP H 22 -30.35 16.74 -6.11
CA ASP H 22 -31.05 15.64 -5.47
C ASP H 22 -30.42 14.29 -5.81
N SER H 23 -29.75 14.20 -6.94
CA SER H 23 -29.05 12.96 -7.28
C SER H 23 -27.76 12.84 -6.47
N ALA H 24 -27.27 11.61 -6.37
CA ALA H 24 -26.11 11.29 -5.53
C ALA H 24 -24.84 11.77 -6.22
N LYS H 25 -24.55 13.05 -6.06
CA LYS H 25 -23.37 13.62 -6.70
C LYS H 25 -22.17 13.47 -5.75
N SER H 26 -20.97 13.72 -6.27
CA SER H 26 -19.74 13.43 -5.55
C SER H 26 -19.25 14.63 -4.77
N GLY H 27 -19.00 14.43 -3.47
CA GLY H 27 -18.58 15.49 -2.60
C GLY H 27 -19.68 16.24 -1.90
N PHE H 28 -20.92 15.76 -2.00
CA PHE H 28 -22.07 16.41 -1.40
C PHE H 28 -22.54 15.59 -0.21
N ILE H 29 -23.19 16.26 0.74
CA ILE H 29 -23.59 15.67 2.01
C ILE H 29 -25.10 15.47 2.01
N PRO H 30 -25.61 14.29 2.38
CA PRO H 30 -27.07 14.06 2.30
C PRO H 30 -27.80 14.58 3.53
N ILE H 31 -28.60 15.64 3.36
CA ILE H 31 -29.45 16.17 4.43
C ILE H 31 -30.90 15.93 4.07
N LEU H 32 -31.75 16.00 5.08
CA LEU H 32 -33.18 15.82 4.87
C LEU H 32 -33.75 16.99 4.06
N LYS H 33 -34.77 16.68 3.24
CA LYS H 33 -35.37 17.70 2.35
C LYS H 33 -35.99 18.82 3.19
N ASN H 34 -36.63 18.46 4.30
CA ASN H 34 -37.26 19.50 5.13
C ASN H 34 -36.22 20.39 5.80
N ASP H 35 -35.00 19.89 6.02
CA ASP H 35 -34.00 20.62 6.77
C ASP H 35 -33.09 21.46 5.90
N LEU H 36 -33.48 21.72 4.65
CA LEU H 36 -32.65 22.59 3.83
C LEU H 36 -32.77 24.03 4.29
N GLN H 37 -33.91 24.40 4.86
CA GLN H 37 -34.03 25.75 5.38
C GLN H 37 -33.25 25.92 6.67
N ARG H 38 -33.23 24.89 7.52
CA ARG H 38 -32.43 24.95 8.72
C ARG H 38 -30.95 24.86 8.39
N PHE H 39 -30.61 24.29 7.25
CA PHE H 39 -29.25 24.39 6.73
C PHE H 39 -28.89 25.82 6.36
N GLN H 40 -29.71 26.45 5.52
CA GLN H 40 -29.42 27.82 5.02
C GLN H 40 -29.37 28.84 6.16
N ASP H 41 -30.23 28.70 7.17
CA ASP H 41 -30.29 29.69 8.28
C ASP H 41 -28.97 29.75 9.05
N SER H 42 -28.34 28.60 9.30
CA SER H 42 -27.05 28.56 10.07
C SER H 42 -25.92 29.28 9.35
N LEU H 43 -25.86 29.18 8.01
CA LEU H 43 -24.76 29.78 7.20
C LEU H 43 -25.06 31.24 6.82
N LYS H 44 -26.16 31.81 7.31
CA LYS H 44 -26.55 33.19 6.95
C LYS H 44 -25.50 34.21 7.37
N HIS H 45 -24.92 34.07 8.58
CA HIS H 45 -23.93 35.07 9.07
C HIS H 45 -22.70 35.11 8.16
N ILE H 46 -22.19 33.95 7.77
CA ILE H 46 -21.03 33.82 6.90
C ILE H 46 -21.34 34.29 5.50
N VAL H 47 -22.57 34.11 5.04
CA VAL H 47 -23.00 34.70 3.77
C VAL H 47 -23.11 36.23 3.90
N ASP H 48 -23.43 36.74 5.09
CA ASP H 48 -23.40 38.19 5.29
C ASP H 48 -21.98 38.75 5.28
N ALA H 49 -21.01 37.97 5.78
CA ALA H 49 -19.61 38.38 5.70
C ALA H 49 -19.09 38.30 4.27
N ARG H 50 -19.54 37.29 3.52
CA ARG H 50 -19.16 37.15 2.10
C ARG H 50 -19.77 38.29 1.28
N ASN H 51 -21.01 38.67 1.58
CA ASN H 51 -21.74 39.69 0.83
C ASN H 51 -21.16 41.07 1.10
N SER H 52 -21.17 41.49 2.36
CA SER H 52 -20.68 42.80 2.76
C SER H 52 -19.16 42.86 2.74
N LYS I 3 1.82 -50.14 -22.93
CA LYS I 3 1.84 -49.22 -21.75
C LYS I 3 1.83 -50.03 -20.42
N ILE I 4 0.66 -50.15 -19.78
CA ILE I 4 0.49 -50.94 -18.55
C ILE I 4 -0.53 -52.03 -18.88
N GLN I 5 -0.25 -53.26 -18.45
CA GLN I 5 -1.21 -54.36 -18.62
C GLN I 5 -1.85 -54.73 -17.29
N VAL I 6 -3.15 -54.42 -17.17
CA VAL I 6 -3.95 -54.67 -15.96
C VAL I 6 -4.31 -56.16 -15.88
N ALA I 7 -4.49 -56.67 -14.67
CA ALA I 7 -4.92 -58.07 -14.49
C ALA I 7 -6.30 -58.35 -15.11
N HIS I 8 -6.33 -59.37 -15.96
CA HIS I 8 -7.41 -59.66 -16.92
C HIS I 8 -8.77 -59.83 -16.25
N SER I 9 -8.75 -60.28 -14.99
CA SER I 9 -9.92 -60.25 -14.14
C SER I 9 -9.57 -59.53 -12.85
N SER I 10 -9.61 -58.21 -12.92
CA SER I 10 -9.38 -57.36 -11.76
C SER I 10 -10.49 -56.34 -11.67
N ARG I 11 -11.29 -56.41 -10.61
CA ARG I 11 -12.39 -55.48 -10.40
C ARG I 11 -11.87 -54.20 -9.72
N LEU I 12 -12.77 -53.24 -9.49
CA LEU I 12 -12.44 -51.95 -8.87
C LEU I 12 -11.91 -52.05 -7.41
N ALA I 13 -12.28 -53.11 -6.71
CA ALA I 13 -11.74 -53.38 -5.37
C ALA I 13 -10.26 -53.70 -5.36
N ASN I 14 -9.80 -54.42 -6.37
CA ASN I 14 -8.40 -54.83 -6.46
C ASN I 14 -7.47 -53.65 -6.63
N LEU I 15 -7.77 -52.78 -7.60
CA LEU I 15 -6.82 -51.76 -8.06
C LEU I 15 -6.92 -50.47 -7.25
N ILE I 16 -6.55 -50.60 -5.97
CA ILE I 16 -6.27 -49.48 -5.08
C ILE I 16 -4.83 -49.04 -5.37
N ASP I 17 -4.59 -47.73 -5.29
CA ASP I 17 -3.29 -47.08 -5.53
C ASP I 17 -2.89 -46.95 -7.01
N TYR I 18 -3.62 -47.61 -7.92
CA TYR I 18 -3.39 -47.47 -9.33
C TYR I 18 -3.89 -46.10 -9.73
N LYS I 19 -3.02 -45.30 -10.33
CA LYS I 19 -3.41 -44.03 -10.89
C LYS I 19 -4.41 -44.28 -12.04
N LEU I 20 -5.67 -43.94 -11.78
CA LEU I 20 -6.80 -44.19 -12.69
C LEU I 20 -7.03 -43.03 -13.67
N ARG I 21 -8.01 -43.20 -14.54
CA ARG I 21 -8.39 -42.19 -15.50
C ARG I 21 -9.90 -42.22 -15.69
N VAL I 22 -10.61 -41.53 -14.80
CA VAL I 22 -12.07 -41.61 -14.67
C VAL I 22 -12.75 -40.60 -15.58
N LEU I 23 -13.77 -41.00 -16.30
CA LEU I 23 -14.53 -40.09 -17.20
C LEU I 23 -15.90 -39.72 -16.65
N THR I 24 -16.22 -38.42 -16.65
CA THR I 24 -17.56 -37.95 -16.28
C THR I 24 -18.40 -37.71 -17.54
N GLN I 25 -19.67 -37.37 -17.35
CA GLN I 25 -20.62 -37.19 -18.47
C GLN I 25 -20.35 -35.99 -19.36
N ASP I 26 -19.81 -34.93 -18.77
CA ASP I 26 -19.52 -33.67 -19.50
C ASP I 26 -18.28 -33.71 -20.43
N GLY I 27 -17.51 -34.79 -20.40
CA GLY I 27 -16.27 -34.87 -21.17
C GLY I 27 -15.11 -34.21 -20.45
N ARG I 28 -14.98 -34.50 -19.16
CA ARG I 28 -13.90 -34.00 -18.34
C ARG I 28 -13.35 -35.20 -17.61
N VAL I 29 -12.03 -35.30 -17.48
CA VAL I 29 -11.40 -36.49 -16.93
C VAL I 29 -10.56 -36.18 -15.74
N TYR I 30 -10.73 -36.96 -14.67
CA TYR I 30 -10.01 -36.81 -13.42
C TYR I 30 -8.99 -37.94 -13.28
N ILE I 31 -7.71 -37.62 -13.28
CA ILE I 31 -6.63 -38.63 -13.28
C ILE I 31 -5.82 -38.63 -11.97
N GLY I 32 -6.01 -39.66 -11.15
CA GLY I 32 -5.35 -39.72 -9.83
C GLY I 32 -5.33 -41.09 -9.17
N GLN I 33 -4.69 -41.17 -7.99
CA GLN I 33 -4.62 -42.43 -7.25
C GLN I 33 -5.92 -42.72 -6.52
N LEU I 34 -6.51 -43.87 -6.78
CA LEU I 34 -7.76 -44.26 -6.17
C LEU I 34 -7.51 -44.64 -4.73
N MET I 35 -8.46 -44.37 -3.83
CA MET I 35 -8.32 -44.76 -2.40
C MET I 35 -9.52 -45.39 -1.71
N ALA I 36 -10.72 -45.02 -2.13
CA ALA I 36 -11.91 -45.77 -1.77
C ALA I 36 -12.85 -45.88 -2.96
N PHE I 37 -13.88 -46.68 -2.78
CA PHE I 37 -14.99 -46.73 -3.71
C PHE I 37 -16.25 -47.09 -2.90
N ASP I 38 -17.35 -47.45 -3.56
CA ASP I 38 -18.64 -47.57 -2.88
C ASP I 38 -19.60 -48.46 -3.67
N LYS I 39 -20.74 -48.76 -3.07
CA LYS I 39 -21.82 -49.51 -3.73
C LYS I 39 -22.24 -48.88 -5.05
N HIS I 40 -22.49 -47.58 -5.04
CA HIS I 40 -22.96 -46.86 -6.24
C HIS I 40 -21.83 -46.16 -7.01
N MET I 41 -20.58 -46.52 -6.69
CA MET I 41 -19.42 -46.23 -7.54
C MET I 41 -19.05 -44.76 -7.54
N ASN I 42 -19.01 -44.15 -6.36
CA ASN I 42 -18.35 -42.84 -6.20
C ASN I 42 -16.99 -43.08 -5.57
N LEU I 43 -15.97 -42.33 -5.98
CA LEU I 43 -14.60 -42.71 -5.68
C LEU I 43 -13.73 -41.53 -5.25
N VAL I 44 -12.71 -41.84 -4.46
CA VAL I 44 -11.86 -40.85 -3.83
C VAL I 44 -10.51 -40.98 -4.52
N LEU I 45 -10.13 -39.95 -5.29
CA LEU I 45 -8.81 -39.92 -5.91
C LEU I 45 -7.89 -39.09 -5.01
N ASN I 46 -6.57 -39.26 -5.11
CA ASN I 46 -5.62 -38.68 -4.13
C ASN I 46 -4.95 -37.40 -4.57
N GLU I 47 -4.54 -37.34 -5.83
CA GLU I 47 -3.86 -36.15 -6.30
C GLU I 47 -4.32 -35.92 -7.73
N CYS I 48 -5.62 -35.70 -7.89
CA CYS I 48 -6.21 -35.74 -9.24
C CYS I 48 -6.09 -34.41 -9.93
N ILE I 49 -6.21 -34.49 -11.25
CA ILE I 49 -6.10 -33.35 -12.12
C ILE I 49 -7.23 -33.44 -13.12
N GLU I 50 -8.10 -32.43 -13.22
CA GLU I 50 -9.19 -32.45 -14.21
C GLU I 50 -8.72 -31.97 -15.57
N GLU I 51 -9.02 -32.70 -16.62
CA GLU I 51 -8.49 -32.35 -17.92
C GLU I 51 -9.64 -32.20 -18.87
N ARG I 52 -9.66 -31.08 -19.58
CA ARG I 52 -10.80 -30.68 -20.37
C ARG I 52 -10.27 -30.32 -21.71
N VAL I 53 -11.02 -30.69 -22.75
CA VAL I 53 -10.75 -30.20 -24.10
C VAL I 53 -11.61 -28.96 -24.29
N PRO I 54 -10.97 -27.79 -24.50
CA PRO I 54 -11.75 -26.56 -24.67
C PRO I 54 -12.50 -26.53 -26.00
N LYS I 55 -13.59 -25.75 -26.08
CA LYS I 55 -14.43 -25.68 -27.29
C LYS I 55 -13.65 -25.34 -28.57
N THR I 56 -12.61 -24.53 -28.45
CA THR I 56 -11.84 -24.10 -29.60
C THR I 56 -11.00 -25.22 -30.20
N GLN I 57 -10.41 -26.04 -29.35
CA GLN I 57 -9.64 -27.20 -29.78
C GLN I 57 -10.49 -28.31 -30.40
N LEU I 58 -11.78 -28.35 -30.10
CA LEU I 58 -12.60 -29.52 -30.43
C LEU I 58 -12.85 -29.75 -31.93
N ASP I 59 -12.71 -28.72 -32.77
CA ASP I 59 -12.76 -28.91 -34.24
C ASP I 59 -11.60 -29.75 -34.76
N LYS I 60 -10.50 -29.74 -34.01
CA LYS I 60 -9.29 -30.47 -34.36
C LYS I 60 -9.43 -31.99 -34.23
N LEU I 61 -10.32 -32.44 -33.35
CA LEU I 61 -10.57 -33.88 -33.17
C LEU I 61 -11.56 -34.46 -34.19
N ARG I 62 -12.25 -33.61 -34.96
CA ARG I 62 -13.14 -34.09 -36.03
C ARG I 62 -12.34 -34.79 -37.14
N PRO I 63 -12.91 -35.85 -37.71
CA PRO I 63 -12.15 -36.71 -38.62
C PRO I 63 -11.82 -35.99 -39.94
N ARG I 64 -10.61 -36.25 -40.45
CA ARG I 64 -10.03 -35.48 -41.55
C ARG I 64 -10.28 -36.16 -42.90
N THR I 72 0.04 -36.22 -37.18
CA THR I 72 -0.05 -36.20 -35.72
C THR I 72 -0.83 -34.98 -35.24
N LEU I 73 -1.91 -35.24 -34.48
CA LEU I 73 -2.73 -34.17 -33.89
C LEU I 73 -2.16 -33.80 -32.52
N ASN I 74 -2.14 -32.50 -32.22
CA ASN I 74 -1.78 -32.02 -30.88
C ASN I 74 -2.96 -31.22 -30.32
N ILE I 75 -3.33 -31.53 -29.08
CA ILE I 75 -4.50 -30.93 -28.45
C ILE I 75 -4.04 -30.20 -27.21
N LYS I 76 -4.32 -28.90 -27.15
CA LYS I 76 -4.09 -28.11 -25.95
C LYS I 76 -5.12 -28.42 -24.85
N VAL I 77 -4.77 -29.36 -23.96
CA VAL I 77 -5.66 -29.81 -22.89
C VAL I 77 -5.49 -28.91 -21.67
N GLU I 78 -6.52 -28.14 -21.31
CA GLU I 78 -6.38 -27.20 -20.18
C GLU I 78 -6.78 -27.88 -18.89
N LYS I 79 -5.80 -28.04 -18.02
CA LYS I 79 -5.92 -28.84 -16.81
C LYS I 79 -5.69 -27.99 -15.59
N ARG I 80 -6.29 -28.42 -14.48
CA ARG I 80 -6.22 -27.72 -13.23
C ARG I 80 -6.12 -28.71 -12.07
N VAL I 81 -5.16 -28.49 -11.17
CA VAL I 81 -4.92 -29.40 -10.05
C VAL I 81 -5.99 -29.23 -8.98
N LEU I 82 -6.40 -30.36 -8.39
CA LEU I 82 -7.31 -30.37 -7.24
C LEU I 82 -7.03 -31.64 -6.49
N GLY I 83 -6.25 -31.52 -5.41
CA GLY I 83 -5.79 -32.67 -4.63
C GLY I 83 -6.84 -33.22 -3.68
N LEU I 84 -7.07 -34.52 -3.76
CA LEU I 84 -7.93 -35.28 -2.83
C LEU I 84 -9.34 -34.83 -3.00
N THR I 85 -9.99 -35.43 -3.99
CA THR I 85 -11.38 -35.18 -4.22
C THR I 85 -12.18 -36.35 -3.71
N ILE I 86 -13.47 -36.12 -3.56
CA ILE I 86 -14.43 -37.19 -3.48
C ILE I 86 -15.45 -36.90 -4.55
N LEU I 87 -15.33 -37.65 -5.65
CA LEU I 87 -16.32 -37.64 -6.75
C LEU I 87 -17.67 -38.15 -6.32
N ARG I 88 -18.61 -38.09 -7.27
CA ARG I 88 -19.94 -38.57 -7.09
C ARG I 88 -20.17 -39.65 -8.14
N GLY I 89 -21.09 -40.57 -7.84
CA GLY I 89 -21.31 -41.72 -8.69
C GLY I 89 -22.08 -41.38 -9.92
N GLU I 90 -23.19 -40.67 -9.73
CA GLU I 90 -24.10 -40.24 -10.80
C GLU I 90 -23.36 -39.75 -12.04
N GLN I 91 -22.24 -39.06 -11.81
CA GLN I 91 -21.52 -38.41 -12.87
C GLN I 91 -20.57 -39.31 -13.65
N ILE I 92 -20.00 -40.33 -13.01
CA ILE I 92 -19.01 -41.18 -13.68
C ILE I 92 -19.62 -41.90 -14.88
N LEU I 93 -18.83 -41.99 -15.95
CA LEU I 93 -19.26 -42.59 -17.19
C LEU I 93 -18.52 -43.90 -17.50
N SER I 94 -17.24 -43.94 -17.14
CA SER I 94 -16.38 -45.13 -17.28
C SER I 94 -15.06 -44.90 -16.53
N THR I 95 -14.22 -45.93 -16.40
CA THR I 95 -12.84 -45.73 -15.92
C THR I 95 -11.86 -46.52 -16.79
N VAL I 96 -10.60 -46.07 -16.75
CA VAL I 96 -9.50 -46.68 -17.49
C VAL I 96 -8.28 -46.54 -16.61
N VAL I 97 -7.34 -47.49 -16.73
CA VAL I 97 -6.15 -47.50 -15.88
C VAL I 97 -5.00 -46.79 -16.59
N GLU I 98 -4.24 -46.00 -15.82
CA GLU I 98 -3.11 -45.21 -16.35
C GLU I 98 -1.75 -45.77 -15.91
N ASP I 99 -1.42 -45.64 -14.63
CA ASP I 99 -0.15 -46.13 -14.10
C ASP I 99 -0.42 -47.26 -13.13
N LYS I 100 0.65 -47.81 -12.56
CA LYS I 100 0.56 -48.87 -11.56
C LYS I 100 1.18 -48.27 -10.30
N PRO I 101 0.90 -48.84 -9.09
CA PRO I 101 1.31 -48.16 -7.85
C PRO I 101 2.81 -48.08 -7.62
N LEU I 102 3.22 -47.11 -6.81
CA LEU I 102 4.64 -46.87 -6.51
C LEU I 102 5.33 -48.09 -5.88
N LEU I 103 4.60 -48.84 -5.05
CA LEU I 103 5.13 -50.03 -4.38
C LEU I 103 4.86 -51.30 -5.18
N SER I 104 5.75 -52.29 -5.04
CA SER I 104 5.67 -53.55 -5.80
C SER I 104 4.47 -54.41 -5.38
N LYS I 105 4.30 -55.56 -6.02
CA LYS I 105 3.29 -56.53 -5.61
C LYS I 105 3.79 -57.32 -4.41
N LYS I 106 5.08 -57.65 -4.40
CA LYS I 106 5.68 -58.30 -3.24
C LYS I 106 5.71 -57.34 -2.05
N GLU I 107 6.05 -56.08 -2.31
CA GLU I 107 6.19 -55.12 -1.22
C GLU I 107 4.86 -54.69 -0.63
N ARG I 108 3.78 -54.83 -1.39
CA ARG I 108 2.46 -54.51 -0.82
C ARG I 108 1.97 -55.63 0.06
N LEU I 109 2.51 -56.84 -0.09
CA LEU I 109 2.21 -57.91 0.87
C LEU I 109 3.03 -57.75 2.14
N VAL I 110 4.25 -57.24 2.00
CA VAL I 110 5.14 -57.06 3.15
C VAL I 110 4.59 -55.98 4.08
N ARG I 111 4.12 -54.89 3.50
CA ARG I 111 3.58 -53.80 4.30
C ARG I 111 2.24 -54.17 4.93
N ASP I 112 1.55 -55.15 4.35
CA ASP I 112 0.32 -55.64 4.96
C ASP I 112 0.61 -56.47 6.19
N LYS I 113 1.56 -57.39 6.10
CA LYS I 113 1.81 -58.32 7.20
C LYS I 113 2.47 -57.61 8.38
N LYS I 114 3.27 -56.58 8.13
CA LYS I 114 3.83 -55.82 9.25
C LYS I 114 2.77 -54.94 9.88
N GLU I 115 1.80 -54.50 9.11
CA GLU I 115 0.73 -53.66 9.67
C GLU I 115 -0.33 -54.53 10.34
N LYS I 116 -0.56 -55.73 9.79
CA LYS I 116 -1.43 -56.69 10.46
C LYS I 116 -0.84 -57.13 11.78
N LYS I 117 0.48 -57.21 11.87
CA LYS I 117 1.13 -57.57 13.12
C LYS I 117 1.06 -56.39 14.09
N GLN I 118 1.25 -55.18 13.58
CA GLN I 118 1.30 -54.02 14.44
C GLN I 118 -0.08 -53.63 14.95
N ALA I 119 -1.11 -53.93 14.20
CA ALA I 119 -2.47 -53.62 14.62
C ALA I 119 -2.90 -54.51 15.77
N GLN I 120 -2.49 -55.77 15.73
CA GLN I 120 -2.85 -56.73 16.78
C GLN I 120 -2.12 -56.43 18.09
N LYS I 121 -0.91 -55.91 17.98
CA LYS I 121 -0.12 -55.55 19.16
C LYS I 121 -0.74 -54.39 19.92
N GLN I 122 -1.46 -53.53 19.22
CA GLN I 122 -2.06 -52.36 19.86
C GLN I 122 -3.22 -52.76 20.75
N THR I 123 -4.02 -53.73 20.32
CA THR I 123 -5.21 -54.13 21.04
C THR I 123 -4.86 -54.83 22.36
N LYS I 124 -3.89 -55.74 22.30
CA LYS I 124 -3.46 -56.46 23.48
C LYS I 124 -2.76 -55.54 24.47
N LEU I 125 -2.08 -54.52 23.96
CA LEU I 125 -1.50 -53.50 24.85
C LEU I 125 -2.56 -52.52 25.34
N ARG I 126 -3.70 -52.47 24.67
CA ARG I 126 -4.78 -51.61 25.14
C ARG I 126 -5.70 -52.35 26.13
N LYS I 127 -5.96 -53.63 25.85
CA LYS I 127 -6.82 -54.49 26.69
C LYS I 127 -6.24 -54.74 28.09
N GLU I 128 -4.93 -54.92 28.17
CA GLU I 128 -4.24 -55.10 29.47
C GLU I 128 -3.98 -53.78 30.22
N LYS I 129 -4.00 -52.66 29.49
CA LYS I 129 -3.98 -51.30 30.09
C LYS I 129 -5.39 -50.84 30.53
N GLU I 130 -6.43 -51.48 29.99
CA GLU I 130 -7.83 -51.27 30.42
C GLU I 130 -8.27 -52.27 31.50
N LYS I 131 -7.67 -53.46 31.52
CA LYS I 131 -8.07 -54.54 32.45
C LYS I 131 -7.72 -54.25 33.91
N LYS I 132 -6.43 -54.02 34.20
CA LYS I 132 -5.95 -53.80 35.57
C LYS I 132 -6.28 -52.40 36.11
N PRO I 133 -5.88 -51.31 35.39
CA PRO I 133 -6.34 -49.97 35.77
C PRO I 133 -7.85 -49.76 35.53
N MET J 1 -37.46 -62.20 -10.94
CA MET J 1 -36.44 -62.35 -12.04
C MET J 1 -35.59 -61.09 -12.22
N LYS J 2 -34.31 -61.31 -12.52
CA LYS J 2 -33.41 -60.27 -12.98
C LYS J 2 -32.78 -60.79 -14.28
N LEU J 3 -32.98 -60.07 -15.38
CA LEU J 3 -32.38 -60.39 -16.68
C LEU J 3 -30.91 -59.95 -16.77
N VAL J 4 -30.42 -59.25 -15.75
CA VAL J 4 -29.00 -58.99 -15.59
C VAL J 4 -28.27 -60.27 -15.20
N ASN J 5 -28.99 -61.21 -14.57
CA ASN J 5 -28.44 -62.54 -14.26
C ASN J 5 -28.23 -63.43 -15.53
N PHE J 6 -28.82 -63.04 -16.65
CA PHE J 6 -28.49 -63.59 -17.97
C PHE J 6 -27.12 -63.15 -18.46
N LEU J 7 -26.83 -61.85 -18.34
CA LEU J 7 -25.52 -61.30 -18.75
C LEU J 7 -24.32 -61.91 -18.02
N LYS J 8 -24.49 -62.30 -16.75
CA LYS J 8 -23.41 -62.89 -15.94
C LYS J 8 -22.88 -64.22 -16.52
N LYS J 9 -23.76 -64.98 -17.17
CA LYS J 9 -23.41 -66.23 -17.85
C LYS J 9 -22.80 -66.05 -19.25
N LEU J 10 -22.73 -64.80 -19.72
CA LEU J 10 -22.24 -64.49 -21.05
C LEU J 10 -20.76 -64.06 -20.96
N ARG J 11 -19.98 -64.78 -20.16
CA ARG J 11 -18.65 -64.34 -19.73
C ARG J 11 -17.53 -64.97 -20.58
N ASN J 12 -16.57 -64.14 -21.01
CA ASN J 12 -15.55 -64.46 -22.04
C ASN J 12 -16.08 -64.48 -23.48
N GLU J 13 -17.01 -63.59 -23.80
CA GLU J 13 -17.58 -63.50 -25.14
C GLU J 13 -17.16 -62.21 -25.81
N GLN J 14 -17.03 -62.22 -27.14
CA GLN J 14 -16.92 -60.98 -27.89
C GLN J 14 -18.30 -60.32 -27.91
N VAL J 15 -18.30 -59.00 -27.76
CA VAL J 15 -19.54 -58.25 -27.55
C VAL J 15 -19.35 -56.80 -28.02
N THR J 16 -20.44 -56.09 -28.29
CA THR J 16 -20.41 -54.64 -28.53
C THR J 16 -21.37 -53.94 -27.56
N ILE J 17 -20.86 -53.36 -26.48
CA ILE J 17 -21.66 -52.47 -25.65
C ILE J 17 -21.80 -51.18 -26.44
N GLU J 18 -23.01 -50.63 -26.49
CA GLU J 18 -23.28 -49.43 -27.25
C GLU J 18 -23.94 -48.43 -26.34
N LEU J 19 -23.28 -47.29 -26.13
CA LEU J 19 -23.62 -46.41 -25.01
C LEU J 19 -24.65 -45.32 -25.34
N LYS J 20 -25.17 -44.68 -24.29
CA LYS J 20 -26.15 -43.56 -24.41
C LYS J 20 -25.63 -42.41 -25.27
N ASN J 21 -24.33 -42.11 -25.13
CA ASN J 21 -23.64 -41.11 -25.95
C ASN J 21 -23.78 -41.38 -27.44
N GLY J 22 -23.59 -42.64 -27.82
CA GLY J 22 -23.36 -43.04 -29.21
C GLY J 22 -22.01 -43.72 -29.43
N THR J 23 -21.28 -43.97 -28.34
CA THR J 23 -19.96 -44.60 -28.40
C THR J 23 -20.10 -46.13 -28.31
N THR J 24 -19.64 -46.84 -29.34
CA THR J 24 -19.66 -48.31 -29.37
C THR J 24 -18.32 -48.83 -28.85
N VAL J 25 -18.33 -49.97 -28.16
CA VAL J 25 -17.15 -50.51 -27.46
C VAL J 25 -17.00 -52.01 -27.74
N TRP J 26 -16.17 -52.36 -28.72
CA TRP J 26 -15.99 -53.76 -29.15
C TRP J 26 -14.90 -54.41 -28.30
N GLY J 27 -15.23 -55.43 -27.51
CA GLY J 27 -14.25 -56.03 -26.60
C GLY J 27 -14.61 -57.38 -25.98
N THR J 28 -13.69 -57.89 -25.17
CA THR J 28 -13.84 -59.18 -24.48
C THR J 28 -14.38 -58.92 -23.09
N LEU J 29 -15.54 -59.49 -22.79
CA LEU J 29 -16.30 -59.15 -21.60
C LEU J 29 -15.82 -59.93 -20.39
N GLN J 30 -15.90 -59.31 -19.21
CA GLN J 30 -15.64 -59.99 -17.92
C GLN J 30 -16.86 -59.80 -17.02
N SER J 31 -16.73 -60.20 -15.76
CA SER J 31 -17.81 -60.09 -14.75
C SER J 31 -18.74 -58.85 -14.84
N VAL J 32 -19.98 -59.05 -15.26
CA VAL J 32 -21.01 -58.02 -15.21
C VAL J 32 -21.60 -57.96 -13.80
N SER J 33 -21.68 -56.77 -13.21
CA SER J 33 -22.22 -56.61 -11.83
C SER J 33 -23.74 -56.70 -11.84
N PRO J 34 -24.36 -56.83 -10.65
CA PRO J 34 -25.83 -56.82 -10.55
C PRO J 34 -26.49 -55.52 -11.05
N GLN J 35 -25.76 -54.39 -11.01
CA GLN J 35 -26.27 -53.16 -11.62
C GLN J 35 -25.81 -53.00 -13.06
N MET J 36 -25.40 -54.09 -13.71
CA MET J 36 -24.99 -54.09 -15.10
C MET J 36 -23.67 -53.33 -15.39
N ASN J 37 -22.79 -53.21 -14.37
CA ASN J 37 -21.46 -52.59 -14.59
C ASN J 37 -20.56 -53.54 -15.38
N ALA J 38 -20.65 -53.45 -16.70
CA ALA J 38 -19.88 -54.32 -17.56
C ALA J 38 -18.44 -53.87 -17.60
N ILE J 39 -17.52 -54.84 -17.61
CA ILE J 39 -16.07 -54.60 -17.51
C ILE J 39 -15.38 -55.48 -18.57
N LEU J 40 -14.72 -54.82 -19.51
CA LEU J 40 -14.25 -55.45 -20.71
C LEU J 40 -12.74 -55.53 -20.63
N THR J 41 -12.10 -56.09 -21.67
CA THR J 41 -10.63 -56.21 -21.70
C THR J 41 -10.00 -55.66 -22.98
N ASP J 42 -9.92 -56.43 -24.05
CA ASP J 42 -9.13 -56.01 -25.22
C ASP J 42 -10.00 -55.16 -26.17
N VAL J 43 -10.20 -53.90 -25.78
CA VAL J 43 -11.29 -53.07 -26.35
C VAL J 43 -10.87 -52.11 -27.45
N LYS J 44 -11.88 -51.60 -28.14
CA LYS J 44 -11.73 -50.68 -29.25
C LYS J 44 -12.96 -49.78 -29.32
N LEU J 45 -12.94 -48.66 -28.59
CA LEU J 45 -14.13 -47.80 -28.51
C LEU J 45 -14.08 -46.67 -29.51
N THR J 46 -15.15 -46.57 -30.30
CA THR J 46 -15.24 -45.73 -31.51
C THR J 46 -16.55 -44.89 -31.54
N LEU J 47 -16.62 -43.96 -32.48
CA LEU J 47 -17.85 -43.25 -32.82
C LEU J 47 -18.15 -43.48 -34.28
N PRO J 48 -19.41 -43.78 -34.62
CA PRO J 48 -19.75 -43.82 -36.03
C PRO J 48 -19.80 -42.41 -36.63
N GLN J 49 -19.72 -42.34 -37.95
CA GLN J 49 -19.82 -41.09 -38.70
C GLN J 49 -21.24 -40.95 -39.24
N PRO J 50 -22.04 -40.04 -38.65
CA PRO J 50 -23.32 -39.78 -39.29
C PRO J 50 -23.02 -38.92 -40.52
N ARG J 51 -23.17 -39.53 -41.71
CA ARG J 51 -22.70 -38.93 -42.97
C ARG J 51 -23.40 -37.60 -43.31
N LEU J 52 -24.54 -37.67 -44.01
CA LEU J 52 -25.39 -36.50 -44.29
C LEU J 52 -24.65 -35.17 -44.60
N ASN J 53 -23.57 -35.26 -45.38
CA ASN J 53 -22.75 -34.10 -45.77
C ASN J 53 -22.25 -33.26 -44.56
N LYS J 54 -21.42 -33.89 -43.75
CA LYS J 54 -20.78 -33.27 -42.58
C LYS J 54 -21.80 -32.67 -41.58
N LEU J 55 -22.66 -33.55 -41.06
CA LEU J 55 -23.42 -33.27 -39.85
C LEU J 55 -22.45 -33.46 -38.68
N ASN J 56 -22.40 -32.50 -37.76
CA ASN J 56 -21.48 -32.55 -36.62
C ASN J 56 -21.85 -33.68 -35.65
N SER J 57 -20.86 -34.53 -35.35
CA SER J 57 -21.04 -35.69 -34.47
C SER J 57 -21.09 -35.24 -33.01
N ASN J 58 -21.29 -36.21 -32.11
CA ASN J 58 -21.40 -35.94 -30.66
C ASN J 58 -20.16 -35.22 -30.12
N GLY J 59 -20.37 -33.96 -29.73
CA GLY J 59 -19.28 -33.07 -29.33
C GLY J 59 -18.67 -33.48 -28.00
N ILE J 60 -19.48 -34.04 -27.12
CA ILE J 60 -18.99 -34.42 -25.80
C ILE J 60 -18.21 -35.73 -25.89
N ALA J 61 -18.66 -36.63 -26.75
CA ALA J 61 -18.05 -37.96 -26.81
C ALA J 61 -16.70 -37.94 -27.48
N MET J 62 -16.49 -37.03 -28.43
CA MET J 62 -15.18 -36.88 -29.05
C MET J 62 -14.14 -36.43 -28.05
N ALA J 63 -14.54 -35.56 -27.13
CA ALA J 63 -13.65 -35.14 -26.05
C ALA J 63 -13.34 -36.30 -25.14
N SER J 64 -14.37 -37.06 -24.77
CA SER J 64 -14.19 -38.19 -23.85
C SER J 64 -13.44 -39.34 -24.52
N LEU J 65 -13.38 -39.33 -25.85
CA LEU J 65 -12.63 -40.38 -26.53
C LEU J 65 -11.14 -40.12 -26.50
N TYR J 66 -10.75 -38.87 -26.77
CA TYR J 66 -9.36 -38.47 -26.71
C TYR J 66 -8.81 -38.48 -25.29
N LEU J 67 -9.66 -38.15 -24.32
CA LEU J 67 -9.24 -38.09 -22.91
C LEU J 67 -8.85 -39.42 -22.30
N THR J 68 -9.50 -40.50 -22.73
CA THR J 68 -9.15 -41.86 -22.32
C THR J 68 -7.66 -42.20 -22.47
N GLY J 69 -6.94 -41.48 -23.33
CA GLY J 69 -5.51 -41.68 -23.52
C GLY J 69 -5.21 -42.91 -24.36
N GLY J 70 -6.23 -43.37 -25.08
CA GLY J 70 -6.11 -44.53 -25.95
C GLY J 70 -6.05 -44.16 -27.42
N GLN J 71 -6.49 -42.96 -27.76
CA GLN J 71 -6.49 -42.53 -29.14
C GLN J 71 -5.06 -42.28 -29.56
N GLN J 72 -4.60 -43.05 -30.56
CA GLN J 72 -3.26 -42.89 -31.13
C GLN J 72 -3.23 -41.67 -32.07
N PRO J 73 -2.11 -40.90 -32.11
CA PRO J 73 -2.05 -39.66 -32.92
C PRO J 73 -2.41 -39.77 -34.40
N THR J 74 -1.92 -40.83 -35.07
CA THR J 74 -2.22 -41.08 -36.49
C THR J 74 -3.47 -41.95 -36.72
N ALA J 75 -4.40 -41.96 -35.77
CA ALA J 75 -5.76 -42.42 -36.03
C ALA J 75 -6.44 -41.36 -36.90
N SER J 76 -6.60 -41.67 -38.19
CA SER J 76 -7.24 -40.74 -39.15
C SER J 76 -8.75 -40.63 -38.89
N ASP J 77 -9.43 -41.79 -38.81
CA ASP J 77 -10.83 -41.87 -38.35
C ASP J 77 -10.89 -41.92 -36.82
N ASN J 78 -12.10 -41.71 -36.28
CA ASN J 78 -12.28 -41.47 -34.84
C ASN J 78 -12.43 -42.78 -34.05
N ILE J 79 -11.29 -43.39 -33.71
CA ILE J 79 -11.25 -44.62 -32.88
C ILE J 79 -10.21 -44.48 -31.77
N ALA J 80 -10.25 -45.41 -30.81
CA ALA J 80 -9.32 -45.39 -29.67
C ALA J 80 -9.26 -46.77 -29.04
N SER J 81 -8.07 -47.38 -29.08
CA SER J 81 -7.88 -48.73 -28.59
C SER J 81 -7.21 -48.65 -27.25
N LEU J 82 -7.57 -49.57 -26.37
CA LEU J 82 -6.92 -49.67 -25.07
C LEU J 82 -7.27 -51.00 -24.42
N GLN J 83 -6.62 -51.29 -23.30
CA GLN J 83 -6.95 -52.44 -22.48
C GLN J 83 -7.75 -51.98 -21.28
N TYR J 84 -8.72 -52.81 -20.87
CA TYR J 84 -9.49 -52.64 -19.65
C TYR J 84 -10.28 -51.34 -19.59
N ILE J 85 -11.60 -51.44 -19.76
CA ILE J 85 -12.46 -50.28 -19.58
C ILE J 85 -13.58 -50.75 -18.70
N ASN J 86 -13.72 -50.10 -17.55
CA ASN J 86 -14.81 -50.37 -16.62
C ASN J 86 -15.90 -49.33 -16.91
N ILE J 87 -17.12 -49.79 -17.13
CA ILE J 87 -18.23 -48.98 -17.60
C ILE J 87 -19.41 -49.04 -16.65
N ARG J 88 -19.80 -47.87 -16.14
CA ARG J 88 -20.96 -47.73 -15.25
C ARG J 88 -22.23 -48.09 -16.01
N GLY J 89 -23.01 -48.96 -15.39
CA GLY J 89 -24.20 -49.57 -15.97
C GLY J 89 -25.21 -48.69 -16.67
N ASN J 90 -25.61 -47.60 -16.02
CA ASN J 90 -26.69 -46.78 -16.54
C ASN J 90 -26.42 -46.28 -17.98
N THR J 91 -25.14 -46.17 -18.36
CA THR J 91 -24.76 -45.69 -19.69
C THR J 91 -25.01 -46.66 -20.83
N ILE J 92 -25.23 -47.95 -20.54
CA ILE J 92 -25.49 -48.94 -21.57
C ILE J 92 -26.88 -48.73 -22.19
N ARG J 93 -26.93 -48.52 -23.51
CA ARG J 93 -28.20 -48.46 -24.23
C ARG J 93 -28.55 -49.83 -24.78
N GLN J 94 -27.61 -50.42 -25.49
CA GLN J 94 -27.77 -51.74 -26.06
C GLN J 94 -26.55 -52.58 -25.71
N ILE J 95 -26.65 -53.89 -25.93
CA ILE J 95 -25.48 -54.79 -25.96
C ILE J 95 -25.69 -55.78 -27.12
N ILE J 96 -24.94 -55.61 -28.20
CA ILE J 96 -25.05 -56.49 -29.37
C ILE J 96 -24.24 -57.75 -29.09
N LEU J 97 -24.93 -58.79 -28.64
CA LEU J 97 -24.33 -60.09 -28.32
C LEU J 97 -24.15 -60.93 -29.60
N PRO J 98 -23.18 -61.89 -29.64
CA PRO J 98 -22.77 -62.54 -30.90
C PRO J 98 -23.78 -63.56 -31.44
N ASP J 99 -23.56 -64.04 -32.66
CA ASP J 99 -24.52 -64.93 -33.34
C ASP J 99 -24.42 -66.39 -32.90
N SER J 100 -23.22 -66.81 -32.50
CA SER J 100 -22.92 -68.23 -32.26
C SER J 100 -23.66 -68.84 -31.07
N LEU J 101 -23.70 -68.12 -29.93
CA LEU J 101 -24.26 -68.68 -28.69
C LEU J 101 -25.77 -68.95 -28.80
N ASN J 102 -26.22 -70.01 -28.12
CA ASN J 102 -27.64 -70.36 -28.10
C ASN J 102 -28.31 -69.72 -26.89
N LEU J 103 -29.43 -69.05 -27.13
CA LEU J 103 -30.15 -68.36 -26.07
C LEU J 103 -30.82 -69.39 -25.16
N ASP J 104 -31.40 -70.42 -25.76
CA ASP J 104 -32.20 -71.45 -25.06
C ASP J 104 -31.51 -72.14 -23.87
N SER J 105 -30.20 -72.29 -23.94
CA SER J 105 -29.43 -72.81 -22.80
C SER J 105 -29.28 -71.74 -21.71
N LEU J 106 -29.09 -70.48 -22.13
CA LEU J 106 -28.76 -69.38 -21.22
C LEU J 106 -29.96 -68.60 -20.64
N LEU J 107 -31.05 -68.48 -21.38
CA LEU J 107 -32.26 -67.78 -20.89
C LEU J 107 -33.08 -68.57 -19.86
N VAL J 108 -32.73 -69.83 -19.62
CA VAL J 108 -33.31 -70.59 -18.52
C VAL J 108 -32.63 -70.15 -17.22
N ASP J 109 -33.29 -69.24 -16.50
CA ASP J 109 -32.78 -68.75 -15.21
C ASP J 109 -32.93 -69.84 -14.16
N GLN J 110 -31.92 -69.98 -13.31
CA GLN J 110 -31.89 -71.04 -12.31
C GLN J 110 -32.86 -70.80 -11.15
N LYS J 111 -32.99 -69.54 -10.72
CA LYS J 111 -33.93 -69.17 -9.65
C LYS J 111 -35.40 -69.23 -10.10
N GLN J 112 -35.63 -69.20 -11.42
CA GLN J 112 -36.97 -69.44 -12.00
C GLN J 112 -37.37 -70.91 -11.84
N LEU J 113 -36.47 -71.82 -12.23
CA LEU J 113 -36.70 -73.27 -12.04
C LEU J 113 -36.70 -73.68 -10.57
N ASN J 114 -35.84 -73.06 -9.76
CA ASN J 114 -35.71 -73.41 -8.34
C ASN J 114 -36.89 -72.91 -7.47
N SER J 115 -37.74 -72.02 -8.02
CA SER J 115 -39.02 -71.66 -7.39
C SER J 115 -40.13 -72.67 -7.69
N LEU J 116 -40.16 -73.19 -8.93
CA LEU J 116 -41.17 -74.18 -9.34
C LEU J 116 -40.86 -75.60 -8.87
N ARG J 117 -39.58 -76.00 -8.94
CA ARG J 117 -39.15 -77.32 -8.44
C ARG J 117 -39.29 -77.47 -6.92
N ARG J 118 -39.17 -76.36 -6.19
CA ARG J 118 -39.32 -76.35 -4.73
C ARG J 118 -40.79 -76.40 -4.27
N SER J 119 -41.71 -75.83 -5.04
CA SER J 119 -43.13 -75.79 -4.69
C SER J 119 -43.85 -77.14 -4.87
N LEU K 13 -44.96 -58.15 3.81
CA LEU K 13 -44.95 -59.22 2.75
C LEU K 13 -43.79 -60.20 2.96
N SER K 14 -43.92 -61.39 2.38
CA SER K 14 -42.86 -62.42 2.39
C SER K 14 -42.27 -62.60 0.98
N ARG K 15 -41.18 -63.36 0.89
CA ARG K 15 -40.48 -63.60 -0.39
C ARG K 15 -41.35 -64.40 -1.35
N ALA K 16 -42.17 -65.28 -0.81
CA ALA K 16 -43.08 -66.08 -1.63
C ALA K 16 -44.25 -65.24 -2.14
N GLU K 17 -44.59 -64.19 -1.40
CA GLU K 17 -45.72 -63.34 -1.77
C GLU K 17 -45.42 -62.51 -3.01
N LEU K 18 -44.18 -62.05 -3.12
CA LEU K 18 -43.78 -61.24 -4.28
C LEU K 18 -43.70 -62.07 -5.55
N GLU K 19 -43.39 -63.35 -5.41
CA GLU K 19 -43.33 -64.25 -6.56
C GLU K 19 -44.72 -64.43 -7.18
N GLU K 20 -45.75 -64.39 -6.34
CA GLU K 20 -47.12 -64.43 -6.84
C GLU K 20 -47.48 -63.12 -7.52
N LEU K 21 -47.01 -62.01 -6.97
CA LEU K 21 -47.34 -60.70 -7.47
C LEU K 21 -46.69 -60.45 -8.84
N GLU K 22 -45.47 -60.93 -8.99
CA GLU K 22 -44.72 -60.74 -10.23
C GLU K 22 -45.33 -61.56 -11.36
N GLU K 23 -45.83 -62.75 -11.03
CA GLU K 23 -46.49 -63.60 -12.02
C GLU K 23 -47.82 -63.00 -12.46
N PHE K 24 -48.44 -62.22 -11.58
CA PHE K 24 -49.71 -61.57 -11.92
C PHE K 24 -49.50 -60.43 -12.88
N GLU K 25 -48.60 -59.51 -12.53
CA GLU K 25 -48.42 -58.27 -13.29
C GLU K 25 -47.83 -58.54 -14.67
N PHE K 26 -47.07 -59.62 -14.81
CA PHE K 26 -46.63 -60.04 -16.13
C PHE K 26 -47.79 -60.63 -16.94
N LYS K 27 -48.69 -61.37 -16.28
CA LYS K 27 -49.80 -62.07 -16.95
C LYS K 27 -51.10 -61.25 -17.13
N HIS K 28 -51.49 -60.50 -16.10
CA HIS K 28 -52.74 -59.72 -16.06
C HIS K 28 -52.44 -58.26 -15.71
N GLY K 29 -51.82 -57.55 -16.64
CA GLY K 29 -51.40 -56.18 -16.40
C GLY K 29 -50.94 -55.51 -17.68
N PRO K 30 -50.32 -54.32 -17.57
CA PRO K 30 -49.85 -53.64 -18.78
C PRO K 30 -48.76 -54.40 -19.55
N MET K 31 -47.86 -55.06 -18.82
CA MET K 31 -46.79 -55.84 -19.43
C MET K 31 -47.26 -57.16 -20.07
N SER K 32 -48.53 -57.53 -19.88
CA SER K 32 -49.15 -58.61 -20.63
C SER K 32 -49.08 -58.44 -22.15
N LEU K 33 -48.91 -57.21 -22.62
CA LEU K 33 -48.72 -56.98 -24.04
C LEU K 33 -47.40 -57.56 -24.50
N ILE K 34 -46.36 -57.44 -23.67
CA ILE K 34 -45.06 -57.98 -24.02
C ILE K 34 -45.07 -59.49 -23.85
N ASN K 35 -45.67 -59.95 -22.76
CA ASN K 35 -45.68 -61.37 -22.43
C ASN K 35 -46.49 -62.17 -23.46
N ASP K 36 -47.57 -61.60 -23.95
CA ASP K 36 -48.36 -62.24 -24.99
C ASP K 36 -47.70 -62.08 -26.36
N ALA K 37 -46.69 -61.22 -26.45
CA ALA K 37 -45.94 -61.08 -27.69
C ALA K 37 -44.75 -62.03 -27.74
N MET K 38 -44.23 -62.39 -26.58
CA MET K 38 -43.15 -63.38 -26.50
C MET K 38 -43.65 -64.78 -26.83
N VAL K 39 -44.79 -65.16 -26.24
CA VAL K 39 -45.32 -66.52 -26.36
C VAL K 39 -45.84 -66.80 -27.77
N THR K 40 -46.62 -65.88 -28.32
CA THR K 40 -47.28 -66.09 -29.61
C THR K 40 -46.40 -65.84 -30.85
N ARG K 41 -45.11 -65.54 -30.65
CA ARG K 41 -44.15 -65.28 -31.75
C ARG K 41 -44.64 -64.18 -32.69
N THR K 42 -45.02 -63.04 -32.11
CA THR K 42 -45.47 -61.89 -32.86
C THR K 42 -44.42 -60.79 -32.77
N PRO K 43 -44.06 -60.18 -33.92
CA PRO K 43 -43.03 -59.14 -33.89
C PRO K 43 -43.57 -57.82 -33.34
N VAL K 44 -42.71 -57.08 -32.64
CA VAL K 44 -43.09 -55.80 -32.01
C VAL K 44 -42.33 -54.64 -32.67
N ILE K 45 -42.87 -53.44 -32.48
CA ILE K 45 -42.13 -52.20 -32.77
C ILE K 45 -41.85 -51.55 -31.42
N ILE K 46 -40.63 -51.09 -31.23
CA ILE K 46 -40.24 -50.40 -30.01
C ILE K 46 -39.69 -49.04 -30.41
N SER K 47 -40.02 -48.02 -29.63
CA SER K 47 -39.43 -46.68 -29.77
C SER K 47 -38.60 -46.37 -28.53
N LEU K 48 -37.30 -46.17 -28.76
CA LEU K 48 -36.40 -45.76 -27.72
C LEU K 48 -36.45 -44.25 -27.63
N ARG K 49 -35.93 -43.71 -26.52
CA ARG K 49 -35.79 -42.25 -26.36
C ARG K 49 -34.60 -41.66 -27.16
N ASN K 50 -33.96 -42.52 -27.95
CA ASN K 50 -32.98 -42.16 -28.95
C ASN K 50 -33.59 -41.49 -30.16
N ASN K 51 -34.91 -41.63 -30.34
CA ASN K 51 -35.62 -41.27 -31.58
C ASN K 51 -35.15 -42.14 -32.74
N HIS K 52 -35.01 -43.43 -32.48
CA HIS K 52 -34.99 -44.41 -33.56
C HIS K 52 -35.53 -45.78 -33.15
N LYS K 53 -36.26 -46.38 -34.08
CA LYS K 53 -37.18 -47.47 -33.82
C LYS K 53 -36.68 -48.80 -34.38
N ILE K 54 -36.86 -49.85 -33.58
CA ILE K 54 -36.37 -51.20 -33.88
C ILE K 54 -37.56 -52.16 -34.06
N ILE K 55 -37.53 -52.93 -35.15
CA ILE K 55 -38.61 -53.87 -35.49
C ILE K 55 -38.08 -55.26 -35.23
N ALA K 56 -38.55 -55.89 -34.16
CA ALA K 56 -37.95 -57.10 -33.64
C ALA K 56 -38.95 -58.09 -33.04
N ARG K 57 -38.43 -59.25 -32.66
CA ARG K 57 -39.17 -60.31 -32.02
C ARG K 57 -38.56 -60.52 -30.63
N VAL K 58 -39.40 -60.60 -29.61
CA VAL K 58 -38.93 -60.71 -28.22
C VAL K 58 -38.61 -62.16 -27.88
N LYS K 59 -37.53 -62.36 -27.13
CA LYS K 59 -37.18 -63.69 -26.61
C LYS K 59 -37.22 -63.78 -25.08
N ALA K 60 -36.94 -62.67 -24.39
CA ALA K 60 -37.24 -62.54 -22.95
C ALA K 60 -37.53 -61.09 -22.64
N PHE K 61 -38.14 -60.86 -21.48
CA PHE K 61 -38.32 -59.51 -20.95
C PHE K 61 -38.19 -59.57 -19.42
N ASP K 62 -38.36 -58.42 -18.77
CA ASP K 62 -38.18 -58.32 -17.32
C ASP K 62 -38.85 -57.09 -16.71
N ARG K 63 -39.01 -57.15 -15.39
CA ARG K 63 -39.48 -56.04 -14.53
C ARG K 63 -39.14 -54.64 -15.04
N HIS K 64 -37.85 -54.40 -15.25
CA HIS K 64 -37.33 -53.08 -15.67
C HIS K 64 -37.64 -52.73 -17.11
N CYS K 65 -38.29 -53.63 -17.85
CA CYS K 65 -38.64 -53.43 -19.24
C CYS K 65 -37.47 -53.68 -20.23
N ASN K 66 -36.29 -54.05 -19.71
CA ASN K 66 -35.19 -54.54 -20.56
C ASN K 66 -35.60 -55.88 -21.13
N MET K 67 -34.98 -56.25 -22.24
CA MET K 67 -35.44 -57.42 -22.97
C MET K 67 -34.41 -57.90 -23.99
N VAL K 68 -34.30 -59.21 -24.16
CA VAL K 68 -33.43 -59.79 -25.17
C VAL K 68 -34.24 -60.01 -26.43
N LEU K 69 -33.70 -59.52 -27.53
CA LEU K 69 -34.38 -59.53 -28.82
C LEU K 69 -33.60 -60.35 -29.85
N GLU K 70 -34.28 -60.66 -30.95
CA GLU K 70 -33.74 -61.56 -31.98
C GLU K 70 -34.27 -61.14 -33.36
N ASN K 71 -33.38 -61.15 -34.36
CA ASN K 71 -33.63 -60.58 -35.69
C ASN K 71 -34.09 -59.12 -35.59
N VAL K 72 -33.18 -58.30 -35.07
CA VAL K 72 -33.44 -56.87 -34.87
C VAL K 72 -33.15 -56.11 -36.16
N LYS K 73 -34.06 -55.20 -36.49
CA LYS K 73 -33.87 -54.28 -37.59
C LYS K 73 -34.11 -52.89 -37.03
N GLU K 74 -33.03 -52.12 -36.82
CA GLU K 74 -33.15 -50.74 -36.36
C GLU K 74 -33.38 -49.83 -37.56
N LEU K 75 -34.13 -48.75 -37.34
CA LEU K 75 -34.45 -47.77 -38.38
C LEU K 75 -34.27 -46.38 -37.81
N TRP K 76 -33.16 -45.74 -38.18
CA TRP K 76 -32.76 -44.45 -37.60
C TRP K 76 -32.61 -43.43 -38.70
N THR K 77 -33.27 -42.28 -38.51
CA THR K 77 -33.26 -41.19 -39.47
C THR K 77 -32.64 -39.96 -38.83
N GLU K 78 -31.86 -39.22 -39.62
CA GLU K 78 -31.23 -37.99 -39.15
C GLU K 78 -31.40 -36.84 -40.15
N LYS K 79 -31.31 -35.62 -39.63
CA LYS K 79 -31.57 -34.41 -40.40
C LYS K 79 -30.58 -33.29 -40.00
N LYS K 80 -30.17 -32.50 -40.97
CA LYS K 80 -29.25 -31.37 -40.75
C LYS K 80 -29.52 -30.25 -41.74
N GLY K 81 -30.42 -29.34 -41.36
CA GLY K 81 -30.85 -28.24 -42.23
C GLY K 81 -31.82 -28.69 -43.32
N LYS K 82 -32.84 -29.44 -42.91
CA LYS K 82 -33.88 -29.98 -43.81
C LYS K 82 -33.32 -30.82 -44.98
N ASN K 83 -32.41 -31.73 -44.64
CA ASN K 83 -31.88 -32.75 -45.56
C ASN K 83 -31.95 -34.08 -44.84
N VAL K 84 -32.84 -34.97 -45.28
CA VAL K 84 -33.15 -36.21 -44.56
C VAL K 84 -32.52 -37.44 -45.23
N ILE K 85 -32.23 -38.45 -44.42
CA ILE K 85 -31.81 -39.77 -44.89
C ILE K 85 -32.32 -40.84 -43.92
N ASN K 86 -32.68 -42.01 -44.44
CA ASN K 86 -33.25 -43.10 -43.64
C ASN K 86 -32.29 -44.27 -43.61
N ARG K 87 -31.57 -44.43 -42.49
CA ARG K 87 -30.59 -45.51 -42.34
C ARG K 87 -31.18 -46.74 -41.66
N GLU K 88 -30.76 -47.90 -42.15
CA GLU K 88 -31.23 -49.21 -41.70
C GLU K 88 -30.02 -50.04 -41.31
N ARG K 89 -30.03 -50.55 -40.07
CA ARG K 89 -28.94 -51.35 -39.52
C ARG K 89 -29.55 -52.66 -39.00
N PHE K 90 -29.06 -53.79 -39.51
CA PHE K 90 -29.53 -55.14 -39.10
C PHE K 90 -28.60 -55.77 -38.07
N ILE K 91 -29.18 -56.40 -37.04
CA ILE K 91 -28.45 -57.12 -35.98
C ILE K 91 -29.11 -58.49 -35.73
N SER K 92 -28.29 -59.51 -35.47
CA SER K 92 -28.81 -60.86 -35.24
C SER K 92 -29.47 -61.03 -33.88
N LYS K 93 -28.72 -60.75 -32.82
CA LYS K 93 -29.20 -60.85 -31.42
C LYS K 93 -28.72 -59.67 -30.58
N LEU K 94 -29.65 -59.07 -29.82
CA LEU K 94 -29.43 -57.82 -29.10
C LEU K 94 -29.96 -57.88 -27.69
N PHE K 95 -29.32 -57.16 -26.76
CA PHE K 95 -29.84 -57.00 -25.40
C PHE K 95 -30.07 -55.53 -25.05
N LEU K 96 -31.33 -55.17 -24.83
CA LEU K 96 -31.77 -53.79 -24.76
C LEU K 96 -32.00 -53.40 -23.33
N ARG K 97 -31.39 -52.31 -22.90
CA ARG K 97 -31.61 -51.74 -21.56
C ARG K 97 -33.02 -51.12 -21.55
N GLY K 98 -33.68 -51.20 -20.41
CA GLY K 98 -35.12 -50.96 -20.30
C GLY K 98 -35.60 -49.53 -20.13
N ASP K 99 -34.73 -48.67 -19.61
CA ASP K 99 -35.04 -47.24 -19.47
C ASP K 99 -35.15 -46.51 -20.82
N SER K 100 -34.43 -47.01 -21.82
CA SER K 100 -34.41 -46.38 -23.12
C SER K 100 -35.78 -46.35 -23.78
N VAL K 101 -36.59 -47.41 -23.59
CA VAL K 101 -37.90 -47.51 -24.28
C VAL K 101 -38.95 -46.57 -23.69
N ILE K 102 -39.84 -46.09 -24.55
CA ILE K 102 -41.00 -45.26 -24.16
C ILE K 102 -42.33 -45.88 -24.55
N VAL K 103 -42.40 -46.49 -25.74
CA VAL K 103 -43.63 -47.10 -26.24
C VAL K 103 -43.34 -48.39 -27.02
N VAL K 104 -44.01 -49.47 -26.61
CA VAL K 104 -43.94 -50.77 -27.27
C VAL K 104 -45.32 -51.03 -27.87
N LEU K 105 -45.41 -51.17 -29.19
CA LEU K 105 -46.65 -51.66 -29.81
C LEU K 105 -46.48 -53.12 -30.22
N LYS K 106 -47.58 -53.84 -30.31
CA LYS K 106 -47.61 -55.24 -30.75
C LYS K 106 -48.27 -55.29 -32.12
N THR K 107 -47.55 -55.78 -33.13
CA THR K 107 -48.02 -55.77 -34.51
C THR K 107 -49.22 -56.72 -34.69
N PRO K 108 -50.14 -56.40 -35.62
CA PRO K 108 -51.28 -57.30 -35.93
C PRO K 108 -50.87 -58.66 -36.52
N GLY L 5 -19.74 -47.07 3.57
CA GLY L 5 -18.98 -46.50 2.42
C GLY L 5 -18.09 -45.33 2.80
N ILE L 6 -16.82 -45.41 2.41
CA ILE L 6 -15.81 -44.43 2.83
C ILE L 6 -15.92 -43.04 2.17
N PRO L 7 -16.25 -42.98 0.85
CA PRO L 7 -16.44 -41.68 0.22
C PRO L 7 -17.31 -40.69 1.01
N VAL L 8 -18.37 -41.17 1.63
CA VAL L 8 -19.26 -40.32 2.40
C VAL L 8 -18.74 -40.09 3.81
N LYS L 9 -18.22 -41.13 4.44
CA LYS L 9 -17.64 -41.03 5.80
C LYS L 9 -16.50 -40.04 5.86
N LEU L 10 -15.78 -39.85 4.75
CA LEU L 10 -14.71 -38.84 4.65
C LEU L 10 -15.23 -37.42 4.77
N LEU L 11 -16.38 -37.17 4.15
CA LEU L 11 -16.97 -35.85 4.11
C LEU L 11 -17.36 -35.36 5.50
N ASN L 12 -17.78 -36.27 6.39
CA ASN L 12 -17.98 -35.96 7.83
C ASN L 12 -16.66 -35.66 8.56
N GLU L 13 -15.58 -36.32 8.14
CA GLU L 13 -14.23 -36.04 8.65
C GLU L 13 -13.74 -34.61 8.31
N ALA L 14 -14.34 -33.96 7.31
CA ALA L 14 -13.97 -32.62 6.88
C ALA L 14 -14.86 -31.47 7.42
N GLN L 15 -15.55 -31.67 8.55
CA GLN L 15 -16.38 -30.59 9.12
C GLN L 15 -15.50 -29.47 9.67
N GLY L 16 -15.88 -28.23 9.38
CA GLY L 16 -15.14 -27.06 9.88
C GLY L 16 -13.79 -26.81 9.25
N HIS L 17 -13.57 -27.35 8.05
CA HIS L 17 -12.39 -27.03 7.22
C HIS L 17 -12.84 -26.53 5.88
N ILE L 18 -11.97 -25.78 5.23
CA ILE L 18 -12.34 -25.18 3.97
C ILE L 18 -12.38 -26.30 2.96
N VAL L 19 -13.46 -26.34 2.18
CA VAL L 19 -13.63 -27.29 1.08
C VAL L 19 -14.04 -26.54 -0.15
N SER L 20 -14.03 -27.22 -1.29
CA SER L 20 -14.66 -26.71 -2.50
C SER L 20 -15.85 -27.58 -2.88
N LEU L 21 -16.61 -27.08 -3.86
CA LEU L 21 -17.67 -27.83 -4.54
C LEU L 21 -17.60 -27.58 -6.04
N GLU L 22 -18.46 -28.28 -6.76
CA GLU L 22 -18.68 -28.02 -8.13
C GLU L 22 -20.04 -28.63 -8.41
N LEU L 23 -21.06 -27.77 -8.50
CA LEU L 23 -22.42 -28.22 -8.72
C LEU L 23 -22.54 -28.55 -10.19
N THR L 24 -23.42 -29.47 -10.51
CA THR L 24 -23.57 -29.94 -11.90
C THR L 24 -24.12 -28.89 -12.89
N THR L 25 -24.66 -27.78 -12.38
CA THR L 25 -24.90 -26.58 -13.18
C THR L 25 -23.61 -25.91 -13.66
N GLY L 26 -22.49 -26.19 -12.98
CA GLY L 26 -21.18 -25.69 -13.39
C GLY L 26 -20.67 -24.56 -12.54
N ALA L 27 -21.29 -24.33 -11.37
CA ALA L 27 -20.81 -23.36 -10.37
C ALA L 27 -19.67 -23.94 -9.56
N THR L 28 -19.05 -23.11 -8.73
CA THR L 28 -17.93 -23.53 -7.88
C THR L 28 -18.03 -22.76 -6.56
N TYR L 29 -18.40 -23.46 -5.49
CA TYR L 29 -18.44 -22.84 -4.19
C TYR L 29 -17.23 -23.28 -3.38
N ARG L 30 -16.70 -22.37 -2.56
CA ARG L 30 -15.59 -22.70 -1.69
C ARG L 30 -15.64 -21.91 -0.41
N GLY L 31 -16.11 -22.55 0.65
CA GLY L 31 -16.16 -21.94 1.96
C GLY L 31 -16.10 -23.03 3.01
N LYS L 32 -16.08 -22.63 4.28
CA LYS L 32 -15.96 -23.58 5.39
C LYS L 32 -17.23 -24.43 5.55
N LEU L 33 -17.05 -25.74 5.65
CA LEU L 33 -18.14 -26.70 5.63
C LEU L 33 -18.63 -26.99 7.02
N VAL L 34 -19.88 -26.64 7.32
CA VAL L 34 -20.42 -26.73 8.68
C VAL L 34 -21.14 -28.04 8.94
N GLU L 35 -22.08 -28.37 8.05
CA GLU L 35 -22.85 -29.61 8.15
C GLU L 35 -22.75 -30.46 6.90
N SER L 36 -22.91 -31.77 7.10
CA SER L 36 -23.11 -32.72 6.02
C SER L 36 -24.00 -33.86 6.53
N GLU L 37 -24.79 -34.44 5.63
CA GLU L 37 -25.64 -35.57 5.96
C GLU L 37 -25.23 -36.74 5.07
N ASP L 38 -25.85 -37.90 5.28
CA ASP L 38 -25.47 -39.12 4.57
C ASP L 38 -25.75 -39.11 3.06
N SER L 39 -26.56 -38.17 2.57
CA SER L 39 -26.77 -38.07 1.12
C SER L 39 -25.85 -37.09 0.41
N MET L 40 -24.70 -36.78 1.01
CA MET L 40 -23.71 -35.87 0.42
C MET L 40 -24.32 -34.49 0.13
N ASN L 41 -25.16 -33.97 1.01
CA ASN L 41 -25.64 -32.57 0.93
C ASN L 41 -25.02 -31.78 2.07
N VAL L 42 -24.67 -30.53 1.80
CA VAL L 42 -23.77 -29.78 2.70
C VAL L 42 -24.26 -28.37 2.96
N GLN L 43 -23.94 -27.84 4.14
CA GLN L 43 -24.12 -26.43 4.44
C GLN L 43 -22.76 -25.81 4.59
N LEU L 44 -22.46 -24.82 3.75
CA LEU L 44 -21.21 -24.09 3.80
C LEU L 44 -21.42 -22.73 4.41
N ARG L 45 -20.38 -22.23 5.10
CA ARG L 45 -20.43 -20.98 5.85
C ARG L 45 -19.29 -20.08 5.39
N ASP L 46 -19.61 -18.82 5.09
CA ASP L 46 -18.65 -17.79 4.64
C ASP L 46 -17.98 -18.15 3.29
N VAL L 47 -18.79 -18.21 2.23
CA VAL L 47 -18.34 -18.83 1.00
C VAL L 47 -18.02 -17.81 -0.06
N ILE L 48 -17.41 -18.29 -1.14
CA ILE L 48 -17.19 -17.52 -2.35
C ILE L 48 -17.72 -18.35 -3.46
N ALA L 49 -18.62 -17.76 -4.22
CA ALA L 49 -19.44 -18.49 -5.19
C ALA L 49 -19.18 -18.00 -6.61
N THR L 50 -18.76 -18.93 -7.46
CA THR L 50 -18.36 -18.63 -8.81
C THR L 50 -19.36 -19.19 -9.82
N GLU L 51 -20.16 -18.30 -10.41
CA GLU L 51 -21.17 -18.68 -11.41
C GLU L 51 -20.50 -19.24 -12.65
N PRO L 52 -21.24 -20.06 -13.43
CA PRO L 52 -20.60 -20.83 -14.50
C PRO L 52 -19.96 -19.99 -15.59
N GLN L 53 -20.42 -18.76 -15.78
CA GLN L 53 -19.78 -17.80 -16.68
C GLN L 53 -18.76 -16.86 -15.99
N GLY L 54 -18.20 -17.33 -14.87
CA GLY L 54 -17.09 -16.64 -14.20
C GLY L 54 -17.43 -15.63 -13.13
N ALA L 55 -18.68 -15.19 -13.04
CA ALA L 55 -19.04 -14.12 -12.12
C ALA L 55 -18.92 -14.59 -10.68
N VAL L 56 -18.15 -13.88 -9.84
CA VAL L 56 -17.92 -14.31 -8.45
C VAL L 56 -18.60 -13.37 -7.45
N THR L 57 -19.22 -13.95 -6.41
CA THR L 57 -19.83 -13.16 -5.32
C THR L 57 -19.47 -13.80 -4.00
N HIS L 58 -19.97 -13.22 -2.91
CA HIS L 58 -19.75 -13.75 -1.55
C HIS L 58 -21.09 -13.86 -0.86
N MET L 59 -21.37 -15.00 -0.24
CA MET L 59 -22.62 -15.21 0.49
C MET L 59 -22.33 -15.91 1.79
N ASP L 60 -23.09 -15.54 2.81
CA ASP L 60 -22.75 -15.90 4.19
C ASP L 60 -23.03 -17.35 4.53
N GLN L 61 -24.10 -17.89 3.95
CA GLN L 61 -24.62 -19.19 4.31
C GLN L 61 -25.31 -19.78 3.09
N ILE L 62 -25.05 -21.05 2.79
CA ILE L 62 -25.63 -21.70 1.62
C ILE L 62 -25.91 -23.17 1.88
N PHE L 63 -27.00 -23.67 1.31
CA PHE L 63 -27.39 -25.08 1.37
C PHE L 63 -27.49 -25.59 -0.07
N VAL L 64 -27.07 -26.83 -0.30
CA VAL L 64 -27.09 -27.44 -1.64
C VAL L 64 -27.64 -28.85 -1.59
N ARG L 65 -28.59 -29.15 -2.49
CA ARG L 65 -29.11 -30.52 -2.64
C ARG L 65 -27.90 -31.36 -3.04
N GLY L 66 -27.74 -32.48 -2.37
CA GLY L 66 -26.56 -33.33 -2.55
C GLY L 66 -26.52 -33.92 -3.94
N SER L 67 -27.70 -34.11 -4.53
CA SER L 67 -27.84 -34.66 -5.86
C SER L 67 -27.14 -33.87 -6.93
N GLN L 68 -26.90 -32.58 -6.71
CA GLN L 68 -26.28 -31.73 -7.73
C GLN L 68 -24.77 -31.54 -7.58
N ILE L 69 -24.16 -32.16 -6.57
CA ILE L 69 -22.71 -32.08 -6.37
C ILE L 69 -21.97 -32.98 -7.37
N LYS L 70 -20.95 -32.44 -8.02
CA LYS L 70 -20.14 -33.19 -9.00
C LYS L 70 -18.84 -33.70 -8.39
N PHE L 71 -18.18 -32.85 -7.62
CA PHE L 71 -17.13 -33.31 -6.72
C PHE L 71 -16.91 -32.37 -5.55
N ILE L 72 -16.22 -32.87 -4.55
CA ILE L 72 -15.81 -32.06 -3.40
C ILE L 72 -14.30 -32.19 -3.33
N VAL L 73 -13.60 -31.08 -3.11
CA VAL L 73 -12.17 -31.09 -2.84
C VAL L 73 -11.97 -30.82 -1.36
N VAL L 74 -11.23 -31.70 -0.70
CA VAL L 74 -11.09 -31.70 0.76
C VAL L 74 -9.65 -31.26 1.08
N PRO L 75 -9.36 -30.78 2.31
CA PRO L 75 -7.96 -30.53 2.68
C PRO L 75 -7.10 -31.78 2.55
N ASP L 76 -5.84 -31.59 2.21
CA ASP L 76 -5.00 -32.69 1.76
C ASP L 76 -4.45 -33.55 2.90
N LEU L 77 -4.48 -33.03 4.14
CA LEU L 77 -4.01 -33.79 5.32
C LEU L 77 -4.93 -34.94 5.79
N LEU L 78 -6.18 -34.98 5.33
CA LEU L 78 -7.04 -36.14 5.60
C LEU L 78 -6.73 -37.37 4.74
N LYS L 79 -5.85 -37.23 3.73
CA LYS L 79 -5.39 -38.39 2.93
C LYS L 79 -4.86 -39.54 3.75
N ASN L 80 -4.46 -39.25 4.99
CA ASN L 80 -4.01 -40.25 5.97
C ASN L 80 -4.78 -40.17 7.30
N ALA L 81 -6.09 -40.04 7.21
CA ALA L 81 -6.99 -40.32 8.32
C ALA L 81 -7.28 -41.81 8.27
N PRO L 82 -7.81 -42.38 9.36
CA PRO L 82 -7.82 -43.83 9.54
C PRO L 82 -9.00 -44.56 8.88
N LEU L 83 -9.76 -43.87 8.04
CA LEU L 83 -10.73 -44.55 7.18
C LEU L 83 -9.99 -45.44 6.19
N PHE L 84 -8.82 -44.96 5.74
CA PHE L 84 -8.04 -45.61 4.70
C PHE L 84 -7.08 -46.71 5.18
N LYS L 85 -7.03 -46.98 6.48
CA LYS L 85 -6.27 -48.14 6.97
C LYS L 85 -6.97 -49.44 6.55
N LYS L 86 -6.22 -50.32 5.87
CA LYS L 86 -6.79 -51.54 5.30
C LYS L 86 -7.02 -52.55 6.42
N ASN L 87 -5.93 -52.93 7.07
CA ASN L 87 -5.96 -53.91 8.16
C ASN L 87 -6.11 -53.16 9.47
N SER L 88 -7.32 -53.17 10.01
CA SER L 88 -7.65 -52.53 11.27
C SER L 88 -8.12 -53.60 12.26
N SER L 89 -7.77 -53.41 13.53
CA SER L 89 -8.06 -54.36 14.59
C SER L 89 -8.95 -53.71 15.63
N ARG L 90 -10.26 -53.87 15.45
CA ARG L 90 -11.23 -53.37 16.41
C ARG L 90 -11.25 -54.28 17.65
N PRO L 91 -11.44 -53.71 18.86
CA PRO L 91 -11.59 -54.58 20.03
C PRO L 91 -12.94 -55.29 20.09
N MET L 92 -13.09 -56.25 20.99
CA MET L 92 -14.35 -56.98 21.17
C MET L 92 -15.38 -56.03 21.78
N PRO L 93 -16.59 -55.94 21.18
CA PRO L 93 -17.60 -54.95 21.60
C PRO L 93 -18.14 -55.21 23.01
N PRO L 94 -18.63 -54.15 23.71
CA PRO L 94 -19.33 -54.37 24.99
C PRO L 94 -20.74 -54.95 24.77
N ILE L 95 -21.19 -55.79 25.71
CA ILE L 95 -22.46 -56.55 25.57
C ILE L 95 -23.65 -55.65 25.90
N ARG L 96 -24.67 -55.67 25.04
CA ARG L 96 -25.86 -54.82 25.20
C ARG L 96 -26.86 -55.43 26.17
N MET M 10 -44.22 -25.22 12.30
CA MET M 10 -43.85 -25.74 10.94
C MET M 10 -45.09 -26.11 10.13
N VAL M 11 -44.96 -26.02 8.80
CA VAL M 11 -46.02 -26.38 7.85
C VAL M 11 -45.47 -27.31 6.75
N PRO M 12 -45.47 -28.65 6.97
CA PRO M 12 -44.95 -29.57 5.93
C PRO M 12 -45.66 -29.41 4.58
N PRO M 13 -44.97 -29.74 3.47
CA PRO M 13 -45.53 -29.53 2.13
C PRO M 13 -46.75 -30.41 1.80
N ILE M 14 -46.69 -31.69 2.18
CA ILE M 14 -47.81 -32.60 1.96
C ILE M 14 -49.03 -32.12 2.78
N ASN M 15 -48.77 -31.56 3.95
CA ASN M 15 -49.79 -30.86 4.70
C ASN M 15 -50.33 -29.67 3.92
N CYS M 16 -49.44 -28.94 3.24
CA CYS M 16 -49.86 -27.71 2.58
C CYS M 16 -50.35 -27.92 1.15
N ILE M 17 -50.06 -29.08 0.55
CA ILE M 17 -50.75 -29.44 -0.68
C ILE M 17 -52.20 -29.73 -0.36
N PHE M 18 -52.44 -30.35 0.80
CA PHE M 18 -53.78 -30.71 1.24
C PHE M 18 -54.68 -29.48 1.49
N ASN M 19 -54.07 -28.35 1.86
CA ASN M 19 -54.81 -27.07 2.02
C ASN M 19 -55.03 -26.29 0.71
N PHE M 20 -54.77 -26.92 -0.44
CA PHE M 20 -55.38 -26.53 -1.71
C PHE M 20 -56.52 -27.48 -2.13
N LEU M 21 -56.49 -28.72 -1.65
CA LEU M 21 -57.54 -29.71 -1.94
C LEU M 21 -58.88 -29.29 -1.36
N GLN M 22 -58.92 -29.13 -0.03
CA GLN M 22 -60.17 -28.82 0.68
C GLN M 22 -60.65 -27.37 0.49
N GLN M 23 -59.72 -26.42 0.37
CA GLN M 23 -60.08 -25.00 0.23
C GLN M 23 -60.63 -24.62 -1.16
N GLN M 24 -60.43 -25.49 -2.15
CA GLN M 24 -60.94 -25.30 -3.53
C GLN M 24 -60.33 -24.07 -4.25
N THR M 25 -59.15 -23.62 -3.80
CA THR M 25 -58.47 -22.47 -4.41
C THR M 25 -57.89 -22.85 -5.78
N PRO M 26 -57.96 -21.94 -6.76
CA PRO M 26 -57.34 -22.25 -8.05
C PRO M 26 -55.82 -22.03 -7.96
N VAL M 27 -55.06 -23.01 -8.45
CA VAL M 27 -53.59 -22.94 -8.43
C VAL M 27 -53.01 -22.93 -9.84
N THR M 28 -51.78 -22.43 -9.94
CA THR M 28 -50.98 -22.52 -11.14
C THR M 28 -49.75 -23.39 -10.82
N ILE M 29 -49.41 -24.30 -11.74
CA ILE M 29 -48.30 -25.25 -11.54
C ILE M 29 -47.30 -25.14 -12.68
N TRP M 30 -46.15 -24.55 -12.38
CA TRP M 30 -45.03 -24.45 -13.32
C TRP M 30 -44.45 -25.83 -13.50
N LEU M 31 -44.22 -26.23 -14.75
CA LEU M 31 -43.65 -27.55 -15.08
C LEU M 31 -42.13 -27.48 -15.26
N PHE M 32 -41.52 -28.60 -15.69
CA PHE M 32 -40.11 -28.63 -16.09
C PHE M 32 -39.86 -27.70 -17.28
N GLU M 33 -38.79 -26.91 -17.20
CA GLU M 33 -38.52 -25.80 -18.14
C GLU M 33 -38.42 -26.20 -19.63
N GLN M 34 -38.24 -27.51 -19.88
CA GLN M 34 -38.08 -28.04 -21.23
C GLN M 34 -39.40 -28.00 -22.03
N ILE M 35 -40.51 -28.34 -21.37
CA ILE M 35 -41.80 -28.60 -22.03
C ILE M 35 -42.40 -27.31 -22.60
N GLY M 36 -42.50 -26.30 -21.73
CA GLY M 36 -42.90 -24.94 -22.14
C GLY M 36 -44.38 -24.60 -22.02
N ILE M 37 -45.05 -25.16 -21.01
CA ILE M 37 -46.45 -24.81 -20.69
C ILE M 37 -46.64 -24.71 -19.17
N ARG M 38 -47.54 -23.83 -18.74
CA ARG M 38 -47.98 -23.78 -17.33
C ARG M 38 -49.44 -24.26 -17.28
N ILE M 39 -49.75 -25.13 -16.30
CA ILE M 39 -51.10 -25.69 -16.11
C ILE M 39 -51.75 -24.98 -14.92
N LYS M 40 -53.07 -24.76 -15.00
CA LYS M 40 -53.83 -24.17 -13.90
C LYS M 40 -55.29 -24.62 -13.85
N GLY M 41 -55.83 -24.59 -12.64
CA GLY M 41 -57.11 -25.22 -12.31
C GLY M 41 -57.08 -25.69 -10.87
N LYS M 42 -58.17 -26.29 -10.38
CA LYS M 42 -58.29 -26.69 -8.97
C LYS M 42 -57.71 -28.09 -8.69
N ILE M 43 -56.81 -28.18 -7.71
CA ILE M 43 -56.21 -29.44 -7.27
C ILE M 43 -57.20 -30.20 -6.39
N VAL M 44 -57.72 -31.31 -6.92
CA VAL M 44 -58.73 -32.12 -6.25
C VAL M 44 -58.10 -33.01 -5.18
N GLY M 45 -57.08 -33.78 -5.60
CA GLY M 45 -56.49 -34.84 -4.78
C GLY M 45 -55.09 -35.26 -5.22
N PHE M 46 -54.33 -35.81 -4.26
CA PHE M 46 -52.91 -36.10 -4.42
C PHE M 46 -52.55 -37.48 -3.85
N ASP M 47 -51.38 -37.99 -4.26
CA ASP M 47 -50.80 -39.25 -3.75
C ASP M 47 -49.49 -38.99 -2.97
N GLU M 48 -48.90 -40.06 -2.43
CA GLU M 48 -47.60 -39.97 -1.73
C GLU M 48 -46.44 -39.48 -2.62
N PHE M 49 -46.56 -39.70 -3.94
CA PHE M 49 -45.50 -39.34 -4.91
C PHE M 49 -45.70 -37.96 -5.54
N MET M 50 -46.52 -37.09 -4.92
CA MET M 50 -46.76 -35.74 -5.41
C MET M 50 -47.15 -35.69 -6.90
N ASN M 51 -48.09 -36.57 -7.25
CA ASN M 51 -48.76 -36.54 -8.55
C ASN M 51 -50.23 -36.29 -8.24
N VAL M 52 -50.81 -35.28 -8.89
CA VAL M 52 -52.09 -34.74 -8.49
C VAL M 52 -53.10 -34.74 -9.63
N VAL M 53 -54.38 -34.76 -9.27
CA VAL M 53 -55.48 -34.62 -10.23
C VAL M 53 -55.98 -33.16 -10.22
N ILE M 54 -56.15 -32.57 -11.40
CA ILE M 54 -56.53 -31.17 -11.54
C ILE M 54 -57.91 -31.11 -12.21
N ASP M 55 -58.85 -30.39 -11.57
CA ASP M 55 -60.25 -30.25 -12.07
C ASP M 55 -60.46 -28.93 -12.83
N GLU M 56 -61.04 -29.03 -14.03
CA GLU M 56 -61.25 -27.89 -14.93
C GLU M 56 -59.90 -27.24 -15.30
N ALA M 57 -59.06 -28.02 -16.00
CA ALA M 57 -57.68 -27.61 -16.30
C ALA M 57 -57.53 -26.97 -17.68
N VAL M 58 -56.51 -26.11 -17.80
CA VAL M 58 -56.20 -25.37 -19.03
C VAL M 58 -54.68 -25.32 -19.24
N GLU M 59 -54.25 -25.42 -20.51
CA GLU M 59 -52.83 -25.52 -20.87
C GLU M 59 -52.31 -24.23 -21.51
N ILE M 60 -51.61 -23.40 -20.72
CA ILE M 60 -51.13 -22.09 -21.19
C ILE M 60 -49.65 -22.17 -21.61
N PRO M 61 -49.35 -21.86 -22.91
CA PRO M 61 -47.95 -21.81 -23.37
C PRO M 61 -47.18 -20.53 -22.97
N VAL M 62 -45.87 -20.64 -22.77
CA VAL M 62 -45.02 -19.53 -22.24
C VAL M 62 -43.77 -19.28 -23.09
N GLU M 72 -52.60 -16.54 -23.14
CA GLU M 72 -53.91 -16.89 -22.61
C GLU M 72 -54.88 -17.32 -23.72
N LYS M 73 -54.38 -18.16 -24.63
CA LYS M 73 -55.15 -18.69 -25.77
C LYS M 73 -55.19 -20.23 -25.80
N GLY M 74 -54.80 -20.87 -24.69
CA GLY M 74 -54.65 -22.33 -24.64
C GLY M 74 -55.96 -23.05 -24.37
N THR M 75 -56.06 -24.27 -24.90
CA THR M 75 -57.29 -25.06 -24.82
C THR M 75 -57.54 -25.59 -23.39
N PRO M 76 -58.82 -25.85 -23.04
CA PRO M 76 -59.14 -26.50 -21.77
C PRO M 76 -58.99 -28.03 -21.88
N LEU M 77 -58.53 -28.65 -20.80
CA LEU M 77 -58.18 -30.08 -20.80
C LEU M 77 -59.31 -30.96 -20.25
N GLY M 78 -59.82 -30.60 -19.07
CA GLY M 78 -60.89 -31.34 -18.39
C GLY M 78 -60.47 -31.79 -17.01
N LYS M 79 -60.55 -33.11 -16.76
CA LYS M 79 -60.03 -33.72 -15.54
C LYS M 79 -58.69 -34.40 -15.88
N ILE M 80 -57.58 -33.85 -15.36
CA ILE M 80 -56.22 -34.32 -15.71
C ILE M 80 -55.48 -34.84 -14.49
N LEU M 81 -54.99 -36.09 -14.56
CA LEU M 81 -54.00 -36.61 -13.61
C LEU M 81 -52.60 -36.21 -14.07
N LEU M 82 -51.91 -35.39 -13.28
CA LEU M 82 -50.58 -34.89 -13.62
C LEU M 82 -49.50 -35.72 -12.93
N LYS M 83 -48.48 -36.08 -13.68
CA LYS M 83 -47.40 -36.94 -13.19
C LYS M 83 -46.37 -36.11 -12.39
N GLY M 84 -45.86 -36.68 -11.30
CA GLY M 84 -45.05 -35.94 -10.29
C GLY M 84 -43.56 -35.73 -10.58
N ASP M 85 -43.11 -36.19 -11.75
CA ASP M 85 -41.77 -35.89 -12.27
C ASP M 85 -41.69 -34.47 -12.80
N ASN M 86 -42.81 -33.97 -13.31
CA ASN M 86 -42.83 -32.69 -14.03
C ASN M 86 -43.29 -31.51 -13.16
N ILE M 87 -43.56 -31.76 -11.87
CA ILE M 87 -44.02 -30.72 -10.96
C ILE M 87 -42.80 -29.98 -10.44
N THR M 88 -42.74 -28.68 -10.75
CA THR M 88 -41.68 -27.78 -10.30
C THR M 88 -42.19 -26.85 -9.19
N LEU M 89 -43.29 -26.14 -9.49
CA LEU M 89 -43.95 -25.28 -8.50
C LEU M 89 -45.43 -25.63 -8.42
N ILE M 90 -46.03 -25.41 -7.25
CA ILE M 90 -47.49 -25.37 -7.14
C ILE M 90 -47.80 -24.06 -6.41
N THR M 91 -48.55 -23.19 -7.09
CA THR M 91 -48.71 -21.79 -6.69
C THR M 91 -50.17 -21.31 -6.78
N SER M 92 -50.58 -20.53 -5.78
CA SER M 92 -51.91 -19.91 -5.71
C SER M 92 -52.00 -18.60 -6.54
N PRO N 12 -63.17 -35.38 -4.32
CA PRO N 12 -62.20 -35.92 -3.35
C PRO N 12 -61.46 -37.20 -3.83
N VAL N 13 -61.24 -37.29 -5.14
CA VAL N 13 -60.71 -38.50 -5.80
C VAL N 13 -59.16 -38.49 -5.84
N ASN N 14 -58.54 -39.56 -5.32
CA ASN N 14 -57.08 -39.71 -5.35
C ASN N 14 -56.62 -40.35 -6.67
N PRO N 15 -55.29 -40.28 -6.98
CA PRO N 15 -54.81 -40.73 -8.31
C PRO N 15 -54.96 -42.22 -8.61
N LYS N 16 -54.60 -43.07 -7.65
CA LYS N 16 -54.71 -44.51 -7.87
C LYS N 16 -56.17 -44.98 -8.10
N PRO N 17 -57.13 -44.52 -7.27
CA PRO N 17 -58.52 -44.79 -7.63
C PRO N 17 -59.01 -44.06 -8.88
N PHE N 18 -58.30 -43.02 -9.30
CA PHE N 18 -58.70 -42.31 -10.51
C PHE N 18 -58.44 -43.14 -11.76
N LEU N 19 -57.37 -43.92 -11.76
CA LEU N 19 -57.13 -44.82 -12.89
C LEU N 19 -58.15 -45.95 -12.92
N LYS N 20 -58.59 -46.39 -11.75
CA LYS N 20 -59.56 -47.49 -11.68
C LYS N 20 -60.91 -47.04 -12.24
N GLY N 21 -61.23 -45.76 -12.10
CA GLY N 21 -62.44 -45.23 -12.70
C GLY N 21 -62.34 -45.16 -14.21
N LEU N 22 -61.16 -44.81 -14.71
CA LEU N 22 -60.91 -44.67 -16.15
C LEU N 22 -60.57 -45.97 -16.89
N VAL N 23 -60.86 -47.13 -16.29
CA VAL N 23 -60.66 -48.42 -16.96
C VAL N 23 -61.69 -48.58 -18.10
N ASN N 24 -61.22 -49.13 -19.23
CA ASN N 24 -61.97 -49.24 -20.52
C ASN N 24 -62.93 -48.08 -20.89
N HIS N 25 -62.41 -46.86 -20.75
CA HIS N 25 -63.02 -45.64 -21.32
C HIS N 25 -62.02 -45.05 -22.29
N ARG N 26 -62.47 -44.12 -23.13
CA ARG N 26 -61.57 -43.43 -24.08
C ARG N 26 -60.74 -42.35 -23.38
N VAL N 27 -59.42 -42.56 -23.34
CA VAL N 27 -58.49 -41.61 -22.73
C VAL N 27 -57.41 -41.15 -23.71
N GLY N 28 -56.82 -40.00 -23.40
CA GLY N 28 -55.65 -39.48 -24.09
C GLY N 28 -54.54 -39.35 -23.06
N VAL N 29 -53.32 -39.73 -23.45
CA VAL N 29 -52.16 -39.64 -22.55
C VAL N 29 -51.01 -38.94 -23.23
N LYS N 30 -50.60 -37.83 -22.62
CA LYS N 30 -49.67 -36.89 -23.21
C LYS N 30 -48.25 -37.25 -22.77
N LEU N 31 -47.40 -37.65 -23.72
CA LEU N 31 -45.98 -37.80 -23.45
C LEU N 31 -45.36 -36.43 -23.43
N LYS N 32 -44.31 -36.28 -22.64
CA LYS N 32 -43.68 -34.98 -22.44
C LYS N 32 -42.92 -34.41 -23.66
N PHE N 33 -42.68 -35.23 -24.69
CA PHE N 33 -41.66 -34.91 -25.67
C PHE N 33 -42.11 -33.90 -26.71
N ASN N 34 -42.88 -34.35 -27.70
CA ASN N 34 -43.25 -33.51 -28.84
C ASN N 34 -44.74 -33.16 -28.82
N SER N 35 -45.27 -32.93 -27.62
CA SER N 35 -46.71 -32.78 -27.41
C SER N 35 -47.47 -33.89 -28.15
N THR N 36 -47.15 -35.14 -27.82
CA THR N 36 -47.78 -36.30 -28.43
C THR N 36 -48.73 -36.96 -27.44
N GLU N 37 -50.03 -36.92 -27.75
CA GLU N 37 -51.03 -37.67 -27.01
C GLU N 37 -51.31 -38.95 -27.78
N TYR N 38 -51.48 -40.06 -27.04
CA TYR N 38 -51.98 -41.31 -27.61
C TYR N 38 -53.45 -41.48 -27.24
N ARG N 39 -54.29 -41.56 -28.28
CA ARG N 39 -55.75 -41.46 -28.16
C ARG N 39 -56.40 -42.82 -28.43
N GLY N 40 -56.79 -43.51 -27.35
CA GLY N 40 -57.43 -44.83 -27.46
C GLY N 40 -58.20 -45.22 -26.21
N THR N 41 -58.54 -46.51 -26.12
CA THR N 41 -59.24 -47.06 -24.95
C THR N 41 -58.27 -47.83 -24.04
N LEU N 42 -58.24 -47.44 -22.77
CA LEU N 42 -57.35 -48.04 -21.78
C LEU N 42 -57.75 -49.49 -21.50
N VAL N 43 -56.77 -50.34 -21.16
CA VAL N 43 -57.01 -51.75 -20.85
C VAL N 43 -56.83 -52.02 -19.37
N SER N 44 -55.63 -51.78 -18.87
CA SER N 44 -55.32 -51.97 -17.46
C SER N 44 -54.10 -51.15 -17.06
N THR N 45 -53.83 -51.12 -15.76
CA THR N 45 -52.77 -50.30 -15.21
C THR N 45 -51.90 -51.09 -14.25
N ASP N 46 -50.70 -50.56 -14.00
CA ASP N 46 -49.72 -51.16 -13.10
C ASP N 46 -49.75 -50.48 -11.75
N ASN N 47 -48.78 -50.83 -10.91
CA ASN N 47 -48.51 -50.10 -9.68
C ASN N 47 -47.84 -48.75 -10.03
N TYR N 48 -47.00 -48.75 -11.07
CA TYR N 48 -46.24 -47.56 -11.49
C TYR N 48 -46.88 -46.75 -12.63
N PHE N 49 -48.18 -46.92 -12.85
CA PHE N 49 -48.90 -46.26 -13.94
C PHE N 49 -48.25 -46.48 -15.30
N ASN N 50 -47.86 -47.73 -15.52
CA ASN N 50 -47.61 -48.20 -16.87
C ASN N 50 -48.99 -48.41 -17.48
N LEU N 51 -49.13 -48.14 -18.78
CA LEU N 51 -50.43 -48.14 -19.43
C LEU N 51 -50.52 -49.16 -20.54
N GLN N 52 -51.73 -49.52 -20.91
CA GLN N 52 -51.98 -50.41 -22.03
C GLN N 52 -53.22 -49.93 -22.76
N LEU N 53 -53.14 -49.83 -24.08
CA LEU N 53 -54.23 -49.26 -24.90
C LEU N 53 -54.77 -50.23 -25.96
N ASN N 54 -55.99 -49.98 -26.42
CA ASN N 54 -56.60 -50.69 -27.57
C ASN N 54 -57.13 -49.69 -28.57
N GLU N 55 -56.95 -49.98 -29.86
CA GLU N 55 -57.48 -49.15 -30.93
C GLU N 55 -57.04 -47.68 -30.78
N ALA N 56 -55.73 -47.49 -30.64
CA ALA N 56 -55.17 -46.16 -30.35
C ALA N 56 -54.96 -45.31 -31.60
N GLU N 57 -54.76 -44.01 -31.37
CA GLU N 57 -54.49 -43.04 -32.44
C GLU N 57 -53.43 -42.06 -31.95
N GLU N 58 -52.36 -41.90 -32.74
CA GLU N 58 -51.20 -41.07 -32.37
C GLU N 58 -51.37 -39.64 -32.87
N PHE N 59 -51.51 -38.68 -31.93
CA PHE N 59 -51.64 -37.26 -32.29
C PHE N 59 -50.41 -36.44 -31.86
N VAL N 60 -49.57 -36.08 -32.82
CA VAL N 60 -48.42 -35.18 -32.62
C VAL N 60 -48.68 -33.82 -33.27
N HIS N 65 -52.41 -38.40 -35.98
CA HIS N 65 -52.62 -38.51 -37.43
C HIS N 65 -52.83 -39.96 -37.90
N GLY N 66 -52.12 -40.92 -37.29
CA GLY N 66 -52.23 -42.35 -37.63
C GLY N 66 -53.14 -43.13 -36.68
N THR N 67 -53.65 -44.27 -37.17
CA THR N 67 -54.49 -45.19 -36.38
C THR N 67 -53.75 -46.51 -36.11
N LEU N 68 -53.51 -46.81 -34.82
CA LEU N 68 -52.62 -47.90 -34.36
C LEU N 68 -53.37 -49.04 -33.69
N GLY N 69 -52.67 -50.17 -33.52
CA GLY N 69 -53.25 -51.39 -32.96
C GLY N 69 -53.39 -51.41 -31.45
N GLU N 70 -52.41 -52.04 -30.77
CA GLU N 70 -52.43 -52.23 -29.31
C GLU N 70 -51.09 -51.78 -28.72
N ILE N 71 -51.13 -50.75 -27.86
CA ILE N 71 -49.93 -50.04 -27.41
C ILE N 71 -49.67 -50.34 -25.93
N PHE N 72 -48.40 -50.26 -25.55
CA PHE N 72 -47.94 -50.18 -24.17
C PHE N 72 -47.12 -48.91 -24.03
N ILE N 73 -47.33 -48.17 -22.94
CA ILE N 73 -46.57 -46.94 -22.68
C ILE N 73 -45.85 -47.06 -21.35
N ARG N 74 -44.56 -46.74 -21.35
CA ARG N 74 -43.76 -46.79 -20.12
C ARG N 74 -44.05 -45.56 -19.27
N CYS N 75 -43.89 -45.71 -17.96
CA CYS N 75 -44.35 -44.72 -16.98
C CYS N 75 -43.66 -43.36 -17.06
N ASN N 76 -42.33 -43.37 -17.07
CA ASN N 76 -41.50 -42.14 -17.06
C ASN N 76 -41.94 -41.10 -18.07
N ASN N 77 -42.29 -41.57 -19.28
CA ASN N 77 -42.50 -40.72 -20.43
C ASN N 77 -43.81 -39.92 -20.39
N VAL N 78 -44.77 -40.32 -19.56
CA VAL N 78 -46.10 -39.67 -19.52
C VAL N 78 -46.10 -38.32 -18.77
N LEU N 79 -46.82 -37.34 -19.32
CA LEU N 79 -47.00 -36.01 -18.69
C LEU N 79 -48.30 -36.00 -17.85
N TYR N 80 -49.46 -36.13 -18.53
CA TYR N 80 -50.79 -36.16 -17.88
C TYR N 80 -51.77 -37.10 -18.59
N ILE N 81 -52.86 -37.45 -17.89
CA ILE N 81 -53.86 -38.39 -18.38
C ILE N 81 -55.26 -37.74 -18.38
N ARG N 82 -55.91 -37.65 -19.54
CA ARG N 82 -57.22 -36.97 -19.70
C ARG N 82 -58.32 -37.89 -20.28
N GLU N 83 -59.59 -37.55 -20.00
CA GLU N 83 -60.78 -38.30 -20.48
C GLU N 83 -61.54 -37.54 -21.58
N VAL O 2 -34.32 -40.99 3.90
CA VAL O 2 -33.88 -41.58 5.20
C VAL O 2 -33.90 -40.51 6.32
N SER O 3 -32.94 -39.58 6.27
CA SER O 3 -32.79 -38.53 7.27
C SER O 3 -33.41 -37.22 6.75
N THR O 4 -33.98 -36.42 7.65
CA THR O 4 -34.57 -35.13 7.27
C THR O 4 -33.44 -34.08 7.18
N PRO O 5 -33.41 -33.27 6.08
CA PRO O 5 -32.40 -32.22 5.96
C PRO O 5 -32.56 -31.16 7.03
N GLU O 6 -31.48 -30.84 7.75
CA GLU O 6 -31.60 -29.91 8.89
C GLU O 6 -31.49 -28.43 8.47
N LEU O 7 -32.64 -27.90 8.06
CA LEU O 7 -32.83 -26.47 7.83
C LEU O 7 -33.62 -25.85 9.00
N LYS O 8 -33.51 -26.43 10.20
CA LYS O 8 -34.24 -25.95 11.39
C LYS O 8 -33.84 -24.51 11.76
N LYS O 9 -32.55 -24.18 11.60
CA LYS O 9 -32.05 -22.83 11.82
C LYS O 9 -32.48 -21.80 10.76
N TYR O 10 -32.88 -22.25 9.56
CA TYR O 10 -33.27 -21.35 8.46
C TYR O 10 -34.68 -20.78 8.55
N MET O 11 -35.65 -21.56 9.06
CA MET O 11 -37.08 -21.22 8.90
C MET O 11 -37.53 -19.87 9.47
N ASP O 12 -38.47 -19.26 8.75
CA ASP O 12 -38.98 -17.89 8.95
C ASP O 12 -38.04 -16.73 8.53
N LYS O 13 -36.95 -17.04 7.83
CA LYS O 13 -36.05 -16.01 7.26
C LYS O 13 -36.27 -15.97 5.77
N LYS O 14 -35.96 -14.83 5.15
CA LYS O 14 -36.08 -14.68 3.70
C LYS O 14 -34.98 -15.48 3.02
N ILE O 15 -35.34 -16.20 1.96
CA ILE O 15 -34.46 -17.19 1.36
C ILE O 15 -34.57 -17.17 -0.15
N LEU O 16 -33.44 -16.98 -0.81
CA LEU O 16 -33.35 -17.05 -2.26
C LEU O 16 -32.99 -18.47 -2.61
N LEU O 17 -33.61 -19.03 -3.64
CA LEU O 17 -33.21 -20.34 -4.14
C LEU O 17 -33.41 -20.44 -5.63
N ASN O 18 -32.56 -21.25 -6.27
CA ASN O 18 -32.54 -21.37 -7.75
C ASN O 18 -33.27 -22.63 -8.20
N ILE O 19 -34.34 -22.40 -8.97
CA ILE O 19 -35.18 -23.46 -9.50
C ILE O 19 -34.61 -23.92 -10.83
N ASN O 20 -34.34 -25.22 -10.91
CA ASN O 20 -33.64 -25.79 -12.05
C ASN O 20 -32.44 -24.94 -12.44
N GLY O 21 -32.45 -24.31 -13.61
CA GLY O 21 -31.27 -23.62 -14.12
C GLY O 21 -31.29 -22.14 -13.81
N SER O 22 -32.22 -21.46 -14.48
CA SER O 22 -32.21 -20.00 -14.60
C SER O 22 -33.11 -19.26 -13.61
N ARG O 23 -34.26 -19.85 -13.27
CA ARG O 23 -35.26 -19.14 -12.45
C ARG O 23 -34.81 -19.06 -11.00
N LYS O 24 -34.94 -17.88 -10.42
CA LYS O 24 -34.62 -17.66 -9.01
C LYS O 24 -35.86 -17.15 -8.30
N VAL O 25 -36.14 -17.75 -7.14
CA VAL O 25 -37.38 -17.52 -6.42
C VAL O 25 -37.03 -17.18 -4.98
N ALA O 26 -37.39 -15.98 -4.53
CA ALA O 26 -37.14 -15.56 -3.15
C ALA O 26 -38.43 -15.53 -2.34
N GLY O 27 -38.40 -16.06 -1.12
CA GLY O 27 -39.59 -16.05 -0.24
C GLY O 27 -39.20 -16.31 1.20
N ILE O 28 -40.19 -16.46 2.08
CA ILE O 28 -39.95 -16.67 3.52
C ILE O 28 -40.30 -18.12 3.89
N LEU O 29 -39.30 -18.89 4.31
CA LEU O 29 -39.38 -20.34 4.37
C LEU O 29 -40.18 -20.85 5.56
N ARG O 30 -41.25 -21.60 5.27
CA ARG O 30 -42.11 -22.16 6.32
C ARG O 30 -41.69 -23.57 6.67
N GLY O 31 -41.83 -24.49 5.71
CA GLY O 31 -41.66 -25.91 5.97
C GLY O 31 -40.91 -26.71 4.92
N TYR O 32 -40.41 -27.86 5.35
CA TYR O 32 -39.59 -28.74 4.54
C TYR O 32 -39.85 -30.20 4.91
N ASP O 33 -39.38 -31.11 4.06
CA ASP O 33 -39.60 -32.56 4.21
C ASP O 33 -38.33 -33.35 3.85
N ILE O 34 -38.39 -34.68 3.93
CA ILE O 34 -37.21 -35.53 3.65
C ILE O 34 -36.68 -35.51 2.20
N PHE O 35 -37.53 -35.12 1.25
CA PHE O 35 -37.12 -34.99 -0.16
C PHE O 35 -36.57 -33.62 -0.51
N LEU O 36 -36.61 -32.69 0.44
CA LEU O 36 -36.27 -31.30 0.21
C LEU O 36 -37.28 -30.58 -0.70
N ASN O 37 -38.53 -31.05 -0.72
CA ASN O 37 -39.63 -30.25 -1.27
C ASN O 37 -39.95 -29.24 -0.15
N VAL O 38 -40.02 -27.96 -0.53
CA VAL O 38 -40.05 -26.86 0.43
C VAL O 38 -41.22 -25.93 0.08
N VAL O 39 -41.76 -25.28 1.13
CA VAL O 39 -42.92 -24.38 1.03
C VAL O 39 -42.65 -23.08 1.76
N LEU O 40 -43.01 -21.97 1.11
CA LEU O 40 -42.66 -20.65 1.58
C LEU O 40 -43.71 -19.58 1.25
N ASP O 41 -43.77 -18.55 2.10
CA ASP O 41 -44.79 -17.50 2.04
C ASP O 41 -44.26 -16.20 1.43
N ASP O 42 -45.09 -15.54 0.63
CA ASP O 42 -44.79 -14.25 -0.01
C ASP O 42 -43.69 -14.34 -1.07
N ALA O 43 -43.81 -15.31 -1.97
CA ALA O 43 -42.80 -15.56 -3.00
C ALA O 43 -42.72 -14.46 -4.05
N MET O 44 -41.57 -14.38 -4.72
CA MET O 44 -41.31 -13.35 -5.74
C MET O 44 -40.21 -13.85 -6.68
N GLU O 45 -40.52 -13.95 -7.98
CA GLU O 45 -39.57 -14.49 -8.94
C GLU O 45 -38.58 -13.40 -9.38
N ILE O 46 -37.31 -13.54 -8.98
CA ILE O 46 -36.27 -12.52 -9.29
C ILE O 46 -35.85 -12.64 -10.75
N ASN O 47 -35.42 -11.53 -11.35
CA ASN O 47 -34.90 -11.52 -12.71
C ASN O 47 -33.76 -10.47 -12.83
N GLY O 48 -33.31 -10.18 -14.06
CA GLY O 48 -32.24 -9.20 -14.31
C GLY O 48 -32.56 -7.76 -13.94
N GLU O 49 -33.73 -7.26 -14.35
CA GLU O 49 -34.24 -5.94 -13.94
C GLU O 49 -35.00 -6.07 -12.62
N ASP O 50 -34.51 -5.38 -11.57
CA ASP O 50 -34.92 -5.66 -10.17
C ASP O 50 -36.39 -5.37 -9.83
N PRO O 51 -36.91 -4.16 -10.16
CA PRO O 51 -38.36 -3.91 -9.99
C PRO O 51 -39.23 -4.28 -11.21
N ALA O 52 -38.65 -4.26 -12.41
CA ALA O 52 -39.42 -4.36 -13.66
C ALA O 52 -39.94 -5.77 -13.95
N ASN O 53 -39.02 -6.70 -14.17
CA ASN O 53 -39.37 -8.08 -14.52
C ASN O 53 -39.78 -8.93 -13.31
N ASN O 54 -39.41 -8.50 -12.10
CA ASN O 54 -39.84 -9.16 -10.86
C ASN O 54 -41.36 -9.07 -10.73
N HIS O 55 -41.99 -10.24 -10.55
CA HIS O 55 -43.43 -10.32 -10.24
C HIS O 55 -43.67 -11.34 -9.13
N GLN O 56 -44.69 -11.08 -8.32
CA GLN O 56 -45.05 -11.96 -7.21
C GLN O 56 -45.84 -13.16 -7.73
N LEU O 57 -45.72 -14.27 -6.99
CA LEU O 57 -46.29 -15.55 -7.41
C LEU O 57 -47.64 -15.78 -6.74
N GLY O 58 -47.64 -15.98 -5.43
CA GLY O 58 -48.87 -16.29 -4.70
C GLY O 58 -48.65 -16.18 -3.21
N LEU O 59 -49.71 -16.44 -2.45
CA LEU O 59 -49.65 -16.34 -0.98
C LEU O 59 -48.88 -17.52 -0.37
N GLN O 60 -49.20 -18.73 -0.81
CA GLN O 60 -48.43 -19.93 -0.45
C GLN O 60 -48.10 -20.73 -1.71
N THR O 61 -46.83 -21.13 -1.80
CA THR O 61 -46.30 -21.94 -2.89
C THR O 61 -45.38 -23.02 -2.35
N VAL O 62 -45.46 -24.21 -2.94
CA VAL O 62 -44.64 -25.36 -2.53
C VAL O 62 -43.79 -25.80 -3.74
N ILE O 63 -42.48 -25.96 -3.49
CA ILE O 63 -41.50 -26.32 -4.55
C ILE O 63 -41.10 -27.80 -4.39
N ARG O 64 -41.00 -28.52 -5.51
CA ARG O 64 -40.50 -29.92 -5.50
C ARG O 64 -38.99 -29.90 -5.29
N GLY O 65 -38.45 -30.81 -4.48
CA GLY O 65 -36.99 -30.86 -4.22
C GLY O 65 -36.07 -31.44 -5.31
N ASN O 66 -36.66 -31.77 -6.46
CA ASN O 66 -35.93 -32.22 -7.64
C ASN O 66 -35.55 -31.04 -8.55
N SER O 67 -35.86 -29.82 -8.11
CA SER O 67 -35.50 -28.61 -8.81
C SER O 67 -34.74 -27.59 -7.94
N ILE O 68 -34.50 -27.91 -6.67
CA ILE O 68 -33.61 -27.10 -5.85
C ILE O 68 -32.17 -27.45 -6.28
N ILE O 69 -31.34 -26.42 -6.48
CA ILE O 69 -29.90 -26.60 -6.67
C ILE O 69 -29.18 -26.09 -5.44
N SER O 70 -29.46 -24.84 -5.09
CA SER O 70 -28.90 -24.15 -3.94
C SER O 70 -30.01 -23.38 -3.24
N LEU O 71 -29.72 -22.96 -2.01
CA LEU O 71 -30.72 -22.36 -1.14
C LEU O 71 -30.03 -21.47 -0.12
N GLU O 72 -29.70 -20.25 -0.54
CA GLU O 72 -28.97 -19.32 0.31
C GLU O 72 -29.87 -18.48 1.23
N ALA O 73 -29.43 -18.34 2.48
CA ALA O 73 -30.19 -17.68 3.52
C ALA O 73 -29.79 -16.22 3.64
N LEU O 74 -30.53 -15.33 2.97
CA LEU O 74 -30.23 -13.89 2.99
C LEU O 74 -30.93 -13.17 4.17
N ASP O 75 -30.38 -13.44 5.35
CA ASP O 75 -30.76 -12.83 6.63
C ASP O 75 -29.72 -13.37 7.63
N ALA O 76 -29.95 -13.24 8.93
CA ALA O 76 -29.01 -13.80 9.92
C ALA O 76 -29.25 -15.33 10.10
#